data_7WWM
#
_entry.id   7WWM
#
_cell.length_a   1.00
_cell.length_b   1.00
_cell.length_c   1.00
_cell.angle_alpha   90.00
_cell.angle_beta   90.00
_cell.angle_gamma   90.00
#
_symmetry.space_group_name_H-M   'P 1'
#
loop_
_entity.id
_entity.type
_entity.pdbx_description
1 polymer 'Spike glycoprotein'
2 polymer 'heavy chain of ZWC6'
3 polymer 'heavy chain of ZWC6'
4 branched 2-acetamido-2-deoxy-beta-D-glucopyranose-(1-4)-2-acetamido-2-deoxy-beta-D-glucopyranose
5 non-polymer 2-acetamido-2-deoxy-beta-D-glucopyranose
#
loop_
_entity_poly.entity_id
_entity_poly.type
_entity_poly.pdbx_seq_one_letter_code
_entity_poly.pdbx_strand_id
1 'polypeptide(L)'
;MFVFLVLLPLVSSQCVNLRTRTQLPPAYTNSFTRGVYYPDKVFRSSVLHSTQDLFLPFFSNVTWFHAIHVSGTNGTKRFD
NPVLPFNDGVYFASTEKSNIIRGWIFGTTLDSKTQSLLIVNNATNVVIKVCEFQFCNDPFLDVYYHKNNKSWMESGVYSS
ANNCTFEYVSQPFLMDLEGKQGNFKNLREFVFKNIDGYFKIYSKHTPINLVRDLPQGFSALEPLVDLPIGINITRFQTLL
ALHRSYLTPGDSSSGWTAGAAAYYVGYLQPRTFLLKYNENGTITDAVDCALDPLSETKCTLKSFTVEKGIYQTSNFRVQP
TESIVRFPNITNLCPFGEVFNATRFASVYAWNRKRISNCVADYSVLYNSASFSTFKCYGVSPTKLNDLCFTNVYADSFVI
RGDEVRQIAPGQTGKIADYNYKLPDDFTGCVIAWNSNNLDSKVGGNYNYRYRLFRKSNLKPFERDISTEIYQAGSKPCNG
VEGFNCYFPLQSYGFQPTNGVGYQPYRVVVLSFELLHAPATVCGPKKSTNLVKNKCVNFNFNGLTGTGVLTESNKKFLPF
QQFGRDIADTTDAVRDPQTLEILDITPCSFGGVSVITPGTNTSNQVAVLYQGVNCTEVPVAIHADQLTPTWRVYSTGSNV
FQTRAGCLIGAEHVNNSYECDIPIGAGICASYQTQTNSRRRARSVASQSIIAYTMSLGAENSVAYSNNSIAIPTNFTISV
TTEILPVSMTKTSVDCTMYICGDSTECSNLLLQYGSFCTQLNRALTGIAVEQDKNTQEVFAQVKQIYKTPPIKDFGGFNF
SQILPDPSKPSKRSPIEDLLFNKVTLADAGFIKQYGDCLGDIAARDLICAQKFNGLTVLPPLLTDEMIAQYTSALLAGTI
TSGWTFGAGPALQIPFPMQMAYRFNGIGVTQNVLYENQKLIANQFNSAIGKIQDSLSSTPSALGKLQNVVNQNAQALNTL
VKQLSSNFGAISSVLNDILSRLDPPEAEVQIDRLITGRLQSLQTYVTQQLIRAAEIRASANLAATKMSECVLGQSKRVDF
CGKGYHLMSFPQSAPHGVVFLHVTYVPAQEKNFTTAPAICHDGKAHFPREGVFVSNGTHWFVTQRNFYEPQIITTDNTFV
SGNCDVVIGIVNNTVYDPLQPELDSFKEELDKYFKNHTSPDVDLGDISGINASVVNIQKEIDRLNEVAKNLNESLIDLQE
LGKYEQYIKWPWYIWLGFIAGLIAIVMVTIMLCCMTSCCSCLKGCCSCGSCCKFDEDDSEPVLKGVKLHYT
;
A,B,C
2 'polypeptide(L)'
;EVQLVESGGGVVQPGTSLRLSCAASGFSFSHYVMYWVRQAPGKGLDWVAIISFDGSSQYYADSVKGRFTISRDNSKDTLY
LQMHSLRPEDTAVYYCAIHGGTYYYDKNILAWGQGTLVTVSS
;
H,I,J
3 'polypeptide(L)'
;AIRMTQSPPTLSLSPGERATLSCRASQSVTNYLVWYQQKPGQAPRLLIYDTFNRATGIPARFSGSGSGTDFTLTISSLEP
EDFAVYYCQQRSNWPPTFGQGTKVDIK
;
L,M,N
#
loop_
_chem_comp.id
_chem_comp.type
_chem_comp.name
_chem_comp.formula
NAG D-saccharide, beta linking 2-acetamido-2-deoxy-beta-D-glucopyranose 'C8 H15 N O6'
#
# COMPACT_ATOMS: atom_id res chain seq x y z
N ALA A 27 21.96 49.13 -10.75
CA ALA A 27 22.91 48.41 -9.94
C ALA A 27 22.32 47.12 -9.40
N TYR A 28 23.20 46.21 -9.00
CA TYR A 28 22.79 44.97 -8.35
C TYR A 28 23.69 44.80 -7.15
N THR A 29 23.20 44.09 -6.13
CA THR A 29 23.95 43.89 -4.91
C THR A 29 23.71 42.47 -4.43
N ASN A 30 24.46 42.10 -3.40
CA ASN A 30 24.48 40.76 -2.86
C ASN A 30 23.92 40.78 -1.44
N SER A 31 22.80 40.09 -1.23
CA SER A 31 22.35 39.79 0.11
C SER A 31 23.35 38.87 0.76
N PHE A 32 23.38 38.77 2.07
CA PHE A 32 24.26 37.75 2.60
C PHE A 32 23.45 36.65 3.28
N THR A 33 22.75 37.01 4.35
CA THR A 33 21.81 36.11 5.01
C THR A 33 20.63 36.99 5.43
N ARG A 34 19.67 37.12 4.54
CA ARG A 34 18.61 38.10 4.69
C ARG A 34 17.31 37.52 4.17
N GLY A 35 16.21 37.89 4.80
CA GLY A 35 14.91 37.44 4.34
C GLY A 35 14.48 36.13 4.94
N VAL A 36 14.72 35.95 6.23
CA VAL A 36 14.26 34.80 6.98
C VAL A 36 13.08 35.23 7.84
N TYR A 37 11.97 34.52 7.72
CA TYR A 37 10.78 34.82 8.48
C TYR A 37 10.32 33.58 9.21
N TYR A 38 9.59 33.79 10.30
CA TYR A 38 9.00 32.69 11.04
C TYR A 38 7.89 32.08 10.21
N PRO A 39 8.07 30.83 9.79
CA PRO A 39 7.12 30.14 8.93
C PRO A 39 5.71 30.04 9.49
N ASP A 40 5.53 30.35 10.77
CA ASP A 40 4.21 30.28 11.39
C ASP A 40 4.26 30.52 12.89
N LYS A 41 3.14 30.26 13.53
CA LYS A 41 3.02 30.43 14.97
C LYS A 41 3.85 29.32 15.59
N VAL A 42 3.37 28.72 16.67
CA VAL A 42 4.12 27.66 17.34
C VAL A 42 5.41 28.20 17.94
N PHE A 43 5.81 27.63 19.05
CA PHE A 43 7.00 28.02 19.77
C PHE A 43 8.08 27.00 19.49
N ARG A 44 9.17 27.04 20.23
CA ARG A 44 10.24 26.08 20.03
C ARG A 44 11.49 26.46 20.80
N SER A 45 12.11 25.49 21.44
CA SER A 45 13.32 25.77 22.19
C SER A 45 14.48 24.87 21.77
N SER A 46 15.51 25.48 21.22
CA SER A 46 16.71 24.76 20.83
C SER A 46 16.47 23.61 19.88
N VAL A 47 15.45 23.70 19.06
CA VAL A 47 15.16 22.63 18.13
C VAL A 47 15.49 22.98 16.70
N LEU A 48 16.59 22.44 16.19
CA LEU A 48 16.96 22.71 14.82
C LEU A 48 15.80 22.27 13.96
N HIS A 49 14.93 23.20 13.62
CA HIS A 49 13.77 22.87 12.82
C HIS A 49 13.99 23.00 11.33
N SER A 50 13.87 21.90 10.61
CA SER A 50 14.02 21.91 9.17
C SER A 50 12.70 22.22 8.49
N THR A 51 12.69 23.16 7.55
CA THR A 51 11.48 23.56 6.85
C THR A 51 11.67 23.59 5.34
N GLN A 52 10.56 23.39 4.64
CA GLN A 52 10.45 23.62 3.21
C GLN A 52 9.45 24.75 3.00
N ASP A 53 9.86 25.80 2.30
CA ASP A 53 8.97 26.95 2.10
C ASP A 53 9.53 27.83 0.99
N LEU A 54 9.00 29.03 0.87
CA LEU A 54 9.46 30.02 -0.09
C LEU A 54 10.37 31.01 0.63
N PHE A 55 11.65 30.98 0.29
CA PHE A 55 12.63 31.82 0.93
C PHE A 55 13.43 32.57 -0.11
N LEU A 56 14.18 33.56 0.35
CA LEU A 56 15.16 34.27 -0.47
C LEU A 56 16.49 33.58 -0.31
N PRO A 57 17.00 32.91 -1.35
CA PRO A 57 18.24 32.14 -1.21
C PRO A 57 19.40 32.97 -0.71
N PHE A 58 20.33 32.36 0.01
CA PHE A 58 21.46 33.10 0.55
C PHE A 58 22.36 33.55 -0.58
N PHE A 59 22.99 34.71 -0.40
CA PHE A 59 23.92 35.26 -1.38
C PHE A 59 23.24 35.38 -2.74
N SER A 60 22.23 36.23 -2.83
CA SER A 60 21.41 36.35 -4.02
C SER A 60 21.72 37.66 -4.73
N ASN A 61 21.09 37.83 -5.88
CA ASN A 61 21.31 38.94 -6.79
C ASN A 61 20.12 39.88 -6.69
N VAL A 62 20.21 40.88 -5.82
CA VAL A 62 19.07 41.75 -5.53
C VAL A 62 19.25 43.05 -6.29
N THR A 63 18.23 43.47 -7.02
CA THR A 63 18.26 44.73 -7.74
C THR A 63 18.49 45.89 -6.79
N TRP A 64 19.01 46.97 -7.32
CA TRP A 64 19.22 48.18 -6.53
C TRP A 64 18.49 49.30 -7.24
N PHE A 65 17.78 50.12 -6.46
CA PHE A 65 17.09 51.28 -6.98
C PHE A 65 17.46 52.50 -6.17
N HIS A 66 17.59 53.63 -6.87
CA HIS A 66 17.87 54.90 -6.25
C HIS A 66 16.71 55.85 -6.49
N ALA A 67 16.69 56.93 -5.72
CA ALA A 67 15.73 58.00 -5.89
C ALA A 67 16.28 59.25 -5.24
N ASN A 81 9.05 55.05 -9.02
CA ASN A 81 9.97 54.10 -9.63
C ASN A 81 9.12 52.96 -10.27
N PRO A 82 9.72 52.09 -11.08
CA PRO A 82 8.96 51.39 -12.11
C PRO A 82 8.09 50.23 -11.61
N VAL A 83 7.27 49.73 -12.54
CA VAL A 83 6.42 48.56 -12.33
C VAL A 83 7.29 47.32 -12.37
N LEU A 84 7.25 46.53 -11.30
CA LEU A 84 8.05 45.32 -11.18
C LEU A 84 7.15 44.11 -11.33
N PRO A 85 7.70 42.89 -11.39
CA PRO A 85 6.83 41.70 -11.28
C PRO A 85 6.68 41.24 -9.84
N PHE A 86 5.83 40.23 -9.61
CA PHE A 86 5.69 39.60 -8.31
C PHE A 86 6.09 38.13 -8.31
N ASN A 87 5.37 37.34 -9.10
CA ASN A 87 5.59 35.98 -9.60
C ASN A 87 5.73 34.92 -8.52
N ASP A 88 6.27 35.27 -7.36
CA ASP A 88 6.23 34.45 -6.15
C ASP A 88 6.81 35.26 -5.00
N GLY A 89 6.00 35.95 -4.23
CA GLY A 89 6.53 36.67 -3.10
C GLY A 89 7.62 37.68 -3.40
N VAL A 90 8.02 38.47 -2.41
CA VAL A 90 8.99 39.54 -2.60
C VAL A 90 9.65 39.86 -1.28
N TYR A 91 10.97 39.97 -1.29
CA TYR A 91 11.71 40.64 -0.24
C TYR A 91 11.89 42.10 -0.62
N PHE A 92 11.92 42.96 0.38
CA PHE A 92 11.96 44.39 0.11
C PHE A 92 12.55 45.11 1.29
N ALA A 93 13.78 45.60 1.18
CA ALA A 93 14.37 46.42 2.23
C ALA A 93 14.42 47.87 1.79
N SER A 94 14.77 48.74 2.73
CA SER A 94 14.79 50.19 2.47
C SER A 94 15.53 50.86 3.60
N THR A 95 16.15 52.01 3.30
CA THR A 95 17.01 52.69 4.26
C THR A 95 16.82 54.21 4.18
N GLU A 96 16.59 54.83 5.34
CA GLU A 96 16.55 56.29 5.48
C GLU A 96 16.28 56.72 6.92
N LYS A 97 16.37 58.03 7.18
CA LYS A 97 15.86 58.61 8.42
C LYS A 97 14.56 59.36 8.23
N SER A 98 14.44 60.16 7.18
CA SER A 98 13.15 60.65 6.70
C SER A 98 12.33 59.47 6.18
N ASN A 99 11.14 59.73 5.65
CA ASN A 99 10.30 58.64 5.18
C ASN A 99 9.90 58.92 3.73
N ILE A 100 10.72 58.42 2.80
CA ILE A 100 10.49 58.61 1.37
C ILE A 100 9.66 57.44 0.86
N ILE A 101 9.89 56.27 1.41
CA ILE A 101 9.13 55.08 1.04
C ILE A 101 7.81 55.11 1.81
N ARG A 102 6.72 55.26 1.07
CA ARG A 102 5.40 55.48 1.65
C ARG A 102 4.44 54.42 1.11
N GLY A 103 4.87 53.17 1.15
CA GLY A 103 4.00 52.07 0.80
C GLY A 103 4.11 51.65 -0.63
N TRP A 104 3.38 50.61 -0.95
CA TRP A 104 3.46 49.92 -2.22
C TRP A 104 2.06 49.88 -2.81
N ILE A 105 1.96 49.43 -4.05
CA ILE A 105 0.67 49.18 -4.67
C ILE A 105 0.81 47.88 -5.45
N PHE A 106 -0.22 47.06 -5.43
CA PHE A 106 -0.11 45.71 -5.94
C PHE A 106 -1.17 45.46 -7.01
N GLY A 107 -1.13 44.28 -7.60
CA GLY A 107 -2.22 43.84 -8.45
C GLY A 107 -1.78 43.18 -9.74
N THR A 108 -2.70 43.10 -10.70
CA THR A 108 -2.35 42.54 -12.01
C THR A 108 -2.23 43.65 -13.06
N THR A 109 -3.18 44.58 -13.08
CA THR A 109 -3.18 45.64 -14.08
C THR A 109 -2.95 47.04 -13.51
N LEU A 110 -3.09 47.23 -12.20
CA LEU A 110 -2.85 48.52 -11.56
C LEU A 110 -3.76 49.60 -12.14
N ASP A 111 -5.00 49.21 -12.43
CA ASP A 111 -5.99 50.14 -12.97
C ASP A 111 -7.38 49.60 -12.69
N SER A 112 -8.36 50.18 -13.37
CA SER A 112 -9.71 49.64 -13.33
C SER A 112 -9.80 48.40 -14.21
N LYS A 113 -11.03 47.86 -14.31
CA LYS A 113 -11.34 46.64 -15.03
C LYS A 113 -10.85 45.39 -14.29
N THR A 114 -10.03 45.56 -13.25
CA THR A 114 -9.68 44.47 -12.35
C THR A 114 -9.23 45.07 -11.03
N GLN A 115 -9.37 44.28 -9.96
CA GLN A 115 -9.17 44.76 -8.60
C GLN A 115 -7.69 44.73 -8.20
N SER A 116 -7.34 45.58 -7.24
CA SER A 116 -5.97 45.69 -6.77
C SER A 116 -5.96 46.17 -5.33
N LEU A 117 -4.82 45.99 -4.67
CA LEU A 117 -4.59 46.45 -3.30
C LEU A 117 -3.86 47.78 -3.33
N LEU A 118 -3.96 48.54 -2.24
CA LEU A 118 -3.24 49.80 -2.10
C LEU A 118 -2.89 50.01 -0.64
N ILE A 119 -1.61 50.15 -0.35
CA ILE A 119 -1.12 50.31 1.00
C ILE A 119 -0.33 51.61 1.09
N VAL A 120 -0.84 52.53 1.90
CA VAL A 120 -0.34 53.89 1.89
C VAL A 120 -0.03 54.32 3.31
N ASN A 121 0.79 55.36 3.46
CA ASN A 121 1.07 55.97 4.75
C ASN A 121 1.36 57.45 4.54
N ASN A 122 0.40 58.32 4.85
CA ASN A 122 0.71 59.75 4.93
C ASN A 122 1.39 60.00 6.27
N ALA A 123 1.60 61.25 6.65
CA ALA A 123 2.28 61.53 7.91
C ALA A 123 1.42 61.14 9.10
N THR A 124 0.24 60.57 8.85
CA THR A 124 -0.66 60.18 9.93
C THR A 124 -0.46 58.74 10.36
N ASN A 125 -0.77 57.80 9.46
CA ASN A 125 -0.66 56.37 9.71
C ASN A 125 -1.13 55.59 8.49
N VAL A 126 -0.94 54.28 8.56
CA VAL A 126 -1.17 53.34 7.47
C VAL A 126 -2.60 53.38 6.99
N VAL A 127 -2.82 53.18 5.69
CA VAL A 127 -4.16 53.10 5.11
C VAL A 127 -4.21 51.94 4.12
N ILE A 128 -4.59 50.75 4.57
CA ILE A 128 -4.79 49.68 3.62
C ILE A 128 -6.14 49.92 2.93
N LYS A 129 -6.26 49.46 1.69
CA LYS A 129 -7.46 49.71 0.93
C LYS A 129 -7.51 48.75 -0.25
N VAL A 130 -8.72 48.27 -0.55
CA VAL A 130 -8.89 47.41 -1.72
C VAL A 130 -10.13 47.84 -2.49
N CYS A 131 -9.92 48.59 -3.57
CA CYS A 131 -10.97 48.95 -4.52
C CYS A 131 -10.53 48.57 -5.93
N GLU A 132 -11.29 49.03 -6.91
CA GLU A 132 -10.81 49.17 -8.27
C GLU A 132 -10.40 50.62 -8.46
N PHE A 133 -9.17 50.83 -8.90
CA PHE A 133 -8.60 52.16 -8.93
C PHE A 133 -8.38 52.62 -10.36
N GLN A 134 -7.90 53.85 -10.50
CA GLN A 134 -7.26 54.33 -11.69
C GLN A 134 -5.96 54.95 -11.25
N PHE A 135 -4.86 54.25 -11.48
CA PHE A 135 -3.56 54.63 -10.95
C PHE A 135 -2.81 55.47 -11.97
N CYS A 136 -2.23 56.57 -11.50
CA CYS A 136 -1.26 57.29 -12.30
C CYS A 136 -0.16 56.33 -12.74
N ASN A 137 0.25 56.44 -14.00
CA ASN A 137 1.37 55.61 -14.44
C ASN A 137 2.65 55.97 -13.71
N ASP A 138 2.76 57.18 -13.18
CA ASP A 138 3.83 57.57 -12.27
C ASP A 138 3.19 58.16 -11.02
N PRO A 139 2.70 57.30 -10.11
CA PRO A 139 1.96 57.79 -8.96
C PRO A 139 2.88 58.04 -7.76
N PHE A 140 2.57 59.09 -7.01
CA PHE A 140 3.42 59.47 -5.89
C PHE A 140 2.62 60.40 -4.98
N VAL A 157 -1.68 61.59 -6.24
CA VAL A 157 -2.66 60.66 -5.72
C VAL A 157 -3.32 59.86 -6.84
N TYR A 158 -4.19 58.92 -6.47
CA TYR A 158 -4.89 58.11 -7.45
C TYR A 158 -5.81 58.96 -8.32
N SER A 159 -6.88 58.33 -8.81
CA SER A 159 -7.84 59.03 -9.67
C SER A 159 -9.16 58.27 -9.75
N SER A 160 -9.34 57.30 -8.85
CA SER A 160 -10.55 56.50 -8.82
C SER A 160 -10.48 55.57 -7.62
N ALA A 161 -11.65 55.36 -6.99
CA ALA A 161 -11.74 54.51 -5.80
C ALA A 161 -13.03 53.69 -5.82
N ASN A 162 -13.35 53.04 -6.94
CA ASN A 162 -14.65 52.44 -7.13
C ASN A 162 -14.74 51.05 -6.49
N ASN A 163 -15.96 50.67 -6.12
CA ASN A 163 -16.27 49.28 -5.77
C ASN A 163 -15.47 48.72 -4.60
N CYS A 164 -15.07 49.55 -3.65
CA CYS A 164 -14.19 49.12 -2.56
C CYS A 164 -14.74 47.92 -1.80
N THR A 165 -13.91 46.89 -1.67
CA THR A 165 -14.29 45.61 -1.09
C THR A 165 -13.56 45.37 0.23
N PHE A 166 -12.76 46.33 0.66
CA PHE A 166 -12.01 46.24 1.90
C PHE A 166 -11.44 47.61 2.19
N GLU A 167 -11.61 48.10 3.41
CA GLU A 167 -10.99 49.35 3.81
C GLU A 167 -10.24 49.12 5.11
N TYR A 168 -9.44 50.11 5.50
CA TYR A 168 -8.81 50.18 6.79
C TYR A 168 -8.18 51.54 6.92
N VAL A 169 -8.29 52.18 8.07
CA VAL A 169 -7.52 53.40 8.34
C VAL A 169 -7.10 53.31 9.80
N SER A 170 -6.48 54.38 10.31
CA SER A 170 -6.18 54.47 11.74
C SER A 170 -5.96 55.91 12.14
N LYS A 185 20.96 55.02 9.89
CA LYS A 185 19.57 55.48 9.94
C LYS A 185 18.63 54.35 10.32
N ASN A 186 17.84 53.90 9.36
CA ASN A 186 16.86 52.84 9.59
C ASN A 186 16.94 51.84 8.46
N LEU A 187 16.67 50.57 8.80
CA LEU A 187 16.51 49.52 7.82
C LEU A 187 15.18 48.84 8.08
N ARG A 188 14.34 48.77 7.06
CA ARG A 188 12.96 48.29 7.20
C ARG A 188 12.72 47.22 6.15
N GLU A 189 12.76 45.96 6.57
CA GLU A 189 12.56 44.84 5.67
C GLU A 189 11.12 44.35 5.67
N PHE A 190 10.70 43.81 4.55
CA PHE A 190 9.34 43.30 4.39
C PHE A 190 9.38 42.09 3.47
N VAL A 191 8.54 41.11 3.79
CA VAL A 191 8.33 39.95 2.93
C VAL A 191 6.85 39.89 2.60
N PHE A 192 6.52 39.93 1.32
CA PHE A 192 5.13 39.90 0.88
C PHE A 192 4.87 38.58 0.17
N LYS A 193 3.81 37.89 0.55
CA LYS A 193 3.42 36.69 -0.17
C LYS A 193 1.90 36.60 -0.23
N ASN A 194 1.41 35.72 -1.11
CA ASN A 194 -0.01 35.69 -1.46
C ASN A 194 -0.42 34.26 -1.77
N ILE A 195 -1.04 33.58 -0.79
CA ILE A 195 -1.40 32.18 -0.92
C ILE A 195 -2.85 31.99 -0.50
N ASP A 196 -3.59 31.24 -1.31
CA ASP A 196 -4.97 30.87 -1.03
C ASP A 196 -5.82 32.05 -0.59
N GLY A 197 -5.79 33.12 -1.39
CA GLY A 197 -6.61 34.28 -1.11
C GLY A 197 -6.21 35.06 0.13
N TYR A 198 -5.10 34.70 0.75
CA TYR A 198 -4.58 35.45 1.88
C TYR A 198 -3.30 36.15 1.43
N PHE A 199 -3.17 37.42 1.83
CA PHE A 199 -2.00 38.20 1.47
C PHE A 199 -1.23 38.44 2.76
N LYS A 200 -0.15 37.69 2.96
CA LYS A 200 0.62 37.72 4.18
C LYS A 200 1.77 38.71 4.05
N ILE A 201 2.07 39.37 5.16
CA ILE A 201 3.09 40.40 5.23
C ILE A 201 3.92 40.17 6.48
N TYR A 202 5.20 39.91 6.31
CA TYR A 202 6.14 39.85 7.42
C TYR A 202 6.99 41.09 7.36
N SER A 203 7.57 41.47 8.49
CA SER A 203 8.30 42.72 8.51
C SER A 203 9.28 42.71 9.68
N LYS A 204 10.24 43.62 9.62
CA LYS A 204 11.21 43.83 10.68
C LYS A 204 11.83 45.20 10.52
N HIS A 205 12.12 45.85 11.63
CA HIS A 205 12.72 47.18 11.64
C HIS A 205 14.00 47.10 12.46
N THR A 206 15.12 47.06 11.78
CA THR A 206 16.41 47.10 12.43
C THR A 206 17.03 48.48 12.28
N PRO A 207 17.78 48.93 13.26
CA PRO A 207 18.52 50.19 13.08
C PRO A 207 19.90 49.98 12.49
N ILE A 208 20.18 50.60 11.34
CA ILE A 208 21.54 50.54 10.79
C ILE A 208 22.38 51.59 11.49
N ASN A 209 23.70 51.49 11.34
CA ASN A 209 24.57 52.59 11.74
C ASN A 209 25.21 53.21 10.51
N LEU A 210 24.61 52.94 9.36
CA LEU A 210 24.87 53.62 8.11
C LEU A 210 23.63 54.44 7.75
N VAL A 211 23.62 55.03 6.56
CA VAL A 211 22.44 55.76 6.13
C VAL A 211 21.66 54.95 5.09
N ARG A 212 22.29 54.59 3.95
CA ARG A 212 21.54 53.97 2.87
C ARG A 212 22.28 52.88 2.07
N ASP A 213 22.97 51.96 2.72
CA ASP A 213 23.58 50.81 2.04
C ASP A 213 23.15 49.51 2.74
N LEU A 214 23.02 48.43 1.96
CA LEU A 214 22.55 47.15 2.49
C LEU A 214 23.62 46.53 3.38
N PRO A 215 23.36 46.34 4.66
CA PRO A 215 24.38 45.79 5.56
C PRO A 215 24.46 44.28 5.53
N GLN A 216 25.20 43.71 6.47
CA GLN A 216 25.34 42.27 6.61
C GLN A 216 24.88 41.86 8.01
N GLY A 217 24.35 40.65 8.12
CA GLY A 217 23.93 40.14 9.41
C GLY A 217 22.72 39.24 9.32
N PHE A 218 22.21 38.79 10.48
CA PHE A 218 21.05 37.92 10.54
C PHE A 218 19.97 38.55 11.39
N SER A 219 18.75 38.57 10.86
CA SER A 219 17.60 39.13 11.58
C SER A 219 16.31 38.57 11.01
N ALA A 220 15.60 37.75 11.79
CA ALA A 220 14.40 37.08 11.31
C ALA A 220 13.19 37.99 11.36
N LEU A 221 12.30 37.82 10.39
CA LEU A 221 11.17 38.73 10.18
C LEU A 221 9.90 38.10 10.75
N GLU A 222 9.13 38.90 11.58
CA GLU A 222 7.96 38.46 12.33
C GLU A 222 6.67 38.84 11.62
N PRO A 223 5.69 37.93 11.58
CA PRO A 223 4.46 38.19 10.81
C PRO A 223 3.69 39.38 11.35
N LEU A 224 3.11 40.15 10.42
CA LEU A 224 2.44 41.40 10.77
C LEU A 224 0.93 41.32 10.54
N VAL A 225 0.55 40.97 9.33
CA VAL A 225 -0.81 41.14 8.85
C VAL A 225 -1.23 39.83 8.18
N ASP A 226 -2.52 39.77 7.86
CA ASP A 226 -3.17 38.67 7.16
C ASP A 226 -4.44 39.26 6.53
N LEU A 227 -4.60 39.20 5.21
CA LEU A 227 -5.79 39.79 4.61
C LEU A 227 -6.49 38.76 3.73
N PRO A 228 -7.71 38.34 4.08
CA PRO A 228 -8.47 37.40 3.24
C PRO A 228 -9.15 38.11 2.07
N ILE A 229 -8.36 38.43 1.06
CA ILE A 229 -8.85 39.24 -0.05
C ILE A 229 -9.40 38.34 -1.16
N GLY A 230 -8.54 37.56 -1.79
CA GLY A 230 -8.93 36.77 -2.93
C GLY A 230 -8.33 37.31 -4.21
N ILE A 231 -7.82 38.53 -4.13
CA ILE A 231 -7.17 39.28 -5.20
C ILE A 231 -6.11 38.46 -5.92
N ASN A 232 -6.01 38.61 -7.25
CA ASN A 232 -4.91 38.11 -8.04
C ASN A 232 -3.82 39.17 -8.10
N ILE A 233 -2.56 38.74 -8.09
CA ILE A 233 -1.44 39.68 -8.16
C ILE A 233 -0.43 39.20 -9.18
N THR A 234 0.07 40.12 -9.99
CA THR A 234 1.13 39.83 -10.94
C THR A 234 2.14 40.98 -11.01
N ARG A 235 1.82 42.11 -10.41
CA ARG A 235 2.71 43.27 -10.53
C ARG A 235 2.61 44.10 -9.27
N PHE A 236 3.61 44.97 -9.06
CA PHE A 236 3.59 45.86 -7.90
C PHE A 236 4.50 47.05 -8.19
N GLN A 237 4.42 48.06 -7.33
CA GLN A 237 5.15 49.31 -7.51
C GLN A 237 5.63 49.81 -6.15
N THR A 238 6.02 51.07 -6.11
CA THR A 238 6.41 51.75 -4.90
C THR A 238 5.88 53.19 -4.92
N LEU A 239 5.92 53.84 -3.75
CA LEU A 239 5.41 55.19 -3.59
C LEU A 239 6.42 56.04 -2.85
N LEU A 240 6.66 57.25 -3.33
CA LEU A 240 7.70 58.10 -2.77
C LEU A 240 7.18 59.52 -2.55
N ALA A 241 7.76 60.19 -1.56
CA ALA A 241 7.41 61.56 -1.21
C ALA A 241 8.39 62.51 -1.90
N ALA A 262 16.75 54.70 -1.86
CA ALA A 262 17.52 53.46 -1.91
C ALA A 262 16.68 52.29 -1.44
N TYR A 263 16.44 51.34 -2.34
CA TYR A 263 15.67 50.17 -1.99
C TYR A 263 15.96 49.02 -2.95
N TYR A 264 15.71 47.81 -2.47
CA TYR A 264 16.09 46.57 -3.12
C TYR A 264 14.86 45.70 -3.34
N VAL A 265 14.96 44.75 -4.26
CA VAL A 265 13.86 43.83 -4.51
C VAL A 265 14.40 42.44 -4.80
N GLY A 266 14.21 41.51 -3.86
CA GLY A 266 14.50 40.11 -4.09
C GLY A 266 13.23 39.34 -4.43
N TYR A 267 13.43 38.09 -4.83
CA TYR A 267 12.30 37.22 -5.11
C TYR A 267 12.50 35.92 -4.34
N LEU A 268 11.40 35.20 -4.14
CA LEU A 268 11.38 34.04 -3.27
C LEU A 268 11.17 32.79 -4.11
N GLN A 269 11.85 31.72 -3.74
CA GLN A 269 11.76 30.43 -4.41
C GLN A 269 11.55 29.36 -3.38
N PRO A 270 11.07 28.19 -3.78
CA PRO A 270 10.91 27.08 -2.84
C PRO A 270 12.26 26.46 -2.47
N ARG A 271 12.71 26.73 -1.26
CA ARG A 271 13.93 26.19 -0.71
C ARG A 271 13.64 25.37 0.55
N THR A 272 14.71 24.77 1.08
CA THR A 272 14.69 24.01 2.32
C THR A 272 15.76 24.58 3.23
N PHE A 273 15.38 25.01 4.42
CA PHE A 273 16.30 25.64 5.34
C PHE A 273 16.34 24.88 6.66
N LEU A 274 17.40 25.17 7.43
CA LEU A 274 17.59 24.62 8.77
C LEU A 274 17.72 25.80 9.73
N LEU A 275 16.70 26.01 10.55
CA LEU A 275 16.65 27.15 11.45
C LEU A 275 17.07 26.75 12.84
N LYS A 276 17.91 27.57 13.46
CA LYS A 276 18.36 27.34 14.82
C LYS A 276 17.53 28.20 15.75
N TYR A 277 16.86 27.58 16.72
CA TYR A 277 15.99 28.29 17.62
C TYR A 277 16.67 28.51 18.97
N ASN A 278 16.57 29.72 19.48
CA ASN A 278 17.07 30.07 20.79
C ASN A 278 16.22 29.40 21.88
N GLU A 279 16.61 29.61 23.13
CA GLU A 279 15.81 29.13 24.26
C GLU A 279 14.61 30.02 24.55
N ASN A 280 14.62 31.28 24.16
CA ASN A 280 13.42 32.09 24.19
C ASN A 280 12.51 31.83 23.00
N GLY A 281 13.00 31.14 21.99
CA GLY A 281 12.17 30.79 20.86
C GLY A 281 12.37 31.64 19.63
N THR A 282 13.46 32.39 19.56
CA THR A 282 13.74 33.21 18.39
C THR A 282 14.76 32.52 17.49
N ILE A 283 14.66 32.79 16.20
CA ILE A 283 15.57 32.23 15.21
C ILE A 283 16.83 33.08 15.22
N THR A 284 17.96 32.47 15.57
CA THR A 284 19.21 33.20 15.69
C THR A 284 20.15 32.93 14.51
N ASP A 285 20.06 31.75 13.90
CA ASP A 285 20.90 31.40 12.76
C ASP A 285 20.13 30.48 11.82
N ALA A 286 20.65 30.31 10.62
CA ALA A 286 20.01 29.44 9.65
C ALA A 286 21.07 28.86 8.71
N VAL A 287 20.66 27.83 7.98
CA VAL A 287 21.49 27.19 6.96
C VAL A 287 20.63 27.00 5.72
N ASP A 288 21.11 27.50 4.59
CA ASP A 288 20.50 27.24 3.29
C ASP A 288 21.13 25.96 2.76
N CYS A 289 20.30 24.96 2.50
CA CYS A 289 20.80 23.60 2.33
C CYS A 289 21.05 23.26 0.86
N ALA A 290 21.15 24.30 0.04
CA ALA A 290 21.36 24.09 -1.38
C ALA A 290 22.41 25.03 -1.89
N LEU A 291 23.22 25.56 -0.98
CA LEU A 291 24.36 26.40 -1.32
C LEU A 291 25.56 25.58 -1.86
N ASP A 292 26.29 24.89 -0.98
CA ASP A 292 27.46 24.06 -1.36
C ASP A 292 27.44 22.67 -0.72
N PRO A 293 28.55 21.92 -0.75
CA PRO A 293 28.49 20.58 -0.14
C PRO A 293 28.39 20.59 1.37
N LEU A 294 29.08 21.51 2.04
CA LEU A 294 28.96 21.58 3.50
C LEU A 294 27.52 21.81 3.96
N SER A 295 26.78 22.67 3.26
CA SER A 295 25.42 22.97 3.66
C SER A 295 24.49 21.80 3.39
N GLU A 296 24.68 21.12 2.27
CA GLU A 296 23.93 19.90 2.02
C GLU A 296 24.22 18.81 3.04
N THR A 297 25.45 18.73 3.55
CA THR A 297 25.73 17.80 4.63
C THR A 297 25.03 18.20 5.91
N LYS A 298 25.10 19.48 6.27
CA LYS A 298 24.41 19.96 7.48
C LYS A 298 22.92 19.67 7.39
N CYS A 299 22.35 19.79 6.20
CA CYS A 299 20.93 19.51 6.04
C CYS A 299 20.64 18.02 6.13
N THR A 300 21.50 17.19 5.57
CA THR A 300 21.34 15.74 5.66
C THR A 300 21.41 15.24 7.09
N LEU A 301 22.31 15.80 7.91
CA LEU A 301 22.44 15.42 9.30
C LEU A 301 21.46 16.12 10.23
N LYS A 302 20.85 17.23 9.79
CA LYS A 302 19.99 18.07 10.63
C LYS A 302 20.76 18.62 11.82
N SER A 303 21.86 19.32 11.53
CA SER A 303 22.68 19.89 12.58
C SER A 303 23.45 21.07 12.02
N PHE A 304 24.07 21.81 12.92
CA PHE A 304 24.89 22.95 12.55
C PHE A 304 26.38 22.67 12.76
N THR A 305 26.72 21.55 13.38
CA THR A 305 28.11 21.13 13.53
C THR A 305 28.21 19.69 13.05
N VAL A 306 29.00 19.46 12.01
CA VAL A 306 29.32 18.13 11.54
C VAL A 306 30.72 17.76 12.04
N GLU A 307 30.83 16.57 12.61
CA GLU A 307 32.11 16.03 13.02
C GLU A 307 32.76 15.29 11.88
N LYS A 308 34.07 15.09 11.99
CA LYS A 308 34.81 14.52 10.87
C LYS A 308 34.26 13.16 10.51
N GLY A 309 34.30 12.87 9.22
CA GLY A 309 33.74 11.64 8.73
C GLY A 309 33.61 11.71 7.23
N ILE A 310 32.74 10.87 6.69
CA ILE A 310 32.37 10.95 5.29
C ILE A 310 30.90 10.60 5.22
N TYR A 311 30.14 11.43 4.52
CA TYR A 311 28.69 11.39 4.56
C TYR A 311 28.13 11.29 3.15
N GLN A 312 27.17 10.41 2.97
CA GLN A 312 26.45 10.33 1.71
C GLN A 312 25.37 11.39 1.72
N THR A 313 25.36 12.21 0.68
CA THR A 313 24.62 13.46 0.76
C THR A 313 23.54 13.51 -0.29
N SER A 314 23.77 12.91 -1.45
CA SER A 314 22.77 12.91 -2.51
C SER A 314 23.13 11.94 -3.61
N ASN A 315 22.71 12.24 -4.83
CA ASN A 315 23.00 11.37 -5.97
C ASN A 315 23.21 12.16 -7.26
N PHE A 316 23.89 11.54 -8.16
CA PHE A 316 24.03 12.21 -9.37
C PHE A 316 23.18 11.36 -10.22
N ARG A 317 22.75 11.95 -11.31
CA ARG A 317 22.09 11.24 -12.38
C ARG A 317 22.13 12.02 -13.69
N VAL A 318 22.91 11.55 -14.64
CA VAL A 318 23.01 12.21 -15.94
C VAL A 318 21.61 12.49 -16.45
N GLN A 319 21.47 13.50 -17.30
CA GLN A 319 20.17 13.86 -17.84
C GLN A 319 20.05 13.53 -19.33
N PRO A 320 18.90 13.02 -19.74
CA PRO A 320 18.68 12.67 -21.14
C PRO A 320 17.95 13.75 -21.93
N THR A 321 18.39 14.04 -23.15
CA THR A 321 17.74 15.06 -23.96
C THR A 321 17.11 14.46 -25.22
N GLU A 322 16.04 15.06 -25.69
CA GLU A 322 15.40 14.54 -26.89
C GLU A 322 14.96 13.11 -26.68
N SER A 323 14.61 12.45 -27.77
CA SER A 323 14.16 11.07 -27.73
C SER A 323 13.96 10.54 -29.13
N ILE A 324 14.93 9.80 -29.64
CA ILE A 324 14.83 9.24 -30.98
C ILE A 324 13.53 8.46 -31.09
N VAL A 325 13.22 8.01 -32.30
CA VAL A 325 12.00 7.22 -32.55
C VAL A 325 12.17 6.43 -33.84
N ARG A 326 13.13 5.52 -33.86
CA ARG A 326 13.39 4.70 -35.02
C ARG A 326 12.16 3.96 -35.52
N PHE A 327 12.17 3.60 -36.80
CA PHE A 327 11.05 2.91 -37.41
C PHE A 327 11.50 2.20 -38.68
N PRO A 328 10.97 1.00 -38.92
CA PRO A 328 11.33 0.25 -40.13
C PRO A 328 11.16 1.09 -41.40
N ASN A 329 11.87 0.71 -42.45
CA ASN A 329 11.80 1.43 -43.72
C ASN A 329 10.42 2.02 -43.94
N ILE A 330 10.38 3.28 -44.36
CA ILE A 330 9.11 3.95 -44.60
C ILE A 330 8.03 2.96 -45.03
N THR A 331 7.94 2.74 -46.34
CA THR A 331 6.97 1.80 -46.91
C THR A 331 6.74 2.06 -48.40
N ASN A 332 5.83 2.98 -48.69
CA ASN A 332 5.51 3.29 -50.07
C ASN A 332 5.36 4.79 -50.29
N LEU A 333 4.87 5.14 -51.47
CA LEU A 333 4.50 6.52 -51.78
C LEU A 333 3.00 6.67 -52.00
N CYS A 334 2.30 5.56 -52.23
CA CYS A 334 0.86 5.42 -52.42
C CYS A 334 0.30 6.34 -53.48
N PRO A 335 0.50 6.04 -54.76
CA PRO A 335 0.03 6.95 -55.81
C PRO A 335 -1.47 6.86 -56.01
N PHE A 336 -2.06 8.01 -56.31
CA PHE A 336 -3.46 8.13 -56.69
C PHE A 336 -3.61 8.60 -58.12
N GLY A 337 -2.59 8.35 -58.95
CA GLY A 337 -2.69 8.63 -60.36
C GLY A 337 -3.71 7.80 -61.08
N GLU A 338 -4.08 6.65 -60.52
CA GLU A 338 -5.19 5.87 -61.00
C GLU A 338 -6.51 6.34 -60.41
N VAL A 339 -6.50 7.41 -59.62
CA VAL A 339 -7.72 8.05 -59.14
C VAL A 339 -8.00 9.32 -59.91
N PHE A 340 -7.10 10.30 -59.82
CA PHE A 340 -7.31 11.58 -60.46
C PHE A 340 -6.81 11.59 -61.90
N ASN A 341 -5.57 11.14 -62.10
CA ASN A 341 -4.87 11.28 -63.38
C ASN A 341 -5.21 10.18 -64.37
N ALA A 342 -6.39 9.58 -64.27
CA ALA A 342 -6.81 8.53 -65.19
C ALA A 342 -7.10 9.13 -66.56
N THR A 343 -7.23 8.24 -67.55
CA THR A 343 -7.52 8.70 -68.90
C THR A 343 -9.00 9.03 -69.09
N ARG A 344 -9.88 8.42 -68.30
CA ARG A 344 -11.30 8.73 -68.34
C ARG A 344 -11.90 8.33 -66.99
N PHE A 345 -12.87 9.11 -66.53
CA PHE A 345 -13.65 8.76 -65.36
C PHE A 345 -14.78 7.83 -65.78
N ALA A 346 -15.75 7.61 -64.91
CA ALA A 346 -16.88 6.76 -65.23
C ALA A 346 -18.17 7.57 -65.21
N SER A 347 -19.24 6.94 -65.68
CA SER A 347 -20.56 7.52 -65.57
C SER A 347 -21.11 7.30 -64.16
N VAL A 348 -22.13 8.08 -63.80
CA VAL A 348 -22.53 8.08 -62.39
C VAL A 348 -23.43 6.91 -62.03
N TYR A 349 -24.08 6.28 -63.01
CA TYR A 349 -24.91 5.11 -62.66
C TYR A 349 -24.03 3.94 -62.24
N ALA A 350 -22.82 3.85 -62.78
CA ALA A 350 -21.85 2.82 -62.41
C ALA A 350 -20.59 3.58 -62.05
N TRP A 351 -20.51 4.04 -60.82
CA TRP A 351 -19.35 4.77 -60.33
C TRP A 351 -18.25 3.81 -59.97
N ASN A 352 -17.02 4.18 -60.30
CA ASN A 352 -15.90 3.32 -59.99
C ASN A 352 -15.55 3.43 -58.51
N ARG A 353 -14.67 2.55 -58.06
CA ARG A 353 -14.25 2.56 -56.65
C ARG A 353 -12.85 1.96 -56.54
N LYS A 354 -12.09 2.46 -55.57
CA LYS A 354 -10.75 1.93 -55.33
C LYS A 354 -10.40 2.09 -53.86
N ARG A 355 -9.95 1.01 -53.24
CA ARG A 355 -9.55 1.02 -51.84
C ARG A 355 -8.06 1.32 -51.73
N ILE A 356 -7.61 1.61 -50.52
CA ILE A 356 -6.21 1.91 -50.25
C ILE A 356 -5.67 0.90 -49.25
N SER A 357 -4.44 0.44 -49.47
CA SER A 357 -3.70 -0.51 -48.67
C SER A 357 -2.50 0.22 -48.06
N ASN A 358 -1.50 -0.54 -47.61
CA ASN A 358 -0.28 0.03 -47.01
C ASN A 358 0.35 1.08 -47.92
N CYS A 359 0.52 2.28 -47.37
CA CYS A 359 0.76 3.45 -48.17
C CYS A 359 1.46 4.49 -47.32
N VAL A 360 1.87 5.58 -47.96
CA VAL A 360 2.09 6.87 -47.31
C VAL A 360 1.33 7.88 -48.16
N ALA A 361 0.14 8.26 -47.71
CA ALA A 361 -0.76 9.11 -48.48
C ALA A 361 -0.58 10.57 -48.08
N ASP A 362 -0.14 11.40 -49.03
CA ASP A 362 -0.05 12.82 -48.79
C ASP A 362 -1.40 13.48 -49.02
N TYR A 363 -1.67 14.54 -48.27
CA TYR A 363 -2.94 15.24 -48.41
C TYR A 363 -2.82 16.75 -48.50
N SER A 364 -1.72 17.34 -48.03
CA SER A 364 -1.54 18.77 -48.19
C SER A 364 -1.27 19.13 -49.64
N VAL A 365 -0.47 18.29 -50.32
CA VAL A 365 -0.08 18.58 -51.70
C VAL A 365 -1.25 18.41 -52.66
N LEU A 366 -2.30 17.71 -52.26
CA LEU A 366 -3.48 17.63 -53.09
C LEU A 366 -4.34 18.87 -52.94
N TYR A 367 -4.31 19.51 -51.77
CA TYR A 367 -5.23 20.60 -51.51
C TYR A 367 -4.73 21.93 -52.08
N ASN A 368 -3.43 22.18 -52.04
CA ASN A 368 -2.91 23.51 -52.33
C ASN A 368 -2.70 23.76 -53.83
N SER A 369 -3.24 22.91 -54.70
CA SER A 369 -3.10 23.15 -56.13
C SER A 369 -3.96 24.30 -56.63
N ALA A 370 -5.00 24.67 -55.87
CA ALA A 370 -5.82 25.87 -56.08
C ALA A 370 -6.50 25.87 -57.45
N SER A 371 -7.15 24.75 -57.76
CA SER A 371 -7.93 24.66 -58.99
C SER A 371 -9.23 23.92 -58.78
N PHE A 372 -9.70 23.79 -57.55
CA PHE A 372 -10.77 22.87 -57.23
C PHE A 372 -12.06 23.63 -57.01
N SER A 373 -13.12 23.16 -57.66
CA SER A 373 -14.42 23.81 -57.53
C SER A 373 -14.99 23.59 -56.14
N THR A 374 -14.90 22.37 -55.63
CA THR A 374 -15.44 22.06 -54.31
C THR A 374 -14.45 21.18 -53.58
N PHE A 375 -13.99 21.62 -52.42
CA PHE A 375 -13.18 20.82 -51.52
C PHE A 375 -13.88 20.93 -50.18
N LYS A 376 -14.76 19.99 -49.87
CA LYS A 376 -15.53 20.07 -48.64
C LYS A 376 -15.29 18.84 -47.79
N CYS A 377 -14.63 19.03 -46.66
CA CYS A 377 -14.39 17.97 -45.70
C CYS A 377 -15.40 18.08 -44.57
N TYR A 378 -15.99 16.95 -44.20
CA TYR A 378 -17.18 16.94 -43.37
C TYR A 378 -16.91 16.43 -41.96
N GLY A 379 -16.40 15.22 -41.84
CA GLY A 379 -16.12 14.67 -40.53
C GLY A 379 -14.74 14.97 -40.04
N VAL A 380 -13.90 15.59 -40.86
CA VAL A 380 -12.53 15.88 -40.49
C VAL A 380 -12.18 17.29 -40.96
N SER A 381 -11.19 17.88 -40.31
CA SER A 381 -10.70 19.15 -40.81
C SER A 381 -9.66 18.89 -41.89
N PRO A 382 -9.56 19.78 -42.90
CA PRO A 382 -8.58 19.54 -43.98
C PRO A 382 -7.13 19.73 -43.56
N THR A 383 -6.86 20.20 -42.35
CA THR A 383 -5.51 20.38 -41.87
C THR A 383 -5.03 19.25 -40.98
N LYS A 384 -5.87 18.29 -40.57
CA LYS A 384 -5.37 17.16 -39.73
C LYS A 384 -4.95 15.81 -40.41
N LEU A 385 -5.32 15.70 -41.69
CA LEU A 385 -5.02 14.51 -42.47
C LEU A 385 -3.54 14.19 -42.43
N ASN A 386 -2.72 15.19 -42.70
CA ASN A 386 -1.28 15.01 -42.70
C ASN A 386 -0.72 14.38 -41.43
N ASP A 387 -1.60 13.89 -40.56
CA ASP A 387 -1.11 13.29 -39.34
C ASP A 387 -1.93 12.16 -38.75
N LEU A 388 -3.20 12.02 -39.14
CA LEU A 388 -3.97 10.89 -38.56
C LEU A 388 -4.01 9.55 -39.34
N CYS A 389 -3.50 8.44 -38.78
CA CYS A 389 -3.59 7.20 -39.50
C CYS A 389 -5.05 6.83 -39.73
N PHE A 390 -5.27 5.96 -40.71
CA PHE A 390 -6.59 5.46 -41.05
C PHE A 390 -6.58 3.94 -40.96
N THR A 391 -7.73 3.32 -41.24
CA THR A 391 -7.76 1.87 -41.42
C THR A 391 -8.31 1.45 -42.78
N ASN A 392 -9.27 2.15 -43.36
CA ASN A 392 -9.47 1.97 -44.79
C ASN A 392 -9.92 3.27 -45.41
N VAL A 393 -9.39 3.54 -46.61
CA VAL A 393 -9.71 4.69 -47.44
C VAL A 393 -10.29 4.19 -48.75
N TYR A 394 -11.42 4.77 -49.14
CA TYR A 394 -12.08 4.43 -50.39
C TYR A 394 -12.25 5.70 -51.23
N ALA A 395 -12.02 5.57 -52.53
CA ALA A 395 -12.22 6.66 -53.47
C ALA A 395 -13.29 6.25 -54.48
N ASP A 396 -14.33 7.06 -54.59
CA ASP A 396 -15.31 6.99 -55.67
C ASP A 396 -14.99 8.10 -56.69
N SER A 397 -15.37 7.88 -57.94
CA SER A 397 -15.02 8.86 -58.97
C SER A 397 -15.97 8.73 -60.14
N PHE A 398 -16.48 9.86 -60.62
CA PHE A 398 -17.39 9.87 -61.76
C PHE A 398 -17.44 11.27 -62.37
N VAL A 399 -18.36 11.45 -63.33
CA VAL A 399 -18.64 12.73 -63.96
C VAL A 399 -20.10 13.05 -63.77
N ILE A 400 -20.40 14.25 -63.25
CA ILE A 400 -21.75 14.76 -63.18
C ILE A 400 -21.75 16.21 -63.66
N ARG A 401 -22.94 16.74 -63.88
CA ARG A 401 -23.05 18.08 -64.41
C ARG A 401 -22.81 19.11 -63.30
N GLY A 402 -22.87 20.39 -63.65
CA GLY A 402 -22.44 21.42 -62.73
C GLY A 402 -23.47 21.78 -61.69
N ASP A 403 -24.74 21.73 -62.05
CA ASP A 403 -25.82 22.12 -61.16
C ASP A 403 -26.24 21.01 -60.20
N GLU A 404 -25.47 19.92 -60.11
CA GLU A 404 -25.75 18.86 -59.15
C GLU A 404 -24.54 18.52 -58.29
N VAL A 405 -23.55 19.40 -58.22
CA VAL A 405 -22.41 19.10 -57.35
C VAL A 405 -22.80 19.28 -55.89
N ARG A 406 -23.81 20.10 -55.62
CA ARG A 406 -24.33 20.21 -54.26
C ARG A 406 -25.04 18.94 -53.82
N GLN A 407 -25.50 18.12 -54.77
CA GLN A 407 -26.21 16.89 -54.43
C GLN A 407 -25.30 15.84 -53.82
N ILE A 408 -23.99 15.96 -53.99
CA ILE A 408 -23.05 15.02 -53.39
C ILE A 408 -22.73 15.57 -52.00
N ALA A 409 -23.65 15.33 -51.07
CA ALA A 409 -23.55 15.78 -49.70
C ALA A 409 -24.52 14.96 -48.88
N PRO A 410 -24.19 14.65 -47.63
CA PRO A 410 -25.06 13.76 -46.84
C PRO A 410 -26.39 14.40 -46.48
N GLY A 411 -27.45 13.95 -47.14
CA GLY A 411 -28.78 14.46 -46.89
C GLY A 411 -29.26 15.44 -47.93
N GLN A 412 -29.07 15.12 -49.20
CA GLN A 412 -29.62 15.90 -50.31
C GLN A 412 -30.79 15.15 -50.93
N THR A 413 -31.31 15.71 -52.01
CA THR A 413 -32.42 15.11 -52.73
C THR A 413 -32.32 15.51 -54.20
N GLY A 414 -32.52 14.54 -55.08
CA GLY A 414 -32.39 14.75 -56.51
C GLY A 414 -31.89 13.49 -57.18
N LYS A 415 -31.92 13.52 -58.51
CA LYS A 415 -31.65 12.34 -59.33
C LYS A 415 -30.23 11.83 -59.20
N ILE A 416 -29.31 12.63 -58.65
CA ILE A 416 -27.96 12.12 -58.41
C ILE A 416 -27.83 11.52 -57.02
N ALA A 417 -28.57 12.02 -56.04
CA ALA A 417 -28.43 11.49 -54.70
C ALA A 417 -29.55 10.56 -54.27
N ASP A 418 -30.72 10.63 -54.89
CA ASP A 418 -31.79 9.71 -54.52
C ASP A 418 -31.48 8.32 -55.01
N TYR A 419 -31.12 8.20 -56.28
CA TYR A 419 -30.81 6.89 -56.85
C TYR A 419 -29.69 6.96 -57.87
N ASN A 420 -28.66 7.68 -57.56
CA ASN A 420 -27.43 7.43 -58.30
C ASN A 420 -26.21 7.33 -57.40
N TYR A 421 -26.17 8.11 -56.32
CA TYR A 421 -25.04 8.06 -55.39
C TYR A 421 -25.50 8.64 -54.06
N LYS A 422 -25.83 7.76 -53.11
CA LYS A 422 -26.37 8.19 -51.83
C LYS A 422 -25.27 8.26 -50.79
N LEU A 423 -25.16 9.40 -50.10
CA LEU A 423 -24.13 9.37 -49.07
C LEU A 423 -24.76 9.08 -47.71
N PRO A 424 -24.10 8.28 -46.88
CA PRO A 424 -24.60 8.04 -45.54
C PRO A 424 -24.34 9.24 -44.63
N ASP A 425 -25.19 9.37 -43.60
CA ASP A 425 -25.21 10.60 -42.82
C ASP A 425 -24.00 10.73 -41.92
N ASP A 426 -23.39 9.61 -41.53
CA ASP A 426 -22.26 9.60 -40.62
C ASP A 426 -20.92 9.66 -41.36
N PHE A 427 -20.93 10.28 -42.53
CA PHE A 427 -19.79 10.37 -43.42
C PHE A 427 -18.63 11.11 -42.76
N THR A 428 -17.42 10.79 -43.19
CA THR A 428 -16.25 11.41 -42.59
C THR A 428 -15.15 11.76 -43.60
N GLY A 429 -15.40 11.58 -44.89
CA GLY A 429 -14.41 11.87 -45.91
C GLY A 429 -14.52 13.27 -46.43
N CYS A 430 -14.03 13.46 -47.65
CA CYS A 430 -14.01 14.77 -48.29
C CYS A 430 -14.47 14.65 -49.73
N VAL A 431 -15.34 15.57 -50.13
CA VAL A 431 -15.80 15.64 -51.52
C VAL A 431 -14.92 16.64 -52.24
N ILE A 432 -14.28 16.19 -53.32
CA ILE A 432 -13.48 17.04 -54.17
C ILE A 432 -14.08 17.00 -55.56
N ALA A 433 -14.19 18.16 -56.21
CA ALA A 433 -14.80 18.22 -57.52
C ALA A 433 -14.22 19.40 -58.27
N TRP A 434 -14.03 19.22 -59.57
CA TRP A 434 -13.55 20.33 -60.38
C TRP A 434 -14.15 20.28 -61.77
N ASN A 435 -14.23 21.45 -62.39
CA ASN A 435 -14.79 21.58 -63.73
C ASN A 435 -13.87 20.95 -64.76
N SER A 436 -14.46 20.17 -65.66
CA SER A 436 -13.72 19.50 -66.72
C SER A 436 -14.41 19.74 -68.05
N ASN A 437 -14.62 21.01 -68.38
CA ASN A 437 -15.17 21.37 -69.68
C ASN A 437 -14.16 21.28 -70.81
N ASN A 438 -12.89 21.00 -70.53
CA ASN A 438 -11.90 20.92 -71.58
C ASN A 438 -11.37 19.52 -71.82
N LEU A 439 -11.91 18.52 -71.12
CA LEU A 439 -11.63 17.12 -71.44
C LEU A 439 -12.88 16.37 -71.85
N ASP A 440 -13.92 16.39 -71.02
CA ASP A 440 -15.11 15.60 -71.27
C ASP A 440 -16.14 16.33 -72.10
N SER A 441 -15.73 17.25 -72.95
CA SER A 441 -16.66 18.01 -73.75
C SER A 441 -16.24 17.95 -75.22
N LYS A 442 -17.24 17.96 -76.09
CA LYS A 442 -17.02 17.86 -77.53
C LYS A 442 -18.12 18.58 -78.25
N VAL A 443 -17.77 19.30 -79.32
CA VAL A 443 -18.80 19.92 -80.15
C VAL A 443 -19.54 18.82 -80.88
N GLY A 444 -20.84 19.02 -81.06
CA GLY A 444 -21.72 17.96 -81.49
C GLY A 444 -22.15 17.03 -80.37
N GLY A 445 -21.42 16.98 -79.26
CA GLY A 445 -21.80 16.20 -78.11
C GLY A 445 -20.85 15.07 -77.79
N ASN A 446 -20.77 14.73 -76.51
CA ASN A 446 -20.01 13.57 -76.04
C ASN A 446 -20.93 12.80 -75.10
N TYR A 447 -21.43 11.67 -75.58
CA TYR A 447 -22.55 10.96 -74.98
C TYR A 447 -22.14 9.69 -74.25
N ASN A 448 -20.91 9.63 -73.77
CA ASN A 448 -20.50 8.48 -72.99
C ASN A 448 -21.16 8.46 -71.62
N TYR A 449 -21.58 9.59 -71.13
CA TYR A 449 -21.88 9.81 -69.72
C TYR A 449 -23.38 9.82 -69.51
N ARG A 450 -23.94 8.67 -69.19
CA ARG A 450 -25.35 8.63 -68.90
C ARG A 450 -25.59 8.71 -67.41
N TYR A 451 -26.86 8.68 -67.02
CA TYR A 451 -27.27 8.71 -65.62
C TYR A 451 -28.70 8.21 -65.55
N ARG A 452 -29.00 7.53 -64.44
CA ARG A 452 -30.36 7.08 -64.20
C ARG A 452 -31.23 8.29 -63.96
N LEU A 453 -32.36 8.35 -64.64
CA LEU A 453 -33.30 9.43 -64.36
C LEU A 453 -34.61 8.92 -63.83
N PHE A 454 -34.75 7.62 -63.63
CA PHE A 454 -36.01 7.05 -63.17
C PHE A 454 -35.68 5.81 -62.36
N ARG A 455 -36.29 5.68 -61.18
CA ARG A 455 -36.04 4.52 -60.32
C ARG A 455 -37.23 4.25 -59.41
N LYS A 456 -37.48 2.98 -59.12
CA LYS A 456 -38.58 2.59 -58.26
C LYS A 456 -38.58 3.38 -56.96
N SER A 457 -37.38 3.63 -56.43
CA SER A 457 -37.23 4.38 -55.19
C SER A 457 -35.77 4.72 -54.92
N ASN A 458 -35.50 5.28 -53.75
CA ASN A 458 -34.14 5.65 -53.37
C ASN A 458 -33.26 4.44 -53.12
N LEU A 459 -31.97 4.59 -53.41
CA LEU A 459 -31.02 3.50 -53.22
C LEU A 459 -30.08 3.78 -52.05
N LYS A 460 -30.27 3.05 -50.95
CA LYS A 460 -29.44 3.21 -49.77
C LYS A 460 -28.04 3.68 -50.13
N PRO A 461 -27.24 3.99 -49.12
CA PRO A 461 -25.87 4.46 -49.33
C PRO A 461 -24.92 3.38 -49.80
N PHE A 462 -24.08 3.76 -50.77
CA PHE A 462 -22.88 3.04 -51.21
C PHE A 462 -23.18 1.69 -51.84
N GLU A 463 -24.31 1.56 -52.54
CA GLU A 463 -24.49 0.50 -53.51
C GLU A 463 -24.91 1.10 -54.84
N ARG A 464 -24.97 0.26 -55.86
CA ARG A 464 -25.27 0.71 -57.21
C ARG A 464 -26.25 -0.25 -57.85
N ASP A 465 -26.71 0.12 -59.04
CA ASP A 465 -27.57 -0.75 -59.84
C ASP A 465 -27.26 -0.57 -61.30
N ILE A 466 -27.00 -1.68 -62.00
CA ILE A 466 -26.76 -1.68 -63.44
C ILE A 466 -27.84 -2.54 -64.07
N SER A 467 -29.02 -2.60 -63.43
CA SER A 467 -30.13 -3.42 -63.95
C SER A 467 -30.88 -2.67 -65.03
N THR A 468 -30.20 -2.52 -66.16
CA THR A 468 -30.75 -1.83 -67.30
C THR A 468 -31.90 -2.67 -67.83
N GLU A 469 -33.12 -2.26 -67.51
CA GLU A 469 -34.33 -2.92 -68.04
C GLU A 469 -35.28 -1.89 -68.60
N ILE A 470 -36.52 -2.27 -68.83
CA ILE A 470 -37.54 -1.27 -69.12
C ILE A 470 -37.89 -0.51 -67.83
N TYR A 471 -38.58 0.61 -67.99
CA TYR A 471 -39.28 1.21 -66.89
C TYR A 471 -40.77 1.12 -67.16
N GLN A 472 -41.50 0.87 -66.07
CA GLN A 472 -42.96 0.73 -65.99
C GLN A 472 -43.57 1.96 -65.36
N ALA A 473 -44.66 2.47 -65.95
CA ALA A 473 -45.23 3.72 -65.49
C ALA A 473 -46.34 3.55 -64.44
N GLY A 474 -47.44 2.90 -64.79
CA GLY A 474 -48.61 2.89 -63.96
C GLY A 474 -49.32 1.55 -63.93
N SER A 475 -50.65 1.62 -63.97
CA SER A 475 -51.51 0.44 -63.88
C SER A 475 -51.60 -0.35 -65.18
N LYS A 476 -51.00 0.15 -66.26
CA LYS A 476 -50.93 -0.64 -67.47
C LYS A 476 -49.87 -1.73 -67.33
N PRO A 477 -50.11 -2.91 -67.86
CA PRO A 477 -48.98 -3.79 -68.14
C PRO A 477 -48.34 -3.41 -69.47
N CYS A 478 -47.20 -2.73 -69.41
CA CYS A 478 -46.31 -2.64 -70.57
C CYS A 478 -45.24 -3.72 -70.45
N ASN A 479 -44.36 -3.58 -69.44
CA ASN A 479 -43.32 -4.52 -69.09
C ASN A 479 -42.46 -4.87 -70.31
N GLY A 480 -41.76 -3.87 -70.77
CA GLY A 480 -40.91 -4.10 -71.89
C GLY A 480 -41.76 -4.01 -73.12
N VAL A 481 -42.31 -2.83 -73.38
CA VAL A 481 -42.74 -2.38 -74.69
C VAL A 481 -42.18 -0.98 -74.60
N GLU A 482 -42.68 -0.04 -75.39
CA GLU A 482 -42.29 1.35 -75.20
C GLU A 482 -43.49 2.27 -75.43
N GLY A 483 -43.22 3.50 -75.85
CA GLY A 483 -44.18 4.29 -76.60
C GLY A 483 -45.36 4.80 -75.81
N PHE A 484 -46.16 3.88 -75.29
CA PHE A 484 -47.22 4.22 -74.36
C PHE A 484 -46.68 4.23 -72.92
N ASN A 485 -45.83 5.24 -72.70
CA ASN A 485 -45.33 5.66 -71.39
C ASN A 485 -44.46 4.59 -70.71
N CYS A 486 -43.70 3.88 -71.53
CA CYS A 486 -42.73 2.91 -71.06
C CYS A 486 -41.43 3.70 -71.13
N TYR A 487 -40.29 3.13 -70.75
CA TYR A 487 -39.06 3.91 -70.84
C TYR A 487 -37.82 3.03 -70.89
N PHE A 488 -36.68 3.65 -71.13
CA PHE A 488 -35.39 3.13 -70.70
C PHE A 488 -34.76 4.14 -69.76
N PRO A 489 -34.60 3.83 -68.49
CA PRO A 489 -34.39 4.89 -67.50
C PRO A 489 -32.97 5.40 -67.36
N LEU A 490 -32.14 5.33 -68.40
CA LEU A 490 -30.79 5.87 -68.32
C LEU A 490 -30.52 6.82 -69.50
N GLN A 491 -30.57 8.12 -69.21
CA GLN A 491 -30.42 9.15 -70.22
C GLN A 491 -28.98 9.59 -70.28
N SER A 492 -28.48 9.79 -71.49
CA SER A 492 -27.13 10.30 -71.67
C SER A 492 -27.07 11.79 -71.40
N TYR A 493 -25.85 12.29 -71.19
CA TYR A 493 -25.60 13.71 -71.07
C TYR A 493 -25.23 14.28 -72.43
N GLY A 494 -25.50 15.57 -72.62
CA GLY A 494 -24.97 16.27 -73.77
C GLY A 494 -23.96 17.29 -73.31
N PHE A 495 -22.69 17.07 -73.61
CA PHE A 495 -21.60 17.93 -73.13
C PHE A 495 -20.88 18.54 -74.32
N GLN A 496 -21.22 19.77 -74.64
CA GLN A 496 -20.51 20.60 -75.60
C GLN A 496 -19.89 21.77 -74.86
N PRO A 497 -18.79 22.32 -75.35
CA PRO A 497 -18.24 23.53 -74.70
C PRO A 497 -19.10 24.75 -74.90
N THR A 498 -19.97 24.77 -75.90
CA THR A 498 -20.87 25.89 -76.12
C THR A 498 -22.16 25.76 -75.28
N ASN A 499 -21.98 25.45 -74.01
CA ASN A 499 -23.09 25.30 -73.08
C ASN A 499 -22.70 26.00 -71.79
N GLY A 500 -23.68 26.67 -71.18
CA GLY A 500 -23.39 27.50 -70.03
C GLY A 500 -22.95 26.69 -68.85
N VAL A 501 -22.20 27.34 -67.95
CA VAL A 501 -21.68 26.65 -66.77
C VAL A 501 -22.85 26.28 -65.87
N GLY A 502 -22.69 25.20 -65.13
CA GLY A 502 -23.80 24.54 -64.53
C GLY A 502 -24.39 23.45 -65.41
N TYR A 503 -24.14 23.51 -66.71
CA TYR A 503 -24.50 22.44 -67.62
C TYR A 503 -23.27 21.82 -68.26
N GLN A 504 -22.15 21.91 -67.60
CA GLN A 504 -20.86 21.48 -68.07
C GLN A 504 -20.36 20.28 -67.27
N PRO A 505 -19.50 19.44 -67.84
CA PRO A 505 -19.02 18.26 -67.11
C PRO A 505 -18.10 18.62 -65.97
N TYR A 506 -18.38 18.02 -64.82
CA TYR A 506 -17.56 18.15 -63.61
C TYR A 506 -17.09 16.77 -63.19
N ARG A 507 -15.81 16.67 -62.87
CA ARG A 507 -15.23 15.44 -62.39
C ARG A 507 -15.25 15.44 -60.86
N VAL A 508 -15.77 14.37 -60.28
CA VAL A 508 -16.04 14.28 -58.85
C VAL A 508 -15.28 13.09 -58.28
N VAL A 509 -14.51 13.35 -57.23
CA VAL A 509 -13.78 12.32 -56.49
C VAL A 509 -14.22 12.44 -55.04
N VAL A 510 -14.75 11.36 -54.48
CA VAL A 510 -15.25 11.33 -53.11
C VAL A 510 -14.37 10.40 -52.30
N LEU A 511 -13.81 10.92 -51.21
CA LEU A 511 -12.98 10.13 -50.31
C LEU A 511 -13.77 9.77 -49.05
N SER A 512 -13.69 8.52 -48.64
CA SER A 512 -14.37 8.05 -47.43
C SER A 512 -13.41 7.23 -46.59
N PHE A 513 -13.39 7.47 -45.28
CA PHE A 513 -12.46 6.83 -44.38
C PHE A 513 -13.21 5.99 -43.37
N GLU A 514 -12.49 5.05 -42.75
CA GLU A 514 -13.04 4.29 -41.64
C GLU A 514 -11.91 3.86 -40.73
N LEU A 515 -12.20 3.82 -39.42
CA LEU A 515 -11.20 3.54 -38.37
C LEU A 515 -11.86 2.74 -37.25
N LEU A 516 -11.58 1.44 -37.23
CA LEU A 516 -12.11 0.52 -36.22
C LEU A 516 -11.02 -0.14 -35.36
N HIS A 517 -10.20 -0.99 -35.98
CA HIS A 517 -9.14 -1.67 -35.22
C HIS A 517 -7.94 -2.21 -35.99
N ALA A 518 -7.73 -1.72 -37.21
CA ALA A 518 -6.57 -2.19 -37.97
C ALA A 518 -5.29 -1.58 -37.41
N PRO A 519 -4.35 -2.38 -36.94
CA PRO A 519 -3.24 -1.84 -36.14
C PRO A 519 -2.14 -1.18 -36.96
N ALA A 520 -2.13 -1.35 -38.29
CA ALA A 520 -1.09 -0.76 -39.12
C ALA A 520 -1.65 -0.59 -40.52
N THR A 521 -2.04 0.63 -40.85
CA THR A 521 -2.61 0.94 -42.17
C THR A 521 -2.09 2.34 -42.53
N VAL A 522 -2.78 2.99 -43.47
CA VAL A 522 -2.25 4.16 -44.17
C VAL A 522 -2.19 5.36 -43.24
N CYS A 523 -1.04 6.04 -43.24
CA CYS A 523 -0.85 7.27 -42.50
C CYS A 523 -0.16 8.28 -43.41
N GLY A 524 -0.27 9.54 -43.05
CA GLY A 524 0.24 10.61 -43.86
C GLY A 524 1.74 10.76 -43.76
N PRO A 525 2.28 11.82 -44.38
CA PRO A 525 3.72 12.10 -44.29
C PRO A 525 4.21 12.45 -42.89
N LYS A 526 4.94 11.51 -42.31
CA LYS A 526 5.40 11.54 -40.94
C LYS A 526 6.88 11.91 -40.89
N LYS A 527 7.39 12.11 -39.68
CA LYS A 527 8.79 12.46 -39.50
C LYS A 527 9.18 12.42 -38.02
N SER A 528 10.27 11.73 -37.73
CA SER A 528 10.76 11.62 -36.35
C SER A 528 12.15 12.24 -36.20
N THR A 529 13.18 11.40 -36.32
CA THR A 529 14.55 11.87 -36.19
C THR A 529 15.53 10.70 -36.19
N ASN A 530 16.67 10.88 -36.85
CA ASN A 530 17.68 9.84 -36.93
C ASN A 530 18.05 9.29 -35.55
N LEU A 531 18.89 8.26 -35.53
CA LEU A 531 19.30 7.64 -34.29
C LEU A 531 20.67 8.17 -33.87
N VAL A 532 20.96 8.11 -32.57
CA VAL A 532 22.22 8.61 -32.05
C VAL A 532 22.83 7.53 -31.18
N LYS A 533 24.11 7.68 -30.84
CA LYS A 533 24.77 6.69 -30.03
C LYS A 533 25.64 7.37 -28.99
N ASN A 534 25.98 6.61 -27.95
CA ASN A 534 26.90 7.01 -26.90
C ASN A 534 26.42 8.22 -26.11
N LYS A 535 25.11 8.40 -25.99
CA LYS A 535 24.54 9.48 -25.18
C LYS A 535 23.29 8.96 -24.51
N CYS A 536 23.12 9.28 -23.23
CA CYS A 536 21.90 8.90 -22.54
C CYS A 536 20.73 9.56 -23.26
N VAL A 537 19.84 8.74 -23.80
CA VAL A 537 18.82 9.19 -24.73
C VAL A 537 17.50 8.55 -24.33
N ASN A 538 16.43 9.12 -24.84
CA ASN A 538 15.08 8.61 -24.62
C ASN A 538 14.62 8.05 -25.96
N PHE A 539 14.46 6.73 -26.03
CA PHE A 539 14.27 6.07 -27.31
C PHE A 539 12.96 5.32 -27.39
N ASN A 540 12.51 5.12 -28.63
CA ASN A 540 11.34 4.30 -28.94
C ASN A 540 11.68 3.52 -30.22
N PHE A 541 11.72 2.20 -30.10
CA PHE A 541 11.98 1.30 -31.22
C PHE A 541 10.71 0.52 -31.51
N ASN A 542 9.92 1.02 -32.47
CA ASN A 542 8.63 0.49 -32.89
C ASN A 542 7.84 -0.13 -31.75
N GLY A 543 7.72 0.58 -30.63
CA GLY A 543 6.95 0.09 -29.52
C GLY A 543 7.73 0.01 -28.24
N LEU A 544 8.99 -0.40 -28.32
CA LEU A 544 9.87 -0.48 -27.16
C LEU A 544 10.21 0.92 -26.71
N THR A 545 9.72 1.33 -25.55
CA THR A 545 10.01 2.65 -25.00
C THR A 545 11.04 2.48 -23.89
N GLY A 546 12.11 3.26 -23.95
CA GLY A 546 13.11 3.19 -22.90
C GLY A 546 14.06 4.37 -22.80
N THR A 547 15.05 4.26 -21.94
CA THR A 547 16.06 5.29 -21.75
C THR A 547 17.42 4.62 -21.60
N GLY A 548 18.46 5.26 -22.11
CA GLY A 548 19.79 4.75 -21.91
C GLY A 548 20.72 5.16 -23.03
N VAL A 549 21.94 4.67 -22.91
CA VAL A 549 22.98 4.81 -23.91
C VAL A 549 22.87 3.65 -24.88
N LEU A 550 22.98 3.95 -26.17
CA LEU A 550 22.93 2.97 -27.25
C LEU A 550 24.35 2.75 -27.75
N THR A 551 24.71 1.50 -28.01
CA THR A 551 26.06 1.20 -28.44
C THR A 551 26.05 0.09 -29.50
N GLU A 552 27.02 0.15 -30.41
CA GLU A 552 27.15 -0.89 -31.42
C GLU A 552 27.41 -2.24 -30.78
N SER A 553 26.70 -3.27 -31.25
CA SER A 553 26.78 -4.57 -30.64
C SER A 553 27.71 -5.49 -31.40
N ASN A 554 27.90 -6.68 -30.84
CA ASN A 554 28.59 -7.75 -31.55
C ASN A 554 27.92 -9.09 -31.31
N LYS A 555 26.66 -9.07 -30.87
CA LYS A 555 25.90 -10.28 -30.60
C LYS A 555 25.09 -10.66 -31.84
N LYS A 556 25.38 -11.82 -32.41
CA LYS A 556 24.71 -12.29 -33.62
C LYS A 556 23.23 -12.62 -33.43
N PHE A 557 22.38 -11.60 -33.54
CA PHE A 557 20.95 -11.79 -33.41
C PHE A 557 20.47 -12.68 -34.55
N LEU A 558 20.15 -13.93 -34.23
CA LEU A 558 19.69 -14.88 -35.25
C LEU A 558 18.66 -14.25 -36.19
N PRO A 559 18.88 -14.48 -37.54
CA PRO A 559 17.88 -13.85 -38.42
C PRO A 559 16.43 -14.22 -38.14
N PHE A 560 15.87 -13.66 -37.07
CA PHE A 560 14.49 -13.89 -36.68
C PHE A 560 14.25 -13.45 -35.24
N GLN A 561 15.30 -12.96 -34.59
CA GLN A 561 15.22 -12.50 -33.22
C GLN A 561 15.05 -10.98 -33.19
N GLN A 562 13.88 -10.54 -32.75
CA GLN A 562 13.57 -9.11 -32.68
C GLN A 562 14.47 -8.34 -31.71
N PHE A 563 14.69 -8.89 -30.50
CA PHE A 563 15.54 -8.26 -29.46
C PHE A 563 16.36 -9.21 -28.54
N GLY A 564 17.00 -8.65 -27.52
CA GLY A 564 17.84 -9.41 -26.55
C GLY A 564 17.19 -9.43 -25.14
N ARG A 565 17.03 -10.60 -24.54
CA ARG A 565 16.43 -10.72 -23.18
C ARG A 565 17.55 -11.10 -22.15
N ASP A 566 17.59 -10.39 -21.01
CA ASP A 566 18.60 -10.62 -19.94
C ASP A 566 17.99 -11.27 -18.67
N ILE A 567 18.75 -12.12 -17.96
CA ILE A 567 18.22 -12.86 -16.84
C ILE A 567 17.75 -11.80 -15.85
N ALA A 568 16.58 -12.03 -15.25
CA ALA A 568 15.81 -11.06 -14.49
C ALA A 568 15.01 -10.16 -15.43
N ASP A 569 15.04 -10.47 -16.72
CA ASP A 569 14.07 -9.96 -17.68
C ASP A 569 14.09 -8.45 -17.87
N THR A 570 15.20 -7.88 -18.31
CA THR A 570 15.25 -6.49 -18.70
C THR A 570 15.80 -6.40 -20.12
N THR A 571 15.18 -5.54 -20.94
CA THR A 571 15.63 -5.34 -22.31
C THR A 571 17.05 -4.80 -22.32
N ASP A 572 17.94 -5.48 -23.02
CA ASP A 572 19.32 -5.03 -23.07
C ASP A 572 19.90 -4.95 -24.46
N ALA A 573 19.18 -5.40 -25.48
CA ALA A 573 19.60 -5.21 -26.86
C ALA A 573 18.36 -4.97 -27.71
N VAL A 574 18.53 -4.26 -28.81
CA VAL A 574 17.48 -4.07 -29.79
C VAL A 574 18.06 -4.23 -31.18
N ARG A 575 17.18 -4.30 -32.16
CA ARG A 575 17.55 -4.31 -33.57
C ARG A 575 16.89 -3.11 -34.22
N ASP A 576 17.67 -2.31 -34.96
CA ASP A 576 17.13 -1.15 -35.64
C ASP A 576 16.26 -1.65 -36.78
N PRO A 577 15.01 -1.21 -36.85
CA PRO A 577 14.16 -1.70 -37.93
C PRO A 577 14.65 -1.36 -39.32
N GLN A 578 15.10 -0.12 -39.50
CA GLN A 578 15.56 0.36 -40.81
C GLN A 578 16.82 -0.28 -41.35
N THR A 579 17.89 -0.28 -40.56
CA THR A 579 19.16 -0.82 -41.00
C THR A 579 19.41 -2.25 -40.52
N LEU A 580 18.64 -2.73 -39.55
CA LEU A 580 18.69 -4.12 -39.07
C LEU A 580 20.05 -4.46 -38.44
N GLU A 581 20.48 -3.64 -37.51
CA GLU A 581 21.70 -3.89 -36.75
C GLU A 581 21.41 -3.90 -35.27
N ILE A 582 22.15 -4.73 -34.54
CA ILE A 582 21.91 -4.95 -33.13
C ILE A 582 22.66 -3.90 -32.34
N LEU A 583 21.99 -3.32 -31.35
CA LEU A 583 22.55 -2.27 -30.51
C LEU A 583 22.27 -2.60 -29.05
N ASP A 584 23.30 -2.52 -28.22
CA ASP A 584 23.11 -2.73 -26.79
C ASP A 584 22.59 -1.48 -26.12
N ILE A 585 21.82 -1.68 -25.06
CA ILE A 585 21.23 -0.57 -24.33
C ILE A 585 21.73 -0.50 -22.89
N THR A 586 22.86 0.18 -22.70
CA THR A 586 23.43 0.33 -21.37
C THR A 586 22.62 1.36 -20.61
N PRO A 587 22.56 1.27 -19.29
CA PRO A 587 21.75 2.23 -18.50
C PRO A 587 22.40 3.60 -18.29
N CYS A 588 21.57 4.63 -18.08
CA CYS A 588 22.07 5.98 -17.85
C CYS A 588 22.69 6.07 -16.46
N SER A 589 23.87 6.69 -16.38
CA SER A 589 24.58 6.83 -15.11
C SER A 589 23.65 7.19 -13.96
N PHE A 590 24.04 6.81 -12.76
CA PHE A 590 23.27 7.11 -11.57
C PHE A 590 24.16 6.72 -10.42
N GLY A 591 24.03 7.37 -9.27
CA GLY A 591 24.94 7.01 -8.20
C GLY A 591 24.85 7.93 -7.01
N GLY A 592 25.33 7.49 -5.86
CA GLY A 592 25.31 8.34 -4.70
C GLY A 592 26.35 9.44 -4.73
N VAL A 593 26.11 10.47 -3.95
CA VAL A 593 27.05 11.57 -3.79
C VAL A 593 27.44 11.64 -2.32
N SER A 594 28.75 11.65 -2.06
CA SER A 594 29.24 11.72 -0.69
C SER A 594 30.09 12.97 -0.53
N VAL A 595 30.09 13.52 0.67
CA VAL A 595 30.83 14.73 0.98
C VAL A 595 31.88 14.40 2.04
N ILE A 596 33.12 14.75 1.75
CA ILE A 596 34.27 14.50 2.61
C ILE A 596 34.66 15.83 3.23
N THR A 597 34.61 15.90 4.55
CA THR A 597 34.91 17.11 5.28
C THR A 597 35.89 16.85 6.41
N PRO A 598 36.88 17.72 6.60
CA PRO A 598 37.75 17.59 7.78
C PRO A 598 37.09 17.97 9.09
N GLY A 599 35.86 18.44 9.09
CA GLY A 599 35.17 18.86 10.29
C GLY A 599 35.10 20.38 10.30
N THR A 600 33.92 20.92 10.63
CA THR A 600 33.69 22.35 10.56
C THR A 600 34.50 23.12 11.59
N ASN A 601 35.06 22.42 12.56
CA ASN A 601 35.92 22.97 13.60
C ASN A 601 37.38 23.00 13.15
N THR A 602 37.61 22.72 11.88
CA THR A 602 38.96 22.69 11.33
C THR A 602 39.00 23.56 10.08
N SER A 603 37.94 23.50 9.29
CA SER A 603 37.88 24.13 7.99
C SER A 603 36.47 23.96 7.46
N ASN A 604 36.16 24.71 6.40
CA ASN A 604 34.89 24.59 5.72
C ASN A 604 35.07 24.13 4.28
N GLN A 605 36.28 23.75 3.89
CA GLN A 605 36.51 23.14 2.60
C GLN A 605 35.90 21.74 2.57
N VAL A 606 35.69 21.23 1.37
CA VAL A 606 34.93 20.00 1.18
C VAL A 606 35.40 19.34 -0.10
N ALA A 607 35.34 18.03 -0.14
CA ALA A 607 35.55 17.26 -1.36
C ALA A 607 34.33 16.40 -1.61
N VAL A 608 34.14 15.98 -2.86
CA VAL A 608 32.90 15.34 -3.26
C VAL A 608 33.21 14.08 -4.05
N LEU A 609 32.59 12.97 -3.67
CA LEU A 609 32.73 11.70 -4.36
C LEU A 609 31.44 11.38 -5.09
N TYR A 610 31.53 11.18 -6.39
CA TYR A 610 30.43 10.66 -7.20
C TYR A 610 30.68 9.18 -7.36
N GLN A 611 29.83 8.36 -6.77
CA GLN A 611 30.17 6.96 -6.58
C GLN A 611 29.95 6.20 -7.88
N GLY A 612 30.96 5.41 -8.25
CA GLY A 612 31.06 4.62 -9.48
C GLY A 612 30.44 5.33 -10.69
N VAL A 613 30.79 6.60 -10.83
CA VAL A 613 30.46 7.37 -12.01
C VAL A 613 31.76 7.72 -12.73
N ASN A 614 31.74 7.57 -14.04
CA ASN A 614 32.92 7.96 -14.81
C ASN A 614 33.06 9.47 -14.76
N CYS A 615 34.29 9.92 -14.50
CA CYS A 615 34.49 11.29 -14.08
C CYS A 615 34.39 12.28 -15.24
N THR A 616 33.90 11.84 -16.39
CA THR A 616 33.79 12.69 -17.58
C THR A 616 32.34 13.14 -17.78
N GLU A 617 31.44 12.60 -16.97
CA GLU A 617 30.02 12.88 -17.12
C GLU A 617 29.44 13.40 -15.81
N VAL A 618 30.23 14.13 -15.06
CA VAL A 618 29.81 14.60 -13.74
C VAL A 618 28.86 15.78 -13.86
N PRO A 619 29.18 16.85 -14.59
CA PRO A 619 28.18 17.93 -14.61
C PRO A 619 27.29 17.87 -15.84
N SER A 638 41.18 22.87 -11.54
CA SER A 638 40.70 22.14 -10.37
C SER A 638 41.24 20.72 -10.33
N ASN A 639 40.75 19.94 -9.37
CA ASN A 639 41.24 18.59 -9.12
C ASN A 639 40.13 17.59 -9.40
N VAL A 640 40.20 16.92 -10.53
CA VAL A 640 39.35 15.77 -10.81
C VAL A 640 40.25 14.55 -10.85
N PHE A 641 39.89 13.55 -10.06
CA PHE A 641 40.72 12.38 -9.85
C PHE A 641 39.82 11.17 -9.93
N GLN A 642 40.22 10.18 -10.71
CA GLN A 642 39.42 8.99 -10.93
C GLN A 642 39.86 7.88 -10.01
N THR A 643 38.89 7.24 -9.37
CA THR A 643 39.13 6.18 -8.41
C THR A 643 38.35 4.96 -8.86
N ARG A 644 38.76 3.80 -8.37
CA ARG A 644 37.96 2.60 -8.50
C ARG A 644 36.62 2.73 -7.78
N ALA A 645 36.44 3.75 -6.96
CA ALA A 645 35.22 3.96 -6.20
C ALA A 645 34.37 5.12 -6.73
N GLY A 646 34.81 5.77 -7.79
CA GLY A 646 34.09 6.89 -8.35
C GLY A 646 34.99 8.06 -8.69
N CYS A 647 34.36 9.19 -8.96
CA CYS A 647 35.09 10.40 -9.32
C CYS A 647 35.14 11.36 -8.14
N LEU A 648 36.36 11.75 -7.77
CA LEU A 648 36.62 12.61 -6.63
C LEU A 648 36.96 14.01 -7.10
N ILE A 649 36.29 15.02 -6.55
CA ILE A 649 36.48 16.41 -6.94
C ILE A 649 36.81 17.21 -5.69
N GLY A 650 37.87 17.99 -5.76
CA GLY A 650 38.24 18.88 -4.68
C GLY A 650 39.36 18.39 -3.78
N ALA A 651 40.02 17.30 -4.14
CA ALA A 651 41.18 16.79 -3.43
C ALA A 651 42.27 16.53 -4.45
N GLU A 652 43.51 16.79 -4.06
CA GLU A 652 44.64 16.51 -4.94
C GLU A 652 45.28 15.17 -4.60
N HIS A 653 45.74 14.48 -5.63
CA HIS A 653 46.36 13.19 -5.48
C HIS A 653 47.87 13.34 -5.26
N VAL A 654 48.36 12.78 -4.17
CA VAL A 654 49.79 12.81 -3.87
C VAL A 654 50.37 11.42 -4.04
N ASN A 655 51.69 11.33 -3.95
CA ASN A 655 52.40 10.07 -4.15
C ASN A 655 52.90 9.44 -2.87
N ASN A 656 52.87 10.18 -1.77
CA ASN A 656 53.22 9.65 -0.46
C ASN A 656 52.21 8.60 -0.04
N SER A 657 52.42 7.97 1.12
CA SER A 657 51.43 7.06 1.67
C SER A 657 51.45 7.18 3.19
N TYR A 658 50.31 7.48 3.76
CA TYR A 658 50.15 7.70 5.18
C TYR A 658 49.25 6.62 5.76
N GLU A 659 49.00 6.72 7.06
CA GLU A 659 47.98 5.92 7.69
C GLU A 659 46.61 6.46 7.31
N CYS A 660 45.64 5.57 7.20
CA CYS A 660 44.34 5.97 6.68
C CYS A 660 43.64 6.91 7.65
N ASP A 661 43.00 7.94 7.10
CA ASP A 661 42.29 8.90 7.92
C ASP A 661 40.80 8.81 7.66
N ILE A 662 40.41 9.18 6.44
CA ILE A 662 39.02 9.13 6.02
C ILE A 662 38.96 8.12 4.89
N PRO A 663 38.24 7.03 5.04
CA PRO A 663 38.30 5.97 4.04
C PRO A 663 37.43 6.25 2.83
N ILE A 664 38.03 6.32 1.66
CA ILE A 664 37.29 6.48 0.42
C ILE A 664 36.89 5.14 -0.15
N GLY A 665 37.85 4.26 -0.36
CA GLY A 665 37.55 2.92 -0.82
C GLY A 665 38.61 2.41 -1.78
N ALA A 666 38.61 1.10 -1.97
CA ALA A 666 39.55 0.41 -2.86
C ALA A 666 40.99 0.80 -2.57
N GLY A 667 41.32 0.96 -1.30
CA GLY A 667 42.66 1.31 -0.90
C GLY A 667 42.97 2.78 -0.82
N ILE A 668 42.03 3.65 -1.12
CA ILE A 668 42.26 5.09 -1.17
C ILE A 668 41.67 5.73 0.09
N CYS A 669 42.47 6.59 0.72
CA CYS A 669 41.98 7.44 1.82
C CYS A 669 42.24 8.91 1.53
N ALA A 670 41.65 9.78 2.35
CA ALA A 670 41.78 11.22 2.21
C ALA A 670 42.16 11.81 3.54
N SER A 671 42.75 13.01 3.52
CA SER A 671 43.10 13.66 4.75
C SER A 671 43.38 15.13 4.53
N TYR A 672 43.14 15.94 5.57
CA TYR A 672 43.36 17.38 5.48
C TYR A 672 44.59 17.79 6.30
N GLN A 673 45.76 17.39 5.83
CA GLN A 673 47.01 17.73 6.53
C GLN A 673 47.16 19.24 6.68
N THR A 674 47.88 19.65 7.72
CA THR A 674 48.10 21.06 7.99
C THR A 674 46.82 21.86 7.83
N GLN A 688 47.60 22.89 2.44
CA GLN A 688 46.55 22.84 3.45
C GLN A 688 45.19 22.58 2.81
N SER A 689 45.08 21.49 2.07
CA SER A 689 43.83 21.14 1.41
C SER A 689 43.66 19.62 1.32
N ILE A 690 42.42 19.17 1.26
CA ILE A 690 42.13 17.74 1.17
C ILE A 690 43.02 17.06 0.15
N ILE A 691 43.18 15.75 0.28
CA ILE A 691 44.00 14.97 -0.63
C ILE A 691 43.61 13.51 -0.70
N ALA A 692 44.10 12.83 -1.73
CA ALA A 692 43.82 11.41 -1.94
C ALA A 692 45.12 10.63 -1.94
N TYR A 693 45.02 9.31 -1.86
CA TYR A 693 46.21 8.46 -1.85
C TYR A 693 45.83 7.03 -1.49
N THR A 694 46.85 6.20 -1.27
CA THR A 694 46.63 4.80 -0.91
C THR A 694 47.11 4.57 0.50
N MET A 695 46.22 4.11 1.38
CA MET A 695 46.59 3.88 2.75
C MET A 695 47.77 3.04 3.00
N SER A 696 48.25 3.07 4.19
CA SER A 696 49.46 2.46 4.62
C SER A 696 49.11 1.35 5.48
N LEU A 697 49.69 0.19 5.18
CA LEU A 697 49.42 -1.00 5.97
C LEU A 697 50.10 -0.89 7.33
N GLY A 698 51.28 -0.28 7.33
CA GLY A 698 52.05 -0.12 8.55
C GLY A 698 53.52 0.10 8.27
N ALA A 699 54.29 0.31 9.32
CA ALA A 699 55.73 0.54 9.18
C ALA A 699 56.39 -0.54 8.31
N GLU A 700 57.62 -0.90 8.64
CA GLU A 700 58.35 -1.92 7.90
C GLU A 700 59.41 -2.36 8.89
N ASN A 701 59.32 -3.58 9.39
CA ASN A 701 60.30 -4.09 10.34
C ASN A 701 61.06 -5.23 9.67
N SER A 702 62.38 -5.23 9.79
CA SER A 702 63.15 -6.30 9.15
C SER A 702 63.94 -7.14 10.15
N VAL A 703 63.42 -8.32 10.44
CA VAL A 703 64.07 -9.23 11.39
C VAL A 703 65.36 -9.79 10.83
N ALA A 704 66.44 -9.62 11.57
CA ALA A 704 67.76 -10.11 11.16
C ALA A 704 67.87 -11.60 11.45
N TYR A 705 67.06 -12.40 10.76
CA TYR A 705 67.06 -13.84 10.96
C TYR A 705 68.29 -14.54 10.39
N SER A 706 68.82 -15.50 11.13
CA SER A 706 69.98 -16.28 10.72
C SER A 706 69.87 -17.67 11.34
N ASN A 707 70.70 -18.61 10.90
CA ASN A 707 70.65 -19.97 11.42
C ASN A 707 71.38 -20.20 12.75
N ASN A 708 71.68 -19.12 13.47
CA ASN A 708 72.37 -19.26 14.75
C ASN A 708 72.42 -17.96 15.55
N SER A 709 71.39 -17.14 15.35
CA SER A 709 71.25 -15.86 16.02
C SER A 709 69.96 -15.81 16.83
N ILE A 710 70.03 -15.17 17.99
CA ILE A 710 68.89 -15.04 18.88
C ILE A 710 68.91 -13.64 19.48
N ALA A 711 67.73 -13.12 19.78
CA ALA A 711 67.58 -11.87 20.48
C ALA A 711 66.85 -12.14 21.79
N ILE A 712 67.34 -11.56 22.88
CA ILE A 712 66.80 -11.79 24.20
C ILE A 712 66.60 -10.44 24.87
N PRO A 713 65.48 -10.22 25.55
CA PRO A 713 65.22 -8.92 26.16
C PRO A 713 65.98 -8.74 27.47
N THR A 714 66.37 -7.50 27.73
CA THR A 714 67.09 -7.18 28.96
C THR A 714 66.27 -6.35 29.92
N ASN A 715 65.08 -5.90 29.55
CA ASN A 715 64.27 -5.09 30.43
C ASN A 715 62.81 -5.40 30.14
N PHE A 716 61.90 -4.68 30.79
CA PHE A 716 60.49 -4.83 30.53
C PHE A 716 59.77 -3.53 30.84
N THR A 717 58.54 -3.43 30.36
CA THR A 717 57.62 -2.39 30.78
C THR A 717 56.32 -3.01 31.25
N ILE A 718 55.76 -2.43 32.29
CA ILE A 718 54.42 -2.75 32.75
C ILE A 718 53.45 -1.82 32.03
N SER A 719 52.55 -2.39 31.25
CA SER A 719 51.59 -1.56 30.56
C SER A 719 50.17 -1.91 31.00
N VAL A 720 49.27 -0.93 30.94
CA VAL A 720 47.87 -1.15 31.27
C VAL A 720 47.00 -0.45 30.24
N THR A 721 46.04 -1.19 29.69
CA THR A 721 45.15 -0.69 28.66
C THR A 721 43.71 -0.89 29.08
N THR A 722 42.78 -0.27 28.36
CA THR A 722 41.37 -0.40 28.64
C THR A 722 40.62 -1.16 27.56
N GLU A 723 39.50 -1.75 27.95
CA GLU A 723 38.59 -2.38 27.01
C GLU A 723 37.16 -2.11 27.46
N ILE A 724 36.33 -1.58 26.57
CA ILE A 724 34.98 -1.12 26.89
C ILE A 724 33.98 -2.06 26.24
N LEU A 725 32.97 -2.50 27.00
CA LEU A 725 31.99 -3.41 26.44
C LEU A 725 30.58 -3.05 26.90
N PRO A 726 29.62 -2.98 25.98
CA PRO A 726 28.21 -2.83 26.37
C PRO A 726 27.62 -4.12 26.93
N VAL A 727 26.85 -3.99 28.02
CA VAL A 727 26.20 -5.17 28.56
C VAL A 727 24.69 -5.05 28.44
N SER A 728 24.12 -3.86 28.57
CA SER A 728 22.66 -3.73 28.53
C SER A 728 22.24 -2.60 27.61
N MET A 729 20.94 -2.53 27.36
CA MET A 729 20.29 -1.40 26.72
C MET A 729 19.02 -1.10 27.50
N THR A 730 18.28 -0.10 27.07
CA THR A 730 17.13 0.38 27.84
C THR A 730 15.90 -0.47 27.60
N LYS A 731 15.19 -0.75 28.68
CA LYS A 731 13.94 -1.48 28.62
C LYS A 731 12.79 -0.54 28.34
N THR A 732 12.15 -0.74 27.20
CA THR A 732 11.03 0.10 26.80
C THR A 732 9.80 -0.78 26.68
N SER A 733 8.65 -0.16 26.92
CA SER A 733 7.38 -0.83 26.71
C SER A 733 6.51 0.09 25.86
N VAL A 734 5.68 -0.52 25.04
CA VAL A 734 4.68 0.22 24.27
C VAL A 734 3.33 -0.35 24.63
N ASP A 735 2.31 0.49 24.47
CA ASP A 735 0.92 0.07 24.58
C ASP A 735 0.31 0.23 23.20
N CYS A 736 0.29 -0.86 22.45
CA CYS A 736 -0.26 -0.90 21.09
C CYS A 736 -1.50 -0.05 20.91
N THR A 737 -2.51 -0.24 21.74
CA THR A 737 -3.78 0.43 21.56
C THR A 737 -3.65 1.93 21.73
N MET A 738 -2.86 2.37 22.69
CA MET A 738 -2.72 3.80 22.93
C MET A 738 -1.85 4.46 21.88
N TYR A 739 -1.04 3.69 21.18
CA TYR A 739 -0.20 4.25 20.12
C TYR A 739 -0.99 4.33 18.82
N ILE A 740 -1.72 3.28 18.49
CA ILE A 740 -2.40 3.23 17.20
C ILE A 740 -3.67 4.07 17.24
N CYS A 741 -4.40 4.05 18.34
CA CYS A 741 -5.70 4.71 18.39
C CYS A 741 -5.70 5.94 19.28
N GLY A 742 -5.00 5.89 20.41
CA GLY A 742 -4.94 7.06 21.26
C GLY A 742 -6.26 7.36 21.93
N ASP A 743 -6.86 6.36 22.56
CA ASP A 743 -8.06 6.53 23.37
C ASP A 743 -9.22 7.12 22.55
N SER A 744 -9.66 6.31 21.59
CA SER A 744 -10.84 6.64 20.79
C SER A 744 -11.52 5.33 20.42
N THR A 745 -12.79 5.18 20.81
CA THR A 745 -13.47 3.89 20.71
C THR A 745 -13.72 3.47 19.27
N GLU A 746 -13.77 4.43 18.35
CA GLU A 746 -13.99 4.07 16.95
C GLU A 746 -12.80 3.29 16.40
N CYS A 747 -11.58 3.83 16.56
CA CYS A 747 -10.40 3.14 16.10
C CYS A 747 -10.20 1.83 16.86
N SER A 748 -10.53 1.82 18.14
CA SER A 748 -10.27 0.64 18.96
C SER A 748 -11.13 -0.55 18.57
N ASN A 749 -12.32 -0.30 18.02
CA ASN A 749 -13.16 -1.40 17.59
C ASN A 749 -12.73 -1.96 16.25
N LEU A 750 -12.30 -1.10 15.34
CA LEU A 750 -11.72 -1.55 14.09
C LEU A 750 -10.47 -2.39 14.31
N LEU A 751 -9.69 -2.07 15.33
CA LEU A 751 -8.45 -2.75 15.64
C LEU A 751 -8.67 -4.20 16.04
N LEU A 752 -9.77 -4.50 16.71
CA LEU A 752 -10.12 -5.86 17.08
C LEU A 752 -10.17 -6.81 15.89
N GLN A 753 -10.38 -6.29 14.70
CA GLN A 753 -10.45 -7.13 13.51
C GLN A 753 -9.09 -7.64 13.06
N TYR A 754 -8.02 -7.19 13.70
CA TYR A 754 -6.69 -7.61 13.28
C TYR A 754 -6.15 -8.76 14.11
N GLY A 755 -6.90 -9.24 15.05
CA GLY A 755 -6.54 -10.47 15.74
C GLY A 755 -5.72 -10.18 16.99
N SER A 756 -4.51 -10.73 17.03
CA SER A 756 -3.68 -10.68 18.23
C SER A 756 -2.30 -10.14 17.94
N PHE A 757 -2.16 -9.27 16.93
CA PHE A 757 -0.84 -8.72 16.63
C PHE A 757 -0.27 -7.96 17.82
N CYS A 758 -1.12 -7.32 18.59
CA CYS A 758 -0.65 -6.44 19.63
C CYS A 758 -0.42 -7.15 20.95
N THR A 759 -0.77 -8.42 21.05
CA THR A 759 -0.31 -9.22 22.17
C THR A 759 1.06 -9.82 21.87
N GLN A 760 1.30 -10.15 20.60
CA GLN A 760 2.63 -10.59 20.18
C GLN A 760 3.66 -9.49 20.34
N LEU A 761 3.36 -8.27 19.92
CA LEU A 761 4.35 -7.22 20.06
C LEU A 761 4.75 -7.00 21.51
N ASN A 762 3.79 -7.00 22.43
CA ASN A 762 4.10 -6.85 23.84
C ASN A 762 4.87 -8.04 24.39
N ARG A 763 4.53 -9.24 23.97
CA ARG A 763 5.31 -10.40 24.39
C ARG A 763 6.77 -10.27 23.98
N ALA A 764 7.01 -9.79 22.75
CA ALA A 764 8.38 -9.64 22.29
C ALA A 764 9.13 -8.59 23.10
N LEU A 765 8.51 -7.45 23.34
CA LEU A 765 9.21 -6.42 24.10
C LEU A 765 9.43 -6.82 25.55
N THR A 766 8.54 -7.58 26.14
CA THR A 766 8.76 -8.06 27.50
C THR A 766 9.88 -9.08 27.56
N GLY A 767 9.94 -9.97 26.59
CA GLY A 767 11.02 -10.91 26.52
C GLY A 767 12.37 -10.27 26.34
N ILE A 768 12.47 -9.13 25.65
CA ILE A 768 13.76 -8.47 25.58
C ILE A 768 14.02 -7.53 26.74
N ALA A 769 13.00 -7.13 27.50
CA ALA A 769 13.30 -6.34 28.69
C ALA A 769 13.69 -7.20 29.88
N VAL A 770 13.33 -8.47 29.90
CA VAL A 770 13.79 -9.33 30.99
C VAL A 770 15.25 -9.76 30.80
N GLU A 771 15.64 -10.00 29.56
CA GLU A 771 17.01 -10.41 29.33
C GLU A 771 18.02 -9.28 29.50
N GLN A 772 17.59 -8.03 29.58
CA GLN A 772 18.55 -6.97 29.88
C GLN A 772 19.02 -7.03 31.32
N ASP A 773 18.16 -7.43 32.24
CA ASP A 773 18.58 -7.68 33.61
C ASP A 773 19.32 -8.99 33.75
N LYS A 774 18.94 -9.99 32.97
CA LYS A 774 19.77 -11.19 32.96
C LYS A 774 21.19 -10.93 32.44
N ASN A 775 21.35 -10.00 31.50
CA ASN A 775 22.68 -9.68 30.99
C ASN A 775 23.58 -9.12 32.08
N THR A 776 23.06 -8.20 32.90
CA THR A 776 23.87 -7.58 33.94
C THR A 776 24.17 -8.55 35.07
N GLN A 777 23.19 -9.40 35.42
CA GLN A 777 23.40 -10.32 36.52
C GLN A 777 24.56 -11.26 36.26
N GLU A 778 24.79 -11.65 35.01
CA GLU A 778 25.82 -12.62 34.72
C GLU A 778 27.20 -12.02 34.50
N VAL A 779 27.30 -10.71 34.32
CA VAL A 779 28.60 -10.07 34.28
C VAL A 779 29.04 -9.69 35.69
N PHE A 780 28.13 -9.24 36.53
CA PHE A 780 28.59 -8.62 37.76
C PHE A 780 28.42 -9.45 39.01
N ALA A 781 27.42 -10.31 39.09
CA ALA A 781 27.22 -11.13 40.28
C ALA A 781 28.08 -12.39 40.15
N GLN A 782 29.39 -12.20 40.17
CA GLN A 782 30.36 -13.28 40.08
C GLN A 782 31.06 -13.49 41.41
N VAL A 783 30.42 -13.06 42.50
CA VAL A 783 30.93 -13.23 43.84
C VAL A 783 29.77 -13.69 44.71
N LYS A 784 30.10 -14.43 45.75
CA LYS A 784 29.13 -14.76 46.80
C LYS A 784 29.21 -13.77 47.95
N GLN A 785 30.39 -13.47 48.43
CA GLN A 785 30.59 -12.50 49.50
C GLN A 785 30.87 -11.13 48.92
N ILE A 786 30.57 -10.11 49.71
CA ILE A 786 31.00 -8.76 49.42
C ILE A 786 32.27 -8.53 50.22
N TYR A 787 33.41 -8.56 49.54
CA TYR A 787 34.68 -8.41 50.21
C TYR A 787 35.02 -6.95 50.38
N LYS A 788 35.62 -6.64 51.52
CA LYS A 788 36.08 -5.29 51.81
C LYS A 788 37.60 -5.30 51.94
N THR A 789 38.20 -4.19 51.62
CA THR A 789 39.64 -4.08 51.68
C THR A 789 40.09 -3.62 53.07
N PRO A 790 41.33 -3.88 53.46
CA PRO A 790 41.75 -3.52 54.82
C PRO A 790 41.91 -2.03 54.97
N PRO A 791 41.78 -1.52 56.19
CA PRO A 791 41.96 -0.07 56.39
C PRO A 791 43.36 0.42 56.12
N ILE A 792 44.39 -0.28 56.59
CA ILE A 792 45.78 0.09 56.33
C ILE A 792 46.25 -0.66 55.09
N LYS A 793 46.56 0.10 54.03
CA LYS A 793 46.71 -0.44 52.68
C LYS A 793 48.17 -0.35 52.26
N ASP A 794 48.95 -1.38 52.57
CA ASP A 794 50.33 -1.45 52.11
C ASP A 794 50.46 -2.67 51.21
N PHE A 795 50.46 -2.44 49.90
CA PHE A 795 50.47 -3.50 48.91
C PHE A 795 51.80 -3.59 48.19
N GLY A 796 52.89 -3.32 48.90
CA GLY A 796 54.21 -3.49 48.36
C GLY A 796 54.71 -2.35 47.48
N GLY A 797 54.11 -1.18 47.59
CA GLY A 797 54.45 -0.06 46.74
C GLY A 797 53.44 0.22 45.66
N PHE A 798 52.53 -0.71 45.40
CA PHE A 798 51.47 -0.52 44.43
C PHE A 798 50.36 0.32 45.06
N ASN A 799 49.77 1.17 44.25
CA ASN A 799 48.85 2.20 44.72
C ASN A 799 47.57 2.07 43.91
N PHE A 800 46.49 1.66 44.54
CA PHE A 800 45.21 1.43 43.87
C PHE A 800 44.18 2.50 44.20
N SER A 801 44.60 3.70 44.55
CA SER A 801 43.68 4.65 45.15
C SER A 801 42.72 5.27 44.14
N GLN A 802 43.07 5.29 42.85
CA GLN A 802 42.19 5.84 41.83
C GLN A 802 41.15 4.84 41.32
N ILE A 803 41.20 3.59 41.76
CA ILE A 803 40.21 2.59 41.37
C ILE A 803 39.52 1.96 42.56
N LEU A 804 39.82 2.34 43.68
CA LEU A 804 39.11 1.87 44.86
C LEU A 804 38.00 2.84 45.23
N PRO A 805 36.93 2.38 45.88
CA PRO A 805 35.79 3.26 46.13
C PRO A 805 36.16 4.47 46.98
N ASP A 806 35.44 5.56 46.74
CA ASP A 806 35.66 6.84 47.39
C ASP A 806 34.41 7.24 48.15
N PRO A 807 34.43 7.33 49.47
CA PRO A 807 33.19 7.59 50.21
C PRO A 807 32.62 8.99 49.99
N SER A 808 33.47 9.99 49.83
CA SER A 808 33.01 11.36 49.63
C SER A 808 32.47 11.61 48.22
N LYS A 809 32.39 10.58 47.38
CA LYS A 809 31.95 10.74 45.99
C LYS A 809 30.49 10.32 45.86
N PRO A 810 29.86 10.57 44.69
CA PRO A 810 28.47 10.12 44.50
C PRO A 810 28.37 8.63 44.24
N SER A 811 27.48 7.96 44.97
CA SER A 811 27.20 6.53 44.91
C SER A 811 28.36 5.68 45.38
N LYS A 812 29.35 6.26 46.06
CA LYS A 812 30.52 5.53 46.56
C LYS A 812 31.31 4.91 45.40
N ARG A 813 31.46 5.65 44.33
CA ARG A 813 32.21 5.19 43.17
C ARG A 813 33.69 5.49 43.34
N SER A 814 34.54 4.95 42.48
CA SER A 814 35.97 5.27 42.58
C SER A 814 36.34 6.47 41.72
N PRO A 815 37.58 6.92 41.80
CA PRO A 815 38.05 8.07 41.01
C PRO A 815 37.91 7.93 39.48
N ILE A 816 37.93 6.70 38.96
CA ILE A 816 37.82 6.48 37.52
C ILE A 816 36.38 6.20 37.12
N GLU A 817 35.59 5.58 37.99
CA GLU A 817 34.20 5.31 37.66
C GLU A 817 33.38 6.59 37.52
N ASP A 818 33.85 7.70 38.07
CA ASP A 818 33.19 8.99 37.90
C ASP A 818 33.48 9.60 36.54
N LEU A 819 34.73 9.64 36.12
CA LEU A 819 35.04 10.14 34.79
C LEU A 819 34.25 9.42 33.72
N LEU A 820 33.88 8.16 33.96
CA LEU A 820 33.12 7.41 32.99
C LEU A 820 31.65 7.79 33.00
N PHE A 821 31.08 8.06 34.16
CA PHE A 821 29.68 8.46 34.23
C PHE A 821 29.46 9.91 33.86
N ASN A 822 30.52 10.68 33.68
CA ASN A 822 30.41 12.04 33.21
C ASN A 822 30.64 12.16 31.71
N LYS A 823 31.24 11.17 31.08
CA LYS A 823 31.55 11.29 29.67
C LYS A 823 30.40 10.80 28.81
N VAL A 824 29.68 9.78 29.27
CA VAL A 824 28.52 9.28 28.54
C VAL A 824 27.28 9.29 29.42
N LYS A 852 6.33 9.01 29.64
CA LYS A 852 6.31 10.31 29.01
C LYS A 852 6.15 10.20 27.51
N PHE A 853 4.93 10.43 27.03
CA PHE A 853 4.64 10.36 25.61
C PHE A 853 3.25 9.75 25.39
N ASN A 854 3.14 8.93 24.34
CA ASN A 854 1.89 8.28 24.03
C ASN A 854 2.08 6.77 23.94
N GLY A 855 1.71 6.06 25.00
CA GLY A 855 1.86 4.63 25.03
C GLY A 855 3.28 4.12 25.12
N LEU A 856 4.26 4.99 25.33
CA LEU A 856 5.66 4.61 25.40
C LEU A 856 6.17 4.84 26.81
N THR A 857 6.77 3.82 27.41
CA THR A 857 7.35 3.96 28.72
C THR A 857 8.72 3.30 28.78
N VAL A 858 9.49 3.70 29.79
CA VAL A 858 10.83 3.18 30.03
C VAL A 858 10.84 2.58 31.42
N LEU A 859 11.20 1.33 31.51
CA LEU A 859 11.25 0.61 32.76
C LEU A 859 12.64 0.71 33.37
N PRO A 860 12.75 0.82 34.69
CA PRO A 860 14.05 0.95 35.33
C PRO A 860 14.73 -0.40 35.44
N PRO A 861 16.06 -0.42 35.46
CA PRO A 861 16.77 -1.69 35.66
C PRO A 861 16.68 -2.17 37.10
N LEU A 862 16.79 -3.49 37.26
CA LEU A 862 16.60 -4.09 38.57
C LEU A 862 17.73 -3.74 39.52
N LEU A 863 18.97 -3.78 39.04
CA LEU A 863 20.12 -3.34 39.80
C LEU A 863 20.35 -1.86 39.57
N THR A 864 20.45 -1.10 40.65
CA THR A 864 20.77 0.31 40.56
C THR A 864 22.24 0.47 40.21
N ASP A 865 22.70 1.70 40.02
CA ASP A 865 24.12 1.90 39.77
C ASP A 865 24.95 1.75 41.03
N GLU A 866 24.34 2.01 42.18
CA GLU A 866 25.00 1.81 43.45
C GLU A 866 25.31 0.33 43.69
N MET A 867 24.37 -0.54 43.37
CA MET A 867 24.57 -1.97 43.52
C MET A 867 25.66 -2.48 42.60
N ILE A 868 25.74 -2.00 41.37
CA ILE A 868 26.78 -2.46 40.47
C ILE A 868 28.14 -1.94 40.89
N ALA A 869 28.22 -0.71 41.41
CA ALA A 869 29.50 -0.27 41.93
C ALA A 869 29.93 -1.05 43.16
N GLN A 870 28.98 -1.46 43.99
CA GLN A 870 29.26 -2.40 45.06
C GLN A 870 29.81 -3.73 44.58
N TYR A 871 29.25 -4.29 43.52
CA TYR A 871 29.75 -5.54 42.96
C TYR A 871 31.17 -5.40 42.45
N THR A 872 31.48 -4.32 41.73
CA THR A 872 32.84 -4.19 41.24
C THR A 872 33.83 -3.91 42.36
N SER A 873 33.44 -3.22 43.43
CA SER A 873 34.38 -3.07 44.52
C SER A 873 34.60 -4.38 45.29
N ALA A 874 33.60 -5.25 45.36
CA ALA A 874 33.87 -6.56 45.92
C ALA A 874 34.78 -7.41 45.05
N LEU A 875 34.63 -7.37 43.73
CA LEU A 875 35.58 -8.09 42.88
C LEU A 875 36.99 -7.54 43.04
N LEU A 876 37.12 -6.23 43.09
CA LEU A 876 38.42 -5.60 43.15
C LEU A 876 39.10 -5.78 44.50
N ALA A 877 38.36 -5.86 45.59
CA ALA A 877 38.97 -6.16 46.87
C ALA A 877 39.30 -7.62 47.03
N GLY A 878 38.58 -8.52 46.36
CA GLY A 878 38.92 -9.92 46.32
C GLY A 878 40.21 -10.17 45.60
N THR A 879 40.43 -9.49 44.48
CA THR A 879 41.65 -9.76 43.72
C THR A 879 42.88 -9.08 44.31
N ILE A 880 42.77 -7.89 44.89
CA ILE A 880 43.92 -7.22 45.48
C ILE A 880 44.44 -8.01 46.68
N THR A 881 43.63 -8.88 47.23
CA THR A 881 43.86 -9.35 48.58
C THR A 881 44.00 -10.87 48.65
N SER A 882 43.42 -11.59 47.69
CA SER A 882 43.46 -13.04 47.69
C SER A 882 43.96 -13.63 46.40
N GLY A 883 44.34 -12.83 45.43
CA GLY A 883 44.64 -13.35 44.11
C GLY A 883 43.44 -14.02 43.48
N TRP A 884 43.69 -15.15 42.85
CA TRP A 884 42.68 -15.92 42.13
C TRP A 884 42.02 -16.99 42.98
N THR A 885 42.24 -16.98 44.29
CA THR A 885 41.70 -18.04 45.12
C THR A 885 40.22 -17.88 45.41
N PHE A 886 39.70 -16.67 45.37
CA PHE A 886 38.31 -16.46 45.74
C PHE A 886 37.36 -16.86 44.62
N GLY A 887 37.87 -16.97 43.39
CA GLY A 887 37.04 -17.43 42.30
C GLY A 887 37.00 -18.95 42.18
N ALA A 888 37.62 -19.66 43.11
CA ALA A 888 37.64 -21.10 43.06
C ALA A 888 37.11 -21.75 44.32
N GLY A 889 37.34 -21.15 45.46
CA GLY A 889 36.88 -21.71 46.70
C GLY A 889 36.87 -20.64 47.75
N PRO A 890 37.26 -20.96 48.98
CA PRO A 890 37.31 -19.94 50.04
C PRO A 890 38.44 -18.97 49.72
N ALA A 891 38.26 -17.69 50.00
CA ALA A 891 39.30 -16.72 49.70
C ALA A 891 40.43 -16.89 50.68
N LEU A 892 41.66 -16.87 50.19
CA LEU A 892 42.84 -17.03 51.04
C LEU A 892 43.78 -15.88 50.79
N GLN A 893 44.10 -15.14 51.84
CA GLN A 893 44.96 -13.98 51.69
C GLN A 893 46.40 -14.38 51.43
N ILE A 894 47.11 -13.49 50.74
CA ILE A 894 48.51 -13.65 50.38
C ILE A 894 49.05 -12.23 50.24
N PRO A 895 50.29 -11.94 50.63
CA PRO A 895 50.82 -10.59 50.42
C PRO A 895 50.91 -10.26 48.93
N PHE A 896 50.62 -9.00 48.62
CA PHE A 896 50.58 -8.57 47.23
C PHE A 896 51.85 -8.77 46.49
N PRO A 897 52.96 -8.28 47.01
CA PRO A 897 54.26 -8.46 46.36
C PRO A 897 54.53 -9.93 46.03
N MET A 898 53.85 -10.84 46.71
CA MET A 898 54.03 -12.27 46.48
C MET A 898 53.21 -12.71 45.31
N GLN A 899 51.91 -12.52 45.39
CA GLN A 899 50.97 -12.77 44.33
C GLN A 899 51.52 -12.31 42.98
N MET A 900 52.14 -11.13 42.94
CA MET A 900 52.81 -10.65 41.74
C MET A 900 53.91 -11.61 41.28
N ALA A 901 54.64 -12.20 42.21
CA ALA A 901 55.64 -13.20 41.85
C ALA A 901 55.04 -14.47 41.27
N TYR A 902 53.94 -14.96 41.82
CA TYR A 902 53.23 -16.07 41.19
C TYR A 902 52.80 -15.75 39.76
N ARG A 903 52.27 -14.55 39.53
CA ARG A 903 51.87 -14.17 38.19
C ARG A 903 53.07 -14.07 37.25
N PHE A 904 54.22 -13.62 37.72
CA PHE A 904 55.42 -13.64 36.90
C PHE A 904 55.83 -15.07 36.56
N ASN A 905 55.71 -15.99 37.51
CA ASN A 905 55.91 -17.40 37.20
C ASN A 905 54.98 -17.87 36.10
N GLY A 906 53.75 -17.37 36.09
CA GLY A 906 52.79 -17.85 35.12
C GLY A 906 53.07 -17.44 33.70
N ILE A 907 53.90 -16.41 33.49
CA ILE A 907 54.34 -16.02 32.16
C ILE A 907 55.74 -16.50 31.86
N GLY A 908 56.34 -17.32 32.70
CA GLY A 908 57.65 -17.85 32.43
C GLY A 908 58.84 -17.00 32.80
N VAL A 909 58.70 -16.11 33.77
CA VAL A 909 59.83 -15.39 34.34
C VAL A 909 60.02 -15.90 35.76
N THR A 910 61.25 -15.87 36.25
CA THR A 910 61.47 -16.35 37.60
C THR A 910 61.13 -15.28 38.63
N GLN A 911 61.05 -15.70 39.89
CA GLN A 911 60.51 -14.85 40.95
C GLN A 911 61.51 -13.82 41.43
N ASN A 912 62.79 -14.17 41.44
CA ASN A 912 63.81 -13.20 41.77
C ASN A 912 63.79 -11.98 40.86
N VAL A 913 63.29 -12.11 39.63
CA VAL A 913 63.20 -10.96 38.74
C VAL A 913 62.14 -9.97 39.23
N LEU A 914 61.08 -10.44 39.89
CA LEU A 914 60.17 -9.52 40.54
C LEU A 914 60.75 -8.97 41.83
N TYR A 915 61.34 -9.83 42.65
CA TYR A 915 61.72 -9.34 43.97
C TYR A 915 62.90 -8.39 43.92
N GLU A 916 63.73 -8.48 42.88
CA GLU A 916 64.85 -7.57 42.76
C GLU A 916 64.51 -6.30 42.00
N ASN A 917 63.33 -6.22 41.44
CA ASN A 917 62.87 -5.07 40.66
C ASN A 917 61.56 -4.57 41.19
N GLN A 918 61.26 -4.87 42.45
CA GLN A 918 59.96 -4.49 43.03
C GLN A 918 59.66 -3.01 42.91
N LYS A 919 60.57 -2.14 43.34
CA LYS A 919 60.24 -0.72 43.32
C LYS A 919 60.09 -0.19 41.90
N LEU A 920 60.86 -0.69 40.96
CA LEU A 920 60.72 -0.24 39.58
C LEU A 920 59.41 -0.71 38.97
N ILE A 921 59.01 -1.95 39.25
CA ILE A 921 57.77 -2.49 38.72
C ILE A 921 56.58 -1.76 39.33
N ALA A 922 56.67 -1.42 40.60
CA ALA A 922 55.60 -0.66 41.24
C ALA A 922 55.52 0.76 40.75
N ASN A 923 56.65 1.42 40.50
CA ASN A 923 56.62 2.76 39.92
C ASN A 923 56.05 2.75 38.52
N GLN A 924 56.44 1.79 37.68
CA GLN A 924 55.86 1.69 36.35
C GLN A 924 54.36 1.47 36.40
N PHE A 925 53.89 0.60 37.30
CA PHE A 925 52.46 0.39 37.42
C PHE A 925 51.73 1.66 37.86
N ASN A 926 52.26 2.37 38.86
CA ASN A 926 51.60 3.59 39.33
C ASN A 926 51.56 4.67 38.26
N SER A 927 52.67 4.84 37.55
CA SER A 927 52.73 5.82 36.49
C SER A 927 51.86 5.47 35.31
N ALA A 928 51.58 4.19 35.08
CA ALA A 928 50.70 3.79 33.99
C ALA A 928 49.23 3.84 34.36
N ILE A 929 48.90 3.66 35.64
CA ILE A 929 47.53 3.92 36.08
C ILE A 929 47.25 5.41 36.06
N GLY A 930 48.27 6.24 36.30
CA GLY A 930 48.09 7.67 36.22
C GLY A 930 47.80 8.21 34.83
N LYS A 931 48.09 7.44 33.79
CA LYS A 931 47.84 7.92 32.44
C LYS A 931 46.46 7.56 31.90
N ILE A 932 45.89 6.44 32.36
CA ILE A 932 44.49 6.16 32.07
C ILE A 932 43.64 7.34 32.48
N GLN A 933 43.92 7.89 33.66
CA GLN A 933 43.12 8.96 34.23
C GLN A 933 43.21 10.22 33.39
N ASP A 934 44.39 10.53 32.85
CA ASP A 934 44.53 11.66 31.95
C ASP A 934 43.82 11.42 30.63
N SER A 935 44.13 10.30 29.98
CA SER A 935 43.53 10.02 28.68
C SER A 935 42.01 9.98 28.73
N LEU A 936 41.41 9.58 29.84
CA LEU A 936 39.96 9.66 29.92
C LEU A 936 39.48 11.04 30.34
N SER A 937 40.13 11.66 31.31
CA SER A 937 39.76 12.99 31.76
C SER A 937 39.87 14.05 30.68
N SER A 938 40.64 13.79 29.63
CA SER A 938 40.86 14.79 28.58
C SER A 938 39.86 14.64 27.44
N ALA A 942 36.19 8.43 23.68
CA ALA A 942 36.79 7.11 23.90
C ALA A 942 35.74 6.06 24.25
N LEU A 943 34.64 6.51 24.84
CA LEU A 943 33.51 5.62 25.11
C LEU A 943 32.51 5.66 23.97
N GLY A 944 33.00 5.53 22.74
CA GLY A 944 32.11 5.53 21.60
C GLY A 944 31.24 4.30 21.48
N LYS A 945 31.72 3.15 21.92
CA LYS A 945 30.90 1.95 21.84
C LYS A 945 29.73 2.01 22.78
N LEU A 946 29.84 2.70 23.90
CA LEU A 946 28.70 2.89 24.77
C LEU A 946 27.78 3.98 24.29
N GLN A 947 28.34 5.03 23.68
CA GLN A 947 27.54 6.11 23.14
C GLN A 947 26.70 5.66 21.96
N ASN A 948 27.22 4.73 21.15
CA ASN A 948 26.48 4.32 19.96
C ASN A 948 25.22 3.55 20.29
N VAL A 949 25.23 2.71 21.33
CA VAL A 949 24.00 1.99 21.63
C VAL A 949 22.95 2.91 22.22
N VAL A 950 23.36 3.94 22.95
CA VAL A 950 22.39 4.94 23.39
C VAL A 950 21.80 5.69 22.20
N ASN A 951 22.66 6.16 21.29
CA ASN A 951 22.21 6.90 20.13
C ASN A 951 21.26 6.08 19.26
N GLN A 952 21.57 4.82 19.00
CA GLN A 952 20.71 4.00 18.14
C GLN A 952 19.31 3.86 18.73
N ASN A 953 19.22 3.58 20.02
CA ASN A 953 17.91 3.43 20.64
C ASN A 953 17.11 4.73 20.61
N ALA A 954 17.74 5.86 20.90
CA ALA A 954 17.03 7.13 20.81
C ALA A 954 16.59 7.48 19.39
N GLN A 955 17.46 7.23 18.40
CA GLN A 955 17.09 7.47 17.02
C GLN A 955 15.94 6.60 16.56
N ALA A 956 15.81 5.40 17.14
CA ALA A 956 14.67 4.57 16.76
C ALA A 956 13.39 5.01 17.48
N LEU A 957 13.49 5.36 18.76
CA LEU A 957 12.31 5.83 19.45
C LEU A 957 11.78 7.13 18.87
N ASN A 958 12.65 7.97 18.32
CA ASN A 958 12.15 9.21 17.73
C ASN A 958 11.47 8.95 16.39
N THR A 959 12.03 8.06 15.59
CA THR A 959 11.37 7.66 14.36
C THR A 959 10.02 7.03 14.61
N LEU A 960 9.85 6.32 15.73
CA LEU A 960 8.53 5.76 16.03
C LEU A 960 7.49 6.84 16.27
N VAL A 961 7.84 7.88 17.02
CA VAL A 961 6.88 8.94 17.32
C VAL A 961 6.65 9.83 16.11
N LYS A 962 7.67 10.09 15.32
CA LYS A 962 7.51 10.92 14.14
C LYS A 962 6.64 10.29 13.08
N GLN A 963 6.25 9.03 13.24
CA GLN A 963 5.35 8.40 12.29
C GLN A 963 3.89 8.61 12.64
N LEU A 964 3.61 9.16 13.82
CA LEU A 964 2.25 9.47 14.23
C LEU A 964 1.71 10.71 13.53
N SER A 965 2.48 11.22 12.58
CA SER A 965 2.06 12.40 11.84
C SER A 965 2.24 12.20 10.36
N SER A 966 1.96 11.00 9.87
CA SER A 966 1.89 10.72 8.45
C SER A 966 0.50 10.23 8.12
N ASN A 967 0.06 10.51 6.89
CA ASN A 967 -1.28 10.16 6.46
C ASN A 967 -1.39 8.72 6.02
N PHE A 968 -0.36 8.20 5.37
CA PHE A 968 -0.40 6.91 4.69
C PHE A 968 -1.51 6.84 3.66
N GLY A 969 -1.90 7.98 3.10
CA GLY A 969 -2.99 8.00 2.14
C GLY A 969 -4.35 8.19 2.79
N ALA A 970 -4.47 9.23 3.61
CA ALA A 970 -5.72 9.57 4.25
C ALA A 970 -5.86 11.08 4.17
N ILE A 971 -6.99 11.59 4.66
CA ILE A 971 -7.23 13.02 4.57
C ILE A 971 -6.46 13.80 5.62
N SER A 972 -6.20 13.23 6.78
CA SER A 972 -5.34 13.88 7.76
C SER A 972 -4.63 12.80 8.58
N SER A 973 -3.95 13.25 9.63
CA SER A 973 -3.25 12.37 10.55
C SER A 973 -3.93 12.32 11.91
N VAL A 974 -5.05 13.01 12.06
CA VAL A 974 -5.72 13.15 13.34
C VAL A 974 -7.05 12.41 13.26
N LEU A 975 -7.35 11.61 14.29
CA LEU A 975 -8.63 10.92 14.30
C LEU A 975 -9.77 11.86 14.66
N ASN A 976 -9.50 12.95 15.37
CA ASN A 976 -10.52 13.94 15.63
C ASN A 976 -10.81 14.82 14.42
N ASP A 977 -10.09 14.63 13.32
CA ASP A 977 -10.39 15.31 12.07
C ASP A 977 -11.08 14.40 11.07
N ILE A 978 -10.90 13.09 11.15
CA ILE A 978 -11.70 12.19 10.34
C ILE A 978 -13.02 11.91 11.01
N LEU A 979 -13.10 12.00 12.33
CA LEU A 979 -14.35 11.88 13.04
C LEU A 979 -15.11 13.19 13.14
N SER A 980 -14.74 14.21 12.38
CA SER A 980 -15.43 15.49 12.41
C SER A 980 -15.87 15.97 11.04
N ARG A 981 -15.24 15.46 9.99
CA ARG A 981 -15.59 15.84 8.63
C ARG A 981 -15.95 14.65 7.76
N LEU A 982 -16.50 13.60 8.38
CA LEU A 982 -16.87 12.41 7.63
C LEU A 982 -17.92 11.66 8.45
N ASP A 983 -18.89 11.10 7.76
CA ASP A 983 -19.87 10.26 8.41
C ASP A 983 -19.29 8.88 8.66
N PRO A 984 -19.82 8.15 9.64
CA PRO A 984 -19.20 6.89 10.06
C PRO A 984 -18.94 5.92 8.92
N PRO A 985 -19.81 5.83 7.90
CA PRO A 985 -19.49 4.91 6.80
C PRO A 985 -18.28 5.34 5.99
N GLU A 986 -17.95 6.63 5.96
CA GLU A 986 -16.80 7.11 5.20
C GLU A 986 -15.55 7.23 6.05
N ALA A 987 -15.68 7.31 7.37
CA ALA A 987 -14.53 7.43 8.23
C ALA A 987 -13.88 6.08 8.51
N GLU A 988 -14.62 4.97 8.35
CA GLU A 988 -14.00 3.66 8.47
C GLU A 988 -12.89 3.47 7.46
N VAL A 989 -13.12 3.88 6.22
CA VAL A 989 -12.15 3.65 5.16
C VAL A 989 -10.91 4.49 5.39
N GLN A 990 -11.07 5.64 6.03
CA GLN A 990 -9.93 6.52 6.27
C GLN A 990 -9.21 6.15 7.55
N ILE A 991 -9.91 5.56 8.52
CA ILE A 991 -9.27 5.12 9.74
C ILE A 991 -8.46 3.85 9.49
N ASP A 992 -8.95 2.97 8.63
CA ASP A 992 -8.19 1.77 8.32
C ASP A 992 -6.86 2.07 7.65
N ARG A 993 -6.79 3.12 6.82
CA ARG A 993 -5.54 3.48 6.19
C ARG A 993 -4.50 3.92 7.21
N LEU A 994 -4.93 4.56 8.29
CA LEU A 994 -4.03 4.93 9.37
C LEU A 994 -3.65 3.72 10.22
N ILE A 995 -4.61 2.86 10.50
CA ILE A 995 -4.34 1.67 11.31
C ILE A 995 -3.28 0.81 10.64
N THR A 996 -3.40 0.57 9.34
CA THR A 996 -2.44 -0.26 8.64
C THR A 996 -1.04 0.31 8.71
N GLY A 997 -0.89 1.61 8.46
CA GLY A 997 0.40 2.25 8.51
C GLY A 997 1.02 2.22 9.88
N ARG A 998 0.26 2.58 10.92
CA ARG A 998 0.79 2.57 12.26
C ARG A 998 1.15 1.18 12.76
N LEU A 999 0.39 0.16 12.37
CA LEU A 999 0.77 -1.20 12.70
C LEU A 999 2.07 -1.59 12.04
N GLN A 1000 2.21 -1.27 10.76
CA GLN A 1000 3.47 -1.53 10.07
C GLN A 1000 4.64 -0.88 10.78
N SER A 1001 4.50 0.36 11.20
CA SER A 1001 5.60 1.07 11.81
C SER A 1001 5.96 0.50 13.17
N LEU A 1002 4.97 0.17 13.98
CA LEU A 1002 5.22 -0.47 15.26
C LEU A 1002 5.90 -1.82 15.12
N GLN A 1003 5.50 -2.60 14.12
CA GLN A 1003 6.10 -3.91 13.96
C GLN A 1003 7.52 -3.82 13.42
N THR A 1004 7.81 -2.83 12.59
CA THR A 1004 9.19 -2.59 12.19
C THR A 1004 10.07 -2.22 13.38
N TYR A 1005 9.58 -1.33 14.24
CA TYR A 1005 10.28 -1.03 15.48
C TYR A 1005 10.55 -2.30 16.28
N VAL A 1006 9.58 -3.20 16.38
CA VAL A 1006 9.81 -4.36 17.25
C VAL A 1006 10.76 -5.37 16.61
N THR A 1007 10.80 -5.47 15.29
CA THR A 1007 11.79 -6.37 14.68
C THR A 1007 13.22 -5.86 14.87
N GLN A 1008 13.43 -4.57 14.63
CA GLN A 1008 14.80 -4.06 14.73
C GLN A 1008 15.34 -4.09 16.16
N GLN A 1009 14.48 -4.03 17.16
CA GLN A 1009 14.89 -4.21 18.54
C GLN A 1009 15.29 -5.64 18.87
N LEU A 1010 14.62 -6.63 18.32
CA LEU A 1010 15.06 -8.01 18.46
C LEU A 1010 16.44 -8.21 17.87
N ILE A 1011 16.67 -7.61 16.70
CA ILE A 1011 17.97 -7.79 16.06
C ILE A 1011 19.07 -7.03 16.79
N ARG A 1012 18.76 -5.91 17.41
CA ARG A 1012 19.75 -5.18 18.19
C ARG A 1012 20.02 -5.80 19.56
N ALA A 1013 19.00 -6.38 20.17
CA ALA A 1013 19.18 -7.09 21.42
C ALA A 1013 19.99 -8.37 21.26
N ALA A 1014 19.83 -9.09 20.16
CA ALA A 1014 20.67 -10.27 19.94
C ALA A 1014 22.14 -9.93 19.82
N GLU A 1015 22.46 -8.69 19.48
CA GLU A 1015 23.85 -8.26 19.38
C GLU A 1015 24.39 -7.79 20.72
N ILE A 1016 23.56 -7.07 21.49
CA ILE A 1016 23.95 -6.71 22.85
C ILE A 1016 24.16 -7.97 23.71
N ARG A 1017 23.42 -9.02 23.42
CA ARG A 1017 23.51 -10.24 24.21
C ARG A 1017 24.86 -10.92 24.04
N ALA A 1018 25.39 -10.93 22.82
CA ALA A 1018 26.69 -11.52 22.57
C ALA A 1018 27.83 -10.73 23.19
N SER A 1019 27.72 -9.41 23.20
CA SER A 1019 28.69 -8.58 23.89
C SER A 1019 28.70 -8.81 25.38
N ALA A 1020 27.53 -8.90 26.01
CA ALA A 1020 27.47 -9.23 27.41
C ALA A 1020 27.95 -10.65 27.71
N ASN A 1021 27.77 -11.58 26.79
CA ASN A 1021 28.32 -12.92 26.97
C ASN A 1021 29.83 -12.94 26.90
N LEU A 1022 30.42 -12.09 26.06
CA LEU A 1022 31.87 -11.93 26.04
C LEU A 1022 32.40 -11.23 27.29
N ALA A 1023 31.69 -10.22 27.77
CA ALA A 1023 32.07 -9.55 29.02
C ALA A 1023 32.02 -10.47 30.21
N ALA A 1024 31.05 -11.39 30.26
CA ALA A 1024 30.99 -12.34 31.34
C ALA A 1024 32.14 -13.35 31.30
N THR A 1025 32.62 -13.71 30.13
CA THR A 1025 33.76 -14.59 29.99
C THR A 1025 35.07 -13.89 30.33
N LYS A 1026 35.23 -12.63 29.94
CA LYS A 1026 36.39 -11.86 30.35
C LYS A 1026 36.43 -11.60 31.85
N MET A 1027 35.30 -11.39 32.49
CA MET A 1027 35.33 -11.26 33.94
C MET A 1027 35.79 -12.55 34.62
N SER A 1028 35.43 -13.71 34.08
CA SER A 1028 35.87 -14.97 34.65
C SER A 1028 37.33 -15.25 34.38
N GLU A 1029 37.79 -14.97 33.16
CA GLU A 1029 39.08 -15.44 32.73
C GLU A 1029 40.19 -14.41 32.86
N CYS A 1030 39.89 -13.14 32.96
CA CYS A 1030 40.91 -12.13 33.15
C CYS A 1030 40.90 -11.50 34.53
N VAL A 1031 39.77 -11.46 35.22
CA VAL A 1031 39.69 -10.86 36.53
C VAL A 1031 39.81 -11.90 37.63
N LEU A 1032 39.18 -13.07 37.51
CA LEU A 1032 39.34 -14.12 38.50
C LEU A 1032 40.38 -15.15 38.11
N GLY A 1033 41.18 -14.89 37.09
CA GLY A 1033 42.27 -15.78 36.76
C GLY A 1033 43.40 -15.07 36.07
N GLN A 1034 44.38 -15.82 35.62
CA GLN A 1034 45.41 -15.37 34.69
C GLN A 1034 45.24 -16.14 33.39
N SER A 1035 45.04 -15.44 32.29
CA SER A 1035 44.81 -16.10 31.03
C SER A 1035 46.10 -16.32 30.27
N LYS A 1036 46.18 -17.45 29.56
CA LYS A 1036 47.26 -17.75 28.63
C LYS A 1036 46.88 -17.52 27.18
N ARG A 1037 45.58 -17.39 26.88
CA ARG A 1037 45.14 -17.07 25.54
C ARG A 1037 45.78 -15.78 25.06
N VAL A 1038 46.26 -15.76 23.81
CA VAL A 1038 46.97 -14.61 23.29
C VAL A 1038 45.97 -13.53 22.90
N ASP A 1039 46.21 -12.31 23.36
CA ASP A 1039 45.41 -11.13 23.02
C ASP A 1039 43.95 -11.26 23.44
N PHE A 1040 43.71 -11.89 24.57
CA PHE A 1040 42.36 -11.99 25.10
C PHE A 1040 42.14 -11.03 26.26
N CYS A 1041 43.20 -10.74 27.00
CA CYS A 1041 43.16 -9.85 28.15
C CYS A 1041 44.26 -8.80 27.99
N GLY A 1042 44.27 -8.14 26.84
CA GLY A 1042 45.25 -7.12 26.54
C GLY A 1042 46.25 -7.59 25.51
N LYS A 1043 47.27 -6.76 25.30
CA LYS A 1043 48.32 -7.05 24.35
C LYS A 1043 49.66 -7.03 25.09
N GLY A 1044 50.32 -8.16 25.09
CA GLY A 1044 51.45 -8.46 25.95
C GLY A 1044 51.21 -9.79 26.60
N TYR A 1045 51.85 -10.02 27.73
CA TYR A 1045 51.62 -11.20 28.54
C TYR A 1045 50.74 -10.84 29.71
N HIS A 1046 49.56 -11.43 29.81
CA HIS A 1046 48.60 -11.04 30.82
C HIS A 1046 49.15 -11.26 32.22
N LEU A 1047 49.15 -10.20 33.02
CA LEU A 1047 49.38 -10.33 34.45
C LEU A 1047 48.06 -10.32 35.21
N MET A 1048 47.27 -9.26 35.11
CA MET A 1048 46.04 -9.18 35.91
C MET A 1048 45.10 -8.17 35.29
N SER A 1049 43.86 -8.18 35.74
CA SER A 1049 42.82 -7.31 35.18
C SER A 1049 41.97 -6.76 36.32
N PHE A 1050 41.46 -5.55 36.13
CA PHE A 1050 40.59 -4.88 37.09
C PHE A 1050 39.31 -4.38 36.43
N PRO A 1051 38.14 -4.67 36.99
CA PRO A 1051 36.90 -4.15 36.42
C PRO A 1051 36.46 -2.80 36.98
N GLN A 1052 35.80 -2.04 36.13
CA GLN A 1052 35.16 -0.78 36.49
C GLN A 1052 33.81 -0.69 35.81
N SER A 1053 32.81 -0.20 36.52
CA SER A 1053 31.48 -0.11 35.94
C SER A 1053 31.36 1.16 35.11
N ALA A 1054 30.55 1.08 34.07
CA ALA A 1054 30.26 2.18 33.17
C ALA A 1054 28.75 2.28 33.03
N PRO A 1055 28.23 3.35 32.41
CA PRO A 1055 26.78 3.51 32.28
C PRO A 1055 25.97 2.28 31.85
N HIS A 1056 26.26 1.68 30.71
CA HIS A 1056 25.55 0.45 30.35
C HIS A 1056 26.54 -0.64 30.00
N GLY A 1057 27.67 -0.67 30.67
CA GLY A 1057 28.69 -1.63 30.34
C GLY A 1057 29.78 -1.68 31.37
N VAL A 1058 30.91 -2.20 30.94
CA VAL A 1058 32.02 -2.44 31.84
C VAL A 1058 33.31 -2.11 31.12
N VAL A 1059 34.25 -1.56 31.87
CA VAL A 1059 35.61 -1.28 31.43
C VAL A 1059 36.53 -2.24 32.14
N PHE A 1060 37.40 -2.91 31.39
CA PHE A 1060 38.47 -3.71 31.97
C PHE A 1060 39.77 -2.95 31.82
N LEU A 1061 40.54 -2.89 32.89
CA LEU A 1061 41.90 -2.37 32.89
C LEU A 1061 42.83 -3.57 32.94
N HIS A 1062 43.53 -3.82 31.84
CA HIS A 1062 44.40 -4.98 31.69
C HIS A 1062 45.83 -4.56 31.98
N VAL A 1063 46.49 -5.28 32.88
CA VAL A 1063 47.89 -5.09 33.23
C VAL A 1063 48.68 -6.24 32.61
N THR A 1064 49.59 -5.91 31.71
CA THR A 1064 50.42 -6.89 31.03
C THR A 1064 51.89 -6.53 31.13
N TYR A 1065 52.71 -7.54 30.90
CA TYR A 1065 54.16 -7.47 30.85
C TYR A 1065 54.59 -7.38 29.40
N VAL A 1066 55.49 -6.47 29.08
CA VAL A 1066 56.00 -6.32 27.72
C VAL A 1066 57.53 -6.33 27.78
N PRO A 1067 58.20 -7.22 27.08
CA PRO A 1067 59.66 -7.22 27.11
C PRO A 1067 60.26 -6.09 26.28
N ALA A 1068 61.46 -5.66 26.67
CA ALA A 1068 62.05 -4.48 26.08
C ALA A 1068 63.56 -4.61 26.03
N GLN A 1069 64.16 -3.80 25.16
CA GLN A 1069 65.61 -3.61 25.06
C GLN A 1069 66.38 -4.87 24.78
N GLU A 1070 66.18 -5.47 23.61
CA GLU A 1070 66.76 -6.76 23.27
C GLU A 1070 68.18 -6.63 22.76
N LYS A 1071 68.96 -7.68 22.97
CA LYS A 1071 70.29 -7.81 22.39
C LYS A 1071 70.33 -9.09 21.58
N ASN A 1072 71.18 -9.16 20.57
CA ASN A 1072 71.48 -10.44 19.97
C ASN A 1072 72.70 -11.10 20.58
N PHE A 1073 72.65 -12.42 20.61
CA PHE A 1073 73.73 -13.32 20.95
C PHE A 1073 73.77 -14.38 19.87
N THR A 1074 74.67 -15.36 19.99
CA THR A 1074 74.65 -16.52 19.11
C THR A 1074 74.25 -17.73 19.92
N THR A 1075 73.55 -18.67 19.29
CA THR A 1075 72.98 -19.82 19.97
C THR A 1075 73.47 -21.13 19.38
N ALA A 1076 73.25 -22.19 20.14
CA ALA A 1076 73.42 -23.56 19.71
C ALA A 1076 72.29 -24.37 20.32
N PRO A 1077 71.92 -25.46 19.71
CA PRO A 1077 70.87 -26.31 20.27
C PRO A 1077 71.32 -27.18 21.44
N ALA A 1078 72.59 -27.55 21.47
CA ALA A 1078 73.11 -28.48 22.45
C ALA A 1078 74.59 -28.20 22.61
N ILE A 1079 75.17 -28.78 23.64
CA ILE A 1079 76.60 -28.65 23.92
C ILE A 1079 77.20 -30.05 23.93
N CYS A 1080 78.32 -30.23 23.24
CA CYS A 1080 78.99 -31.53 23.27
C CYS A 1080 80.11 -31.49 24.31
N HIS A 1081 80.18 -32.55 25.12
CA HIS A 1081 81.17 -32.63 26.18
C HIS A 1081 81.31 -34.09 26.56
N ASP A 1082 82.56 -34.58 26.56
CA ASP A 1082 82.86 -35.97 26.88
C ASP A 1082 82.11 -36.93 25.96
N GLY A 1083 81.87 -36.51 24.73
CA GLY A 1083 81.16 -37.35 23.80
C GLY A 1083 79.66 -37.40 24.01
N LYS A 1084 79.12 -36.58 24.89
CA LYS A 1084 77.69 -36.55 25.15
C LYS A 1084 77.10 -35.22 24.69
N ALA A 1085 75.80 -35.22 24.46
CA ALA A 1085 75.06 -34.03 24.05
C ALA A 1085 74.17 -33.54 25.18
N HIS A 1086 74.28 -32.26 25.52
CA HIS A 1086 73.59 -31.68 26.65
C HIS A 1086 72.60 -30.64 26.14
N PHE A 1087 71.41 -30.66 26.70
CA PHE A 1087 70.33 -29.75 26.40
C PHE A 1087 69.93 -28.99 27.64
N PRO A 1088 69.50 -27.74 27.52
CA PRO A 1088 69.13 -26.99 28.72
C PRO A 1088 67.80 -27.46 29.30
N ARG A 1089 67.74 -27.46 30.62
CA ARG A 1089 66.53 -27.91 31.29
C ARG A 1089 65.37 -26.95 31.07
N GLU A 1090 65.60 -25.65 31.24
CA GLU A 1090 64.53 -24.67 30.99
C GLU A 1090 65.04 -23.38 30.36
N GLY A 1091 66.08 -23.43 29.56
CA GLY A 1091 66.53 -22.17 29.02
C GLY A 1091 67.01 -22.20 27.60
N VAL A 1092 67.96 -21.33 27.29
CA VAL A 1092 68.65 -21.31 26.01
C VAL A 1092 70.14 -21.14 26.29
N PHE A 1093 70.94 -21.84 25.48
CA PHE A 1093 72.38 -21.63 25.46
C PHE A 1093 72.70 -20.39 24.64
N VAL A 1094 73.47 -19.47 25.20
CA VAL A 1094 73.85 -18.26 24.47
C VAL A 1094 75.34 -18.02 24.64
N SER A 1095 75.87 -17.16 23.77
CA SER A 1095 77.30 -16.85 23.73
C SER A 1095 77.47 -15.35 23.63
N ASN A 1096 78.26 -14.77 24.51
CA ASN A 1096 78.51 -13.33 24.42
C ASN A 1096 79.63 -12.98 23.45
N GLY A 1097 80.14 -13.96 22.71
CA GLY A 1097 81.23 -13.75 21.79
C GLY A 1097 82.32 -14.76 22.03
N THR A 1098 82.60 -15.03 23.31
CA THR A 1098 83.65 -15.96 23.69
C THR A 1098 83.24 -16.98 24.74
N HIS A 1099 82.16 -16.77 25.50
CA HIS A 1099 81.77 -17.67 26.56
C HIS A 1099 80.33 -18.11 26.39
N TRP A 1100 79.99 -19.26 26.98
CA TRP A 1100 78.71 -19.90 26.81
C TRP A 1100 77.96 -19.98 28.14
N PHE A 1101 76.72 -19.50 28.14
CA PHE A 1101 75.89 -19.45 29.33
C PHE A 1101 74.53 -20.04 29.04
N VAL A 1102 73.69 -20.15 30.07
CA VAL A 1102 72.28 -20.48 29.93
C VAL A 1102 71.47 -19.29 30.46
N THR A 1103 70.49 -18.85 29.71
CA THR A 1103 69.50 -17.94 30.24
C THR A 1103 68.12 -18.56 30.24
N GLN A 1104 67.21 -17.89 30.93
CA GLN A 1104 65.80 -18.10 30.68
C GLN A 1104 65.38 -17.25 29.49
N ARG A 1105 64.33 -17.69 28.81
CA ARG A 1105 64.11 -17.24 27.45
C ARG A 1105 63.56 -15.83 27.33
N ASN A 1106 62.91 -15.30 28.36
CA ASN A 1106 62.28 -14.00 28.26
C ASN A 1106 63.03 -12.89 28.99
N PHE A 1107 64.07 -13.20 29.74
CA PHE A 1107 64.77 -12.17 30.48
C PHE A 1107 66.22 -12.59 30.57
N TYR A 1108 67.14 -11.68 30.25
CA TYR A 1108 68.54 -12.04 30.14
C TYR A 1108 69.17 -12.12 31.52
N GLU A 1109 69.67 -13.30 31.85
CA GLU A 1109 70.26 -13.57 33.16
C GLU A 1109 71.16 -14.78 33.03
N PRO A 1110 72.41 -14.59 32.60
CA PRO A 1110 73.25 -15.72 32.22
C PRO A 1110 73.85 -16.47 33.39
N GLN A 1111 73.99 -17.79 33.21
CA GLN A 1111 74.48 -18.68 34.24
C GLN A 1111 75.53 -19.59 33.64
N ILE A 1112 76.39 -20.11 34.48
CA ILE A 1112 77.38 -21.10 34.04
C ILE A 1112 76.68 -22.41 33.74
N ILE A 1113 77.04 -23.02 32.62
CA ILE A 1113 76.47 -24.31 32.24
C ILE A 1113 77.04 -25.40 33.15
N THR A 1114 76.17 -26.04 33.91
CA THR A 1114 76.56 -27.12 34.81
C THR A 1114 75.66 -28.32 34.55
N THR A 1115 75.91 -29.39 35.28
CA THR A 1115 75.07 -30.58 35.20
C THR A 1115 73.82 -30.47 36.03
N ASP A 1116 73.52 -29.30 36.57
CA ASP A 1116 72.30 -29.04 37.33
C ASP A 1116 71.26 -28.32 36.49
N ASN A 1117 71.67 -27.63 35.42
CA ASN A 1117 70.74 -26.93 34.57
C ASN A 1117 70.70 -27.49 33.17
N THR A 1118 71.36 -28.63 32.93
CA THR A 1118 71.30 -29.32 31.65
C THR A 1118 70.98 -30.78 31.89
N PHE A 1119 70.59 -31.48 30.83
CA PHE A 1119 70.43 -32.93 30.87
C PHE A 1119 71.07 -33.53 29.62
N VAL A 1120 71.32 -34.82 29.68
CA VAL A 1120 72.08 -35.53 28.65
C VAL A 1120 71.17 -36.49 27.92
N SER A 1121 71.35 -36.60 26.61
CA SER A 1121 70.76 -37.70 25.86
C SER A 1121 71.54 -37.89 24.57
N GLY A 1122 72.22 -39.01 24.45
CA GLY A 1122 72.85 -39.38 23.20
C GLY A 1122 74.28 -38.92 23.08
N ASN A 1123 74.84 -39.17 21.92
CA ASN A 1123 76.19 -38.75 21.59
C ASN A 1123 76.12 -37.59 20.61
N CYS A 1124 77.22 -36.86 20.51
CA CYS A 1124 77.13 -35.57 19.84
C CYS A 1124 77.51 -35.66 18.37
N ASP A 1125 76.85 -36.53 17.61
CA ASP A 1125 76.99 -36.56 16.16
C ASP A 1125 75.68 -36.71 15.40
N VAL A 1126 74.53 -36.63 16.07
CA VAL A 1126 73.24 -36.66 15.38
C VAL A 1126 72.55 -35.29 15.37
N VAL A 1127 72.73 -34.47 16.41
CA VAL A 1127 72.25 -33.10 16.42
C VAL A 1127 73.06 -32.29 15.42
N ILE A 1128 72.44 -31.35 14.73
CA ILE A 1128 73.16 -30.49 13.80
C ILE A 1128 73.19 -29.09 14.39
N GLY A 1129 74.40 -28.58 14.61
CA GLY A 1129 74.61 -27.34 15.29
C GLY A 1129 75.24 -27.43 16.66
N ILE A 1130 75.57 -28.63 17.13
CA ILE A 1130 76.25 -28.79 18.41
C ILE A 1130 77.52 -27.95 18.44
N VAL A 1131 77.84 -27.38 19.60
CA VAL A 1131 79.12 -26.74 19.78
C VAL A 1131 79.87 -27.46 20.89
N ASN A 1132 81.19 -27.31 20.88
CA ASN A 1132 82.07 -27.88 21.87
C ASN A 1132 82.26 -26.89 23.01
N ASN A 1133 82.04 -27.35 24.23
CA ASN A 1133 82.25 -26.51 25.41
C ASN A 1133 82.21 -27.41 26.61
N THR A 1134 82.69 -26.89 27.73
CA THR A 1134 82.81 -27.68 28.94
C THR A 1134 81.58 -27.52 29.82
N VAL A 1135 81.10 -28.62 30.35
CA VAL A 1135 79.98 -28.65 31.26
C VAL A 1135 80.53 -28.96 32.64
N TYR A 1136 80.29 -28.09 33.58
CA TYR A 1136 80.97 -28.11 34.87
C TYR A 1136 80.19 -28.95 35.86
N ASP A 1137 80.88 -29.86 36.50
CA ASP A 1137 80.34 -30.72 37.55
C ASP A 1137 80.60 -30.10 38.91
N PRO A 1138 79.56 -29.87 39.71
CA PRO A 1138 79.78 -29.21 41.00
C PRO A 1138 80.42 -30.09 42.06
N LEU A 1139 80.11 -31.37 42.09
CA LEU A 1139 80.69 -32.28 43.07
C LEU A 1139 82.17 -32.48 42.87
N GLN A 1140 82.58 -32.77 41.63
CA GLN A 1140 83.95 -33.14 41.27
C GLN A 1140 85.02 -32.28 41.94
N PRO A 1141 84.99 -30.95 41.83
CA PRO A 1141 85.97 -30.16 42.60
C PRO A 1141 85.71 -30.19 44.09
N GLU A 1142 84.49 -29.82 44.47
CA GLU A 1142 84.17 -29.54 45.88
C GLU A 1142 84.56 -30.70 46.77
N LEU A 1143 84.13 -31.91 46.41
CA LEU A 1143 84.54 -33.12 47.10
C LEU A 1143 86.06 -33.19 47.22
N ASP A 1144 86.75 -32.88 46.14
CA ASP A 1144 88.20 -32.99 46.10
C ASP A 1144 88.90 -31.64 46.26
N ALA B 27 -1.18 -47.18 -37.66
CA ALA B 27 0.00 -47.30 -36.82
C ALA B 27 0.15 -46.12 -35.89
N TYR B 28 0.92 -46.29 -34.83
CA TYR B 28 1.27 -45.23 -33.91
C TYR B 28 2.77 -45.31 -33.67
N THR B 29 3.38 -44.17 -33.34
CA THR B 29 4.80 -44.13 -33.14
C THR B 29 5.08 -43.20 -31.97
N ASN B 30 6.34 -43.18 -31.55
CA ASN B 30 6.80 -42.46 -30.38
C ASN B 30 7.75 -41.35 -30.83
N SER B 31 7.35 -40.11 -30.56
CA SER B 31 8.28 -38.98 -30.66
C SER B 31 9.34 -39.16 -29.59
N PHE B 32 10.48 -38.52 -29.72
CA PHE B 32 11.37 -38.60 -28.58
C PHE B 32 11.53 -37.25 -27.94
N THR B 33 12.10 -36.29 -28.66
CA THR B 33 12.19 -34.90 -28.23
C THR B 33 11.97 -34.08 -29.49
N ARG B 34 10.71 -33.76 -29.76
CA ARG B 34 10.31 -33.20 -31.03
C ARG B 34 9.21 -32.19 -30.81
N GLY B 35 9.19 -31.14 -31.61
CA GLY B 35 8.13 -30.16 -31.52
C GLY B 35 8.42 -29.06 -30.53
N VAL B 36 9.66 -28.58 -30.51
CA VAL B 36 10.05 -27.44 -29.70
C VAL B 36 10.20 -26.24 -30.63
N TYR B 37 9.52 -25.15 -30.29
CA TYR B 37 9.58 -23.93 -31.08
C TYR B 37 9.96 -22.77 -30.18
N TYR B 38 10.55 -21.74 -30.79
CA TYR B 38 10.87 -20.52 -30.08
C TYR B 38 9.58 -19.80 -29.71
N PRO B 39 9.30 -19.71 -28.42
CA PRO B 39 8.06 -19.10 -27.92
C PRO B 39 7.83 -17.66 -28.36
N ASP B 40 8.85 -17.03 -28.94
CA ASP B 40 8.70 -15.64 -29.38
C ASP B 40 10.02 -15.02 -29.78
N LYS B 41 9.99 -13.75 -30.16
CA LYS B 41 11.19 -13.04 -30.56
C LYS B 41 12.25 -13.05 -29.45
N VAL B 42 13.09 -12.03 -29.45
CA VAL B 42 14.14 -11.91 -28.44
C VAL B 42 15.30 -12.84 -28.76
N PHE B 43 16.43 -12.55 -28.13
CA PHE B 43 17.62 -13.36 -28.30
C PHE B 43 18.19 -13.48 -26.90
N ARG B 44 18.20 -14.69 -26.37
CA ARG B 44 18.74 -14.91 -25.04
C ARG B 44 20.07 -15.66 -25.19
N SER B 45 20.98 -15.42 -24.26
CA SER B 45 22.28 -16.09 -24.31
C SER B 45 22.23 -17.28 -23.39
N SER B 46 23.38 -17.84 -23.07
CA SER B 46 23.45 -19.00 -22.19
C SER B 46 22.55 -18.83 -20.97
N VAL B 47 21.31 -19.28 -21.07
CA VAL B 47 20.39 -19.12 -19.96
C VAL B 47 19.23 -20.11 -19.91
N LEU B 48 19.33 -21.09 -19.03
CA LEU B 48 18.27 -22.06 -18.88
C LEU B 48 17.01 -21.27 -18.55
N HIS B 49 16.19 -21.02 -19.55
CA HIS B 49 14.98 -20.23 -19.38
C HIS B 49 13.76 -21.13 -19.28
N SER B 50 12.84 -20.79 -18.40
CA SER B 50 11.67 -21.61 -18.12
C SER B 50 10.42 -20.97 -18.70
N THR B 51 9.62 -21.77 -19.42
CA THR B 51 8.41 -21.25 -20.05
C THR B 51 7.20 -22.13 -19.77
N GLN B 52 6.03 -21.50 -19.81
CA GLN B 52 4.74 -22.18 -19.81
C GLN B 52 4.07 -21.89 -21.14
N ASP B 53 3.68 -22.92 -21.87
CA ASP B 53 3.08 -22.71 -23.18
C ASP B 53 2.42 -24.00 -23.64
N LEU B 54 2.06 -24.05 -24.93
CA LEU B 54 1.47 -25.24 -25.53
C LEU B 54 2.56 -25.99 -26.29
N PHE B 55 2.92 -27.17 -25.81
CA PHE B 55 3.98 -27.95 -26.39
C PHE B 55 3.49 -29.35 -26.67
N LEU B 56 4.28 -30.09 -27.43
CA LEU B 56 4.08 -31.51 -27.66
C LEU B 56 4.88 -32.27 -26.61
N PRO B 57 4.23 -32.94 -25.65
CA PRO B 57 4.97 -33.60 -24.57
C PRO B 57 6.00 -34.58 -25.08
N PHE B 58 7.09 -34.77 -24.34
CA PHE B 58 8.12 -35.69 -24.76
C PHE B 58 7.61 -37.11 -24.70
N PHE B 59 8.11 -37.93 -25.62
CA PHE B 59 7.74 -39.35 -25.69
C PHE B 59 6.22 -39.49 -25.77
N SER B 60 5.64 -39.02 -26.87
CA SER B 60 4.20 -38.98 -27.04
C SER B 60 3.76 -40.04 -28.04
N ASN B 61 2.45 -40.13 -28.19
CA ASN B 61 1.79 -41.14 -29.00
C ASN B 61 1.28 -40.47 -30.28
N VAL B 62 2.09 -40.49 -31.33
CA VAL B 62 1.78 -39.74 -32.55
C VAL B 62 1.23 -40.72 -33.58
N THR B 63 0.09 -40.38 -34.17
CA THR B 63 -0.50 -41.20 -35.21
C THR B 63 0.46 -41.35 -36.38
N TRP B 64 0.28 -42.42 -37.14
CA TRP B 64 1.06 -42.63 -38.33
C TRP B 64 0.10 -42.78 -39.50
N PHE B 65 0.43 -42.13 -40.62
CA PHE B 65 -0.37 -42.23 -41.82
C PHE B 65 0.53 -42.59 -42.99
N HIS B 66 0.01 -43.42 -43.87
CA HIS B 66 0.71 -43.81 -45.09
C HIS B 66 -0.08 -43.32 -46.29
N ALA B 67 0.58 -43.34 -47.44
CA ALA B 67 -0.04 -43.03 -48.71
C ALA B 67 0.82 -43.59 -49.82
N ASN B 81 -6.15 -38.09 -47.51
CA ASN B 81 -6.23 -38.77 -46.23
C ASN B 81 -7.21 -38.00 -45.33
N PRO B 82 -7.62 -38.56 -44.19
CA PRO B 82 -8.90 -38.18 -43.58
C PRO B 82 -8.92 -36.83 -42.87
N VAL B 83 -10.14 -36.45 -42.49
CA VAL B 83 -10.41 -35.25 -41.70
C VAL B 83 -10.01 -35.52 -40.27
N LEU B 84 -9.12 -34.70 -39.73
CA LEU B 84 -8.64 -34.84 -38.37
C LEU B 84 -9.22 -33.76 -37.48
N PRO B 85 -9.02 -33.80 -36.17
CA PRO B 85 -9.37 -32.63 -35.35
C PRO B 85 -8.22 -31.66 -35.21
N PHE B 86 -8.47 -30.51 -34.58
CA PHE B 86 -7.42 -29.53 -34.26
C PHE B 86 -7.24 -29.34 -32.76
N ASN B 87 -8.29 -28.85 -32.11
CA ASN B 87 -8.62 -28.79 -30.68
C ASN B 87 -7.63 -28.01 -29.84
N ASP B 88 -6.35 -28.01 -30.20
CA ASP B 88 -5.34 -27.10 -29.65
C ASP B 88 -4.05 -27.32 -30.42
N GLY B 89 -3.79 -26.55 -31.45
CA GLY B 89 -2.53 -26.69 -32.15
C GLY B 89 -2.23 -28.08 -32.70
N VAL B 90 -1.15 -28.20 -33.47
CA VAL B 90 -0.83 -29.46 -34.15
C VAL B 90 0.66 -29.46 -34.46
N TYR B 91 1.31 -30.58 -34.15
CA TYR B 91 2.61 -30.91 -34.72
C TYR B 91 2.39 -31.75 -35.97
N PHE B 92 3.28 -31.61 -36.93
CA PHE B 92 3.06 -32.28 -38.21
C PHE B 92 4.40 -32.45 -38.90
N ALA B 93 4.93 -33.67 -38.96
CA ALA B 93 6.15 -33.92 -39.71
C ALA B 93 5.80 -34.70 -40.98
N SER B 94 6.80 -34.84 -41.85
CA SER B 94 6.61 -35.49 -43.14
C SER B 94 7.98 -35.80 -43.74
N THR B 95 8.04 -36.85 -44.55
CA THR B 95 9.30 -37.32 -45.09
C THR B 95 9.16 -37.75 -46.56
N GLU B 96 10.05 -37.23 -47.40
CA GLU B 96 10.16 -37.65 -48.80
C GLU B 96 11.27 -36.90 -49.54
N LYS B 97 11.55 -37.32 -50.78
CA LYS B 97 12.38 -36.54 -51.69
C LYS B 97 11.57 -35.84 -52.78
N SER B 98 10.60 -36.54 -53.38
CA SER B 98 9.55 -35.90 -54.15
C SER B 98 8.68 -35.07 -53.22
N ASN B 99 7.62 -34.45 -53.74
CA ASN B 99 6.76 -33.61 -52.91
C ASN B 99 5.32 -34.08 -53.04
N ILE B 100 4.93 -35.00 -52.16
CA ILE B 100 3.59 -35.57 -52.17
C ILE B 100 2.71 -34.72 -51.26
N ILE B 101 3.28 -34.23 -50.17
CA ILE B 101 2.57 -33.38 -49.24
C ILE B 101 2.56 -31.96 -49.80
N ARG B 102 1.37 -31.48 -50.16
CA ARG B 102 1.21 -30.24 -50.88
C ARG B 102 0.24 -29.34 -50.11
N GLY B 103 0.48 -29.21 -48.81
CA GLY B 103 -0.27 -28.29 -48.00
C GLY B 103 -1.46 -28.92 -47.33
N TRP B 104 -2.12 -28.11 -46.53
CA TRP B 104 -3.17 -28.53 -45.63
C TRP B 104 -4.39 -27.68 -45.93
N ILE B 105 -5.52 -28.03 -45.34
CA ILE B 105 -6.71 -27.19 -45.39
C ILE B 105 -7.32 -27.21 -44.01
N PHE B 106 -7.84 -26.08 -43.57
CA PHE B 106 -8.23 -25.94 -42.19
C PHE B 106 -9.69 -25.50 -42.10
N GLY B 107 -10.20 -25.39 -40.88
CA GLY B 107 -11.49 -24.77 -40.67
C GLY B 107 -12.39 -25.50 -39.70
N THR B 108 -13.68 -25.20 -39.74
CA THR B 108 -14.63 -25.90 -38.89
C THR B 108 -15.47 -26.88 -39.70
N THR B 109 -15.95 -26.46 -40.87
CA THR B 109 -16.81 -27.31 -41.70
C THR B 109 -16.19 -27.72 -43.02
N LEU B 110 -15.13 -27.07 -43.46
CA LEU B 110 -14.43 -27.41 -44.71
C LEU B 110 -15.38 -27.34 -45.90
N ASP B 111 -16.26 -26.33 -45.87
CA ASP B 111 -17.22 -26.14 -46.96
C ASP B 111 -17.69 -24.69 -46.94
N SER B 112 -18.77 -24.43 -47.66
CA SER B 112 -19.42 -23.14 -47.59
C SER B 112 -20.25 -23.04 -46.32
N LYS B 113 -20.94 -21.91 -46.18
CA LYS B 113 -21.75 -21.56 -45.01
C LYS B 113 -20.87 -21.16 -43.81
N THR B 114 -19.56 -21.39 -43.90
CA THR B 114 -18.62 -20.84 -42.93
C THR B 114 -17.25 -20.80 -43.57
N GLN B 115 -16.41 -19.90 -43.06
CA GLN B 115 -15.12 -19.58 -43.68
C GLN B 115 -14.04 -20.56 -43.25
N SER B 116 -13.03 -20.69 -44.11
CA SER B 116 -11.92 -21.61 -43.86
C SER B 116 -10.67 -21.10 -44.55
N LEU B 117 -9.52 -21.64 -44.13
CA LEU B 117 -8.22 -21.33 -44.73
C LEU B 117 -7.86 -22.41 -45.74
N LEU B 118 -6.96 -22.08 -46.66
CA LEU B 118 -6.46 -23.04 -47.64
C LEU B 118 -5.02 -22.70 -47.98
N ILE B 119 -4.12 -23.65 -47.75
CA ILE B 119 -2.70 -23.45 -47.99
C ILE B 119 -2.22 -24.51 -48.97
N VAL B 120 -1.76 -24.04 -50.12
CA VAL B 120 -1.51 -24.94 -51.24
C VAL B 120 -0.11 -24.66 -51.78
N ASN B 121 0.43 -25.62 -52.53
CA ASN B 121 1.69 -25.44 -53.23
C ASN B 121 1.68 -26.31 -54.48
N ASN B 122 1.47 -25.70 -55.66
CA ASN B 122 1.71 -26.43 -56.90
C ASN B 122 3.22 -26.42 -57.15
N ALA B 123 3.66 -26.86 -58.32
CA ALA B 123 5.09 -26.90 -58.58
C ALA B 123 5.69 -25.50 -58.69
N THR B 124 4.87 -24.46 -58.48
CA THR B 124 5.33 -23.09 -58.60
C THR B 124 5.80 -22.53 -57.26
N ASN B 125 4.86 -22.37 -56.31
CA ASN B 125 5.10 -21.84 -54.99
C ASN B 125 3.81 -21.76 -54.21
N VAL B 126 3.94 -21.41 -52.93
CA VAL B 126 2.88 -21.42 -51.94
C VAL B 126 1.74 -20.50 -52.34
N VAL B 127 0.51 -20.89 -52.01
CA VAL B 127 -0.66 -20.05 -52.24
C VAL B 127 -1.56 -20.07 -51.01
N ILE B 128 -1.37 -19.12 -50.09
CA ILE B 128 -2.32 -19.03 -48.98
C ILE B 128 -3.58 -18.37 -49.52
N LYS B 129 -4.72 -18.70 -48.92
CA LYS B 129 -5.99 -18.19 -49.40
C LYS B 129 -7.04 -18.35 -48.32
N VAL B 130 -7.91 -17.37 -48.19
CA VAL B 130 -9.03 -17.47 -47.25
C VAL B 130 -10.31 -17.00 -47.90
N CYS B 131 -11.13 -17.94 -48.34
CA CYS B 131 -12.47 -17.69 -48.85
C CYS B 131 -13.46 -18.58 -48.11
N GLU B 132 -14.69 -18.59 -48.62
CA GLU B 132 -15.62 -19.68 -48.37
C GLU B 132 -15.55 -20.61 -49.56
N PHE B 133 -15.31 -21.89 -49.29
CA PHE B 133 -15.03 -22.83 -50.36
C PHE B 133 -16.15 -23.87 -50.46
N GLN B 134 -16.01 -24.74 -51.44
CA GLN B 134 -16.72 -26.00 -51.49
C GLN B 134 -15.66 -27.07 -51.74
N PHE B 135 -15.32 -27.80 -50.70
CA PHE B 135 -14.21 -28.73 -50.74
C PHE B 135 -14.70 -30.11 -51.12
N CYS B 136 -13.98 -30.74 -52.04
CA CYS B 136 -14.17 -32.17 -52.27
C CYS B 136 -14.00 -32.92 -50.95
N ASN B 137 -14.88 -33.89 -50.71
CA ASN B 137 -14.70 -34.70 -49.51
C ASN B 137 -13.42 -35.51 -49.57
N ASP B 138 -12.90 -35.77 -50.77
CA ASP B 138 -11.57 -36.34 -50.95
C ASP B 138 -10.80 -35.44 -51.92
N PRO B 139 -10.27 -34.31 -51.41
CA PRO B 139 -9.65 -33.34 -52.30
C PRO B 139 -8.16 -33.60 -52.46
N PHE B 140 -7.65 -33.37 -53.66
CA PHE B 140 -6.25 -33.65 -53.95
C PHE B 140 -5.86 -32.90 -55.22
N VAL B 157 -9.11 -30.48 -57.47
CA VAL B 157 -9.16 -29.11 -56.99
C VAL B 157 -10.48 -28.83 -56.26
N TYR B 158 -10.61 -27.62 -55.72
CA TYR B 158 -11.82 -27.23 -55.01
C TYR B 158 -13.02 -27.21 -55.93
N SER B 159 -14.00 -26.36 -55.60
CA SER B 159 -15.21 -26.24 -56.41
C SER B 159 -15.95 -24.95 -56.10
N SER B 160 -15.28 -24.04 -55.40
CA SER B 160 -15.88 -22.76 -55.04
C SER B 160 -14.82 -21.92 -54.36
N ALA B 161 -14.87 -20.60 -54.63
CA ALA B 161 -13.91 -19.65 -54.07
C ALA B 161 -14.58 -18.33 -53.71
N ASN B 162 -15.70 -18.38 -53.00
CA ASN B 162 -16.55 -17.22 -52.82
C ASN B 162 -16.07 -16.34 -51.66
N ASN B 163 -16.35 -15.05 -51.75
CA ASN B 163 -16.22 -14.14 -50.61
C ASN B 163 -14.82 -14.02 -50.02
N CYS B 164 -13.79 -14.18 -50.84
CA CYS B 164 -12.41 -14.23 -50.36
C CYS B 164 -12.04 -12.99 -49.54
N THR B 165 -11.52 -13.23 -48.34
CA THR B 165 -11.23 -12.19 -47.36
C THR B 165 -9.72 -12.06 -47.14
N PHE B 166 -8.94 -12.85 -47.86
CA PHE B 166 -7.49 -12.82 -47.74
C PHE B 166 -6.93 -13.63 -48.90
N GLU B 167 -5.97 -13.09 -49.62
CA GLU B 167 -5.29 -13.85 -50.66
C GLU B 167 -3.79 -13.74 -50.43
N TYR B 168 -3.05 -14.54 -51.17
CA TYR B 168 -1.60 -14.46 -51.26
C TYR B 168 -1.16 -15.41 -52.36
N VAL B 169 -0.21 -14.99 -53.19
CA VAL B 169 0.43 -15.91 -54.12
C VAL B 169 1.89 -15.53 -54.18
N SER B 170 2.66 -16.16 -55.04
CA SER B 170 4.04 -15.77 -55.29
C SER B 170 4.51 -16.25 -56.65
N LYS B 185 16.18 -38.65 -47.00
CA LYS B 185 15.53 -37.67 -47.87
C LYS B 185 15.37 -36.33 -47.17
N ASN B 186 14.13 -36.00 -46.83
CA ASN B 186 13.83 -34.72 -46.20
C ASN B 186 12.88 -34.96 -45.03
N LEU B 187 13.02 -34.14 -44.00
CA LEU B 187 12.08 -34.10 -42.89
C LEU B 187 11.62 -32.66 -42.72
N ARG B 188 10.32 -32.44 -42.75
CA ARG B 188 9.74 -31.11 -42.76
C ARG B 188 8.70 -31.03 -41.65
N GLU B 189 9.06 -30.41 -40.53
CA GLU B 189 8.18 -30.28 -39.39
C GLU B 189 7.45 -28.94 -39.39
N PHE B 190 6.25 -28.94 -38.82
CA PHE B 190 5.42 -27.76 -38.74
C PHE B 190 4.64 -27.79 -37.44
N VAL B 191 4.48 -26.61 -36.85
CA VAL B 191 3.61 -26.45 -35.68
C VAL B 191 2.59 -25.38 -36.03
N PHE B 192 1.32 -25.73 -35.95
CA PHE B 192 0.24 -24.83 -36.27
C PHE B 192 -0.53 -24.49 -35.01
N LYS B 193 -0.75 -23.20 -34.77
CA LYS B 193 -1.57 -22.81 -33.64
C LYS B 193 -2.41 -21.59 -34.01
N ASN B 194 -3.41 -21.29 -33.20
CA ASN B 194 -4.44 -20.31 -33.55
C ASN B 194 -4.93 -19.61 -32.29
N ILE B 195 -4.41 -18.42 -32.03
CA ILE B 195 -4.71 -17.68 -30.81
C ILE B 195 -5.08 -16.25 -31.15
N ASP B 196 -6.17 -15.76 -30.55
CA ASP B 196 -6.63 -14.39 -30.67
C ASP B 196 -6.67 -13.92 -32.12
N GLY B 197 -7.33 -14.70 -32.98
CA GLY B 197 -7.49 -14.33 -34.38
C GLY B 197 -6.22 -14.34 -35.18
N TYR B 198 -5.12 -14.81 -34.60
CA TYR B 198 -3.87 -14.96 -35.33
C TYR B 198 -3.61 -16.44 -35.52
N PHE B 199 -3.18 -16.82 -36.72
CA PHE B 199 -2.88 -18.20 -37.03
C PHE B 199 -1.38 -18.31 -37.24
N LYS B 200 -0.68 -18.80 -36.23
CA LYS B 200 0.77 -18.86 -36.23
C LYS B 200 1.24 -20.19 -36.77
N ILE B 201 2.37 -20.14 -37.48
CA ILE B 201 2.96 -21.30 -38.13
C ILE B 201 4.44 -21.27 -37.88
N TYR B 202 4.95 -22.30 -37.21
CA TYR B 202 6.38 -22.49 -37.05
C TYR B 202 6.77 -23.66 -37.92
N SER B 203 8.04 -23.72 -38.29
CA SER B 203 8.46 -24.74 -39.23
C SER B 203 9.95 -24.97 -39.11
N LYS B 204 10.39 -26.10 -39.66
CA LYS B 204 11.80 -26.43 -39.73
C LYS B 204 11.99 -27.51 -40.78
N HIS B 205 13.11 -27.45 -41.50
CA HIS B 205 13.44 -28.40 -42.55
C HIS B 205 14.79 -29.00 -42.21
N THR B 206 14.76 -30.22 -41.71
CA THR B 206 15.99 -30.95 -41.45
C THR B 206 16.19 -32.01 -42.52
N PRO B 207 17.41 -32.32 -42.89
CA PRO B 207 17.65 -33.44 -43.80
C PRO B 207 17.83 -34.76 -43.07
N ILE B 208 16.99 -35.76 -43.36
CA ILE B 208 17.20 -37.09 -42.78
C ILE B 208 18.25 -37.81 -43.61
N ASN B 209 18.77 -38.91 -43.09
CA ASN B 209 19.58 -39.80 -43.92
C ASN B 209 18.86 -41.11 -44.08
N LEU B 210 17.55 -41.09 -43.83
CA LEU B 210 16.61 -42.14 -44.16
C LEU B 210 15.68 -41.61 -45.26
N VAL B 211 14.66 -42.38 -45.60
CA VAL B 211 13.70 -41.88 -46.58
C VAL B 211 12.40 -41.47 -45.89
N ARG B 212 11.73 -42.38 -45.16
CA ARG B 212 10.40 -42.08 -44.63
C ARG B 212 10.08 -42.66 -43.24
N ASP B 213 10.99 -42.58 -42.27
CA ASP B 213 10.69 -42.97 -40.90
C ASP B 213 11.06 -41.85 -39.94
N LEU B 214 10.31 -41.74 -38.84
CA LEU B 214 10.51 -40.65 -37.88
C LEU B 214 11.82 -40.85 -37.12
N PRO B 215 12.79 -39.97 -37.23
CA PRO B 215 14.07 -40.16 -36.56
C PRO B 215 14.07 -39.70 -35.12
N GLN B 216 15.26 -39.65 -34.52
CA GLN B 216 15.43 -39.18 -33.15
C GLN B 216 16.40 -38.01 -33.15
N GLY B 217 16.21 -37.10 -32.21
CA GLY B 217 17.10 -35.96 -32.09
C GLY B 217 16.41 -34.70 -31.61
N PHE B 218 17.14 -33.59 -31.55
CA PHE B 218 16.59 -32.31 -31.10
C PHE B 218 16.78 -31.26 -32.18
N SER B 219 15.70 -30.54 -32.48
CA SER B 219 15.76 -29.48 -33.49
C SER B 219 14.61 -28.51 -33.27
N ALA B 220 14.91 -27.27 -32.86
CA ALA B 220 13.88 -26.30 -32.53
C ALA B 220 13.32 -25.63 -33.77
N LEU B 221 12.04 -25.32 -33.73
CA LEU B 221 11.29 -24.83 -34.89
C LEU B 221 11.13 -23.32 -34.80
N GLU B 222 11.47 -22.59 -35.93
CA GLU B 222 11.51 -21.13 -36.01
C GLU B 222 10.25 -20.56 -36.65
N PRO B 223 9.72 -19.48 -36.10
CA PRO B 223 8.44 -18.95 -36.60
C PRO B 223 8.52 -18.49 -38.04
N LEU B 224 7.44 -18.74 -38.78
CA LEU B 224 7.42 -18.49 -40.22
C LEU B 224 6.46 -17.36 -40.58
N VAL B 225 5.21 -17.50 -40.16
CA VAL B 225 4.11 -16.69 -40.66
C VAL B 225 3.31 -16.20 -39.46
N ASP B 226 2.37 -15.30 -39.75
CA ASP B 226 1.43 -14.72 -38.81
C ASP B 226 0.26 -14.21 -39.65
N LEU B 227 -0.97 -14.69 -39.42
CA LEU B 227 -2.08 -14.24 -40.23
C LEU B 227 -3.20 -13.72 -39.35
N PRO B 228 -3.52 -12.42 -39.40
CA PRO B 228 -4.64 -11.88 -38.60
C PRO B 228 -5.98 -12.15 -39.29
N ILE B 229 -6.46 -13.38 -39.16
CA ILE B 229 -7.66 -13.79 -39.89
C ILE B 229 -8.90 -13.56 -39.04
N GLY B 230 -9.01 -14.27 -37.93
CA GLY B 230 -10.21 -14.22 -37.11
C GLY B 230 -11.01 -15.52 -37.20
N ILE B 231 -10.67 -16.31 -38.20
CA ILE B 231 -11.25 -17.62 -38.52
C ILE B 231 -11.34 -18.52 -37.29
N ASN B 232 -12.44 -19.27 -37.18
CA ASN B 232 -12.56 -20.36 -36.22
C ASN B 232 -12.05 -21.64 -36.86
N ILE B 233 -11.41 -22.50 -36.07
CA ILE B 233 -10.89 -23.76 -36.59
C ILE B 233 -11.26 -24.90 -35.64
N THR B 234 -11.71 -26.01 -36.22
CA THR B 234 -11.99 -27.22 -35.45
C THR B 234 -11.52 -28.46 -36.18
N ARG B 235 -11.15 -28.33 -37.45
CA ARG B 235 -10.79 -29.52 -38.23
C ARG B 235 -9.75 -29.13 -39.26
N PHE B 236 -9.05 -30.14 -39.79
CA PHE B 236 -8.06 -29.90 -40.83
C PHE B 236 -7.82 -31.19 -41.60
N GLN B 237 -7.12 -31.07 -42.72
CA GLN B 237 -6.89 -32.19 -43.63
C GLN B 237 -5.47 -32.11 -44.18
N THR B 238 -5.22 -32.86 -45.25
CA THR B 238 -3.96 -32.83 -45.97
C THR B 238 -4.23 -32.93 -47.47
N LEU B 239 -3.21 -32.64 -48.27
CA LEU B 239 -3.32 -32.63 -49.72
C LEU B 239 -2.15 -33.39 -50.31
N LEU B 240 -2.43 -34.25 -51.29
CA LEU B 240 -1.41 -35.12 -51.85
C LEU B 240 -1.46 -35.10 -53.37
N ALA B 241 -0.31 -35.34 -53.99
CA ALA B 241 -0.17 -35.38 -55.45
C ALA B 241 -0.26 -36.83 -55.92
N ALA B 262 3.92 -40.75 -46.01
CA ALA B 262 4.25 -40.95 -44.59
C ALA B 262 4.21 -39.63 -43.86
N TYR B 263 3.31 -39.53 -42.88
CA TYR B 263 3.20 -38.32 -42.08
C TYR B 263 2.51 -38.61 -40.75
N TYR B 264 2.78 -37.74 -39.78
CA TYR B 264 2.41 -37.91 -38.40
C TYR B 264 1.59 -36.72 -37.94
N VAL B 265 0.83 -36.90 -36.86
CA VAL B 265 0.04 -35.81 -36.30
C VAL B 265 0.05 -35.89 -34.77
N GLY B 266 0.76 -34.95 -34.13
CA GLY B 266 0.69 -34.79 -32.69
C GLY B 266 -0.26 -33.67 -32.32
N TYR B 267 -0.51 -33.57 -31.03
CA TYR B 267 -1.34 -32.48 -30.51
C TYR B 267 -0.59 -31.81 -29.37
N LEU B 268 -0.98 -30.58 -29.07
CA LEU B 268 -0.26 -29.73 -28.14
C LEU B 268 -1.11 -29.52 -26.89
N GLN B 269 -0.44 -29.51 -25.74
CA GLN B 269 -1.10 -29.30 -24.45
C GLN B 269 -0.31 -28.25 -23.69
N PRO B 270 -0.92 -27.65 -22.69
CA PRO B 270 -0.20 -26.68 -21.86
C PRO B 270 0.79 -27.36 -20.92
N ARG B 271 2.07 -27.23 -21.24
CA ARG B 271 3.16 -27.77 -20.45
C ARG B 271 4.08 -26.65 -19.98
N THR B 272 5.07 -27.03 -19.19
CA THR B 272 6.12 -26.15 -18.69
C THR B 272 7.46 -26.79 -19.05
N PHE B 273 8.30 -26.06 -19.77
CA PHE B 273 9.57 -26.58 -20.23
C PHE B 273 10.72 -25.73 -19.73
N LEU B 274 11.92 -26.31 -19.81
CA LEU B 274 13.16 -25.63 -19.46
C LEU B 274 14.07 -25.70 -20.68
N LEU B 275 14.26 -24.56 -21.34
CA LEU B 275 15.02 -24.50 -22.58
C LEU B 275 16.43 -24.03 -22.31
N LYS B 276 17.40 -24.71 -22.91
CA LYS B 276 18.80 -24.34 -22.79
C LYS B 276 19.20 -23.53 -24.02
N TYR B 277 19.68 -22.32 -23.82
CA TYR B 277 20.03 -21.43 -24.91
C TYR B 277 21.54 -21.43 -25.11
N ASN B 278 21.94 -21.52 -26.37
CA ASN B 278 23.33 -21.42 -26.77
C ASN B 278 23.83 -19.99 -26.59
N GLU B 279 25.11 -19.78 -26.89
CA GLU B 279 25.67 -18.44 -26.88
C GLU B 279 25.33 -17.64 -28.13
N ASN B 280 25.01 -18.29 -29.24
CA ASN B 280 24.44 -17.60 -30.38
C ASN B 280 22.95 -17.33 -30.22
N GLY B 281 22.31 -17.97 -29.25
CA GLY B 281 20.92 -17.72 -28.99
C GLY B 281 19.98 -18.77 -29.52
N THR B 282 20.47 -19.94 -29.87
CA THR B 282 19.62 -21.02 -30.33
C THR B 282 19.35 -22.02 -29.22
N ILE B 283 18.18 -22.65 -29.27
CA ILE B 283 17.79 -23.65 -28.31
C ILE B 283 18.44 -24.97 -28.71
N THR B 284 19.31 -25.49 -27.84
CA THR B 284 20.05 -26.71 -28.15
C THR B 284 19.50 -27.92 -27.40
N ASP B 285 18.92 -27.72 -26.22
CA ASP B 285 18.36 -28.80 -25.44
C ASP B 285 17.15 -28.31 -24.67
N ALA B 286 16.37 -29.24 -24.14
CA ALA B 286 15.20 -28.89 -23.36
C ALA B 286 14.92 -29.96 -22.33
N VAL B 287 14.07 -29.62 -21.36
CA VAL B 287 13.61 -30.54 -20.33
C VAL B 287 12.10 -30.37 -20.21
N ASP B 288 11.38 -31.47 -20.33
CA ASP B 288 9.95 -31.52 -20.06
C ASP B 288 9.78 -31.82 -18.58
N CYS B 289 9.14 -30.92 -17.85
CA CYS B 289 9.21 -30.91 -16.39
C CYS B 289 8.08 -31.70 -15.76
N ALA B 290 7.44 -32.54 -16.56
CA ALA B 290 6.31 -33.30 -16.04
C ALA B 290 6.41 -34.73 -16.51
N LEU B 291 7.63 -35.14 -16.88
CA LEU B 291 7.93 -36.54 -17.24
C LEU B 291 8.02 -37.46 -15.98
N ASP B 292 9.21 -37.57 -15.38
CA ASP B 292 9.43 -38.43 -14.19
C ASP B 292 9.98 -37.65 -12.98
N PRO B 293 10.52 -38.30 -11.93
CA PRO B 293 11.03 -37.48 -10.82
C PRO B 293 12.31 -36.74 -11.12
N LEU B 294 13.23 -37.34 -11.86
CA LEU B 294 14.46 -36.62 -12.22
C LEU B 294 14.17 -35.33 -12.99
N SER B 295 13.22 -35.36 -13.91
CA SER B 295 12.93 -34.19 -14.71
C SER B 295 12.23 -33.11 -13.90
N GLU B 296 11.33 -33.51 -13.00
CA GLU B 296 10.74 -32.56 -12.09
C GLU B 296 11.77 -31.93 -11.16
N THR B 297 12.79 -32.67 -10.75
CA THR B 297 13.87 -32.08 -9.98
C THR B 297 14.67 -31.08 -10.80
N LYS B 298 15.03 -31.46 -12.03
CA LYS B 298 15.76 -30.54 -12.91
C LYS B 298 14.98 -29.25 -13.13
N CYS B 299 13.66 -29.36 -13.22
CA CYS B 299 12.83 -28.18 -13.41
C CYS B 299 12.77 -27.35 -12.15
N THR B 300 12.67 -27.99 -10.98
CA THR B 300 12.66 -27.27 -9.71
C THR B 300 13.95 -26.51 -9.47
N LEU B 301 15.10 -27.09 -9.84
CA LEU B 301 16.38 -26.42 -9.67
C LEU B 301 16.74 -25.48 -10.80
N LYS B 302 16.08 -25.59 -11.95
CA LYS B 302 16.41 -24.83 -13.17
C LYS B 302 17.84 -25.14 -13.62
N SER B 303 18.10 -26.41 -13.86
CA SER B 303 19.42 -26.83 -14.30
C SER B 303 19.31 -28.15 -15.04
N PHE B 304 20.40 -28.53 -15.67
CA PHE B 304 20.48 -29.79 -16.38
C PHE B 304 21.37 -30.80 -15.66
N THR B 305 22.07 -30.38 -14.63
CA THR B 305 22.86 -31.28 -13.79
C THR B 305 22.48 -31.04 -12.33
N VAL B 306 21.93 -32.06 -11.70
CA VAL B 306 21.65 -32.05 -10.26
C VAL B 306 22.76 -32.81 -9.55
N GLU B 307 23.30 -32.20 -8.51
CA GLU B 307 24.28 -32.85 -7.64
C GLU B 307 23.56 -33.63 -6.54
N LYS B 308 24.29 -34.56 -5.95
CA LYS B 308 23.67 -35.45 -4.97
C LYS B 308 23.06 -34.65 -3.83
N GLY B 309 21.94 -35.15 -3.33
CA GLY B 309 21.23 -34.45 -2.29
C GLY B 309 19.85 -35.04 -2.15
N ILE B 310 18.96 -34.26 -1.57
CA ILE B 310 17.55 -34.61 -1.53
C ILE B 310 16.78 -33.30 -1.69
N TYR B 311 15.81 -33.32 -2.58
CA TYR B 311 15.15 -32.11 -3.03
C TYR B 311 13.66 -32.25 -2.90
N GLN B 312 13.02 -31.22 -2.36
CA GLN B 312 11.58 -31.16 -2.31
C GLN B 312 11.07 -30.68 -3.66
N THR B 313 10.17 -31.44 -4.25
CA THR B 313 9.90 -31.27 -5.67
C THR B 313 8.45 -30.87 -5.90
N SER B 314 7.54 -31.36 -5.07
CA SER B 314 6.13 -31.01 -5.22
C SER B 314 5.32 -31.44 -4.00
N ASN B 315 4.05 -31.75 -4.22
CA ASN B 315 3.18 -32.16 -3.13
C ASN B 315 2.16 -33.20 -3.56
N PHE B 316 1.74 -34.03 -2.61
CA PHE B 316 0.75 -35.06 -2.87
C PHE B 316 -0.52 -34.73 -2.11
N ARG B 317 -1.61 -34.56 -2.83
CA ARG B 317 -2.89 -34.24 -2.20
C ARG B 317 -4.00 -35.13 -2.71
N VAL B 318 -4.48 -36.02 -1.83
CA VAL B 318 -5.56 -36.93 -2.19
C VAL B 318 -6.68 -36.12 -2.84
N GLN B 319 -7.47 -36.76 -3.68
CA GLN B 319 -8.57 -36.08 -4.35
C GLN B 319 -9.94 -36.53 -3.84
N PRO B 320 -10.86 -35.58 -3.68
CA PRO B 320 -12.20 -35.90 -3.18
C PRO B 320 -13.22 -36.06 -4.30
N THR B 321 -14.08 -37.07 -4.21
CA THR B 321 -15.10 -37.29 -5.23
C THR B 321 -16.51 -37.10 -4.68
N GLU B 322 -17.41 -36.63 -5.53
CA GLU B 322 -18.81 -36.42 -5.14
C GLU B 322 -18.96 -35.41 -4.01
N SER B 323 -20.13 -34.80 -3.94
CA SER B 323 -20.43 -33.80 -2.92
C SER B 323 -21.70 -34.18 -2.18
N ILE B 324 -21.55 -34.69 -0.96
CA ILE B 324 -22.68 -35.10 -0.16
C ILE B 324 -23.26 -33.92 0.61
N VAL B 325 -24.50 -33.56 0.29
CA VAL B 325 -25.18 -32.45 0.94
C VAL B 325 -26.20 -32.95 1.96
N ARG B 326 -25.82 -32.90 3.24
CA ARG B 326 -26.71 -33.34 4.31
C ARG B 326 -27.62 -32.22 4.75
N PHE B 327 -28.75 -32.57 5.36
CA PHE B 327 -29.71 -31.59 5.84
C PHE B 327 -30.74 -32.23 6.76
N PRO B 328 -31.73 -31.45 7.19
CA PRO B 328 -32.77 -31.95 8.08
C PRO B 328 -34.04 -32.37 7.34
N ASN B 329 -34.94 -33.07 8.04
CA ASN B 329 -36.18 -33.52 7.44
C ASN B 329 -36.85 -32.44 6.60
N ILE B 330 -37.79 -31.71 7.20
CA ILE B 330 -38.50 -30.64 6.52
C ILE B 330 -39.25 -31.18 5.30
N THR B 331 -40.16 -30.37 4.77
CA THR B 331 -40.95 -30.76 3.62
C THR B 331 -42.04 -29.74 3.32
N ASN B 332 -42.14 -28.72 4.17
CA ASN B 332 -43.14 -27.68 4.01
C ASN B 332 -42.83 -26.76 2.82
N LEU B 333 -43.87 -26.12 2.29
CA LEU B 333 -43.71 -25.22 1.15
C LEU B 333 -43.37 -23.81 1.61
N CYS B 334 -43.66 -23.52 2.88
CA CYS B 334 -43.39 -22.20 3.44
C CYS B 334 -43.97 -21.06 2.62
N PRO B 335 -45.27 -20.84 2.69
CA PRO B 335 -45.88 -19.80 1.84
C PRO B 335 -45.58 -18.40 2.37
N PHE B 336 -45.41 -17.47 1.43
CA PHE B 336 -45.27 -16.06 1.71
C PHE B 336 -46.43 -15.26 1.14
N GLY B 337 -47.57 -15.93 0.95
CA GLY B 337 -48.77 -15.23 0.53
C GLY B 337 -49.28 -14.25 1.56
N GLU B 338 -48.91 -14.41 2.81
CA GLU B 338 -49.17 -13.42 3.84
C GLU B 338 -48.09 -12.36 3.88
N VAL B 339 -47.13 -12.40 2.97
CA VAL B 339 -46.14 -11.34 2.81
C VAL B 339 -46.46 -10.49 1.60
N PHE B 340 -46.44 -11.09 0.42
CA PHE B 340 -46.67 -10.34 -0.81
C PHE B 340 -48.15 -10.25 -1.15
N ASN B 341 -48.85 -11.38 -1.14
CA ASN B 341 -50.21 -11.49 -1.66
C ASN B 341 -51.26 -11.07 -0.64
N ALA B 342 -50.92 -10.21 0.31
CA ALA B 342 -51.87 -9.75 1.31
C ALA B 342 -52.89 -8.81 0.67
N THR B 343 -53.97 -8.54 1.43
CA THR B 343 -55.00 -7.66 0.91
C THR B 343 -54.61 -6.19 1.04
N ARG B 344 -53.75 -5.86 1.99
CA ARG B 344 -53.23 -4.50 2.13
C ARG B 344 -51.91 -4.57 2.87
N PHE B 345 -50.99 -3.69 2.49
CA PHE B 345 -49.74 -3.53 3.23
C PHE B 345 -49.97 -2.58 4.40
N ALA B 346 -48.91 -2.10 5.01
CA ALA B 346 -49.02 -1.18 6.12
C ALA B 346 -48.40 0.17 5.77
N SER B 347 -48.61 1.14 6.64
CA SER B 347 -47.96 2.42 6.52
C SER B 347 -46.54 2.33 7.08
N VAL B 348 -45.69 3.27 6.70
CA VAL B 348 -44.27 3.10 7.00
C VAL B 348 -43.92 3.48 8.43
N TYR B 349 -44.74 4.28 9.12
CA TYR B 349 -44.44 4.59 10.51
C TYR B 349 -44.60 3.37 11.40
N ALA B 350 -45.51 2.47 11.04
CA ALA B 350 -45.72 1.21 11.74
C ALA B 350 -45.63 0.13 10.68
N TRP B 351 -44.41 -0.29 10.38
CA TRP B 351 -44.18 -1.32 9.39
C TRP B 351 -44.44 -2.69 9.99
N ASN B 352 -45.06 -3.56 9.21
CA ASN B 352 -45.34 -4.89 9.71
C ASN B 352 -44.07 -5.73 9.69
N ARG B 353 -44.14 -6.91 10.30
CA ARG B 353 -43.00 -7.82 10.33
C ARG B 353 -43.48 -9.25 10.47
N LYS B 354 -42.73 -10.18 9.87
CA LYS B 354 -43.07 -11.60 9.99
C LYS B 354 -41.80 -12.43 9.92
N ARG B 355 -41.63 -13.32 10.88
CA ARG B 355 -40.47 -14.21 10.91
C ARG B 355 -40.79 -15.51 10.17
N ILE B 356 -39.76 -16.30 9.93
CA ILE B 356 -39.90 -17.58 9.23
C ILE B 356 -39.38 -18.69 10.14
N SER B 357 -40.11 -19.81 10.15
CA SER B 357 -39.83 -21.01 10.93
C SER B 357 -39.50 -22.13 9.93
N ASN B 358 -39.59 -23.39 10.39
CA ASN B 358 -39.30 -24.56 9.55
C ASN B 358 -40.10 -24.52 8.25
N CYS B 359 -39.38 -24.59 7.14
CA CYS B 359 -39.92 -24.21 5.85
C CYS B 359 -39.13 -24.90 4.77
N VAL B 360 -39.59 -24.75 3.53
CA VAL B 360 -38.78 -24.87 2.34
C VAL B 360 -39.07 -23.63 1.51
N ALA B 361 -38.18 -22.64 1.58
CA ALA B 361 -38.40 -21.34 0.97
C ALA B 361 -37.76 -21.29 -0.41
N ASP B 362 -38.59 -21.13 -1.45
CA ASP B 362 -38.06 -20.94 -2.79
C ASP B 362 -37.67 -19.49 -3.01
N TYR B 363 -36.65 -19.27 -3.83
CA TYR B 363 -36.20 -17.92 -4.11
C TYR B 363 -35.98 -17.63 -5.59
N SER B 364 -35.77 -18.64 -6.42
CA SER B 364 -35.64 -18.38 -7.84
C SER B 364 -36.98 -17.99 -8.45
N VAL B 365 -38.07 -18.64 -8.00
CA VAL B 365 -39.38 -18.40 -8.57
C VAL B 365 -39.93 -17.04 -8.16
N LEU B 366 -39.37 -16.43 -7.12
CA LEU B 366 -39.76 -15.07 -6.78
C LEU B 366 -39.06 -14.06 -7.66
N TYR B 367 -37.86 -14.37 -8.13
CA TYR B 367 -37.06 -13.38 -8.84
C TYR B 367 -37.45 -13.28 -10.30
N ASN B 368 -37.77 -14.39 -10.95
CA ASN B 368 -37.91 -14.42 -12.40
C ASN B 368 -39.28 -13.99 -12.89
N SER B 369 -40.10 -13.37 -12.04
CA SER B 369 -41.40 -12.90 -12.48
C SER B 369 -41.32 -11.66 -13.35
N ALA B 370 -40.19 -10.93 -13.28
CA ALA B 370 -39.85 -9.82 -14.18
C ALA B 370 -40.88 -8.70 -14.13
N SER B 371 -41.21 -8.27 -12.92
CA SER B 371 -42.10 -7.14 -12.75
C SER B 371 -41.65 -6.23 -11.61
N PHE B 372 -40.41 -6.32 -11.19
CA PHE B 372 -39.97 -5.71 -9.95
C PHE B 372 -39.17 -4.46 -10.24
N SER B 373 -39.53 -3.37 -9.55
CA SER B 373 -38.83 -2.11 -9.74
C SER B 373 -37.43 -2.19 -9.17
N THR B 374 -37.26 -2.76 -7.99
CA THR B 374 -35.95 -2.85 -7.36
C THR B 374 -35.82 -4.23 -6.74
N PHE B 375 -34.81 -4.98 -7.16
CA PHE B 375 -34.42 -6.24 -6.55
C PHE B 375 -32.94 -6.10 -6.27
N LYS B 376 -32.59 -5.65 -5.08
CA LYS B 376 -31.19 -5.41 -4.75
C LYS B 376 -30.78 -6.26 -3.56
N CYS B 377 -29.91 -7.23 -3.80
CA CYS B 377 -29.35 -8.06 -2.76
C CYS B 377 -27.97 -7.55 -2.40
N TYR B 378 -27.69 -7.46 -1.11
CA TYR B 378 -26.54 -6.72 -0.63
C TYR B 378 -25.46 -7.62 -0.05
N GLY B 379 -25.79 -8.41 0.95
CA GLY B 379 -24.81 -9.29 1.53
C GLY B 379 -24.74 -10.64 0.89
N VAL B 380 -25.62 -10.92 -0.07
CA VAL B 380 -25.67 -12.22 -0.72
C VAL B 380 -25.89 -12.00 -2.21
N SER B 381 -25.47 -12.98 -3.00
CA SER B 381 -25.80 -12.92 -4.41
C SER B 381 -27.20 -13.50 -4.64
N PRO B 382 -27.95 -12.99 -5.62
CA PRO B 382 -29.31 -13.51 -5.85
C PRO B 382 -29.36 -14.91 -6.42
N THR B 383 -28.23 -15.50 -6.80
CA THR B 383 -28.18 -16.85 -7.34
C THR B 383 -27.79 -17.89 -6.30
N LYS B 384 -27.36 -17.54 -5.09
CA LYS B 384 -27.02 -18.58 -4.07
C LYS B 384 -28.09 -19.02 -3.02
N LEU B 385 -29.17 -18.24 -2.96
CA LEU B 385 -30.25 -18.50 -2.03
C LEU B 385 -30.77 -19.91 -2.18
N ASN B 386 -31.05 -20.29 -3.41
CA ASN B 386 -31.57 -21.63 -3.69
C ASN B 386 -30.73 -22.76 -3.11
N ASP B 387 -29.76 -22.43 -2.28
CA ASP B 387 -28.94 -23.47 -1.71
C ASP B 387 -28.40 -23.23 -0.32
N LEU B 388 -28.36 -21.99 0.16
CA LEU B 388 -27.84 -21.80 1.54
C LEU B 388 -28.86 -21.80 2.72
N CYS B 389 -28.77 -22.75 3.67
CA CYS B 389 -29.68 -22.70 4.79
C CYS B 389 -29.50 -21.40 5.56
N PHE B 390 -30.52 -21.04 6.32
CA PHE B 390 -30.53 -19.86 7.17
C PHE B 390 -30.80 -20.28 8.60
N THR B 391 -30.82 -19.30 9.51
CA THR B 391 -31.31 -19.55 10.85
C THR B 391 -32.47 -18.66 11.26
N ASN B 392 -32.52 -17.40 10.83
CA ASN B 392 -33.82 -16.73 10.88
C ASN B 392 -33.94 -15.77 9.71
N VAL B 393 -35.16 -15.73 9.15
CA VAL B 393 -35.54 -14.84 8.06
C VAL B 393 -36.66 -13.94 8.55
N TYR B 394 -36.52 -12.65 8.32
CA TYR B 394 -37.53 -11.66 8.67
C TYR B 394 -37.94 -10.89 7.43
N ALA B 395 -39.24 -10.63 7.31
CA ALA B 395 -39.79 -9.82 6.24
C ALA B 395 -40.46 -8.60 6.83
N ASP B 396 -40.03 -7.42 6.38
CA ASP B 396 -40.73 -6.16 6.61
C ASP B 396 -41.50 -5.78 5.35
N SER B 397 -42.58 -5.02 5.51
CA SER B 397 -43.41 -4.70 4.35
C SER B 397 -44.21 -3.45 4.62
N PHE B 398 -44.21 -2.52 3.66
CA PHE B 398 -44.96 -1.28 3.80
C PHE B 398 -45.18 -0.66 2.41
N VAL B 399 -45.72 0.56 2.41
CA VAL B 399 -45.91 1.37 1.21
C VAL B 399 -45.18 2.69 1.39
N ILE B 400 -44.34 3.04 0.42
CA ILE B 400 -43.71 4.36 0.37
C ILE B 400 -43.82 4.89 -1.05
N ARG B 401 -43.51 6.16 -1.20
CA ARG B 401 -43.64 6.79 -2.51
C ARG B 401 -42.46 6.41 -3.40
N GLY B 402 -42.49 6.91 -4.64
CA GLY B 402 -41.54 6.43 -5.63
C GLY B 402 -40.16 7.05 -5.51
N ASP B 403 -40.09 8.31 -5.11
CA ASP B 403 -38.83 9.02 -5.03
C ASP B 403 -38.08 8.76 -3.73
N GLU B 404 -38.49 7.77 -2.94
CA GLU B 404 -37.76 7.39 -1.74
C GLU B 404 -37.45 5.91 -1.68
N VAL B 405 -37.50 5.20 -2.81
CA VAL B 405 -37.15 3.80 -2.77
C VAL B 405 -35.64 3.63 -2.63
N ARG B 406 -34.87 4.63 -3.07
CA ARG B 406 -33.44 4.60 -2.83
C ARG B 406 -33.10 4.76 -1.36
N GLN B 407 -34.00 5.32 -0.55
CA GLN B 407 -33.75 5.53 0.86
C GLN B 407 -33.72 4.23 1.64
N ILE B 408 -34.28 3.15 1.09
CA ILE B 408 -34.24 1.85 1.77
C ILE B 408 -32.96 1.18 1.32
N ALA B 409 -31.86 1.59 1.95
CA ALA B 409 -30.53 1.09 1.66
C ALA B 409 -29.65 1.44 2.85
N PRO B 410 -28.68 0.59 3.19
CA PRO B 410 -27.88 0.85 4.40
C PRO B 410 -26.97 2.06 4.26
N GLY B 411 -27.33 3.14 4.93
CA GLY B 411 -26.55 4.36 4.89
C GLY B 411 -27.12 5.43 3.99
N GLN B 412 -28.42 5.66 4.07
CA GLN B 412 -29.08 6.75 3.38
C GLN B 412 -29.43 7.85 4.36
N THR B 413 -30.13 8.87 3.87
CA THR B 413 -30.57 9.99 4.69
C THR B 413 -31.85 10.55 4.10
N GLY B 414 -32.82 10.83 4.96
CA GLY B 414 -34.13 11.30 4.55
C GLY B 414 -35.19 10.80 5.50
N LYS B 415 -36.40 11.34 5.30
CA LYS B 415 -37.50 11.11 6.23
C LYS B 415 -37.97 9.67 6.27
N ILE B 416 -37.59 8.85 5.32
CA ILE B 416 -37.92 7.43 5.40
C ILE B 416 -36.83 6.65 6.10
N ALA B 417 -35.56 7.05 5.98
CA ALA B 417 -34.51 6.28 6.61
C ALA B 417 -33.96 6.89 7.89
N ASP B 418 -34.14 8.19 8.10
CA ASP B 418 -33.66 8.77 9.35
C ASP B 418 -34.53 8.34 10.51
N TYR B 419 -35.84 8.47 10.36
CA TYR B 419 -36.76 8.09 11.41
C TYR B 419 -38.05 7.49 10.86
N ASN B 420 -37.94 6.63 9.90
CA ASN B 420 -39.07 5.76 9.67
C ASN B 420 -38.66 4.31 9.49
N TYR B 421 -37.51 4.04 8.87
CA TYR B 421 -37.04 2.67 8.69
C TYR B 421 -35.54 2.71 8.45
N LYS B 422 -34.76 2.45 9.50
CA LYS B 422 -33.31 2.55 9.43
C LYS B 422 -32.71 1.18 9.15
N LEU B 423 -31.85 1.11 8.13
CA LEU B 423 -31.24 -0.21 7.96
C LEU B 423 -29.86 -0.24 8.59
N PRO B 424 -29.50 -1.34 9.25
CA PRO B 424 -28.15 -1.46 9.79
C PRO B 424 -27.13 -1.73 8.70
N ASP B 425 -25.89 -1.35 8.97
CA ASP B 425 -24.88 -1.32 7.92
C ASP B 425 -24.42 -2.72 7.53
N ASP B 426 -24.52 -3.67 8.46
CA ASP B 426 -24.05 -5.04 8.22
C ASP B 426 -25.16 -5.93 7.65
N PHE B 427 -26.09 -5.32 6.92
CA PHE B 427 -27.26 -5.98 6.37
C PHE B 427 -26.86 -7.08 5.39
N THR B 428 -27.71 -8.08 5.26
CA THR B 428 -27.42 -9.20 4.38
C THR B 428 -28.61 -9.70 3.60
N GLY B 429 -29.76 -9.04 3.68
CA GLY B 429 -30.95 -9.48 2.97
C GLY B 429 -31.07 -8.82 1.61
N CYS B 430 -32.30 -8.75 1.13
CA CYS B 430 -32.58 -8.20 -0.19
C CYS B 430 -33.79 -7.28 -0.12
N VAL B 431 -33.66 -6.12 -0.76
CA VAL B 431 -34.76 -5.17 -0.85
C VAL B 431 -35.48 -5.42 -2.16
N ILE B 432 -36.79 -5.69 -2.08
CA ILE B 432 -37.63 -5.89 -3.24
C ILE B 432 -38.71 -4.83 -3.17
N ALA B 433 -39.00 -4.21 -4.32
CA ALA B 433 -39.99 -3.15 -4.35
C ALA B 433 -40.60 -3.08 -5.74
N TRP B 434 -41.90 -2.80 -5.79
CA TRP B 434 -42.54 -2.66 -7.09
C TRP B 434 -43.64 -1.61 -7.03
N ASN B 435 -43.90 -1.01 -8.19
CA ASN B 435 -44.92 0.02 -8.29
C ASN B 435 -46.30 -0.56 -8.12
N SER B 436 -47.13 0.11 -7.31
CA SER B 436 -48.49 -0.30 -7.05
C SER B 436 -49.43 0.87 -7.22
N ASN B 437 -49.37 1.50 -8.39
CA ASN B 437 -50.29 2.57 -8.72
C ASN B 437 -51.69 2.08 -9.10
N ASN B 438 -51.90 0.77 -9.20
CA ASN B 438 -53.21 0.27 -9.57
C ASN B 438 -53.92 -0.46 -8.43
N LEU B 439 -53.34 -0.49 -7.24
CA LEU B 439 -54.04 -0.96 -6.04
C LEU B 439 -54.18 0.13 -5.01
N ASP B 440 -53.08 0.75 -4.59
CA ASP B 440 -53.10 1.71 -3.50
C ASP B 440 -53.35 3.12 -3.98
N SER B 441 -54.06 3.30 -5.08
CA SER B 441 -54.33 4.62 -5.60
C SER B 441 -55.81 4.78 -5.86
N LYS B 442 -56.28 6.01 -5.67
CA LYS B 442 -57.69 6.33 -5.81
C LYS B 442 -57.83 7.78 -6.25
N VAL B 443 -58.76 8.05 -7.16
CA VAL B 443 -59.05 9.42 -7.54
C VAL B 443 -59.72 10.10 -6.37
N GLY B 444 -59.41 11.38 -6.16
CA GLY B 444 -59.76 12.06 -4.93
C GLY B 444 -58.81 11.79 -3.78
N GLY B 445 -58.05 10.70 -3.84
CA GLY B 445 -57.05 10.41 -2.83
C GLY B 445 -57.32 9.17 -2.04
N ASN B 446 -56.26 8.53 -1.57
CA ASN B 446 -56.33 7.39 -0.67
C ASN B 446 -55.36 7.67 0.47
N TYR B 447 -55.90 8.02 1.63
CA TYR B 447 -55.14 8.61 2.72
C TYR B 447 -54.90 7.66 3.88
N ASN B 448 -54.86 6.35 3.61
CA ASN B 448 -54.56 5.41 4.66
C ASN B 448 -53.10 5.47 5.07
N TYR B 449 -52.24 5.95 4.18
CA TYR B 449 -50.80 5.73 4.26
C TYR B 449 -50.12 6.99 4.74
N ARG B 450 -49.90 7.09 6.03
CA ARG B 450 -49.19 8.23 6.56
C ARG B 450 -47.72 7.89 6.74
N TYR B 451 -46.96 8.87 7.22
CA TYR B 451 -45.55 8.72 7.49
C TYR B 451 -45.12 9.84 8.42
N ARG B 452 -44.17 9.53 9.28
CA ARG B 452 -43.60 10.53 10.16
C ARG B 452 -42.83 11.51 9.33
N LEU B 453 -43.05 12.80 9.55
CA LEU B 453 -42.25 13.79 8.87
C LEU B 453 -41.45 14.63 9.81
N PHE B 454 -41.52 14.36 11.11
CA PHE B 454 -40.82 15.16 12.09
C PHE B 454 -40.47 14.26 13.27
N ARG B 455 -39.21 14.27 13.71
CA ARG B 455 -38.87 13.52 14.91
C ARG B 455 -37.74 14.22 15.66
N LYS B 456 -37.21 13.56 16.68
CA LYS B 456 -36.13 14.14 17.47
C LYS B 456 -34.77 13.80 16.89
N SER B 457 -34.15 12.75 17.43
CA SER B 457 -32.83 12.32 16.96
C SER B 457 -32.95 11.23 15.91
N ASN B 458 -31.81 10.69 15.50
CA ASN B 458 -31.76 9.64 14.49
C ASN B 458 -32.20 8.28 15.04
N LEU B 459 -33.27 7.73 14.48
CA LEU B 459 -33.79 6.45 14.92
C LEU B 459 -32.81 5.32 14.59
N LYS B 460 -32.63 4.40 15.55
CA LYS B 460 -31.72 3.27 15.40
C LYS B 460 -32.31 2.23 14.45
N PRO B 461 -31.50 1.26 13.99
CA PRO B 461 -32.04 0.23 13.10
C PRO B 461 -33.04 -0.71 13.76
N PHE B 462 -34.11 -0.99 13.01
CA PHE B 462 -35.06 -2.07 13.26
C PHE B 462 -35.87 -1.89 14.55
N GLU B 463 -36.17 -0.65 14.94
CA GLU B 463 -37.24 -0.38 15.87
C GLU B 463 -38.18 0.64 15.27
N ARG B 464 -39.29 0.88 15.95
CA ARG B 464 -40.32 1.77 15.45
C ARG B 464 -40.82 2.64 16.58
N ASP B 465 -41.67 3.61 16.23
CA ASP B 465 -42.31 4.46 17.22
C ASP B 465 -43.73 4.78 16.76
N ILE B 466 -44.70 4.55 17.64
CA ILE B 466 -46.10 4.88 17.38
C ILE B 466 -46.52 5.87 18.45
N SER B 467 -45.58 6.67 18.96
CA SER B 467 -45.87 7.64 20.01
C SER B 467 -46.44 8.90 19.41
N THR B 468 -47.66 8.77 18.91
CA THR B 468 -48.37 9.87 18.29
C THR B 468 -48.67 10.88 19.37
N GLU B 469 -47.88 11.96 19.42
CA GLU B 469 -48.12 13.06 20.34
C GLU B 469 -48.10 14.38 19.59
N ILE B 470 -47.99 15.49 20.32
CA ILE B 470 -47.69 16.74 19.66
C ILE B 470 -46.22 16.75 19.22
N TYR B 471 -45.88 17.69 18.37
CA TYR B 471 -44.49 18.06 18.15
C TYR B 471 -44.28 19.47 18.67
N GLN B 472 -43.11 19.65 19.27
CA GLN B 472 -42.60 20.89 19.87
C GLN B 472 -41.53 21.50 18.98
N ALA B 473 -41.61 22.81 18.76
CA ALA B 473 -40.69 23.46 17.82
C ALA B 473 -39.42 24.00 18.46
N GLY B 474 -39.53 24.96 19.37
CA GLY B 474 -38.40 25.69 19.86
C GLY B 474 -38.44 25.97 21.35
N SER B 475 -38.03 27.20 21.70
CA SER B 475 -37.93 27.63 23.08
C SER B 475 -39.28 28.01 23.68
N LYS B 476 -40.35 28.01 22.89
CA LYS B 476 -41.66 28.22 23.46
C LYS B 476 -42.12 26.95 24.17
N PRO B 477 -42.81 27.07 25.29
CA PRO B 477 -43.64 25.96 25.74
C PRO B 477 -44.97 25.98 25.01
N CYS B 478 -45.14 25.11 24.02
CA CYS B 478 -46.47 24.78 23.51
C CYS B 478 -46.96 23.51 24.20
N ASN B 479 -46.29 22.40 23.93
CA ASN B 479 -46.53 21.09 24.54
C ASN B 479 -48.00 20.71 24.44
N GLY B 480 -48.43 20.50 23.21
CA GLY B 480 -49.78 20.11 23.02
C GLY B 480 -50.61 21.35 23.05
N VAL B 481 -50.40 22.24 22.09
CA VAL B 481 -51.35 23.21 21.64
C VAL B 481 -51.13 23.05 20.15
N GLU B 482 -51.48 24.00 19.32
CA GLU B 482 -51.11 23.95 17.92
C GLU B 482 -50.71 25.32 17.40
N GLY B 483 -50.91 25.54 16.10
CA GLY B 483 -51.10 26.87 15.56
C GLY B 483 -49.87 27.75 15.55
N PHE B 484 -49.34 28.05 16.74
CA PHE B 484 -48.06 28.72 16.87
C PHE B 484 -46.92 27.69 16.86
N ASN B 485 -46.76 27.10 15.67
CA ASN B 485 -45.63 26.26 15.29
C ASN B 485 -45.54 24.97 16.11
N CYS B 486 -46.71 24.42 16.43
CA CYS B 486 -46.81 23.14 17.10
C CYS B 486 -47.12 22.21 15.94
N TYR B 487 -47.28 20.90 16.17
CA TYR B 487 -47.56 20.02 15.04
C TYR B 487 -48.23 18.73 15.48
N PHE B 488 -48.68 17.95 14.50
CA PHE B 488 -48.82 16.50 14.65
C PHE B 488 -47.94 15.84 13.62
N PRO B 489 -46.90 15.15 14.01
CA PRO B 489 -45.82 14.84 13.08
C PRO B 489 -46.04 13.64 12.16
N LEU B 490 -47.27 13.28 11.85
CA LEU B 490 -47.52 12.18 10.92
C LEU B 490 -48.46 12.62 9.80
N GLN B 491 -47.88 12.87 8.63
CA GLN B 491 -48.63 13.38 7.50
C GLN B 491 -49.05 12.22 6.60
N SER B 492 -50.28 12.29 6.12
CA SER B 492 -50.77 11.27 5.19
C SER B 492 -50.19 11.49 3.79
N TYR B 493 -50.28 10.44 2.98
CA TYR B 493 -49.93 10.53 1.58
C TYR B 493 -51.16 10.85 0.75
N GLY B 494 -50.95 11.47 -0.39
CA GLY B 494 -52.00 11.62 -1.37
C GLY B 494 -51.69 10.79 -2.59
N PHE B 495 -52.44 9.71 -2.81
CA PHE B 495 -52.14 8.77 -3.91
C PHE B 495 -53.34 8.73 -4.85
N GLN B 496 -53.23 9.46 -5.95
CA GLN B 496 -54.15 9.39 -7.06
C GLN B 496 -53.41 8.86 -8.27
N PRO B 497 -54.09 8.19 -9.19
CA PRO B 497 -53.40 7.74 -10.42
C PRO B 497 -53.01 8.88 -11.33
N THR B 498 -53.64 10.05 -11.20
CA THR B 498 -53.29 11.22 -12.00
C THR B 498 -52.14 12.01 -11.37
N ASN B 499 -51.10 11.30 -10.97
CA ASN B 499 -49.92 11.89 -10.37
C ASN B 499 -48.70 11.23 -11.00
N GLY B 500 -47.67 12.04 -11.23
CA GLY B 500 -46.52 11.55 -11.97
C GLY B 500 -45.76 10.49 -11.19
N VAL B 501 -45.03 9.65 -11.92
CA VAL B 501 -44.29 8.57 -11.30
C VAL B 501 -43.16 9.18 -10.47
N GLY B 502 -42.79 8.49 -9.41
CA GLY B 502 -42.02 9.10 -8.36
C GLY B 502 -42.88 9.69 -7.27
N TYR B 503 -44.15 9.97 -7.57
CA TYR B 503 -45.11 10.38 -6.55
C TYR B 503 -46.24 9.37 -6.44
N GLN B 504 -45.99 8.14 -6.78
CA GLN B 504 -46.93 7.05 -6.84
C GLN B 504 -46.64 6.02 -5.77
N PRO B 505 -47.64 5.26 -5.32
CA PRO B 505 -47.40 4.27 -4.27
C PRO B 505 -46.56 3.09 -4.75
N TYR B 506 -45.56 2.76 -3.96
CA TYR B 506 -44.69 1.61 -4.17
C TYR B 506 -44.78 0.69 -2.97
N ARG B 507 -44.93 -0.60 -3.24
CA ARG B 507 -44.96 -1.60 -2.20
C ARG B 507 -43.56 -2.16 -2.02
N VAL B 508 -43.09 -2.18 -0.77
CA VAL B 508 -41.72 -2.51 -0.42
C VAL B 508 -41.72 -3.69 0.54
N VAL B 509 -40.95 -4.72 0.19
CA VAL B 509 -40.74 -5.90 1.01
C VAL B 509 -39.24 -6.03 1.22
N VAL B 510 -38.81 -6.04 2.48
CA VAL B 510 -37.40 -6.11 2.83
C VAL B 510 -37.15 -7.44 3.53
N LEU B 511 -36.21 -8.23 3.01
CA LEU B 511 -35.84 -9.49 3.60
C LEU B 511 -34.52 -9.36 4.34
N SER B 512 -34.46 -9.90 5.55
CA SER B 512 -33.24 -9.87 6.35
C SER B 512 -32.97 -11.25 6.92
N PHE B 513 -31.72 -11.69 6.85
CA PHE B 513 -31.34 -13.02 7.30
C PHE B 513 -30.37 -12.95 8.44
N GLU B 514 -30.25 -14.05 9.18
CA GLU B 514 -29.23 -14.17 10.20
C GLU B 514 -28.87 -15.64 10.38
N LEU B 515 -27.57 -15.88 10.67
CA LEU B 515 -27.01 -17.23 10.75
C LEU B 515 -25.95 -17.27 11.85
N LEU B 516 -26.31 -17.85 13.00
CA LEU B 516 -25.43 -17.98 14.14
C LEU B 516 -25.16 -19.44 14.54
N HIS B 517 -26.18 -20.16 14.99
CA HIS B 517 -26.00 -21.55 15.40
C HIS B 517 -27.22 -22.46 15.43
N ALA B 518 -28.29 -22.07 14.76
CA ALA B 518 -29.47 -22.93 14.76
C ALA B 518 -29.24 -24.12 13.84
N PRO B 519 -29.29 -25.35 14.36
CA PRO B 519 -28.80 -26.50 13.60
C PRO B 519 -29.76 -27.01 12.53
N ALA B 520 -31.01 -26.56 12.52
CA ALA B 520 -31.99 -27.03 11.54
C ALA B 520 -33.05 -25.95 11.37
N THR B 521 -32.94 -25.18 10.30
CA THR B 521 -33.90 -24.10 10.03
C THR B 521 -34.07 -24.08 8.52
N VAL B 522 -34.55 -22.95 7.99
CA VAL B 522 -35.10 -22.87 6.65
C VAL B 522 -33.99 -22.98 5.61
N CYS B 523 -34.21 -23.84 4.61
CA CYS B 523 -33.31 -23.99 3.48
C CYS B 523 -34.14 -24.01 2.20
N GLY B 524 -33.49 -23.74 1.08
CA GLY B 524 -34.15 -23.76 -0.21
C GLY B 524 -34.33 -25.21 -0.62
N PRO B 525 -34.57 -25.44 -1.95
CA PRO B 525 -34.72 -26.87 -2.31
C PRO B 525 -33.39 -27.39 -2.81
N LYS B 526 -32.90 -28.52 -2.28
CA LYS B 526 -31.62 -29.03 -2.75
C LYS B 526 -31.43 -30.55 -2.68
N LYS B 527 -32.45 -31.28 -2.25
CA LYS B 527 -32.33 -32.73 -2.16
C LYS B 527 -31.45 -33.14 -0.98
N SER B 528 -30.79 -34.29 -1.12
CA SER B 528 -29.91 -34.81 -0.09
C SER B 528 -29.58 -36.26 -0.41
N THR B 529 -28.30 -36.62 -0.31
CA THR B 529 -27.86 -37.97 -0.64
C THR B 529 -27.53 -38.87 0.55
N ASN B 530 -26.79 -39.94 0.25
CA ASN B 530 -26.38 -40.90 1.27
C ASN B 530 -25.00 -40.56 1.79
N LEU B 531 -24.80 -40.73 3.09
CA LEU B 531 -23.53 -40.42 3.74
C LEU B 531 -22.48 -41.50 3.53
N VAL B 532 -21.26 -41.13 3.11
CA VAL B 532 -20.26 -42.16 2.95
C VAL B 532 -19.22 -42.00 4.05
N LYS B 533 -18.37 -42.99 4.23
CA LYS B 533 -17.36 -42.91 5.27
C LYS B 533 -16.04 -43.45 4.75
N ASN B 534 -14.97 -43.08 5.43
CA ASN B 534 -13.61 -43.56 5.19
C ASN B 534 -13.10 -43.23 3.81
N LYS B 535 -13.54 -42.10 3.24
CA LYS B 535 -13.05 -41.64 1.95
C LYS B 535 -12.98 -40.12 1.98
N CYS B 536 -11.88 -39.56 1.47
CA CYS B 536 -11.78 -38.12 1.38
C CYS B 536 -12.92 -37.63 0.50
N VAL B 537 -13.80 -36.82 1.08
CA VAL B 537 -15.07 -36.46 0.47
C VAL B 537 -15.28 -34.97 0.64
N ASN B 538 -16.18 -34.44 -0.15
CA ASN B 538 -16.57 -33.03 -0.10
C ASN B 538 -17.98 -33.01 0.47
N PHE B 539 -18.13 -32.48 1.68
CA PHE B 539 -19.38 -32.64 2.41
C PHE B 539 -20.02 -31.29 2.73
N ASN B 540 -21.33 -31.35 2.96
CA ASN B 540 -22.12 -30.22 3.43
C ASN B 540 -23.14 -30.77 4.42
N PHE B 541 -23.04 -30.33 5.67
CA PHE B 541 -23.96 -30.72 6.75
C PHE B 541 -24.77 -29.50 7.15
N ASN B 542 -25.96 -29.37 6.56
CA ASN B 542 -26.90 -28.27 6.74
C ASN B 542 -26.21 -26.94 6.94
N GLY B 543 -25.24 -26.61 6.09
CA GLY B 543 -24.57 -25.34 6.19
C GLY B 543 -23.08 -25.46 6.34
N LEU B 544 -22.62 -26.44 7.11
CA LEU B 544 -21.19 -26.70 7.30
C LEU B 544 -20.62 -27.26 6.01
N THR B 545 -19.78 -26.49 5.34
CA THR B 545 -19.15 -26.94 4.11
C THR B 545 -17.71 -27.32 4.42
N GLY B 546 -17.29 -28.52 4.00
CA GLY B 546 -15.91 -28.91 4.23
C GLY B 546 -15.42 -30.06 3.39
N THR B 547 -14.20 -30.52 3.68
CA THR B 547 -13.59 -31.64 2.97
C THR B 547 -12.89 -32.53 3.99
N GLY B 548 -12.91 -33.83 3.75
CA GLY B 548 -12.16 -34.73 4.61
C GLY B 548 -12.78 -36.10 4.64
N VAL B 549 -12.15 -36.95 5.44
CA VAL B 549 -12.61 -38.29 5.74
C VAL B 549 -13.55 -38.21 6.94
N LEU B 550 -14.67 -38.94 6.84
CA LEU B 550 -15.67 -39.01 7.90
C LEU B 550 -15.54 -40.35 8.59
N THR B 551 -15.63 -40.37 9.90
CA THR B 551 -15.45 -41.60 10.65
C THR B 551 -16.42 -41.67 11.82
N GLU B 552 -16.83 -42.88 12.18
CA GLU B 552 -17.70 -43.08 13.33
C GLU B 552 -17.03 -42.60 14.60
N SER B 553 -17.77 -41.86 15.41
CA SER B 553 -17.19 -41.25 16.60
C SER B 553 -17.49 -42.08 17.85
N ASN B 554 -16.93 -41.62 18.96
CA ASN B 554 -17.29 -42.16 20.26
C ASN B 554 -17.37 -41.05 21.30
N LYS B 555 -17.51 -39.81 20.85
CA LYS B 555 -17.61 -38.66 21.74
C LYS B 555 -19.08 -38.35 22.01
N LYS B 556 -19.47 -38.47 23.28
CA LYS B 556 -20.86 -38.23 23.68
C LYS B 556 -21.33 -36.78 23.53
N PHE B 557 -21.77 -36.42 22.33
CA PHE B 557 -22.27 -35.08 22.06
C PHE B 557 -23.51 -34.85 22.91
N LEU B 558 -23.38 -34.06 23.96
CA LEU B 558 -24.50 -33.77 24.84
C LEU B 558 -25.78 -33.47 24.07
N PRO B 559 -26.92 -34.13 24.52
CA PRO B 559 -28.13 -33.85 23.74
C PRO B 559 -28.50 -32.37 23.63
N PHE B 560 -27.76 -31.63 22.80
CA PHE B 560 -28.00 -30.21 22.57
C PHE B 560 -26.79 -29.57 21.90
N GLN B 561 -25.76 -30.36 21.66
CA GLN B 561 -24.54 -29.88 21.02
C GLN B 561 -24.57 -30.20 19.53
N GLN B 562 -24.66 -29.17 18.71
CA GLN B 562 -24.72 -29.34 17.26
C GLN B 562 -23.44 -29.96 16.68
N PHE B 563 -22.27 -29.42 17.06
CA PHE B 563 -20.95 -29.89 16.57
C PHE B 563 -19.77 -29.89 17.60
N GLY B 564 -18.57 -30.32 17.18
CA GLY B 564 -17.36 -30.39 18.02
C GLY B 564 -16.36 -29.27 17.67
N ARG B 565 -15.89 -28.50 18.67
CA ARG B 565 -14.92 -27.40 18.42
C ARG B 565 -13.51 -27.82 18.98
N ASP B 566 -12.45 -27.63 18.18
CA ASP B 566 -11.07 -27.98 18.57
C ASP B 566 -10.18 -26.72 18.84
N ILE B 567 -9.23 -26.82 19.79
CA ILE B 567 -8.44 -25.67 20.18
C ILE B 567 -7.75 -25.20 18.92
N ALA B 568 -7.69 -23.89 18.72
CA ALA B 568 -7.32 -23.23 17.46
C ALA B 568 -8.50 -23.21 16.50
N ASP B 569 -9.67 -23.67 16.97
CA ASP B 569 -10.95 -23.39 16.32
C ASP B 569 -11.09 -23.96 14.91
N THR B 570 -11.01 -25.28 14.77
CA THR B 570 -11.33 -25.93 13.50
C THR B 570 -12.37 -27.01 13.75
N THR B 571 -13.36 -27.08 12.88
CA THR B 571 -14.41 -28.09 12.99
C THR B 571 -13.81 -29.48 12.90
N ASP B 572 -14.07 -30.32 13.90
CA ASP B 572 -13.53 -31.66 13.88
C ASP B 572 -14.54 -32.75 14.15
N ALA B 573 -15.77 -32.40 14.49
CA ALA B 573 -16.84 -33.37 14.61
C ALA B 573 -18.13 -32.75 14.13
N VAL B 574 -19.05 -33.56 13.64
CA VAL B 574 -20.38 -33.12 13.28
C VAL B 574 -21.38 -34.14 13.78
N ARG B 575 -22.65 -33.76 13.70
CA ARG B 575 -23.76 -34.64 13.99
C ARG B 575 -24.62 -34.74 12.75
N ASP B 576 -24.96 -35.94 12.34
CA ASP B 576 -25.75 -36.11 11.13
C ASP B 576 -27.19 -35.74 11.43
N PRO B 577 -27.78 -34.80 10.73
CA PRO B 577 -29.13 -34.34 11.08
C PRO B 577 -30.17 -35.45 11.07
N GLN B 578 -30.10 -36.36 10.11
CA GLN B 578 -31.16 -37.35 9.96
C GLN B 578 -31.07 -38.45 11.01
N THR B 579 -29.90 -39.06 11.16
CA THR B 579 -29.77 -40.16 12.10
C THR B 579 -29.25 -39.72 13.48
N LEU B 580 -28.69 -38.51 13.59
CA LEU B 580 -28.25 -37.92 14.86
C LEU B 580 -27.12 -38.71 15.50
N GLU B 581 -26.07 -38.97 14.73
CA GLU B 581 -24.88 -39.63 15.23
C GLU B 581 -23.66 -38.76 14.96
N ILE B 582 -22.70 -38.83 15.87
CA ILE B 582 -21.53 -37.98 15.84
C ILE B 582 -20.48 -38.65 14.96
N LEU B 583 -19.85 -37.85 14.09
CA LEU B 583 -18.86 -38.33 13.16
C LEU B 583 -17.66 -37.39 13.21
N ASP B 584 -16.46 -37.95 13.33
CA ASP B 584 -15.25 -37.15 13.28
C ASP B 584 -14.86 -36.83 11.86
N ILE B 585 -14.22 -35.68 11.69
CA ILE B 585 -13.79 -35.23 10.37
C ILE B 585 -12.29 -35.10 10.28
N THR B 586 -11.63 -36.20 9.95
CA THR B 586 -10.18 -36.20 9.80
C THR B 586 -9.82 -35.53 8.49
N PRO B 587 -8.65 -34.90 8.38
CA PRO B 587 -8.31 -34.21 7.12
C PRO B 587 -7.75 -35.08 5.98
N CYS B 588 -8.11 -34.78 4.74
CA CYS B 588 -7.60 -35.53 3.60
C CYS B 588 -6.09 -35.40 3.64
N SER B 589 -5.39 -36.54 3.59
CA SER B 589 -3.93 -36.52 3.64
C SER B 589 -3.21 -35.64 2.64
N PHE B 590 -2.13 -35.00 3.08
CA PHE B 590 -1.32 -34.12 2.24
C PHE B 590 0.11 -34.23 2.70
N GLY B 591 1.05 -33.62 2.00
CA GLY B 591 2.44 -33.72 2.40
C GLY B 591 3.40 -33.39 1.29
N GLY B 592 4.65 -33.08 1.62
CA GLY B 592 5.63 -32.80 0.60
C GLY B 592 6.10 -34.04 -0.13
N VAL B 593 6.64 -33.81 -1.32
CA VAL B 593 7.24 -34.88 -2.11
C VAL B 593 8.70 -34.52 -2.35
N SER B 594 9.60 -35.45 -2.03
CA SER B 594 11.02 -35.23 -2.21
C SER B 594 11.57 -36.27 -3.17
N VAL B 595 12.59 -35.88 -3.92
CA VAL B 595 13.22 -36.74 -4.90
C VAL B 595 14.67 -36.97 -4.50
N ILE B 596 15.05 -38.25 -4.42
CA ILE B 596 16.38 -38.69 -4.03
C ILE B 596 17.08 -39.15 -5.28
N THR B 597 18.19 -38.51 -5.61
CA THR B 597 18.96 -38.81 -6.79
C THR B 597 20.44 -38.98 -6.48
N PRO B 598 21.09 -39.99 -7.06
CA PRO B 598 22.55 -40.09 -6.91
C PRO B 598 23.34 -39.07 -7.69
N GLY B 599 22.69 -38.22 -8.48
CA GLY B 599 23.36 -37.23 -9.30
C GLY B 599 23.32 -37.68 -10.75
N THR B 600 22.99 -36.75 -11.64
CA THR B 600 22.80 -37.08 -13.05
C THR B 600 24.08 -37.51 -13.74
N ASN B 601 25.21 -37.27 -13.09
CA ASN B 601 26.53 -37.66 -13.57
C ASN B 601 26.89 -39.06 -13.10
N THR B 602 25.92 -39.76 -12.52
CA THR B 602 26.14 -41.11 -12.04
C THR B 602 25.07 -42.03 -12.60
N SER B 603 23.85 -41.51 -12.69
CA SER B 603 22.70 -42.30 -13.07
C SER B 603 21.51 -41.35 -13.20
N ASN B 604 20.44 -41.86 -13.80
CA ASN B 604 19.20 -41.10 -13.92
C ASN B 604 18.06 -41.79 -13.17
N GLN B 605 18.36 -42.83 -12.40
CA GLN B 605 17.37 -43.41 -11.52
C GLN B 605 17.06 -42.46 -10.37
N VAL B 606 15.93 -42.69 -9.73
CA VAL B 606 15.40 -41.76 -8.76
C VAL B 606 14.54 -42.53 -7.77
N ALA B 607 14.50 -42.05 -6.53
CA ALA B 607 13.58 -42.55 -5.53
C ALA B 607 12.75 -41.38 -5.01
N VAL B 608 11.58 -41.68 -4.44
CA VAL B 608 10.61 -40.64 -4.12
C VAL B 608 10.11 -40.85 -2.69
N LEU B 609 10.14 -39.79 -1.89
CA LEU B 609 9.65 -39.81 -0.53
C LEU B 609 8.37 -38.99 -0.46
N TYR B 610 7.29 -39.61 -0.01
CA TYR B 610 6.05 -38.94 0.32
C TYR B 610 6.06 -38.71 1.82
N GLN B 611 6.15 -37.46 2.24
CA GLN B 611 6.51 -37.18 3.62
C GLN B 611 5.29 -37.36 4.51
N GLY B 612 5.50 -38.09 5.61
CA GLY B 612 4.50 -38.50 6.61
C GLY B 612 3.14 -38.80 6.00
N VAL B 613 3.17 -39.58 4.92
CA VAL B 613 1.97 -40.14 4.32
C VAL B 613 2.01 -41.65 4.48
N ASN B 614 0.88 -42.22 4.87
CA ASN B 614 0.81 -43.66 4.96
C ASN B 614 0.90 -44.27 3.58
N CYS B 615 1.74 -45.28 3.46
CA CYS B 615 2.19 -45.72 2.14
C CYS B 615 1.13 -46.52 1.41
N THR B 616 -0.10 -46.53 1.89
CA THR B 616 -1.20 -47.28 1.27
C THR B 616 -2.12 -46.35 0.48
N GLU B 617 -1.88 -45.05 0.60
CA GLU B 617 -2.73 -44.07 -0.05
C GLU B 617 -1.91 -43.14 -0.94
N VAL B 618 -0.86 -43.68 -1.55
CA VAL B 618 0.05 -42.86 -2.35
C VAL B 618 -0.56 -42.54 -3.70
N PRO B 619 -1.05 -43.51 -4.49
CA PRO B 619 -1.59 -43.07 -5.78
C PRO B 619 -3.10 -42.91 -5.75
N SER B 638 7.59 -53.85 -7.34
CA SER B 638 8.37 -52.66 -7.00
C SER B 638 8.70 -52.59 -5.52
N ASN B 639 9.30 -51.48 -5.10
CA ASN B 639 9.77 -51.30 -3.74
C ASN B 639 8.98 -50.20 -3.07
N VAL B 640 8.06 -50.57 -2.20
CA VAL B 640 7.41 -49.62 -1.31
C VAL B 640 7.85 -49.95 0.11
N PHE B 641 8.36 -48.95 0.80
CA PHE B 641 8.98 -49.13 2.09
C PHE B 641 8.47 -48.03 3.00
N GLN B 642 8.02 -48.40 4.18
CA GLN B 642 7.44 -47.45 5.12
C GLN B 642 8.48 -46.99 6.12
N THR B 643 8.55 -45.69 6.33
CA THR B 643 9.51 -45.07 7.22
C THR B 643 8.75 -44.24 8.23
N ARG B 644 9.40 -43.95 9.35
CA ARG B 644 8.89 -42.95 10.27
C ARG B 644 8.83 -41.57 9.65
N ALA B 645 9.43 -41.38 8.47
CA ALA B 645 9.46 -40.09 7.80
C ALA B 645 8.55 -40.05 6.57
N GLY B 646 7.85 -41.13 6.27
CA GLY B 646 6.97 -41.19 5.12
C GLY B 646 7.12 -42.48 4.34
N CYS B 647 6.56 -42.47 3.14
CA CYS B 647 6.61 -43.64 2.27
C CYS B 647 7.63 -43.45 1.16
N LEU B 648 8.56 -44.40 1.07
CA LEU B 648 9.67 -44.35 0.13
C LEU B 648 9.39 -45.32 -1.01
N ILE B 649 9.51 -44.85 -2.24
CA ILE B 649 9.26 -45.66 -3.42
C ILE B 649 10.48 -45.61 -4.32
N GLY B 650 10.97 -46.76 -4.75
CA GLY B 650 12.06 -46.85 -5.67
C GLY B 650 13.41 -47.17 -5.07
N ALA B 651 13.46 -47.51 -3.78
CA ALA B 651 14.67 -47.94 -3.11
C ALA B 651 14.36 -49.23 -2.36
N GLU B 652 15.31 -50.14 -2.33
CA GLU B 652 15.14 -51.38 -1.59
C GLU B 652 15.78 -51.27 -0.22
N HIS B 653 15.15 -51.92 0.74
CA HIS B 653 15.61 -51.92 2.12
C HIS B 653 16.55 -53.08 2.37
N VAL B 654 17.76 -52.79 2.82
CA VAL B 654 18.75 -53.81 3.14
C VAL B 654 18.92 -53.89 4.65
N ASN B 655 19.67 -54.90 5.09
CA ASN B 655 19.87 -55.15 6.51
C ASN B 655 21.25 -54.73 7.01
N ASN B 656 22.17 -54.43 6.10
CA ASN B 656 23.48 -53.91 6.45
C ASN B 656 23.35 -52.53 7.08
N SER B 657 24.46 -51.94 7.51
CA SER B 657 24.45 -50.57 8.00
C SER B 657 25.75 -49.91 7.61
N TYR B 658 25.65 -48.80 6.90
CA TYR B 658 26.81 -48.08 6.39
C TYR B 658 26.85 -46.70 7.03
N GLU B 659 27.84 -45.92 6.64
CA GLU B 659 27.88 -44.51 6.98
C GLU B 659 26.85 -43.77 6.16
N CYS B 660 26.27 -42.72 6.74
CA CYS B 660 25.15 -42.07 6.09
C CYS B 660 25.61 -41.35 4.83
N ASP B 661 24.79 -41.44 3.80
CA ASP B 661 25.11 -40.85 2.50
C ASP B 661 24.16 -39.72 2.15
N ILE B 662 22.89 -40.06 2.01
CA ILE B 662 21.82 -39.10 1.74
C ILE B 662 20.83 -39.26 2.89
N PRO B 663 20.61 -38.24 3.68
CA PRO B 663 19.79 -38.40 4.88
C PRO B 663 18.31 -38.37 4.59
N ILE B 664 17.60 -39.44 4.92
CA ILE B 664 16.16 -39.48 4.78
C ILE B 664 15.49 -38.97 6.04
N GLY B 665 15.81 -39.56 7.17
CA GLY B 665 15.29 -39.08 8.44
C GLY B 665 15.01 -40.22 9.40
N ALA B 666 14.87 -39.86 10.66
CA ALA B 666 14.59 -40.83 11.74
C ALA B 666 15.56 -42.00 11.73
N GLY B 667 16.83 -41.72 11.44
CA GLY B 667 17.85 -42.72 11.41
C GLY B 667 18.06 -43.44 10.10
N ILE B 668 17.30 -43.11 9.07
CA ILE B 668 17.36 -43.80 7.78
C ILE B 668 18.12 -42.95 6.80
N CYS B 669 19.07 -43.57 6.08
CA CYS B 669 19.73 -42.95 4.95
C CYS B 669 19.61 -43.79 3.69
N ALA B 670 20.00 -43.21 2.55
CA ALA B 670 19.91 -43.87 1.25
C ALA B 670 21.24 -43.74 0.56
N SER B 671 21.50 -44.68 -0.36
CA SER B 671 22.72 -44.61 -1.15
C SER B 671 22.49 -45.30 -2.49
N TYR B 672 23.36 -45.03 -3.44
CA TYR B 672 23.32 -45.67 -4.75
C TYR B 672 24.39 -46.75 -4.79
N GLN B 673 24.07 -47.92 -4.24
CA GLN B 673 25.14 -48.89 -4.08
C GLN B 673 24.83 -50.26 -4.64
N THR B 674 23.69 -50.81 -4.25
CA THR B 674 23.42 -52.23 -4.40
C THR B 674 22.19 -52.49 -5.24
N GLN B 688 23.16 -52.18 -9.12
CA GLN B 688 22.81 -51.04 -8.29
C GLN B 688 21.37 -50.64 -8.51
N SER B 689 20.56 -50.56 -7.46
CA SER B 689 19.26 -49.95 -7.71
C SER B 689 19.02 -48.66 -6.94
N ILE B 690 18.64 -48.75 -5.66
CA ILE B 690 18.62 -47.68 -4.67
C ILE B 690 18.22 -48.40 -3.40
N ILE B 691 18.87 -48.10 -2.29
CA ILE B 691 18.66 -48.86 -1.06
C ILE B 691 18.35 -47.91 0.08
N ALA B 692 17.55 -48.40 1.02
CA ALA B 692 17.20 -47.68 2.23
C ALA B 692 17.60 -48.53 3.43
N TYR B 693 18.38 -47.95 4.34
CA TYR B 693 18.95 -48.71 5.44
C TYR B 693 18.97 -47.86 6.71
N THR B 694 19.21 -48.52 7.83
CA THR B 694 19.48 -47.84 9.10
C THR B 694 20.95 -47.50 9.20
N MET B 695 21.26 -46.22 9.43
CA MET B 695 22.64 -45.77 9.35
C MET B 695 23.49 -46.28 10.50
N SER B 696 24.75 -46.56 10.21
CA SER B 696 25.70 -46.96 11.21
C SER B 696 26.40 -45.73 11.77
N LEU B 697 26.76 -45.81 13.05
CA LEU B 697 27.38 -44.67 13.71
C LEU B 697 28.89 -44.69 13.61
N GLY B 698 29.47 -45.85 13.37
CA GLY B 698 30.90 -45.97 13.23
C GLY B 698 31.33 -47.36 13.62
N ALA B 699 32.62 -47.61 13.43
CA ALA B 699 33.19 -48.86 13.87
C ALA B 699 33.19 -48.92 15.38
N GLU B 700 33.21 -50.13 15.90
CA GLU B 700 33.11 -50.36 17.32
C GLU B 700 34.40 -50.97 17.83
N ASN B 701 34.83 -50.59 19.03
CA ASN B 701 35.98 -51.27 19.56
C ASN B 701 36.04 -51.13 21.07
N SER B 702 36.39 -52.22 21.72
CA SER B 702 36.72 -52.27 23.13
C SER B 702 38.19 -51.91 23.34
N VAL B 703 38.42 -51.02 24.29
CA VAL B 703 39.76 -50.68 24.73
C VAL B 703 40.21 -51.78 25.68
N ALA B 704 41.50 -52.09 25.64
CA ALA B 704 42.05 -53.18 26.44
C ALA B 704 42.35 -52.71 27.87
N TYR B 705 41.33 -52.19 28.54
CA TYR B 705 41.53 -51.62 29.86
C TYR B 705 41.82 -52.70 30.89
N SER B 706 42.83 -52.48 31.73
CA SER B 706 43.01 -53.25 32.95
C SER B 706 43.56 -52.35 34.04
N ASN B 707 43.78 -52.87 35.24
CA ASN B 707 44.21 -52.00 36.32
C ASN B 707 45.71 -51.83 36.41
N ASN B 708 46.49 -52.47 35.54
CA ASN B 708 47.92 -52.21 35.54
C ASN B 708 48.51 -52.24 34.13
N SER B 709 47.74 -51.86 33.12
CA SER B 709 48.19 -51.86 31.74
C SER B 709 48.22 -50.43 31.21
N ILE B 710 49.20 -50.14 30.36
CA ILE B 710 49.33 -48.82 29.75
C ILE B 710 49.77 -48.98 28.31
N ALA B 711 49.51 -47.97 27.50
CA ALA B 711 49.93 -47.92 26.10
C ALA B 711 50.70 -46.63 25.85
N ILE B 712 51.93 -46.75 25.34
CA ILE B 712 52.81 -45.61 25.11
C ILE B 712 53.11 -45.56 23.61
N PRO B 713 53.09 -44.37 22.99
CA PRO B 713 53.45 -44.29 21.58
C PRO B 713 54.96 -44.34 21.34
N THR B 714 55.34 -44.96 20.22
CA THR B 714 56.76 -45.08 19.86
C THR B 714 57.15 -44.25 18.63
N ASN B 715 56.19 -43.57 18.02
CA ASN B 715 56.45 -42.77 16.85
C ASN B 715 55.40 -41.68 16.79
N PHE B 716 55.47 -40.85 15.76
CA PHE B 716 54.50 -39.79 15.57
C PHE B 716 54.36 -39.48 14.08
N THR B 717 53.29 -38.78 13.74
CA THR B 717 53.15 -38.14 12.44
C THR B 717 52.90 -36.65 12.62
N ILE B 718 53.30 -35.88 11.61
CA ILE B 718 53.01 -34.45 11.50
C ILE B 718 51.84 -34.26 10.55
N SER B 719 50.75 -33.70 11.03
CA SER B 719 49.57 -33.45 10.22
C SER B 719 49.46 -31.97 9.89
N VAL B 720 48.89 -31.67 8.72
CA VAL B 720 48.42 -30.33 8.40
C VAL B 720 46.99 -30.44 7.86
N THR B 721 46.10 -29.60 8.38
CA THR B 721 44.70 -29.62 7.96
C THR B 721 44.20 -28.21 7.74
N THR B 722 43.23 -28.07 6.85
CA THR B 722 42.66 -26.78 6.52
C THR B 722 41.42 -26.49 7.33
N GLU B 723 41.18 -25.20 7.57
CA GLU B 723 39.92 -24.70 8.07
C GLU B 723 39.59 -23.44 7.30
N ILE B 724 38.34 -23.29 6.89
CA ILE B 724 37.93 -22.19 6.03
C ILE B 724 36.81 -21.41 6.72
N LEU B 725 36.91 -20.09 6.73
CA LEU B 725 35.94 -19.28 7.40
C LEU B 725 35.59 -18.03 6.59
N PRO B 726 34.32 -17.69 6.50
CA PRO B 726 33.93 -16.42 5.86
C PRO B 726 34.21 -15.23 6.76
N VAL B 727 34.60 -14.12 6.16
CA VAL B 727 34.77 -12.89 6.93
C VAL B 727 33.95 -11.71 6.42
N SER B 728 33.40 -11.72 5.21
CA SER B 728 32.61 -10.58 4.76
C SER B 728 31.63 -10.97 3.66
N MET B 729 30.63 -10.12 3.46
CA MET B 729 29.68 -10.15 2.35
C MET B 729 29.90 -8.94 1.45
N THR B 730 29.25 -8.98 0.29
CA THR B 730 29.27 -7.85 -0.63
C THR B 730 28.44 -6.69 -0.09
N LYS B 731 28.96 -5.48 -0.27
CA LYS B 731 28.32 -4.27 0.17
C LYS B 731 27.40 -3.77 -0.94
N THR B 732 26.11 -3.79 -0.68
CA THR B 732 25.14 -3.33 -1.65
C THR B 732 24.33 -2.20 -1.03
N SER B 733 23.79 -1.36 -1.90
CA SER B 733 22.95 -0.23 -1.50
C SER B 733 21.79 -0.06 -2.48
N VAL B 734 20.58 0.10 -1.94
CA VAL B 734 19.39 0.26 -2.76
C VAL B 734 18.86 1.65 -2.51
N ASP B 735 18.52 2.35 -3.59
CA ASP B 735 17.80 3.60 -3.51
C ASP B 735 16.30 3.28 -3.41
N CYS B 736 15.73 3.45 -2.22
CA CYS B 736 14.34 3.10 -1.98
C CYS B 736 13.41 3.77 -2.99
N THR B 737 13.59 5.07 -3.19
CA THR B 737 12.70 5.80 -4.08
C THR B 737 12.81 5.34 -5.52
N MET B 738 14.00 5.01 -5.98
CA MET B 738 14.16 4.60 -7.37
C MET B 738 13.75 3.16 -7.61
N TYR B 739 13.78 2.32 -6.59
CA TYR B 739 13.25 0.98 -6.73
C TYR B 739 11.74 1.01 -6.74
N ILE B 740 11.13 1.75 -5.83
CA ILE B 740 9.68 1.80 -5.77
C ILE B 740 9.16 2.52 -7.01
N CYS B 741 9.00 3.83 -6.91
CA CYS B 741 8.50 4.63 -8.03
C CYS B 741 9.30 4.27 -9.28
N GLY B 742 10.46 4.89 -9.43
CA GLY B 742 11.33 4.64 -10.56
C GLY B 742 11.03 5.53 -11.74
N ASP B 743 11.60 6.72 -11.73
CA ASP B 743 11.41 7.70 -12.80
C ASP B 743 10.12 8.50 -12.68
N SER B 744 8.98 7.82 -12.74
CA SER B 744 7.68 8.47 -12.64
C SER B 744 7.65 9.54 -11.54
N THR B 745 6.71 10.47 -11.66
CA THR B 745 6.58 11.54 -10.68
C THR B 745 5.27 11.48 -9.91
N GLU B 746 4.32 10.69 -10.41
CA GLU B 746 3.04 10.54 -9.74
C GLU B 746 3.26 9.64 -8.54
N CYS B 747 4.28 8.80 -8.65
CA CYS B 747 4.66 7.85 -7.62
C CYS B 747 5.39 8.51 -6.47
N SER B 748 6.27 9.47 -6.76
CA SER B 748 7.08 10.06 -5.70
C SER B 748 6.23 10.86 -4.72
N ASN B 749 5.26 11.63 -5.21
CA ASN B 749 4.42 12.38 -4.30
C ASN B 749 3.52 11.47 -3.47
N LEU B 750 3.09 10.35 -4.03
CA LEU B 750 2.30 9.40 -3.25
C LEU B 750 3.14 8.70 -2.20
N LEU B 751 4.39 8.37 -2.54
CA LEU B 751 5.28 7.71 -1.59
C LEU B 751 5.74 8.64 -0.50
N LEU B 752 5.82 9.93 -0.77
CA LEU B 752 6.12 10.93 0.25
C LEU B 752 5.16 10.87 1.44
N GLN B 753 4.01 10.21 1.27
CA GLN B 753 2.99 10.14 2.30
C GLN B 753 3.24 9.08 3.35
N TYR B 754 4.31 8.30 3.20
CA TYR B 754 4.57 7.18 4.09
C TYR B 754 5.56 7.51 5.19
N GLY B 755 6.13 8.69 5.19
CA GLY B 755 7.00 9.08 6.27
C GLY B 755 8.43 8.71 6.00
N SER B 756 9.12 8.22 7.02
CA SER B 756 10.54 7.92 6.92
C SER B 756 10.81 6.44 6.72
N PHE B 757 9.96 5.72 6.00
CA PHE B 757 10.21 4.30 5.77
C PHE B 757 11.45 4.05 4.93
N CYS B 758 11.75 4.92 3.97
CA CYS B 758 12.90 4.75 3.11
C CYS B 758 14.20 5.23 3.73
N THR B 759 14.14 6.19 4.64
CA THR B 759 15.34 6.62 5.36
C THR B 759 15.84 5.54 6.30
N GLN B 760 14.92 4.84 6.96
CA GLN B 760 15.29 3.73 7.82
C GLN B 760 15.98 2.62 7.04
N LEU B 761 15.48 2.29 5.86
CA LEU B 761 16.05 1.19 5.10
C LEU B 761 17.45 1.51 4.62
N ASN B 762 17.69 2.74 4.18
CA ASN B 762 19.03 3.14 3.79
C ASN B 762 19.98 3.17 4.96
N ARG B 763 19.52 3.61 6.13
CA ARG B 763 20.38 3.51 7.30
C ARG B 763 20.73 2.06 7.62
N ALA B 764 19.74 1.16 7.54
CA ALA B 764 20.00 -0.24 7.83
C ALA B 764 21.01 -0.83 6.89
N LEU B 765 20.89 -0.55 5.59
CA LEU B 765 21.85 -1.09 4.64
C LEU B 765 23.23 -0.45 4.76
N THR B 766 23.32 0.81 5.15
CA THR B 766 24.62 1.44 5.30
C THR B 766 25.38 0.91 6.50
N GLY B 767 24.68 0.64 7.59
CA GLY B 767 25.34 0.02 8.72
C GLY B 767 25.96 -1.32 8.40
N ILE B 768 25.26 -2.16 7.66
CA ILE B 768 25.77 -3.44 7.20
C ILE B 768 27.06 -3.27 6.40
N ALA B 769 27.09 -2.33 5.47
CA ALA B 769 28.25 -2.10 4.63
C ALA B 769 29.44 -1.56 5.40
N VAL B 770 29.21 -0.75 6.43
CA VAL B 770 30.32 -0.30 7.25
C VAL B 770 30.83 -1.42 8.14
N GLU B 771 29.97 -2.37 8.51
CA GLU B 771 30.42 -3.49 9.33
C GLU B 771 31.32 -4.46 8.56
N GLN B 772 31.16 -4.55 7.24
CA GLN B 772 31.93 -5.51 6.46
C GLN B 772 33.39 -5.12 6.36
N ASP B 773 33.74 -3.84 6.47
CA ASP B 773 35.13 -3.44 6.46
C ASP B 773 35.78 -3.63 7.80
N LYS B 774 35.03 -3.47 8.88
CA LYS B 774 35.54 -3.73 10.20
C LYS B 774 35.76 -5.21 10.46
N ASN B 775 34.92 -6.07 9.89
CA ASN B 775 35.19 -7.50 9.91
C ASN B 775 36.59 -7.82 9.39
N THR B 776 36.94 -7.27 8.23
CA THR B 776 38.22 -7.56 7.59
C THR B 776 39.38 -6.90 8.30
N GLN B 777 39.20 -5.70 8.80
CA GLN B 777 40.23 -5.05 9.59
C GLN B 777 40.52 -5.85 10.85
N GLU B 778 39.49 -6.42 11.48
CA GLU B 778 39.72 -7.19 12.69
C GLU B 778 40.36 -8.53 12.42
N VAL B 779 40.11 -9.16 11.28
CA VAL B 779 40.78 -10.43 11.03
C VAL B 779 42.23 -10.23 10.59
N PHE B 780 42.47 -9.30 9.66
CA PHE B 780 43.77 -9.31 8.98
C PHE B 780 44.76 -8.27 9.46
N ALA B 781 44.33 -7.08 9.87
CA ALA B 781 45.27 -6.03 10.27
C ALA B 781 45.69 -6.19 11.72
N GLN B 782 46.20 -7.38 12.03
CA GLN B 782 46.62 -7.77 13.36
C GLN B 782 48.13 -7.67 13.55
N VAL B 783 48.78 -6.76 12.84
CA VAL B 783 50.23 -6.71 12.86
C VAL B 783 50.67 -5.27 12.76
N LYS B 784 51.69 -4.92 13.54
CA LYS B 784 52.20 -3.55 13.56
C LYS B 784 52.97 -3.24 12.28
N GLN B 785 53.99 -4.04 12.00
CA GLN B 785 54.92 -3.80 10.91
C GLN B 785 54.62 -4.76 9.78
N ILE B 786 55.17 -4.47 8.62
CA ILE B 786 55.08 -5.38 7.49
C ILE B 786 56.42 -6.11 7.42
N TYR B 787 56.45 -7.32 7.94
CA TYR B 787 57.66 -8.10 8.05
C TYR B 787 57.99 -8.81 6.75
N LYS B 788 59.29 -8.99 6.51
CA LYS B 788 59.80 -9.65 5.33
C LYS B 788 60.69 -10.83 5.70
N THR B 789 60.63 -11.86 4.89
CA THR B 789 61.55 -13.00 5.05
C THR B 789 62.90 -12.66 4.45
N PRO B 790 63.98 -13.24 5.00
CA PRO B 790 65.30 -12.97 4.44
C PRO B 790 65.49 -13.67 3.11
N PRO B 791 66.43 -13.20 2.28
CA PRO B 791 66.59 -13.77 0.93
C PRO B 791 67.01 -15.24 0.90
N ILE B 792 67.69 -15.74 1.92
CA ILE B 792 67.97 -17.17 2.03
C ILE B 792 66.69 -17.89 2.47
N LYS B 793 66.72 -19.21 2.46
CA LYS B 793 65.60 -19.97 2.99
C LYS B 793 66.10 -21.11 3.86
N ASP B 794 67.13 -20.86 4.67
CA ASP B 794 67.70 -21.90 5.53
C ASP B 794 66.82 -22.01 6.77
N PHE B 795 65.81 -22.87 6.71
CA PHE B 795 64.87 -23.05 7.81
C PHE B 795 64.96 -24.44 8.41
N GLY B 796 66.14 -25.01 8.48
CA GLY B 796 66.28 -26.31 9.11
C GLY B 796 65.77 -27.47 8.31
N GLY B 797 65.68 -27.35 7.00
CA GLY B 797 65.11 -28.37 6.17
C GLY B 797 63.63 -28.22 5.91
N PHE B 798 62.97 -27.25 6.53
CA PHE B 798 61.57 -26.97 6.30
C PHE B 798 61.43 -26.05 5.09
N ASN B 799 60.41 -26.32 4.28
CA ASN B 799 60.25 -25.70 2.97
C ASN B 799 58.89 -25.03 2.93
N PHE B 800 58.88 -23.71 2.85
CA PHE B 800 57.64 -22.95 2.91
C PHE B 800 57.31 -22.31 1.57
N SER B 801 57.86 -22.83 0.48
CA SER B 801 57.78 -22.13 -0.80
C SER B 801 56.38 -22.08 -1.36
N GLN B 802 55.53 -23.05 -1.05
CA GLN B 802 54.19 -23.04 -1.59
C GLN B 802 53.27 -22.05 -0.89
N ILE B 803 53.69 -21.46 0.23
CA ILE B 803 52.85 -20.52 0.96
C ILE B 803 53.52 -19.17 1.15
N LEU B 804 54.70 -18.98 0.67
CA LEU B 804 55.26 -17.65 0.64
C LEU B 804 54.91 -16.94 -0.65
N PRO B 805 54.94 -15.62 -0.67
CA PRO B 805 54.46 -14.89 -1.86
C PRO B 805 55.30 -15.15 -3.11
N ASP B 806 54.65 -15.01 -4.26
CA ASP B 806 55.26 -15.28 -5.55
C ASP B 806 55.73 -13.97 -6.18
N PRO B 807 57.03 -13.71 -6.26
CA PRO B 807 57.49 -12.39 -6.75
C PRO B 807 57.19 -12.14 -8.21
N SER B 808 56.92 -13.18 -9.01
CA SER B 808 56.60 -13.01 -10.42
C SER B 808 55.09 -12.92 -10.67
N LYS B 809 54.45 -11.91 -10.10
CA LYS B 809 53.01 -11.73 -10.25
C LYS B 809 52.67 -10.28 -9.94
N PRO B 810 51.63 -9.74 -10.58
CA PRO B 810 51.12 -8.42 -10.14
C PRO B 810 50.50 -8.45 -8.76
N SER B 811 49.83 -9.56 -8.41
CA SER B 811 49.13 -9.67 -7.14
C SER B 811 50.03 -10.14 -6.01
N LYS B 812 51.16 -10.79 -6.33
CA LYS B 812 52.11 -11.28 -5.34
C LYS B 812 51.48 -12.28 -4.38
N ARG B 813 50.52 -13.06 -4.85
CA ARG B 813 49.94 -14.09 -4.03
C ARG B 813 50.85 -15.31 -3.99
N SER B 814 50.54 -16.28 -3.13
CA SER B 814 51.36 -17.49 -3.05
C SER B 814 50.75 -18.68 -3.77
N PRO B 815 51.51 -19.76 -3.91
CA PRO B 815 51.02 -20.96 -4.58
C PRO B 815 49.64 -21.48 -4.12
N ILE B 816 49.31 -21.36 -2.84
CA ILE B 816 48.03 -21.86 -2.34
C ILE B 816 46.94 -20.79 -2.42
N GLU B 817 47.31 -19.52 -2.41
CA GLU B 817 46.37 -18.43 -2.56
C GLU B 817 45.93 -18.22 -4.00
N ASP B 818 46.75 -18.60 -4.97
CA ASP B 818 46.30 -18.62 -6.36
C ASP B 818 45.37 -19.77 -6.64
N LEU B 819 45.60 -20.93 -6.04
CA LEU B 819 44.63 -22.01 -6.18
C LEU B 819 43.29 -21.65 -5.56
N LEU B 820 43.29 -20.95 -4.43
CA LEU B 820 42.02 -20.65 -3.79
C LEU B 820 41.21 -19.60 -4.54
N PHE B 821 41.87 -18.72 -5.28
CA PHE B 821 41.13 -17.67 -5.97
C PHE B 821 40.59 -18.09 -7.32
N ASN B 822 40.89 -19.30 -7.77
CA ASN B 822 40.32 -19.82 -9.00
C ASN B 822 39.22 -20.83 -8.74
N LYS B 823 38.85 -21.05 -7.49
CA LYS B 823 37.81 -21.99 -7.14
C LYS B 823 36.55 -21.34 -6.61
N VAL B 824 36.60 -20.05 -6.27
CA VAL B 824 35.42 -19.37 -5.76
C VAL B 824 35.01 -18.26 -6.72
N LYS B 852 24.46 -2.66 -13.56
CA LYS B 852 23.60 -1.59 -13.10
C LYS B 852 22.13 -1.99 -13.22
N PHE B 853 21.32 -1.49 -12.28
CA PHE B 853 19.92 -1.90 -12.19
C PHE B 853 19.04 -0.79 -11.62
N ASN B 854 17.87 -1.17 -11.14
CA ASN B 854 16.84 -0.24 -10.70
C ASN B 854 17.11 0.35 -9.33
N GLY B 855 18.22 1.03 -9.16
CA GLY B 855 18.61 1.59 -7.87
C GLY B 855 19.58 0.75 -7.09
N LEU B 856 20.03 -0.39 -7.61
CA LEU B 856 20.93 -1.29 -6.91
C LEU B 856 22.37 -0.94 -7.23
N THR B 857 23.21 -0.94 -6.20
CA THR B 857 24.62 -0.63 -6.39
C THR B 857 25.50 -1.44 -5.46
N VAL B 858 26.69 -1.79 -5.95
CA VAL B 858 27.67 -2.56 -5.22
C VAL B 858 28.87 -1.67 -4.94
N LEU B 859 29.17 -1.44 -3.70
CA LEU B 859 30.35 -0.67 -3.33
C LEU B 859 31.58 -1.55 -3.26
N PRO B 860 32.76 -1.02 -3.52
CA PRO B 860 33.98 -1.81 -3.41
C PRO B 860 34.51 -1.85 -1.99
N PRO B 861 35.18 -2.92 -1.59
CA PRO B 861 35.79 -2.96 -0.26
C PRO B 861 36.92 -1.94 -0.12
N LEU B 862 37.13 -1.50 1.12
CA LEU B 862 38.18 -0.52 1.40
C LEU B 862 39.56 -1.09 1.14
N LEU B 863 39.80 -2.31 1.56
CA LEU B 863 41.06 -2.99 1.28
C LEU B 863 40.93 -3.77 -0.01
N THR B 864 41.83 -3.52 -0.94
CA THR B 864 42.06 -4.43 -2.06
C THR B 864 42.48 -5.78 -1.51
N ASP B 865 42.43 -6.81 -2.35
CA ASP B 865 42.96 -8.08 -1.88
C ASP B 865 44.44 -8.23 -2.13
N GLU B 866 45.06 -7.32 -2.86
CA GLU B 866 46.49 -7.16 -2.79
C GLU B 866 46.94 -6.77 -1.40
N MET B 867 46.26 -5.82 -0.78
CA MET B 867 46.52 -5.44 0.60
C MET B 867 46.29 -6.59 1.57
N ILE B 868 45.28 -7.40 1.33
CA ILE B 868 45.02 -8.53 2.21
C ILE B 868 46.11 -9.58 2.06
N ALA B 869 46.54 -9.84 0.82
CA ALA B 869 47.65 -10.76 0.64
C ALA B 869 48.94 -10.23 1.25
N GLN B 870 49.11 -8.91 1.28
CA GLN B 870 50.26 -8.32 1.91
C GLN B 870 50.21 -8.37 3.42
N TYR B 871 49.03 -8.30 4.02
CA TYR B 871 48.91 -8.56 5.45
C TYR B 871 49.20 -10.01 5.79
N THR B 872 48.72 -10.95 4.97
CA THR B 872 48.93 -12.36 5.29
C THR B 872 50.37 -12.78 5.14
N SER B 873 51.08 -12.29 4.13
CA SER B 873 52.49 -12.63 4.01
C SER B 873 53.33 -12.08 5.14
N ALA B 874 52.98 -10.93 5.69
CA ALA B 874 53.68 -10.37 6.83
C ALA B 874 53.41 -11.15 8.11
N LEU B 875 52.18 -11.59 8.30
CA LEU B 875 51.90 -12.51 9.40
C LEU B 875 52.69 -13.80 9.26
N LEU B 876 52.88 -14.28 8.03
CA LEU B 876 53.65 -15.50 7.83
C LEU B 876 55.13 -15.32 8.12
N ALA B 877 55.74 -14.25 7.63
CA ALA B 877 57.14 -13.97 7.91
C ALA B 877 57.40 -13.63 9.37
N GLY B 878 56.44 -13.08 10.09
CA GLY B 878 56.60 -12.91 11.51
C GLY B 878 56.72 -14.23 12.24
N THR B 879 55.86 -15.18 11.89
CA THR B 879 55.87 -16.50 12.50
C THR B 879 57.09 -17.32 12.16
N ILE B 880 57.53 -17.31 10.90
CA ILE B 880 58.63 -18.17 10.51
C ILE B 880 59.95 -17.65 11.05
N THR B 881 60.01 -16.37 11.40
CA THR B 881 61.26 -15.76 11.80
C THR B 881 61.34 -15.48 13.30
N SER B 882 60.22 -15.29 13.97
CA SER B 882 60.26 -14.89 15.37
C SER B 882 59.38 -15.73 16.26
N GLY B 883 58.72 -16.76 15.75
CA GLY B 883 57.88 -17.58 16.58
C GLY B 883 56.65 -16.87 17.06
N TRP B 884 56.53 -16.66 18.36
CA TRP B 884 55.38 -15.96 18.92
C TRP B 884 55.75 -14.64 19.57
N THR B 885 56.97 -14.16 19.40
CA THR B 885 57.38 -12.96 20.10
C THR B 885 56.83 -11.69 19.46
N PHE B 886 56.60 -11.69 18.16
CA PHE B 886 56.06 -10.52 17.49
C PHE B 886 54.61 -10.28 17.83
N GLY B 887 53.89 -11.28 18.35
CA GLY B 887 52.52 -11.06 18.77
C GLY B 887 52.37 -10.47 20.16
N ALA B 888 53.45 -10.33 20.90
CA ALA B 888 53.32 -9.77 22.24
C ALA B 888 54.38 -8.77 22.61
N GLY B 889 54.96 -8.10 21.64
CA GLY B 889 55.99 -7.11 21.91
C GLY B 889 56.78 -6.85 20.65
N PRO B 890 58.10 -6.81 20.75
CA PRO B 890 58.95 -6.57 19.57
C PRO B 890 59.52 -7.87 19.04
N ALA B 891 59.32 -8.17 17.75
CA ALA B 891 59.84 -9.42 17.20
C ALA B 891 61.28 -9.67 17.58
N LEU B 892 61.56 -10.91 17.94
CA LEU B 892 62.87 -11.38 18.36
C LEU B 892 63.20 -12.63 17.56
N GLN B 893 64.24 -12.55 16.73
CA GLN B 893 64.57 -13.67 15.88
C GLN B 893 65.07 -14.86 16.70
N ILE B 894 64.83 -16.05 16.18
CA ILE B 894 65.25 -17.30 16.78
C ILE B 894 65.37 -18.27 15.61
N PRO B 895 66.32 -19.21 15.60
CA PRO B 895 66.37 -20.19 14.50
C PRO B 895 65.17 -21.13 14.51
N PHE B 896 64.67 -21.44 13.33
CA PHE B 896 63.48 -22.26 13.23
C PHE B 896 63.54 -23.58 13.96
N PRO B 897 64.61 -24.33 13.75
CA PRO B 897 64.77 -25.62 14.44
C PRO B 897 64.74 -25.49 15.97
N MET B 898 64.96 -24.28 16.47
CA MET B 898 64.96 -24.04 17.91
C MET B 898 63.61 -23.60 18.40
N GLN B 899 62.88 -22.96 17.54
CA GLN B 899 61.49 -22.60 17.78
C GLN B 899 60.59 -23.83 17.73
N MET B 900 60.85 -24.71 16.78
CA MET B 900 60.15 -25.99 16.71
C MET B 900 60.37 -26.82 17.96
N ALA B 901 61.56 -26.76 18.53
CA ALA B 901 61.85 -27.45 19.78
C ALA B 901 61.18 -26.82 20.98
N TYR B 902 61.03 -25.50 21.01
CA TYR B 902 60.21 -24.86 22.04
C TYR B 902 58.77 -25.32 21.97
N ARG B 903 58.24 -25.46 20.75
CA ARG B 903 56.87 -25.90 20.58
C ARG B 903 56.67 -27.35 20.94
N PHE B 904 57.67 -28.21 20.72
CA PHE B 904 57.56 -29.58 21.20
C PHE B 904 57.48 -29.65 22.71
N ASN B 905 58.14 -28.75 23.41
CA ASN B 905 57.98 -28.65 24.85
C ASN B 905 56.57 -28.26 25.27
N GLY B 906 55.89 -27.44 24.46
CA GLY B 906 54.59 -26.96 24.83
C GLY B 906 53.53 -28.03 24.78
N ILE B 907 53.74 -29.08 23.99
CA ILE B 907 52.83 -30.22 23.98
C ILE B 907 53.31 -31.35 24.86
N GLY B 908 54.35 -31.15 25.66
CA GLY B 908 54.80 -32.15 26.59
C GLY B 908 55.72 -33.20 26.04
N VAL B 909 56.43 -32.92 24.97
CA VAL B 909 57.45 -33.81 24.45
C VAL B 909 58.80 -33.17 24.77
N THR B 910 59.76 -33.99 25.08
CA THR B 910 61.07 -33.51 25.45
C THR B 910 61.84 -33.13 24.18
N GLN B 911 62.66 -32.09 24.27
CA GLN B 911 63.05 -31.40 23.07
C GLN B 911 64.20 -32.07 22.30
N ASN B 912 64.86 -33.08 22.85
CA ASN B 912 65.75 -33.87 22.03
C ASN B 912 65.02 -34.77 21.05
N VAL B 913 63.75 -35.08 21.31
CA VAL B 913 62.96 -35.83 20.35
C VAL B 913 62.86 -35.08 19.04
N LEU B 914 62.93 -33.75 19.07
CA LEU B 914 62.94 -32.99 17.83
C LEU B 914 64.31 -33.00 17.17
N TYR B 915 65.36 -32.76 17.94
CA TYR B 915 66.66 -32.58 17.34
C TYR B 915 67.22 -33.88 16.80
N GLU B 916 66.83 -35.02 17.40
CA GLU B 916 67.28 -36.31 16.91
C GLU B 916 66.43 -36.84 15.77
N ASN B 917 65.34 -36.16 15.42
CA ASN B 917 64.45 -36.58 14.36
C ASN B 917 64.16 -35.45 13.38
N GLN B 918 65.00 -34.42 13.38
CA GLN B 918 64.78 -33.23 12.57
C GLN B 918 64.49 -33.54 11.11
N LYS B 919 65.29 -34.37 10.45
CA LYS B 919 65.09 -34.64 9.03
C LYS B 919 63.77 -35.34 8.76
N LEU B 920 63.44 -36.35 9.55
CA LEU B 920 62.17 -37.03 9.38
C LEU B 920 61.00 -36.08 9.61
N ILE B 921 61.09 -35.22 10.63
CA ILE B 921 60.01 -34.30 10.92
C ILE B 921 59.83 -33.29 9.81
N ALA B 922 60.93 -32.81 9.24
CA ALA B 922 60.87 -31.87 8.13
C ALA B 922 60.32 -32.52 6.85
N ASN B 923 60.71 -33.76 6.56
CA ASN B 923 60.10 -34.49 5.45
C ASN B 923 58.61 -34.70 5.62
N GLN B 924 58.15 -35.07 6.82
CA GLN B 924 56.73 -35.21 7.03
C GLN B 924 55.97 -33.91 6.85
N PHE B 925 56.50 -32.81 7.38
CA PHE B 925 55.88 -31.52 7.10
C PHE B 925 55.78 -31.26 5.62
N ASN B 926 56.87 -31.49 4.88
CA ASN B 926 56.91 -31.18 3.45
C ASN B 926 55.92 -32.01 2.66
N SER B 927 55.81 -33.30 2.98
CA SER B 927 54.81 -34.13 2.30
C SER B 927 53.39 -33.72 2.65
N ALA B 928 53.11 -33.38 3.90
CA ALA B 928 51.77 -32.93 4.25
C ALA B 928 51.41 -31.62 3.58
N ILE B 929 52.38 -30.74 3.37
CA ILE B 929 52.09 -29.49 2.67
C ILE B 929 51.85 -29.77 1.20
N GLY B 930 52.61 -30.70 0.63
CA GLY B 930 52.36 -31.11 -0.74
C GLY B 930 51.00 -31.74 -0.97
N LYS B 931 50.48 -32.48 0.00
CA LYS B 931 49.16 -33.09 -0.19
C LYS B 931 48.03 -32.07 -0.21
N ILE B 932 48.23 -30.87 0.31
CA ILE B 932 47.13 -29.92 0.42
C ILE B 932 46.74 -29.39 -0.94
N GLN B 933 47.72 -29.05 -1.78
CA GLN B 933 47.39 -28.61 -3.14
C GLN B 933 46.63 -29.68 -3.91
N ASP B 934 47.10 -30.92 -3.88
CA ASP B 934 46.37 -32.01 -4.53
C ASP B 934 44.96 -32.13 -3.98
N SER B 935 44.79 -32.04 -2.66
CA SER B 935 43.47 -32.04 -2.10
C SER B 935 42.68 -30.79 -2.47
N LEU B 936 43.32 -29.78 -3.03
CA LEU B 936 42.62 -28.56 -3.43
C LEU B 936 42.40 -28.52 -4.94
N SER B 937 43.48 -28.61 -5.72
CA SER B 937 43.37 -28.60 -7.18
C SER B 937 42.99 -29.98 -7.72
N ALA B 942 34.92 -28.58 0.02
CA ALA B 942 36.12 -27.78 0.25
C ALA B 942 35.75 -26.33 0.54
N LEU B 943 35.69 -25.52 -0.52
CA LEU B 943 35.35 -24.10 -0.40
C LEU B 943 33.87 -23.85 -0.59
N GLY B 944 33.02 -24.80 -0.20
CA GLY B 944 31.60 -24.59 -0.25
C GLY B 944 31.07 -23.59 0.76
N LYS B 945 31.77 -23.41 1.88
CA LYS B 945 31.33 -22.42 2.86
C LYS B 945 31.50 -21.01 2.33
N LEU B 946 32.43 -20.78 1.43
CA LEU B 946 32.58 -19.48 0.80
C LEU B 946 31.67 -19.32 -0.39
N GLN B 947 31.32 -20.40 -1.07
CA GLN B 947 30.39 -20.33 -2.18
C GLN B 947 28.97 -20.11 -1.72
N ASN B 948 28.56 -20.70 -0.60
CA ASN B 948 27.22 -20.50 -0.06
C ASN B 948 26.90 -19.04 0.21
N VAL B 949 27.84 -18.27 0.76
CA VAL B 949 27.54 -16.88 1.06
C VAL B 949 27.27 -16.10 -0.22
N VAL B 950 28.14 -16.26 -1.21
CA VAL B 950 27.95 -15.63 -2.51
C VAL B 950 26.64 -16.05 -3.16
N ASN B 951 26.30 -17.34 -3.09
CA ASN B 951 25.10 -17.84 -3.70
C ASN B 951 23.85 -17.29 -3.04
N GLN B 952 23.80 -17.34 -1.71
CA GLN B 952 22.64 -16.82 -1.00
C GLN B 952 22.46 -15.34 -1.24
N ASN B 953 23.54 -14.58 -1.34
CA ASN B 953 23.36 -13.16 -1.57
C ASN B 953 22.91 -12.87 -3.00
N ALA B 954 23.51 -13.53 -3.99
CA ALA B 954 23.06 -13.30 -5.37
C ALA B 954 21.62 -13.73 -5.57
N GLN B 955 21.23 -14.84 -4.97
CA GLN B 955 19.87 -15.32 -5.10
C GLN B 955 18.87 -14.44 -4.38
N ALA B 956 19.26 -13.83 -3.25
CA ALA B 956 18.34 -12.89 -2.61
C ALA B 956 18.25 -11.57 -3.35
N LEU B 957 19.28 -11.20 -4.10
CA LEU B 957 19.20 -9.99 -4.91
C LEU B 957 18.45 -10.20 -6.22
N ASN B 958 18.40 -11.42 -6.72
CA ASN B 958 17.64 -11.72 -7.92
C ASN B 958 16.13 -11.69 -7.66
N THR B 959 15.69 -12.13 -6.48
CA THR B 959 14.29 -12.07 -6.10
C THR B 959 13.74 -10.65 -5.98
N LEU B 960 14.52 -9.72 -5.45
CA LEU B 960 14.09 -8.34 -5.36
C LEU B 960 13.83 -7.73 -6.73
N VAL B 961 14.65 -8.05 -7.72
CA VAL B 961 14.43 -7.55 -9.06
C VAL B 961 13.25 -8.25 -9.71
N LYS B 962 13.10 -9.56 -9.50
CA LYS B 962 11.96 -10.24 -10.09
C LYS B 962 10.63 -9.80 -9.50
N GLN B 963 10.61 -9.30 -8.27
CA GLN B 963 9.39 -8.80 -7.66
C GLN B 963 8.89 -7.51 -8.26
N LEU B 964 9.57 -6.94 -9.24
CA LEU B 964 9.10 -5.71 -9.83
C LEU B 964 8.13 -5.96 -10.98
N SER B 965 8.08 -7.16 -11.52
CA SER B 965 7.05 -7.51 -12.48
C SER B 965 5.92 -8.28 -11.83
N SER B 966 5.25 -7.69 -10.85
CA SER B 966 4.05 -8.26 -10.25
C SER B 966 3.08 -7.11 -10.01
N ASN B 967 1.79 -7.32 -10.28
CA ASN B 967 0.86 -6.21 -10.14
C ASN B 967 0.42 -6.00 -8.70
N PHE B 968 0.51 -7.04 -7.87
CA PHE B 968 0.00 -7.01 -6.50
C PHE B 968 -1.48 -6.70 -6.46
N GLY B 969 -2.21 -7.03 -7.51
CA GLY B 969 -3.63 -6.75 -7.55
C GLY B 969 -4.01 -5.44 -8.18
N ALA B 970 -3.14 -4.87 -8.99
CA ALA B 970 -3.46 -3.73 -9.83
C ALA B 970 -3.68 -4.24 -11.24
N ILE B 971 -3.98 -3.34 -12.18
CA ILE B 971 -4.23 -3.82 -13.54
C ILE B 971 -2.95 -4.31 -14.18
N SER B 972 -1.85 -3.60 -14.00
CA SER B 972 -0.58 -4.01 -14.57
C SER B 972 0.52 -3.70 -13.57
N SER B 973 1.75 -4.00 -13.97
CA SER B 973 2.91 -3.87 -13.10
C SER B 973 3.92 -2.87 -13.63
N VAL B 974 3.54 -2.05 -14.61
CA VAL B 974 4.44 -1.08 -15.22
C VAL B 974 3.81 0.30 -15.09
N LEU B 975 4.50 1.20 -14.40
CA LEU B 975 3.93 2.45 -13.90
C LEU B 975 3.53 3.42 -15.00
N ASN B 976 3.84 3.14 -16.27
CA ASN B 976 3.36 4.01 -17.33
C ASN B 976 2.03 3.55 -17.90
N ASP B 977 1.88 2.27 -18.20
CA ASP B 977 0.65 1.79 -18.79
C ASP B 977 -0.53 1.96 -17.85
N ILE B 978 -0.30 1.88 -16.54
CA ILE B 978 -1.37 2.21 -15.61
C ILE B 978 -1.65 3.70 -15.73
N LEU B 979 -0.62 4.47 -16.02
CA LEU B 979 -0.73 5.92 -15.94
C LEU B 979 -1.22 6.55 -17.23
N SER B 980 -1.09 5.89 -18.37
CA SER B 980 -1.52 6.44 -19.65
C SER B 980 -2.77 5.73 -20.13
N ARG B 981 -3.45 5.05 -19.23
CA ARG B 981 -4.71 4.40 -19.58
C ARG B 981 -5.76 4.67 -18.52
N LEU B 982 -5.46 5.56 -17.58
CA LEU B 982 -6.46 6.00 -16.63
C LEU B 982 -6.16 7.46 -16.26
N ASP B 983 -7.16 8.11 -15.67
CA ASP B 983 -7.02 9.49 -15.22
C ASP B 983 -6.84 9.55 -13.71
N PRO B 984 -6.26 10.63 -13.18
CA PRO B 984 -5.54 10.56 -11.89
C PRO B 984 -6.32 9.88 -10.78
N PRO B 985 -7.55 10.33 -10.52
CA PRO B 985 -8.38 9.75 -9.46
C PRO B 985 -8.44 8.23 -9.54
N GLU B 986 -8.50 7.72 -10.77
CA GLU B 986 -8.57 6.30 -11.03
C GLU B 986 -7.21 5.62 -10.92
N ALA B 987 -6.13 6.32 -11.27
CA ALA B 987 -4.82 5.71 -11.31
C ALA B 987 -4.15 5.68 -9.95
N GLU B 988 -4.33 6.72 -9.14
CA GLU B 988 -3.79 6.74 -7.80
C GLU B 988 -4.17 5.50 -6.99
N VAL B 989 -5.36 4.95 -7.21
CA VAL B 989 -5.74 3.73 -6.51
C VAL B 989 -4.83 2.57 -6.86
N GLN B 990 -4.53 2.37 -8.14
CA GLN B 990 -3.66 1.26 -8.53
C GLN B 990 -2.21 1.52 -8.15
N ILE B 991 -1.77 2.77 -8.23
CA ILE B 991 -0.39 3.07 -7.90
C ILE B 991 -0.14 2.86 -6.42
N ASP B 992 -1.15 3.08 -5.57
CA ASP B 992 -0.94 2.76 -4.17
C ASP B 992 -0.80 1.27 -3.90
N ARG B 993 -1.50 0.41 -4.62
CA ARG B 993 -1.28 -1.02 -4.51
C ARG B 993 0.10 -1.44 -4.95
N LEU B 994 0.55 -0.93 -6.09
CA LEU B 994 1.92 -1.18 -6.53
C LEU B 994 2.93 -0.73 -5.48
N ILE B 995 2.75 0.45 -4.91
CA ILE B 995 3.67 0.95 -3.90
C ILE B 995 3.69 0.02 -2.69
N THR B 996 2.52 -0.41 -2.24
CA THR B 996 2.48 -1.26 -1.05
C THR B 996 3.24 -2.56 -1.28
N GLY B 997 3.01 -3.21 -2.42
CA GLY B 997 3.75 -4.42 -2.70
C GLY B 997 5.24 -4.22 -2.79
N ARG B 998 5.68 -3.18 -3.51
CA ARG B 998 7.10 -2.95 -3.69
C ARG B 998 7.80 -2.52 -2.41
N LEU B 999 7.10 -1.88 -1.49
CA LEU B 999 7.70 -1.57 -0.21
C LEU B 999 7.79 -2.79 0.69
N GLN B 1000 6.79 -3.67 0.65
CA GLN B 1000 6.89 -4.93 1.37
C GLN B 1000 8.07 -5.78 0.92
N SER B 1001 8.31 -5.84 -0.39
CA SER B 1001 9.45 -6.61 -0.89
C SER B 1001 10.78 -6.10 -0.37
N LEU B 1002 10.95 -4.78 -0.37
CA LEU B 1002 12.18 -4.19 0.12
C LEU B 1002 12.37 -4.37 1.62
N GLN B 1003 11.29 -4.35 2.39
CA GLN B 1003 11.46 -4.64 3.81
C GLN B 1003 11.87 -6.07 4.06
N THR B 1004 11.27 -7.02 3.34
CA THR B 1004 11.71 -8.40 3.46
C THR B 1004 13.18 -8.54 3.13
N TYR B 1005 13.64 -7.90 2.05
CA TYR B 1005 15.03 -7.97 1.68
C TYR B 1005 15.95 -7.43 2.77
N VAL B 1006 15.63 -6.24 3.30
CA VAL B 1006 16.53 -5.62 4.26
C VAL B 1006 16.55 -6.40 5.57
N THR B 1007 15.40 -6.90 6.03
CA THR B 1007 15.40 -7.68 7.27
C THR B 1007 16.24 -8.93 7.14
N GLN B 1008 16.16 -9.62 6.01
CA GLN B 1008 17.00 -10.79 5.85
C GLN B 1008 18.48 -10.44 5.71
N GLN B 1009 18.84 -9.32 5.09
CA GLN B 1009 20.23 -8.93 5.08
C GLN B 1009 20.75 -8.63 6.48
N LEU B 1010 19.93 -8.02 7.33
CA LEU B 1010 20.31 -7.80 8.70
C LEU B 1010 20.52 -9.09 9.46
N ILE B 1011 19.68 -10.10 9.23
CA ILE B 1011 19.85 -11.36 9.93
C ILE B 1011 21.05 -12.14 9.38
N ARG B 1012 21.32 -12.00 8.09
CA ARG B 1012 22.46 -12.68 7.49
C ARG B 1012 23.79 -12.02 7.79
N ALA B 1013 23.81 -10.73 8.10
CA ALA B 1013 25.07 -10.08 8.43
C ALA B 1013 25.53 -10.37 9.84
N ALA B 1014 24.60 -10.57 10.76
CA ALA B 1014 24.94 -10.96 12.12
C ALA B 1014 25.53 -12.36 12.19
N GLU B 1015 25.23 -13.21 11.22
CA GLU B 1015 25.85 -14.52 11.12
C GLU B 1015 27.25 -14.47 10.54
N ILE B 1016 27.53 -13.50 9.67
CA ILE B 1016 28.84 -13.31 9.10
C ILE B 1016 29.76 -12.66 10.13
N ARG B 1017 29.19 -11.83 11.00
CA ARG B 1017 29.97 -11.19 12.04
C ARG B 1017 30.43 -12.17 13.11
N ALA B 1018 29.57 -13.11 13.49
CA ALA B 1018 29.96 -14.14 14.44
C ALA B 1018 31.05 -15.03 13.89
N SER B 1019 31.15 -15.15 12.57
CA SER B 1019 32.17 -15.94 11.92
C SER B 1019 33.49 -15.20 11.80
N ALA B 1020 33.45 -13.92 11.47
CA ALA B 1020 34.64 -13.10 11.49
C ALA B 1020 35.21 -12.91 12.89
N ASN B 1021 34.36 -12.95 13.92
CA ASN B 1021 34.83 -12.92 15.29
C ASN B 1021 35.58 -14.18 15.68
N LEU B 1022 35.11 -15.33 15.25
CA LEU B 1022 35.81 -16.59 15.42
C LEU B 1022 37.13 -16.62 14.66
N ALA B 1023 37.15 -16.07 13.46
CA ALA B 1023 38.40 -15.94 12.71
C ALA B 1023 39.41 -15.05 13.39
N ALA B 1024 39.00 -13.91 13.95
CA ALA B 1024 39.94 -13.06 14.67
C ALA B 1024 40.57 -13.73 15.87
N THR B 1025 39.78 -14.50 16.63
CA THR B 1025 40.27 -15.26 17.76
C THR B 1025 41.20 -16.37 17.32
N LYS B 1026 40.90 -17.05 16.22
CA LYS B 1026 41.83 -18.02 15.69
C LYS B 1026 43.13 -17.41 15.22
N MET B 1027 43.08 -16.25 14.55
CA MET B 1027 44.31 -15.63 14.11
C MET B 1027 45.16 -15.20 15.28
N SER B 1028 44.53 -14.77 16.37
CA SER B 1028 45.28 -14.39 17.56
C SER B 1028 45.88 -15.60 18.26
N GLU B 1029 45.10 -16.65 18.40
CA GLU B 1029 45.45 -17.73 19.31
C GLU B 1029 46.10 -18.92 18.65
N CYS B 1030 46.01 -19.05 17.33
CA CYS B 1030 46.59 -20.20 16.64
C CYS B 1030 47.73 -19.82 15.72
N VAL B 1031 47.79 -18.55 15.36
CA VAL B 1031 48.83 -18.05 14.48
C VAL B 1031 49.84 -17.23 15.25
N LEU B 1032 49.39 -16.41 16.19
CA LEU B 1032 50.27 -15.62 17.03
C LEU B 1032 50.63 -16.31 18.33
N GLY B 1033 50.22 -17.54 18.53
CA GLY B 1033 50.65 -18.29 19.69
C GLY B 1033 50.42 -19.76 19.51
N GLN B 1034 50.69 -20.50 20.57
CA GLN B 1034 50.40 -21.93 20.65
C GLN B 1034 49.25 -22.18 21.61
N SER B 1035 48.28 -22.95 21.18
CA SER B 1035 47.05 -23.15 21.92
C SER B 1035 47.05 -24.49 22.64
N LYS B 1036 46.48 -24.50 23.84
CA LYS B 1036 46.23 -25.73 24.56
C LYS B 1036 44.76 -26.12 24.60
N ARG B 1037 43.89 -25.27 24.05
CA ARG B 1037 42.47 -25.59 23.91
C ARG B 1037 42.28 -26.74 22.91
N VAL B 1038 41.57 -27.77 23.33
CA VAL B 1038 41.45 -29.00 22.55
C VAL B 1038 40.55 -28.79 21.34
N ASP B 1039 41.09 -29.08 20.16
CA ASP B 1039 40.36 -28.98 18.90
C ASP B 1039 40.06 -27.57 18.39
N PHE B 1040 40.74 -26.57 18.95
CA PHE B 1040 40.52 -25.21 18.52
C PHE B 1040 41.37 -24.91 17.29
N CYS B 1041 42.45 -25.66 17.14
CA CYS B 1041 43.36 -25.49 16.03
C CYS B 1041 43.68 -26.83 15.35
N GLY B 1042 42.65 -27.62 15.04
CA GLY B 1042 42.84 -28.91 14.40
C GLY B 1042 42.80 -30.11 15.33
N LYS B 1043 43.08 -31.29 14.78
CA LYS B 1043 43.07 -32.54 15.54
C LYS B 1043 44.50 -32.93 15.87
N GLY B 1044 44.79 -33.16 17.15
CA GLY B 1044 46.12 -33.47 17.61
C GLY B 1044 46.57 -32.40 18.55
N TYR B 1045 47.85 -32.41 18.86
CA TYR B 1045 48.44 -31.37 19.68
C TYR B 1045 48.95 -30.24 18.81
N HIS B 1046 48.35 -29.06 18.96
CA HIS B 1046 48.64 -27.93 18.11
C HIS B 1046 50.11 -27.57 18.18
N LEU B 1047 50.78 -27.61 17.03
CA LEU B 1047 52.13 -27.09 16.93
C LEU B 1047 52.15 -25.65 16.44
N MET B 1048 51.62 -25.39 15.25
CA MET B 1048 51.59 -24.02 14.74
C MET B 1048 50.56 -23.93 13.63
N SER B 1049 50.22 -22.71 13.23
CA SER B 1049 49.21 -22.48 12.21
C SER B 1049 49.65 -21.36 11.28
N PHE B 1050 49.27 -21.48 10.00
CA PHE B 1050 49.61 -20.52 8.94
C PHE B 1050 48.36 -19.98 8.28
N PRO B 1051 48.23 -18.68 8.08
CA PRO B 1051 47.05 -18.14 7.39
C PRO B 1051 47.25 -17.92 5.89
N GLN B 1052 46.16 -18.06 5.15
CA GLN B 1052 46.12 -17.74 3.74
C GLN B 1052 44.82 -17.01 3.47
N SER B 1053 44.84 -16.07 2.54
CA SER B 1053 43.65 -15.30 2.24
C SER B 1053 42.85 -15.97 1.14
N ALA B 1054 41.54 -15.98 1.29
CA ALA B 1054 40.66 -16.54 0.28
C ALA B 1054 39.74 -15.41 -0.15
N PRO B 1055 38.90 -15.57 -1.18
CA PRO B 1055 37.95 -14.50 -1.51
C PRO B 1055 36.81 -14.42 -0.51
N HIS B 1056 36.75 -13.29 0.22
CA HIS B 1056 35.82 -13.03 1.30
C HIS B 1056 36.05 -13.91 2.52
N GLY B 1057 37.24 -14.47 2.68
CA GLY B 1057 37.44 -15.38 3.76
C GLY B 1057 38.90 -15.63 4.07
N VAL B 1058 39.12 -16.58 4.96
CA VAL B 1058 40.48 -16.94 5.36
C VAL B 1058 40.56 -18.45 5.47
N VAL B 1059 41.75 -18.98 5.22
CA VAL B 1059 42.06 -20.39 5.34
C VAL B 1059 43.19 -20.51 6.34
N PHE B 1060 43.05 -21.44 7.27
CA PHE B 1060 44.06 -21.71 8.28
C PHE B 1060 44.60 -23.10 8.02
N LEU B 1061 45.90 -23.20 7.87
CA LEU B 1061 46.59 -24.48 7.78
C LEU B 1061 47.17 -24.78 9.16
N HIS B 1062 46.57 -25.73 9.87
CA HIS B 1062 47.00 -26.11 11.21
C HIS B 1062 47.96 -27.29 11.11
N VAL B 1063 49.14 -27.12 11.70
CA VAL B 1063 50.13 -28.17 11.89
C VAL B 1063 50.00 -28.71 13.30
N THR B 1064 49.74 -30.01 13.40
CA THR B 1064 49.60 -30.71 14.68
C THR B 1064 50.48 -31.95 14.72
N TYR B 1065 50.64 -32.45 15.94
CA TYR B 1065 51.43 -33.64 16.27
C TYR B 1065 50.48 -34.76 16.63
N VAL B 1066 50.60 -35.90 15.96
CA VAL B 1066 49.70 -37.02 16.20
C VAL B 1066 50.51 -38.24 16.63
N PRO B 1067 50.29 -38.81 17.81
CA PRO B 1067 51.08 -39.97 18.22
C PRO B 1067 50.74 -41.22 17.42
N ALA B 1068 51.71 -42.13 17.30
CA ALA B 1068 51.57 -43.27 16.41
C ALA B 1068 52.36 -44.46 16.92
N GLN B 1069 51.89 -45.65 16.56
CA GLN B 1069 52.57 -46.92 16.79
C GLN B 1069 52.82 -47.21 18.26
N GLU B 1070 51.73 -47.39 19.00
CA GLU B 1070 51.86 -47.60 20.44
C GLU B 1070 52.14 -49.06 20.78
N LYS B 1071 52.83 -49.25 21.90
CA LYS B 1071 53.03 -50.55 22.50
C LYS B 1071 52.37 -50.56 23.88
N ASN B 1072 52.00 -51.74 24.34
CA ASN B 1072 51.45 -51.88 25.69
C ASN B 1072 52.56 -52.31 26.65
N PHE B 1073 52.40 -51.95 27.91
CA PHE B 1073 53.34 -52.20 28.97
C PHE B 1073 52.57 -52.45 30.25
N THR B 1074 53.27 -52.97 31.24
CA THR B 1074 52.81 -53.06 32.61
C THR B 1074 53.23 -51.78 33.32
N THR B 1075 52.45 -51.35 34.29
CA THR B 1075 52.69 -50.08 34.94
C THR B 1075 52.34 -50.18 36.41
N ALA B 1076 52.75 -49.16 37.16
CA ALA B 1076 52.57 -49.11 38.61
C ALA B 1076 52.62 -47.67 39.03
N PRO B 1077 51.91 -47.29 40.08
CA PRO B 1077 51.91 -45.89 40.50
C PRO B 1077 53.14 -45.46 41.28
N ALA B 1078 53.71 -46.33 42.10
CA ALA B 1078 54.87 -45.96 42.90
C ALA B 1078 55.81 -47.15 42.94
N ILE B 1079 56.96 -46.97 43.58
CA ILE B 1079 57.94 -48.04 43.72
C ILE B 1079 58.46 -48.04 45.14
N CYS B 1080 58.53 -49.21 45.77
CA CYS B 1080 58.93 -49.28 47.17
C CYS B 1080 60.38 -49.72 47.27
N HIS B 1081 61.15 -48.97 48.05
CA HIS B 1081 62.57 -49.24 48.24
C HIS B 1081 62.99 -48.68 49.57
N ASP B 1082 63.64 -49.49 50.39
CA ASP B 1082 64.04 -49.15 51.76
C ASP B 1082 62.85 -48.74 52.62
N GLY B 1083 61.67 -49.26 52.35
CA GLY B 1083 60.51 -48.83 53.09
C GLY B 1083 60.02 -47.45 52.73
N LYS B 1084 60.41 -46.93 51.57
CA LYS B 1084 59.95 -45.63 51.12
C LYS B 1084 59.26 -45.76 49.78
N ALA B 1085 58.26 -44.93 49.55
CA ALA B 1085 57.54 -44.90 48.29
C ALA B 1085 58.15 -43.84 47.39
N HIS B 1086 58.36 -44.19 46.13
CA HIS B 1086 58.96 -43.30 45.13
C HIS B 1086 57.96 -43.09 44.02
N PHE B 1087 57.82 -41.89 43.61
CA PHE B 1087 56.94 -41.42 42.57
C PHE B 1087 57.75 -40.78 41.47
N PRO B 1088 57.34 -40.88 40.21
CA PRO B 1088 58.11 -40.24 39.15
C PRO B 1088 57.94 -38.73 39.19
N ARG B 1089 59.02 -38.02 38.88
CA ARG B 1089 58.97 -36.57 38.81
C ARG B 1089 58.15 -36.10 37.63
N GLU B 1090 58.52 -36.50 36.43
CA GLU B 1090 57.65 -36.52 35.27
C GLU B 1090 57.83 -37.86 34.58
N GLY B 1091 56.76 -38.42 34.09
CA GLY B 1091 56.81 -39.71 33.44
C GLY B 1091 55.97 -40.74 34.15
N VAL B 1092 56.04 -41.96 33.64
CA VAL B 1092 55.39 -43.11 34.22
C VAL B 1092 56.42 -44.23 34.36
N PHE B 1093 56.27 -45.03 35.40
CA PHE B 1093 57.02 -46.27 35.54
C PHE B 1093 56.38 -47.32 34.65
N VAL B 1094 57.19 -47.95 33.79
CA VAL B 1094 56.73 -49.01 32.91
C VAL B 1094 57.66 -50.21 33.05
N SER B 1095 57.15 -51.36 32.65
CA SER B 1095 57.91 -52.61 32.71
C SER B 1095 57.90 -53.27 31.35
N ASN B 1096 59.06 -53.67 30.86
CA ASN B 1096 59.13 -54.35 29.58
C ASN B 1096 58.94 -55.86 29.70
N GLY B 1097 58.61 -56.34 30.88
CA GLY B 1097 58.41 -57.75 31.12
C GLY B 1097 59.19 -58.22 32.33
N THR B 1098 60.42 -57.71 32.48
CA THR B 1098 61.26 -58.07 33.60
C THR B 1098 61.92 -56.89 34.30
N HIS B 1099 62.03 -55.73 33.66
CA HIS B 1099 62.74 -54.59 34.20
C HIS B 1099 61.81 -53.38 34.24
N TRP B 1100 62.13 -52.44 35.11
CA TRP B 1100 61.34 -51.24 35.32
C TRP B 1100 62.10 -50.00 34.87
N PHE B 1101 61.40 -49.08 34.21
CA PHE B 1101 61.97 -47.84 33.71
C PHE B 1101 61.02 -46.69 34.00
N VAL B 1102 61.52 -45.46 33.88
CA VAL B 1102 60.70 -44.26 33.78
C VAL B 1102 60.72 -43.79 32.34
N THR B 1103 59.57 -43.39 31.83
CA THR B 1103 59.52 -42.77 30.52
C THR B 1103 58.68 -41.50 30.59
N GLN B 1104 58.86 -40.64 29.61
CA GLN B 1104 57.92 -39.54 29.43
C GLN B 1104 56.63 -40.08 28.84
N ARG B 1105 55.52 -39.39 29.11
CA ARG B 1105 54.23 -39.99 28.91
C ARG B 1105 53.76 -40.04 27.46
N ASN B 1106 54.38 -39.29 26.55
CA ASN B 1106 53.86 -39.19 25.20
C ASN B 1106 54.77 -39.78 24.15
N PHE B 1107 56.00 -40.12 24.49
CA PHE B 1107 56.95 -40.72 23.56
C PHE B 1107 57.76 -41.72 24.35
N TYR B 1108 57.88 -42.95 23.86
CA TYR B 1108 58.52 -44.00 24.62
C TYR B 1108 60.04 -43.83 24.59
N GLU B 1109 60.62 -43.56 25.76
CA GLU B 1109 62.05 -43.29 25.87
C GLU B 1109 62.49 -43.71 27.27
N PRO B 1110 62.79 -44.99 27.47
CA PRO B 1110 62.99 -45.53 28.81
C PRO B 1110 64.35 -45.27 29.42
N GLN B 1111 64.35 -44.96 30.71
CA GLN B 1111 65.56 -44.69 31.46
C GLN B 1111 65.53 -45.45 32.78
N ILE B 1112 66.68 -45.57 33.43
CA ILE B 1112 66.72 -46.35 34.65
C ILE B 1112 66.36 -45.44 35.82
N ILE B 1113 65.71 -46.02 36.82
CA ILE B 1113 65.09 -45.28 37.91
C ILE B 1113 66.16 -44.91 38.92
N THR B 1114 66.41 -43.61 39.08
CA THR B 1114 67.39 -43.09 40.00
C THR B 1114 66.72 -42.15 40.98
N THR B 1115 67.51 -41.55 41.86
CA THR B 1115 67.02 -40.56 42.80
C THR B 1115 66.85 -39.19 42.18
N ASP B 1116 67.23 -39.02 40.92
CA ASP B 1116 67.04 -37.75 40.23
C ASP B 1116 65.85 -37.83 39.29
N ASN B 1117 65.35 -39.05 39.09
CA ASN B 1117 64.15 -39.34 38.32
C ASN B 1117 62.89 -39.24 39.14
N THR B 1118 62.98 -39.34 40.46
CA THR B 1118 61.85 -39.63 41.32
C THR B 1118 61.87 -38.68 42.48
N PHE B 1119 60.81 -38.73 43.28
CA PHE B 1119 60.83 -38.13 44.60
C PHE B 1119 60.18 -39.10 45.57
N VAL B 1120 60.43 -38.87 46.84
CA VAL B 1120 60.01 -39.77 47.91
C VAL B 1120 58.87 -39.12 48.67
N SER B 1121 57.95 -39.95 49.14
CA SER B 1121 56.93 -39.47 50.06
C SER B 1121 56.32 -40.65 50.80
N GLY B 1122 56.46 -40.68 52.12
CA GLY B 1122 55.84 -41.69 52.93
C GLY B 1122 56.51 -43.05 52.82
N ASN B 1123 55.85 -44.04 53.41
CA ASN B 1123 56.32 -45.41 53.40
C ASN B 1123 55.41 -46.24 52.52
N CYS B 1124 55.88 -47.41 52.10
CA CYS B 1124 55.13 -48.22 51.15
C CYS B 1124 54.12 -49.13 51.85
N ASP B 1125 53.07 -48.54 52.40
CA ASP B 1125 51.99 -49.30 53.05
C ASP B 1125 50.63 -48.75 52.67
N VAL B 1126 50.61 -47.58 52.04
CA VAL B 1126 49.38 -46.82 51.83
C VAL B 1126 48.96 -46.76 50.37
N VAL B 1127 49.86 -46.98 49.44
CA VAL B 1127 49.56 -46.85 48.02
C VAL B 1127 49.07 -48.20 47.51
N ILE B 1128 47.98 -48.18 46.74
CA ILE B 1128 47.38 -49.39 46.19
C ILE B 1128 48.09 -49.70 44.89
N GLY B 1129 48.74 -50.85 44.84
CA GLY B 1129 49.43 -51.28 43.66
C GLY B 1129 50.90 -50.98 43.62
N ILE B 1130 51.52 -50.69 44.76
CA ILE B 1130 52.95 -50.39 44.80
C ILE B 1130 53.76 -51.65 44.49
N VAL B 1131 54.94 -51.45 43.93
CA VAL B 1131 55.75 -52.53 43.40
C VAL B 1131 57.17 -52.41 43.94
N ASN B 1132 57.84 -53.53 44.11
CA ASN B 1132 59.19 -53.58 44.62
C ASN B 1132 60.20 -53.44 43.50
N ASN B 1133 61.17 -52.56 43.68
CA ASN B 1133 62.29 -52.45 42.76
C ASN B 1133 63.37 -51.65 43.45
N THR B 1134 64.52 -51.53 42.80
CA THR B 1134 65.66 -50.81 43.34
C THR B 1134 65.77 -49.46 42.68
N VAL B 1135 66.01 -48.43 43.49
CA VAL B 1135 66.17 -47.07 43.01
C VAL B 1135 67.63 -46.70 43.17
N TYR B 1136 68.27 -46.31 42.07
CA TYR B 1136 69.72 -46.22 42.02
C TYR B 1136 70.17 -44.82 42.40
N ASP B 1137 71.15 -44.75 43.26
CA ASP B 1137 71.81 -43.54 43.72
C ASP B 1137 73.12 -43.37 42.99
N PRO B 1138 73.43 -42.22 42.42
CA PRO B 1138 74.71 -42.08 41.70
C PRO B 1138 75.90 -41.79 42.61
N LEU B 1139 75.63 -41.09 43.70
CA LEU B 1139 76.72 -40.57 44.53
C LEU B 1139 77.53 -41.69 45.15
N GLN B 1140 76.89 -42.65 45.81
CA GLN B 1140 77.65 -43.65 46.55
C GLN B 1140 78.40 -44.62 45.66
N PRO B 1141 77.94 -44.95 44.44
CA PRO B 1141 78.83 -45.66 43.52
C PRO B 1141 79.81 -44.77 42.83
N GLU B 1142 79.72 -43.45 43.00
CA GLU B 1142 80.85 -42.60 42.67
C GLU B 1142 81.90 -42.69 43.77
N LEU B 1143 81.46 -42.82 45.02
CA LEU B 1143 82.37 -42.84 46.16
C LEU B 1143 82.98 -44.23 46.38
N ASP B 1144 82.88 -45.10 45.38
CA ASP B 1144 83.36 -46.48 45.47
C ASP B 1144 82.92 -47.20 46.74
N ALA C 27 -34.71 -10.19 53.06
CA ALA C 27 -33.39 -10.73 53.25
C ALA C 27 -32.57 -10.70 51.97
N TYR C 28 -31.26 -10.78 52.11
CA TYR C 28 -30.34 -10.89 50.99
C TYR C 28 -29.37 -12.00 51.31
N THR C 29 -28.82 -12.63 50.27
CA THR C 29 -27.91 -13.73 50.47
C THR C 29 -26.80 -13.62 49.42
N ASN C 30 -25.80 -14.48 49.57
CA ASN C 30 -24.60 -14.48 48.75
C ASN C 30 -24.55 -15.75 47.94
N SER C 31 -24.60 -15.62 46.62
CA SER C 31 -24.26 -16.72 45.74
C SER C 31 -22.80 -17.04 45.92
N PHE C 32 -22.34 -18.22 45.54
CA PHE C 32 -20.91 -18.37 45.60
C PHE C 32 -20.33 -18.54 44.20
N THR C 33 -20.71 -19.61 43.51
CA THR C 33 -20.36 -19.82 42.12
C THR C 33 -21.60 -20.47 41.50
N ARG C 34 -22.49 -19.63 41.00
CA ARG C 34 -23.82 -20.06 40.60
C ARG C 34 -24.25 -19.28 39.37
N GLY C 35 -24.99 -19.93 38.49
CA GLY C 35 -25.52 -19.24 37.32
C GLY C 35 -24.58 -19.27 36.14
N VAL C 36 -23.96 -20.42 35.91
CA VAL C 36 -23.12 -20.64 34.75
C VAL C 36 -23.88 -21.53 33.78
N TYR C 37 -24.01 -21.08 32.54
CA TYR C 37 -24.70 -21.81 31.51
C TYR C 37 -23.80 -21.99 30.30
N TYR C 38 -24.08 -23.03 29.53
CA TYR C 38 -23.36 -23.26 28.28
C TYR C 38 -23.75 -22.19 27.29
N PRO C 39 -22.79 -21.35 26.91
CA PRO C 39 -23.04 -20.23 26.01
C PRO C 39 -23.61 -20.61 24.65
N ASP C 40 -23.61 -21.89 24.33
CA ASP C 40 -24.13 -22.34 23.04
C ASP C 40 -23.82 -23.80 22.77
N LYS C 41 -24.22 -24.27 21.59
CA LYS C 41 -23.99 -25.66 21.20
C LYS C 41 -22.50 -25.93 21.04
N VAL C 42 -22.16 -26.84 20.13
CA VAL C 42 -20.77 -27.22 19.85
C VAL C 42 -20.05 -27.77 21.07
N PHE C 43 -19.64 -29.04 20.99
CA PHE C 43 -18.94 -29.69 22.09
C PHE C 43 -17.69 -28.92 22.49
N ARG C 44 -16.94 -29.47 23.43
CA ARG C 44 -15.71 -28.83 23.91
C ARG C 44 -15.16 -29.57 25.13
N SER C 45 -14.02 -30.21 24.95
CA SER C 45 -13.38 -30.95 26.04
C SER C 45 -12.42 -30.07 26.80
N SER C 46 -11.51 -30.69 27.54
CA SER C 46 -10.53 -29.97 28.33
C SER C 46 -9.95 -28.77 27.59
N VAL C 47 -10.56 -27.60 27.78
CA VAL C 47 -10.09 -26.39 27.13
C VAL C 47 -10.52 -25.12 27.85
N LEU C 48 -9.68 -24.62 28.74
CA LEU C 48 -9.99 -23.40 29.48
C LEU C 48 -10.36 -22.33 28.45
N HIS C 49 -11.59 -22.42 27.96
CA HIS C 49 -12.11 -21.53 26.94
C HIS C 49 -12.62 -20.23 27.56
N SER C 50 -12.35 -19.11 26.90
CA SER C 50 -12.67 -17.79 27.42
C SER C 50 -13.85 -17.20 26.66
N THR C 51 -14.84 -16.68 27.40
CA THR C 51 -16.03 -16.11 26.78
C THR C 51 -16.36 -14.74 27.36
N GLN C 52 -17.03 -13.94 26.54
CA GLN C 52 -17.67 -12.70 26.94
C GLN C 52 -19.17 -12.86 26.76
N ASP C 53 -19.94 -12.63 27.81
CA ASP C 53 -21.39 -12.84 27.72
C ASP C 53 -22.06 -12.17 28.93
N LEU C 54 -23.33 -12.49 29.13
CA LEU C 54 -24.09 -12.00 30.27
C LEU C 54 -24.15 -13.09 31.32
N PHE C 55 -23.49 -12.85 32.45
CA PHE C 55 -23.40 -13.83 33.52
C PHE C 55 -23.82 -13.19 34.82
N LEU C 56 -24.03 -14.05 35.81
CA LEU C 56 -24.25 -13.63 37.19
C LEU C 56 -22.90 -13.60 37.89
N PRO C 57 -22.38 -12.42 38.25
CA PRO C 57 -21.05 -12.34 38.84
C PRO C 57 -20.89 -13.20 40.08
N PHE C 58 -19.69 -13.70 40.33
CA PHE C 58 -19.47 -14.54 41.49
C PHE C 58 -19.62 -13.72 42.76
N PHE C 59 -20.10 -14.37 43.81
CA PHE C 59 -20.28 -13.74 45.11
C PHE C 59 -21.11 -12.48 44.98
N SER C 60 -22.38 -12.65 44.61
CA SER C 60 -23.27 -11.54 44.32
C SER C 60 -24.30 -11.40 45.43
N ASN C 61 -25.10 -10.35 45.30
CA ASN C 61 -26.09 -9.95 46.29
C ASN C 61 -27.47 -10.32 45.77
N VAL C 62 -27.96 -11.51 46.11
CA VAL C 62 -29.19 -12.03 45.55
C VAL C 62 -30.31 -11.84 46.57
N THR C 63 -31.41 -11.25 46.13
CA THR C 63 -32.57 -11.06 46.99
C THR C 63 -33.08 -12.40 47.51
N TRP C 64 -33.76 -12.35 48.63
CA TRP C 64 -34.36 -13.54 49.21
C TRP C 64 -35.85 -13.27 49.37
N PHE C 65 -36.67 -14.26 49.00
CA PHE C 65 -38.10 -14.15 49.15
C PHE C 65 -38.61 -15.38 49.87
N HIS C 66 -39.60 -15.19 50.72
CA HIS C 66 -40.26 -16.26 51.44
C HIS C 66 -41.72 -16.31 51.04
N ALA C 67 -42.36 -17.42 51.37
CA ALA C 67 -43.78 -17.60 51.17
C ALA C 67 -44.26 -18.73 52.08
N ASN C 81 -46.16 -13.16 45.04
CA ASN C 81 -45.07 -12.31 45.46
C ASN C 81 -44.85 -11.23 44.35
N PRO C 82 -44.06 -10.19 44.63
CA PRO C 82 -44.23 -8.92 43.91
C PRO C 82 -43.70 -8.89 42.48
N VAL C 83 -44.03 -7.79 41.81
CA VAL C 83 -43.55 -7.47 40.46
C VAL C 83 -42.10 -7.04 40.56
N LEU C 84 -41.23 -7.73 39.84
CA LEU C 84 -39.80 -7.43 39.84
C LEU C 84 -39.41 -6.78 38.52
N PRO C 85 -38.18 -6.30 38.37
CA PRO C 85 -37.72 -5.90 37.04
C PRO C 85 -37.05 -7.04 36.29
N PHE C 86 -36.70 -6.81 35.02
CA PHE C 86 -35.93 -7.77 34.23
C PHE C 86 -34.57 -7.24 33.81
N ASN C 87 -34.57 -6.17 33.03
CA ASN C 87 -33.54 -5.20 32.65
C ASN C 87 -32.34 -5.82 31.94
N ASP C 88 -31.98 -7.06 32.26
CA ASP C 88 -31.04 -7.86 31.48
C ASP C 88 -31.01 -9.26 32.08
N GLY C 89 -31.80 -10.17 31.55
CA GLY C 89 -31.75 -11.53 32.05
C GLY C 89 -31.99 -11.71 33.54
N VAL C 90 -32.09 -12.95 34.00
CA VAL C 90 -32.43 -13.24 35.39
C VAL C 90 -31.93 -14.63 35.73
N TYR C 91 -31.26 -14.74 36.88
CA TYR C 91 -31.07 -16.01 37.55
C TYR C 91 -32.21 -16.23 38.54
N PHE C 92 -32.58 -17.48 38.74
CA PHE C 92 -33.74 -17.76 39.57
C PHE C 92 -33.63 -19.18 40.10
N ALA C 93 -33.35 -19.33 41.39
CA ALA C 93 -33.35 -20.65 42.01
C ALA C 93 -34.57 -20.79 42.90
N SER C 94 -34.79 -22.02 43.38
CA SER C 94 -35.96 -22.32 44.21
C SER C 94 -35.75 -23.68 44.86
N THR C 95 -36.37 -23.86 46.02
CA THR C 95 -36.14 -25.06 46.82
C THR C 95 -37.45 -25.55 47.45
N GLU C 96 -37.74 -26.84 47.27
CA GLU C 96 -38.86 -27.52 47.95
C GLU C 96 -38.95 -28.99 47.57
N LYS C 97 -39.84 -29.73 48.23
CA LYS C 97 -40.23 -31.07 47.78
C LYS C 97 -41.61 -31.09 47.15
N SER C 98 -42.59 -30.40 47.74
CA SER C 98 -43.83 -30.06 47.06
C SER C 98 -43.54 -29.09 45.92
N ASN C 99 -44.55 -28.62 45.22
CA ASN C 99 -44.32 -27.71 44.10
C ASN C 99 -45.15 -26.46 44.30
N ILE C 100 -44.57 -25.46 44.97
CA ILE C 100 -45.24 -24.21 45.25
C ILE C 100 -44.95 -23.24 44.11
N ILE C 101 -43.75 -23.32 43.56
CA ILE C 101 -43.38 -22.48 42.43
C ILE C 101 -43.93 -23.10 41.17
N ARG C 102 -44.87 -22.41 40.54
CA ARG C 102 -45.63 -22.94 39.42
C ARG C 102 -45.51 -21.98 38.25
N GLY C 103 -44.29 -21.58 37.94
CA GLY C 103 -44.04 -20.79 36.76
C GLY C 103 -44.04 -19.31 37.03
N TRP C 104 -43.74 -18.56 35.99
CA TRP C 104 -43.50 -17.15 36.03
C TRP C 104 -44.43 -16.49 35.04
N ILE C 105 -44.49 -15.16 35.06
CA ILE C 105 -45.20 -14.41 34.03
C ILE C 105 -44.33 -13.22 33.69
N PHE C 106 -44.28 -12.86 32.42
CA PHE C 106 -43.31 -11.88 31.96
C PHE C 106 -44.01 -10.74 31.25
N GLY C 107 -43.23 -9.74 30.84
CA GLY C 107 -43.76 -8.72 29.95
C GLY C 107 -43.35 -7.31 30.32
N THR C 108 -44.07 -6.33 29.79
CA THR C 108 -43.81 -4.95 30.14
C THR C 108 -44.88 -4.40 31.07
N THR C 109 -46.16 -4.67 30.77
CA THR C 109 -47.25 -4.15 31.57
C THR C 109 -48.04 -5.20 32.32
N LEU C 110 -47.90 -6.48 31.96
CA LEU C 110 -48.59 -7.57 32.64
C LEU C 110 -50.11 -7.38 32.60
N ASP C 111 -50.59 -6.90 31.46
CA ASP C 111 -52.02 -6.67 31.28
C ASP C 111 -52.32 -6.64 29.79
N SER C 112 -53.52 -6.16 29.46
CA SER C 112 -53.86 -5.91 28.06
C SER C 112 -53.20 -4.62 27.59
N LYS C 113 -53.49 -4.25 26.34
CA LYS C 113 -52.93 -3.09 25.65
C LYS C 113 -51.48 -3.34 25.23
N THR C 114 -50.87 -4.43 25.71
CA THR C 114 -49.58 -4.87 25.19
C THR C 114 -49.42 -6.35 25.52
N GLN C 115 -48.59 -7.03 24.73
CA GLN C 115 -48.47 -8.48 24.76
C GLN C 115 -47.50 -8.93 25.84
N SER C 116 -47.69 -10.16 26.32
CA SER C 116 -46.87 -10.72 27.38
C SER C 116 -46.83 -12.24 27.24
N LEU C 117 -45.86 -12.85 27.91
CA LEU C 117 -45.71 -14.30 27.96
C LEU C 117 -46.34 -14.83 29.25
N LEU C 118 -46.67 -16.11 29.27
CA LEU C 118 -47.20 -16.77 30.45
C LEU C 118 -46.76 -18.22 30.46
N ILE C 119 -46.06 -18.62 31.51
CA ILE C 119 -45.53 -19.97 31.62
C ILE C 119 -46.06 -20.59 32.90
N VAL C 120 -46.84 -21.65 32.74
CA VAL C 120 -47.62 -22.19 33.85
C VAL C 120 -47.38 -23.69 33.95
N ASN C 121 -47.68 -24.27 35.11
CA ASN C 121 -47.63 -25.70 35.30
C ASN C 121 -48.67 -26.10 36.35
N ASN C 122 -49.82 -26.64 35.92
CA ASN C 122 -50.71 -27.27 36.88
C ASN C 122 -50.15 -28.65 37.21
N ALA C 123 -50.90 -29.48 37.92
CA ALA C 123 -50.38 -30.81 38.28
C ALA C 123 -50.24 -31.71 37.06
N THR C 124 -50.54 -31.18 35.87
CA THR C 124 -50.46 -31.96 34.64
C THR C 124 -49.10 -31.83 33.97
N ASN C 125 -48.80 -30.63 33.47
CA ASN C 125 -47.55 -30.32 32.77
C ASN C 125 -47.57 -28.87 32.31
N VAL C 126 -46.42 -28.45 31.79
CA VAL C 126 -46.12 -27.07 31.42
C VAL C 126 -47.11 -26.56 30.37
N VAL C 127 -47.44 -25.27 30.45
CA VAL C 127 -48.29 -24.62 29.47
C VAL C 127 -47.69 -23.26 29.10
N ILE C 128 -46.87 -23.20 28.06
CA ILE C 128 -46.41 -21.90 27.60
C ILE C 128 -47.55 -21.27 26.81
N LYS C 129 -47.61 -19.94 26.81
CA LYS C 129 -48.71 -19.25 26.15
C LYS C 129 -48.31 -17.81 25.93
N VAL C 130 -48.71 -17.26 24.78
CA VAL C 130 -48.48 -15.84 24.52
C VAL C 130 -49.73 -15.21 23.93
N CYS C 131 -50.47 -14.51 24.76
CA CYS C 131 -51.61 -13.70 24.34
C CYS C 131 -51.45 -12.29 24.89
N GLU C 132 -52.51 -11.50 24.74
CA GLU C 132 -52.73 -10.33 25.58
C GLU C 132 -53.67 -10.74 26.70
N PHE C 133 -53.25 -10.48 27.93
CA PHE C 133 -53.97 -11.00 29.09
C PHE C 133 -54.58 -9.87 29.89
N GLN C 134 -55.31 -10.24 30.93
CA GLN C 134 -55.64 -9.36 32.02
C GLN C 134 -55.26 -10.09 33.29
N PHE C 135 -54.16 -9.68 33.89
CA PHE C 135 -53.57 -10.40 35.00
C PHE C 135 -54.07 -9.82 36.31
N CYS C 136 -54.46 -10.70 37.23
CA CYS C 136 -54.68 -10.30 38.60
C CYS C 136 -53.43 -9.61 39.14
N ASN C 137 -53.63 -8.51 39.86
CA ASN C 137 -52.48 -7.86 40.46
C ASN C 137 -51.82 -8.75 41.51
N ASP C 138 -52.55 -9.72 42.07
CA ASP C 138 -52.00 -10.77 42.90
C ASP C 138 -52.46 -12.11 42.34
N PRO C 139 -51.82 -12.59 41.27
CA PRO C 139 -52.31 -13.79 40.60
C PRO C 139 -51.66 -15.04 41.16
N PHE C 140 -52.44 -16.11 41.25
CA PHE C 140 -51.94 -17.36 41.83
C PHE C 140 -52.86 -18.50 41.41
N VAL C 157 -56.58 -17.50 38.83
CA VAL C 157 -56.27 -17.56 37.42
C VAL C 157 -56.35 -16.18 36.77
N TYR C 158 -56.01 -16.11 35.48
CA TYR C 158 -56.04 -14.85 34.75
C TYR C 158 -57.47 -14.30 34.66
N SER C 159 -57.74 -13.55 33.60
CA SER C 159 -59.05 -12.95 33.39
C SER C 159 -59.25 -12.51 31.95
N SER C 160 -58.35 -12.97 31.07
CA SER C 160 -58.41 -12.61 29.66
C SER C 160 -57.32 -13.37 28.93
N ALA C 161 -57.64 -13.79 27.70
CA ALA C 161 -56.72 -14.56 26.87
C ALA C 161 -56.82 -14.16 25.41
N ASN C 162 -56.81 -12.87 25.12
CA ASN C 162 -57.14 -12.36 23.79
C ASN C 162 -55.94 -12.42 22.85
N ASN C 163 -56.23 -12.54 21.55
CA ASN C 163 -55.24 -12.33 20.50
C ASN C 163 -54.02 -13.25 20.55
N CYS C 164 -54.18 -14.46 21.05
CA CYS C 164 -53.05 -15.37 21.27
C CYS C 164 -52.22 -15.58 20.01
N THR C 165 -50.91 -15.37 20.13
CA THR C 165 -49.98 -15.39 19.01
C THR C 165 -49.01 -16.58 19.13
N PHE C 166 -49.18 -17.38 20.17
CA PHE C 166 -48.34 -18.54 20.40
C PHE C 166 -49.00 -19.37 21.49
N GLU C 167 -49.14 -20.67 21.27
CA GLU C 167 -49.64 -21.55 22.32
C GLU C 167 -48.68 -22.71 22.45
N TYR C 168 -48.89 -23.49 23.51
CA TYR C 168 -48.21 -24.76 23.72
C TYR C 168 -48.88 -25.43 24.91
N VAL C 169 -49.12 -26.73 24.84
CA VAL C 169 -49.54 -27.49 26.00
C VAL C 169 -48.85 -28.84 25.91
N SER C 170 -49.16 -29.74 26.83
CA SER C 170 -48.67 -31.11 26.75
C SER C 170 -49.56 -32.06 27.55
N LYS C 185 -34.15 -31.41 49.75
CA LYS C 185 -35.27 -31.53 48.82
C LYS C 185 -34.84 -31.40 47.37
N ASN C 186 -35.20 -30.29 46.76
CA ASN C 186 -34.88 -30.04 45.36
C ASN C 186 -34.36 -28.62 45.21
N LEU C 187 -33.44 -28.43 44.27
CA LEU C 187 -33.00 -27.12 43.85
C LEU C 187 -33.15 -27.02 42.34
N ARG C 188 -33.86 -25.99 41.90
CA ARG C 188 -34.23 -25.85 40.49
C ARG C 188 -33.83 -24.46 40.02
N GLU C 189 -32.72 -24.38 39.31
CA GLU C 189 -32.21 -23.11 38.81
C GLU C 189 -32.66 -22.85 37.39
N PHE C 190 -32.80 -21.55 37.06
CA PHE C 190 -33.20 -21.13 35.74
C PHE C 190 -32.51 -19.83 35.38
N VAL C 191 -32.14 -19.70 34.12
CA VAL C 191 -31.59 -18.46 33.60
C VAL C 191 -32.48 -18.04 32.43
N PHE C 192 -33.06 -16.85 32.51
CA PHE C 192 -33.94 -16.34 31.48
C PHE C 192 -33.27 -15.17 30.80
N LYS C 193 -33.24 -15.18 29.47
CA LYS C 193 -32.72 -14.04 28.73
C LYS C 193 -33.54 -13.85 27.47
N ASN C 194 -33.38 -12.68 26.84
CA ASN C 194 -34.27 -12.24 25.76
C ASN C 194 -33.47 -11.39 24.77
N ILE C 195 -33.03 -12.00 23.68
CA ILE C 195 -32.19 -11.33 22.69
C ILE C 195 -32.74 -11.56 21.30
N ASP C 196 -32.81 -10.47 20.52
CA ASP C 196 -33.24 -10.51 19.13
C ASP C 196 -34.52 -11.30 18.92
N GLY C 197 -35.55 -10.97 19.69
CA GLY C 197 -36.85 -11.61 19.55
C GLY C 197 -36.87 -13.07 19.93
N TYR C 198 -35.79 -13.55 20.54
CA TYR C 198 -35.70 -14.94 21.00
C TYR C 198 -35.65 -14.93 22.53
N PHE C 199 -36.50 -15.73 23.17
CA PHE C 199 -36.53 -15.77 24.62
C PHE C 199 -35.93 -17.11 25.04
N LYS C 200 -34.67 -17.07 25.48
CA LYS C 200 -33.93 -18.27 25.81
C LYS C 200 -34.07 -18.59 27.28
N ILE C 201 -34.10 -19.89 27.58
CA ILE C 201 -34.30 -20.41 28.92
C ILE C 201 -33.31 -21.53 29.15
N TYR C 202 -32.42 -21.36 30.11
CA TYR C 202 -31.54 -22.43 30.54
C TYR C 202 -32.02 -22.89 31.89
N SER C 203 -31.68 -24.12 32.26
CA SER C 203 -32.21 -24.66 33.49
C SER C 203 -31.33 -25.79 33.97
N LYS C 204 -31.51 -26.15 35.24
CA LYS C 204 -30.82 -27.28 35.84
C LYS C 204 -31.57 -27.68 37.11
N HIS C 205 -31.61 -28.97 37.37
CA HIS C 205 -32.29 -29.53 38.54
C HIS C 205 -31.27 -30.34 39.33
N THR C 206 -30.80 -29.76 40.41
CA THR C 206 -29.90 -30.47 41.31
C THR C 206 -30.66 -30.88 42.56
N PRO C 207 -30.31 -32.02 43.15
CA PRO C 207 -30.93 -32.38 44.44
C PRO C 207 -30.14 -31.83 45.62
N ILE C 208 -30.76 -31.02 46.47
CA ILE C 208 -30.10 -30.59 47.70
C ILE C 208 -30.23 -31.68 48.74
N ASN C 209 -29.45 -31.59 49.81
CA ASN C 209 -29.69 -32.44 50.96
C ASN C 209 -30.14 -31.58 52.13
N LEU C 210 -30.61 -30.37 51.81
CA LEU C 210 -31.33 -29.49 52.71
C LEU C 210 -32.76 -29.38 52.21
N VAL C 211 -33.55 -28.50 52.82
CA VAL C 211 -34.91 -28.31 52.32
C VAL C 211 -35.02 -26.99 51.56
N ARG C 212 -34.70 -25.85 52.19
CA ARG C 212 -34.93 -24.56 51.55
C ARG C 212 -33.90 -23.47 51.81
N ASP C 213 -32.60 -23.77 51.73
CA ASP C 213 -31.56 -22.74 51.83
C ASP C 213 -30.61 -22.86 50.64
N LEU C 214 -30.06 -21.73 50.19
CA LEU C 214 -29.19 -21.71 49.01
C LEU C 214 -27.84 -22.36 49.33
N PRO C 215 -27.49 -23.46 48.67
CA PRO C 215 -26.24 -24.15 49.00
C PRO C 215 -25.03 -23.56 48.30
N GLN C 216 -23.91 -24.26 48.37
CA GLN C 216 -22.68 -23.86 47.72
C GLN C 216 -22.24 -24.96 46.77
N GLY C 217 -21.57 -24.57 45.69
CA GLY C 217 -21.07 -25.55 44.74
C GLY C 217 -21.09 -25.05 43.30
N PHE C 218 -20.71 -25.91 42.36
CA PHE C 218 -20.67 -25.56 40.95
C PHE C 218 -21.55 -26.51 40.16
N SER C 219 -22.40 -25.95 39.30
CA SER C 219 -23.29 -26.75 38.46
C SER C 219 -23.76 -25.93 37.27
N ALA C 220 -23.31 -26.29 36.07
CA ALA C 220 -23.60 -25.51 34.87
C ALA C 220 -24.99 -25.83 34.32
N LEU C 221 -25.64 -24.81 33.78
CA LEU C 221 -27.04 -24.88 33.36
C LEU C 221 -27.12 -25.09 31.86
N GLU C 222 -27.95 -26.11 31.40
CA GLU C 222 -28.07 -26.55 30.03
C GLU C 222 -29.30 -25.96 29.35
N PRO C 223 -29.16 -25.51 28.09
CA PRO C 223 -30.27 -24.82 27.43
C PRO C 223 -31.48 -25.72 27.26
N LEU C 224 -32.66 -25.12 27.42
CA LEU C 224 -33.92 -25.86 27.42
C LEU C 224 -34.78 -25.53 26.20
N VAL C 225 -35.06 -24.25 26.02
CA VAL C 225 -36.10 -23.77 25.13
C VAL C 225 -35.51 -22.64 24.30
N ASP C 226 -36.29 -22.23 23.30
CA ASP C 226 -36.00 -21.13 22.40
C ASP C 226 -37.34 -20.69 21.81
N LEU C 227 -37.76 -19.43 22.01
CA LEU C 227 -39.05 -19.02 21.49
C LEU C 227 -38.91 -17.78 20.62
N PRO C 228 -39.18 -17.86 19.33
CA PRO C 228 -39.10 -16.68 18.45
C PRO C 228 -40.37 -15.83 18.56
N ILE C 229 -40.46 -15.05 19.64
CA ILE C 229 -41.67 -14.31 19.95
C ILE C 229 -41.59 -12.91 19.33
N GLY C 230 -40.67 -12.10 19.81
CA GLY C 230 -40.59 -10.71 19.39
C GLY C 230 -41.01 -9.77 20.50
N ILE C 231 -41.66 -10.34 21.52
CA ILE C 231 -42.15 -9.68 22.72
C ILE C 231 -41.11 -8.77 23.36
N ASN C 232 -41.54 -7.62 23.86
CA ASN C 232 -40.74 -6.76 24.72
C ASN C 232 -40.96 -7.18 26.17
N ILE C 233 -39.91 -7.11 26.99
CA ILE C 233 -40.01 -7.47 28.39
C ILE C 233 -39.34 -6.42 29.25
N THR C 234 -40.00 -6.05 30.35
CA THR C 234 -39.43 -5.13 31.32
C THR C 234 -39.75 -5.57 32.75
N ARG C 235 -40.65 -6.52 32.91
CA ARG C 235 -41.07 -6.91 34.25
C ARG C 235 -41.43 -8.39 34.26
N PHE C 236 -41.47 -8.97 35.46
CA PHE C 236 -41.86 -10.36 35.59
C PHE C 236 -42.33 -10.61 37.02
N GLN C 237 -42.93 -11.78 37.24
CA GLN C 237 -43.53 -12.14 38.52
C GLN C 237 -43.27 -13.62 38.81
N THR C 238 -44.02 -14.15 39.76
CA THR C 238 -43.98 -15.56 40.10
C THR C 238 -45.40 -16.05 40.40
N LEU C 239 -45.56 -17.37 40.46
CA LEU C 239 -46.86 -17.99 40.68
C LEU C 239 -46.73 -19.07 41.74
N LEU C 240 -47.67 -19.10 42.68
CA LEU C 240 -47.57 -20.00 43.82
C LEU C 240 -48.90 -20.70 44.05
N ALA C 241 -48.82 -21.92 44.60
CA ALA C 241 -49.99 -22.73 44.92
C ALA C 241 -50.36 -22.51 46.39
N ALA C 262 -39.52 -20.16 49.26
CA ALA C 262 -38.15 -19.69 49.27
C ALA C 262 -37.60 -19.63 47.86
N TYR C 263 -37.24 -18.41 47.43
CA TYR C 263 -36.68 -18.25 46.09
C TYR C 263 -35.88 -16.95 46.01
N TYR C 264 -34.95 -16.92 45.06
CA TYR C 264 -33.96 -15.88 44.91
C TYR C 264 -34.06 -15.27 43.53
N VAL C 265 -33.52 -14.07 43.37
CA VAL C 265 -33.50 -13.41 42.07
C VAL C 265 -32.19 -12.66 41.88
N GLY C 266 -31.31 -13.16 41.00
CA GLY C 266 -30.14 -12.45 40.59
C GLY C 266 -30.36 -11.76 39.25
N TYR C 267 -29.39 -10.94 38.88
CA TYR C 267 -29.44 -10.27 37.60
C TYR C 267 -28.11 -10.50 36.89
N LEU C 268 -28.12 -10.33 35.57
CA LEU C 268 -26.99 -10.69 34.73
C LEU C 268 -26.38 -9.44 34.14
N GLN C 269 -25.06 -9.42 34.06
CA GLN C 269 -24.30 -8.30 33.51
C GLN C 269 -23.30 -8.84 32.52
N PRO C 270 -22.78 -8.00 31.64
CA PRO C 270 -21.76 -8.45 30.69
C PRO C 270 -20.40 -8.64 31.38
N ARG C 271 -20.02 -9.90 31.57
CA ARG C 271 -18.75 -10.27 32.15
C ARG C 271 -17.94 -11.11 31.16
N THR C 272 -16.72 -11.44 31.58
CA THR C 272 -15.80 -12.31 30.85
C THR C 272 -15.39 -13.43 31.77
N PHE C 273 -15.61 -14.66 31.36
CA PHE C 273 -15.31 -15.81 32.19
C PHE C 273 -14.33 -16.75 31.50
N LEU C 274 -13.75 -17.64 32.30
CA LEU C 274 -12.84 -18.68 31.82
C LEU C 274 -13.42 -20.02 32.28
N LEU C 275 -13.95 -20.79 31.33
CA LEU C 275 -14.61 -22.05 31.63
C LEU C 275 -13.67 -23.21 31.40
N LYS C 276 -13.64 -24.14 32.34
CA LYS C 276 -12.85 -25.35 32.22
C LYS C 276 -13.73 -26.48 31.74
N TYR C 277 -13.36 -27.09 30.62
CA TYR C 277 -14.16 -28.14 30.02
C TYR C 277 -13.56 -29.49 30.34
N ASN C 278 -14.42 -30.43 30.73
CA ASN C 278 -14.05 -31.81 30.97
C ASN C 278 -13.71 -32.50 29.65
N GLU C 279 -13.31 -33.76 29.74
CA GLU C 279 -13.08 -34.56 28.54
C GLU C 279 -14.36 -35.11 27.93
N ASN C 280 -15.45 -35.21 28.69
CA ASN C 280 -16.75 -35.47 28.10
C ASN C 280 -17.39 -34.22 27.53
N GLY C 281 -16.87 -33.04 27.86
CA GLY C 281 -17.38 -31.82 27.31
C GLY C 281 -18.26 -31.02 28.23
N THR C 282 -18.24 -31.32 29.53
CA THR C 282 -19.03 -30.56 30.48
C THR C 282 -18.17 -29.54 31.20
N ILE C 283 -18.78 -28.44 31.60
CA ILE C 283 -18.12 -27.37 32.33
C ILE C 283 -18.04 -27.78 33.79
N THR C 284 -16.83 -27.95 34.31
CA THR C 284 -16.66 -28.41 35.68
C THR C 284 -16.24 -27.28 36.62
N ASP C 285 -15.54 -26.28 36.11
CA ASP C 285 -15.10 -25.14 36.92
C ASP C 285 -15.09 -23.89 36.06
N ALA C 286 -14.99 -22.74 36.73
CA ALA C 286 -14.95 -21.47 36.03
C ALA C 286 -14.16 -20.46 36.84
N VAL C 287 -13.79 -19.37 36.18
CA VAL C 287 -13.11 -18.24 36.81
C VAL C 287 -13.79 -16.97 36.33
N ASP C 288 -14.22 -16.14 37.28
CA ASP C 288 -14.72 -14.80 36.99
C ASP C 288 -13.53 -13.86 37.01
N CYS C 289 -13.28 -13.19 35.89
CA CYS C 289 -11.99 -12.55 35.65
C CYS C 289 -12.01 -11.09 36.08
N ALA C 290 -12.97 -10.73 36.90
CA ALA C 290 -13.08 -9.35 37.33
C ALA C 290 -13.35 -9.30 38.82
N LEU C 291 -13.04 -10.40 39.51
CA LEU C 291 -13.15 -10.45 40.97
C LEU C 291 -12.02 -9.64 41.66
N ASP C 292 -10.78 -10.13 41.60
CA ASP C 292 -9.62 -9.45 42.21
C ASP C 292 -8.35 -9.58 41.35
N PRO C 293 -7.16 -9.22 41.86
CA PRO C 293 -5.97 -9.34 41.01
C PRO C 293 -5.61 -10.77 40.66
N LEU C 294 -5.77 -11.72 41.59
CA LEU C 294 -5.48 -13.11 41.27
C LEU C 294 -6.32 -13.62 40.10
N SER C 295 -7.59 -13.26 40.06
CA SER C 295 -8.48 -13.74 39.01
C SER C 295 -8.14 -13.11 37.66
N GLU C 296 -7.81 -11.82 37.67
CA GLU C 296 -7.34 -11.18 36.46
C GLU C 296 -6.04 -11.78 35.95
N THR C 297 -5.16 -12.21 36.84
CA THR C 297 -3.96 -12.92 36.40
C THR C 297 -4.31 -14.27 35.79
N LYS C 298 -5.17 -15.04 36.45
CA LYS C 298 -5.59 -16.33 35.91
C LYS C 298 -6.20 -16.17 34.53
N CYS C 299 -6.94 -15.09 34.32
CA CYS C 299 -7.56 -14.84 33.03
C CYS C 299 -6.52 -14.44 31.99
N THR C 300 -5.55 -13.62 32.38
CA THR C 300 -4.48 -13.22 31.48
C THR C 300 -3.64 -14.40 31.02
N LEU C 301 -3.36 -15.36 31.92
CA LEU C 301 -2.59 -16.54 31.57
C LEU C 301 -3.41 -17.66 30.96
N LYS C 302 -4.74 -17.61 31.09
CA LYS C 302 -5.64 -18.69 30.67
C LYS C 302 -5.32 -20.00 31.38
N SER C 303 -5.34 -19.95 32.70
CA SER C 303 -5.05 -21.12 33.50
C SER C 303 -5.71 -20.99 34.86
N PHE C 304 -5.70 -22.09 35.60
CA PHE C 304 -6.23 -22.11 36.95
C PHE C 304 -5.14 -22.20 38.00
N THR C 305 -3.89 -22.43 37.60
CA THR C 305 -2.75 -22.40 38.51
C THR C 305 -1.70 -21.48 37.93
N VAL C 306 -1.39 -20.42 38.65
CA VAL C 306 -0.29 -19.52 38.32
C VAL C 306 0.89 -19.86 39.20
N GLU C 307 2.06 -20.00 38.57
CA GLU C 307 3.31 -20.21 39.28
C GLU C 307 3.93 -18.87 39.65
N LYS C 308 4.83 -18.91 40.62
CA LYS C 308 5.38 -17.66 41.15
C LYS C 308 6.04 -16.86 40.04
N GLY C 309 5.92 -15.55 40.15
CA GLY C 309 6.45 -14.68 39.13
C GLY C 309 5.90 -13.29 39.35
N ILE C 310 5.92 -12.51 38.28
CA ILE C 310 5.26 -11.22 38.25
C ILE C 310 4.70 -11.05 36.86
N TYR C 311 3.44 -10.65 36.78
CA TYR C 311 2.68 -10.70 35.54
C TYR C 311 2.05 -9.34 35.28
N GLN C 312 2.17 -8.87 34.06
CA GLN C 312 1.47 -7.66 33.64
C GLN C 312 0.05 -8.03 33.30
N THR C 313 -0.90 -7.33 33.90
CA THR C 313 -2.25 -7.83 33.92
C THR C 313 -3.20 -6.86 33.23
N SER C 314 -2.92 -5.57 33.32
CA SER C 314 -3.77 -4.57 32.68
C SER C 314 -3.12 -3.20 32.67
N ASN C 315 -3.94 -2.15 32.69
CA ASN C 315 -3.42 -0.79 32.69
C ASN C 315 -4.28 0.16 33.50
N PHE C 316 -3.64 1.21 34.02
CA PHE C 316 -4.34 2.21 34.81
C PHE C 316 -4.32 3.52 34.05
N ARG C 317 -5.50 4.04 33.75
CA ARG C 317 -5.61 5.30 33.01
C ARG C 317 -6.58 6.26 33.69
N VAL C 318 -6.05 7.32 34.28
CA VAL C 318 -6.88 8.31 34.95
C VAL C 318 -8.01 8.70 34.01
N GLN C 319 -9.13 9.15 34.58
CA GLN C 319 -10.27 9.54 33.78
C GLN C 319 -10.50 11.05 33.77
N PRO C 320 -10.85 11.60 32.62
CA PRO C 320 -11.09 13.04 32.51
C PRO C 320 -12.57 13.41 32.60
N THR C 321 -12.90 14.47 33.34
CA THR C 321 -14.29 14.89 33.47
C THR C 321 -14.52 16.28 32.87
N GLU C 322 -15.72 16.48 32.35
CA GLU C 322 -16.09 17.76 31.74
C GLU C 322 -15.23 18.12 30.53
N SER C 323 -15.77 18.94 29.65
CA SER C 323 -15.06 19.37 28.45
C SER C 323 -15.05 20.89 28.37
N ILE C 324 -13.91 21.48 28.70
CA ILE C 324 -13.75 22.94 28.69
C ILE C 324 -13.38 23.48 27.32
N VAL C 325 -14.22 24.37 26.79
CA VAL C 325 -13.98 24.97 25.48
C VAL C 325 -13.64 26.45 25.60
N ARG C 326 -12.40 26.73 25.95
CA ARG C 326 -11.95 28.10 26.09
C ARG C 326 -11.71 28.71 24.73
N PHE C 327 -12.43 29.79 24.40
CA PHE C 327 -12.31 30.47 23.11
C PHE C 327 -12.01 31.95 23.32
N PRO C 328 -12.11 32.75 22.26
CA PRO C 328 -11.85 34.19 22.35
C PRO C 328 -12.54 34.81 23.55
N ASN C 329 -12.56 36.15 23.60
CA ASN C 329 -13.19 36.86 24.71
C ASN C 329 -14.48 37.54 24.28
N ILE C 330 -14.83 38.63 24.97
CA ILE C 330 -16.04 39.37 24.68
C ILE C 330 -15.73 40.64 23.89
N THR C 331 -14.47 41.06 23.92
CA THR C 331 -14.04 42.26 23.21
C THR C 331 -14.37 42.17 21.73
N ASN C 332 -14.40 40.95 21.20
CA ASN C 332 -14.70 40.72 19.79
C ASN C 332 -16.18 40.97 19.48
N LEU C 333 -16.58 40.64 18.26
CA LEU C 333 -17.96 40.82 17.83
C LEU C 333 -18.11 40.60 16.33
N CYS C 334 -18.44 39.39 15.92
CA CYS C 334 -18.58 39.12 14.49
C CYS C 334 -20.00 39.38 14.03
N PRO C 335 -20.29 40.60 13.59
CA PRO C 335 -21.65 40.92 13.14
C PRO C 335 -21.83 40.74 11.62
N PHE C 336 -22.69 39.81 11.21
CA PHE C 336 -22.91 39.60 9.79
C PHE C 336 -23.53 40.83 9.13
N GLY C 337 -23.41 41.97 9.81
CA GLY C 337 -23.94 43.22 9.30
C GLY C 337 -23.64 43.42 7.82
N GLU C 338 -22.39 43.22 7.45
CA GLU C 338 -21.97 43.36 6.07
C GLU C 338 -22.32 42.15 5.23
N VAL C 339 -23.01 41.17 5.81
CA VAL C 339 -23.54 40.03 5.06
C VAL C 339 -25.04 40.18 4.86
N PHE C 340 -25.80 40.22 5.95
CA PHE C 340 -27.25 40.28 5.85
C PHE C 340 -27.74 41.71 5.76
N ASN C 341 -27.28 42.58 6.67
CA ASN C 341 -27.82 43.92 6.86
C ASN C 341 -27.21 44.93 5.89
N ALA C 342 -26.75 44.50 4.73
CA ALA C 342 -26.17 45.42 3.74
C ALA C 342 -27.26 46.26 3.12
N THR C 343 -26.84 47.32 2.41
CA THR C 343 -27.81 48.20 1.77
C THR C 343 -28.34 47.60 0.46
N ARG C 344 -27.57 46.73 -0.18
CA ARG C 344 -28.03 46.03 -1.38
C ARG C 344 -27.21 44.77 -1.51
N PHE C 345 -27.85 43.71 -2.01
CA PHE C 345 -27.16 42.48 -2.36
C PHE C 345 -26.59 42.61 -3.76
N ALA C 346 -26.17 41.51 -4.36
CA ALA C 346 -25.63 41.53 -5.71
C ALA C 346 -26.50 40.71 -6.64
N SER C 347 -26.21 40.81 -7.93
CA SER C 347 -26.85 39.97 -8.91
C SER C 347 -26.17 38.60 -8.94
N VAL C 348 -26.86 37.61 -9.51
CA VAL C 348 -26.37 36.24 -9.34
C VAL C 348 -25.25 35.89 -10.30
N TYR C 349 -25.10 36.61 -11.42
CA TYR C 349 -23.99 36.31 -12.32
C TYR C 349 -22.66 36.69 -11.68
N ALA C 350 -22.65 37.71 -10.82
CA ALA C 350 -21.47 38.12 -10.08
C ALA C 350 -21.90 38.16 -8.63
N TRP C 351 -21.85 37.00 -7.99
CA TRP C 351 -22.21 36.88 -6.59
C TRP C 351 -21.07 37.36 -5.71
N ASN C 352 -21.41 38.07 -4.65
CA ASN C 352 -20.39 38.55 -3.75
C ASN C 352 -19.89 37.42 -2.87
N ARG C 353 -18.82 37.67 -2.13
CA ARG C 353 -18.25 36.68 -1.22
C ARG C 353 -17.51 37.37 -0.09
N LYS C 354 -17.53 36.74 1.08
CA LYS C 354 -16.80 37.29 2.22
C LYS C 354 -16.36 36.14 3.13
N ARG C 355 -15.08 36.15 3.48
CA ARG C 355 -14.52 35.12 4.37
C ARG C 355 -14.60 35.61 5.82
N ILE C 356 -14.35 34.68 6.75
CA ILE C 356 -14.38 34.99 8.17
C ILE C 356 -13.02 34.67 8.77
N SER C 357 -12.55 35.55 9.66
CA SER C 357 -11.28 35.48 10.38
C SER C 357 -11.61 35.27 11.85
N ASN C 358 -10.63 35.56 12.73
CA ASN C 358 -10.80 35.42 14.18
C ASN C 358 -12.04 36.16 14.68
N CYS C 359 -12.90 35.42 15.34
CA CYS C 359 -14.27 35.84 15.55
C CYS C 359 -14.84 35.12 16.77
N VAL C 360 -16.03 35.53 17.17
CA VAL C 360 -16.95 34.68 17.93
C VAL C 360 -18.28 34.77 17.20
N ALA C 361 -18.59 33.75 16.40
CA ALA C 361 -19.76 33.75 15.53
C ALA C 361 -20.93 33.06 16.22
N ASP C 362 -21.99 33.82 16.46
CA ASP C 362 -23.21 33.23 17.01
C ASP C 362 -24.05 32.64 15.88
N TYR C 363 -24.77 31.56 16.18
CA TYR C 363 -25.60 30.91 15.19
C TYR C 363 -27.00 30.60 15.65
N SER C 364 -27.25 30.52 16.96
CA SER C 364 -28.62 30.30 17.42
C SER C 364 -29.46 31.54 17.22
N VAL C 365 -28.87 32.71 17.45
CA VAL C 365 -29.61 33.97 17.36
C VAL C 365 -29.94 34.33 15.92
N LEU C 366 -29.26 33.72 14.96
CA LEU C 366 -29.62 33.93 13.57
C LEU C 366 -30.80 33.05 13.18
N TYR C 367 -30.94 31.90 13.81
CA TYR C 367 -31.94 30.93 13.37
C TYR C 367 -33.33 31.25 13.93
N ASN C 368 -33.40 31.70 15.17
CA ASN C 368 -34.68 31.80 15.86
C ASN C 368 -35.46 33.08 15.57
N SER C 369 -35.07 33.83 14.53
CA SER C 369 -35.81 35.04 14.19
C SER C 369 -37.15 34.73 13.52
N ALA C 370 -37.31 33.52 12.98
CA ALA C 370 -38.58 33.00 12.48
C ALA C 370 -39.16 33.84 11.36
N SER C 371 -38.32 34.16 10.38
CA SER C 371 -38.80 34.88 9.20
C SER C 371 -38.17 34.35 7.92
N PHE C 372 -37.63 33.14 7.94
CA PHE C 372 -36.77 32.67 6.87
C PHE C 372 -37.53 31.69 5.99
N SER C 373 -37.46 31.91 4.68
CA SER C 373 -38.14 31.03 3.74
C SER C 373 -37.48 29.66 3.70
N THR C 374 -36.16 29.63 3.66
CA THR C 374 -35.42 28.37 3.59
C THR C 374 -34.23 28.46 4.52
N PHE C 375 -34.16 27.55 5.48
CA PHE C 375 -32.99 27.38 6.33
C PHE C 375 -32.65 25.90 6.24
N LYS C 376 -31.78 25.53 5.32
CA LYS C 376 -31.47 24.12 5.12
C LYS C 376 -29.98 23.89 5.34
N CYS C 377 -29.66 23.15 6.39
CA CYS C 377 -28.29 22.76 6.70
C CYS C 377 -28.08 21.33 6.24
N TYR C 378 -26.96 21.09 5.57
CA TYR C 378 -26.76 19.86 4.81
C TYR C 378 -25.73 18.95 5.46
N GLY C 379 -24.52 19.42 5.64
CA GLY C 379 -23.50 18.60 6.24
C GLY C 379 -23.43 18.70 7.73
N VAL C 380 -24.23 19.57 8.34
CA VAL C 380 -24.21 19.80 9.77
C VAL C 380 -25.65 19.93 10.26
N SER C 381 -25.84 19.62 11.54
CA SER C 381 -27.14 19.89 12.12
C SER C 381 -27.22 21.35 12.57
N PRO C 382 -28.39 21.98 12.52
CA PRO C 382 -28.48 23.40 12.92
C PRO C 382 -28.35 23.63 14.42
N THR C 383 -28.29 22.58 15.24
CA THR C 383 -28.13 22.71 16.67
C THR C 383 -26.70 22.51 17.14
N LYS C 384 -25.75 22.07 16.29
CA LYS C 384 -24.34 21.92 16.76
C LYS C 384 -23.32 23.09 16.54
N LEU C 385 -23.73 24.04 15.71
CA LEU C 385 -22.90 25.18 15.37
C LEU C 385 -22.43 25.90 16.62
N ASN C 386 -23.37 26.19 17.51
CA ASN C 386 -23.05 26.88 18.75
C ASN C 386 -21.93 26.24 19.55
N ASP C 387 -21.25 25.26 18.98
CA ASP C 387 -20.18 24.62 19.72
C ASP C 387 -19.01 24.09 18.91
N LEU C 388 -19.17 23.89 17.60
CA LEU C 388 -17.98 23.41 16.84
C LEU C 388 -17.05 24.45 16.17
N CYS C 389 -15.77 24.53 16.55
CA CYS C 389 -14.90 25.47 15.88
C CYS C 389 -14.81 25.14 14.39
N PHE C 390 -14.40 26.11 13.61
CA PHE C 390 -14.20 25.98 12.18
C PHE C 390 -12.78 26.36 11.83
N THR C 391 -12.43 26.26 10.54
CA THR C 391 -11.18 26.84 10.08
C THR C 391 -11.35 27.88 8.98
N ASN C 392 -12.32 27.73 8.07
CA ASN C 392 -12.72 28.91 7.32
C ASN C 392 -14.20 28.85 7.02
N VAL C 393 -14.83 30.03 7.12
CA VAL C 393 -16.25 30.24 6.82
C VAL C 393 -16.35 31.24 5.67
N TYR C 394 -17.14 30.91 4.66
CA TYR C 394 -17.38 31.77 3.53
C TYR C 394 -18.87 32.03 3.39
N ALA C 395 -19.23 33.26 3.07
CA ALA C 395 -20.61 33.65 2.82
C ALA C 395 -20.71 34.16 1.39
N ASP C 396 -21.62 33.55 0.62
CA ASP C 396 -22.08 34.06 -0.66
C ASP C 396 -23.44 34.73 -0.48
N SER C 397 -23.75 35.69 -1.34
CA SER C 397 -24.99 36.42 -1.16
C SER C 397 -25.42 37.04 -2.48
N PHE C 398 -26.69 36.88 -2.83
CA PHE C 398 -27.23 37.45 -4.07
C PHE C 398 -28.75 37.53 -3.98
N VAL C 399 -29.38 37.88 -5.10
CA VAL C 399 -30.83 37.91 -5.26
C VAL C 399 -31.21 37.01 -6.42
N ILE C 400 -32.14 36.09 -6.18
CA ILE C 400 -32.73 35.28 -7.23
C ILE C 400 -34.24 35.26 -7.03
N ARG C 401 -34.94 34.75 -8.04
CA ARG C 401 -36.39 34.75 -7.99
C ARG C 401 -36.89 33.61 -7.10
N GLY C 402 -38.20 33.52 -6.95
CA GLY C 402 -38.76 32.61 -5.97
C GLY C 402 -38.81 31.17 -6.41
N ASP C 403 -39.04 30.93 -7.69
CA ASP C 403 -39.16 29.58 -8.21
C ASP C 403 -37.82 28.92 -8.52
N GLU C 404 -36.72 29.50 -8.07
CA GLU C 404 -35.40 28.88 -8.23
C GLU C 404 -34.64 28.79 -6.92
N VAL C 405 -35.31 28.90 -5.78
CA VAL C 405 -34.59 28.76 -4.52
C VAL C 405 -34.24 27.30 -4.28
N ARG C 406 -35.01 26.37 -4.86
CA ARG C 406 -34.65 24.96 -4.79
C ARG C 406 -33.39 24.66 -5.59
N GLN C 407 -33.04 25.50 -6.56
CA GLN C 407 -31.86 25.27 -7.38
C GLN C 407 -30.57 25.45 -6.61
N ILE C 408 -30.60 26.14 -5.48
CA ILE C 408 -29.41 26.33 -4.66
C ILE C 408 -29.35 25.14 -3.71
N ALA C 409 -28.89 24.01 -4.25
CA ALA C 409 -28.77 22.76 -3.52
C ALA C 409 -27.81 21.88 -4.29
N PRO C 410 -27.01 21.06 -3.61
CA PRO C 410 -26.00 20.28 -4.33
C PRO C 410 -26.58 19.20 -5.21
N GLY C 411 -26.53 19.42 -6.52
CA GLY C 411 -27.06 18.46 -7.47
C GLY C 411 -28.40 18.84 -8.05
N GLN C 412 -28.56 20.10 -8.43
CA GLN C 412 -29.75 20.56 -9.12
C GLN C 412 -29.42 20.79 -10.59
N THR C 413 -30.41 21.31 -11.32
CA THR C 413 -30.24 21.61 -12.74
C THR C 413 -31.15 22.78 -13.10
N GLY C 414 -30.61 23.73 -13.86
CA GLY C 414 -31.32 24.94 -14.21
C GLY C 414 -30.37 26.10 -14.34
N LYS C 415 -30.91 27.20 -14.87
CA LYS C 415 -30.10 28.37 -15.22
C LYS C 415 -29.43 29.04 -14.04
N ILE C 416 -29.85 28.74 -12.82
CA ILE C 416 -29.16 29.28 -11.66
C ILE C 416 -28.07 28.33 -11.17
N ALA C 417 -28.24 27.03 -11.33
CA ALA C 417 -27.23 26.12 -10.84
C ALA C 417 -26.33 25.53 -11.92
N ASP C 418 -26.75 25.52 -13.18
CA ASP C 418 -25.89 25.02 -14.22
C ASP C 418 -24.75 25.98 -14.49
N TYR C 419 -25.08 27.26 -14.67
CA TYR C 419 -24.06 28.25 -14.95
C TYR C 419 -24.39 29.58 -14.31
N ASN C 420 -24.82 29.57 -13.10
CA ASN C 420 -24.75 30.81 -12.34
C ASN C 420 -24.18 30.61 -10.94
N TYR C 421 -24.50 29.49 -10.29
CA TYR C 421 -23.97 29.22 -8.96
C TYR C 421 -24.04 27.71 -8.72
N LYS C 422 -22.93 27.03 -8.89
CA LYS C 422 -22.89 25.58 -8.78
C LYS C 422 -22.45 25.16 -7.39
N LEU C 423 -23.23 24.29 -6.75
CA LEU C 423 -22.70 23.87 -5.45
C LEU C 423 -21.99 22.53 -5.57
N PRO C 424 -20.86 22.36 -4.89
CA PRO C 424 -20.20 21.06 -4.88
C PRO C 424 -20.93 20.06 -4.02
N ASP C 425 -20.75 18.78 -4.34
CA ASP C 425 -21.59 17.74 -3.76
C ASP C 425 -21.23 17.47 -2.30
N ASP C 426 -19.98 17.74 -1.91
CA ASP C 426 -19.51 17.47 -0.55
C ASP C 426 -19.71 18.67 0.37
N PHE C 427 -20.72 19.47 0.08
CA PHE C 427 -21.02 20.71 0.79
C PHE C 427 -21.33 20.43 2.25
N THR C 428 -21.06 21.43 3.10
CA THR C 428 -21.29 21.26 4.52
C THR C 428 -21.88 22.48 5.20
N GLY C 429 -22.23 23.54 4.47
CA GLY C 429 -22.76 24.75 5.04
C GLY C 429 -24.28 24.72 5.10
N CYS C 430 -24.85 25.91 5.13
CA CYS C 430 -26.29 26.06 5.24
C CYS C 430 -26.78 27.12 4.27
N VAL C 431 -27.87 26.81 3.58
CA VAL C 431 -28.50 27.76 2.67
C VAL C 431 -29.61 28.46 3.43
N ILE C 432 -29.54 29.79 3.48
CA ILE C 432 -30.55 30.63 4.10
C ILE C 432 -31.10 31.53 3.03
N ALA C 433 -32.41 31.69 2.99
CA ALA C 433 -33.04 32.52 1.97
C ALA C 433 -34.34 33.05 2.51
N TRP C 434 -34.66 34.30 2.15
CA TRP C 434 -35.93 34.87 2.56
C TRP C 434 -36.47 35.80 1.49
N ASN C 435 -37.79 35.94 1.48
CA ASN C 435 -38.47 36.78 0.52
C ASN C 435 -38.18 38.26 0.79
N SER C 436 -37.87 39.00 -0.26
CA SER C 436 -37.58 40.41 -0.18
C SER C 436 -38.37 41.16 -1.22
N ASN C 437 -39.69 40.97 -1.22
CA ASN C 437 -40.56 41.72 -2.11
C ASN C 437 -40.81 43.15 -1.64
N ASN C 438 -40.31 43.55 -0.48
CA ASN C 438 -40.52 44.90 0.00
C ASN C 438 -39.26 45.75 0.01
N LEU C 439 -38.14 45.23 -0.46
CA LEU C 439 -36.95 46.03 -0.69
C LEU C 439 -36.54 46.04 -2.15
N ASP C 440 -36.36 44.89 -2.76
CA ASP C 440 -35.84 44.80 -4.12
C ASP C 440 -36.95 44.83 -5.16
N SER C 441 -38.07 45.47 -4.87
CA SER C 441 -39.17 45.52 -5.81
C SER C 441 -39.62 46.96 -6.00
N LYS C 442 -40.06 47.25 -7.21
CA LYS C 442 -40.48 48.59 -7.57
C LYS C 442 -41.55 48.50 -8.66
N VAL C 443 -42.58 49.36 -8.56
CA VAL C 443 -43.57 49.43 -9.61
C VAL C 443 -42.91 50.04 -10.83
N GLY C 444 -43.30 49.56 -12.02
CA GLY C 444 -42.58 49.85 -13.23
C GLY C 444 -41.34 48.99 -13.44
N GLY C 445 -40.82 48.39 -12.38
CA GLY C 445 -39.70 47.47 -12.48
C GLY C 445 -38.44 47.95 -11.81
N ASN C 446 -37.63 47.01 -11.35
CA ASN C 446 -36.31 47.29 -10.79
C ASN C 446 -35.34 46.32 -11.46
N TYR C 447 -34.54 46.84 -12.37
CA TYR C 447 -33.78 46.03 -13.33
C TYR C 447 -32.29 45.99 -13.02
N ASN C 448 -31.92 46.14 -11.75
CA ASN C 448 -30.52 46.00 -11.39
C ASN C 448 -30.05 44.56 -11.48
N TYR C 449 -30.97 43.62 -11.37
CA TYR C 449 -30.66 42.24 -11.06
C TYR C 449 -30.75 41.39 -12.30
N ARG C 450 -29.63 41.20 -12.98
CA ARG C 450 -29.63 40.36 -14.16
C ARG C 450 -29.17 38.96 -13.78
N TYR C 451 -29.13 38.09 -14.78
CA TYR C 451 -28.68 36.71 -14.61
C TYR C 451 -28.34 36.16 -15.98
N ARG C 452 -27.33 35.29 -16.02
CA ARG C 452 -26.97 34.63 -17.24
C ARG C 452 -28.07 33.68 -17.62
N LEU C 453 -28.52 33.73 -18.87
CA LEU C 453 -29.50 32.77 -19.33
C LEU C 453 -28.96 31.88 -20.43
N PHE C 454 -27.71 32.04 -20.81
CA PHE C 454 -27.14 31.27 -21.91
C PHE C 454 -25.66 31.10 -21.63
N ARG C 455 -25.14 29.87 -21.72
CA ARG C 455 -23.70 29.68 -21.58
C ARG C 455 -23.27 28.49 -22.43
N LYS C 456 -22.01 28.10 -22.29
CA LYS C 456 -21.47 26.97 -23.04
C LYS C 456 -21.69 25.65 -22.31
N SER C 457 -20.67 25.21 -21.58
CA SER C 457 -20.75 23.96 -20.84
C SER C 457 -21.18 24.19 -19.39
N ASN C 458 -21.18 23.11 -18.60
CA ASN C 458 -21.57 23.21 -17.20
C ASN C 458 -20.50 23.84 -16.34
N LEU C 459 -20.85 24.96 -15.70
CA LEU C 459 -19.91 25.68 -14.84
C LEU C 459 -19.58 24.86 -13.59
N LYS C 460 -18.30 24.85 -13.22
CA LYS C 460 -17.81 24.11 -12.07
C LYS C 460 -18.21 24.81 -10.77
N PRO C 461 -18.10 24.14 -9.62
CA PRO C 461 -18.46 24.78 -8.35
C PRO C 461 -17.54 25.92 -7.97
N PHE C 462 -18.17 27.00 -7.48
CA PHE C 462 -17.54 28.11 -6.76
C PHE C 462 -16.58 28.93 -7.62
N GLU C 463 -16.84 29.05 -8.92
CA GLU C 463 -16.24 30.12 -9.71
C GLU C 463 -17.35 30.87 -10.42
N ARG C 464 -16.96 31.96 -11.08
CA ARG C 464 -17.93 32.83 -11.73
C ARG C 464 -17.39 33.24 -13.09
N ASP C 465 -18.23 33.93 -13.85
CA ASP C 465 -17.81 34.48 -15.13
C ASP C 465 -18.51 35.81 -15.36
N ILE C 466 -17.72 36.84 -15.68
CA ILE C 466 -18.23 38.16 -16.01
C ILE C 466 -17.80 38.48 -17.43
N SER C 467 -17.63 37.44 -18.25
CA SER C 467 -17.18 37.63 -19.64
C SER C 467 -18.36 38.00 -20.53
N THR C 468 -18.86 39.19 -20.30
CA THR C 468 -19.98 39.73 -21.04
C THR C 468 -19.53 39.91 -22.48
N GLU C 469 -19.91 38.97 -23.35
CA GLU C 469 -19.64 39.08 -24.78
C GLU C 469 -20.91 38.84 -25.57
N ILE C 470 -20.77 38.62 -26.87
CA ILE C 470 -21.90 38.10 -27.63
C ILE C 470 -22.14 36.63 -27.26
N TYR C 471 -23.30 36.13 -27.65
CA TYR C 471 -23.53 34.70 -27.71
C TYR C 471 -23.70 34.31 -29.16
N GLN C 472 -23.14 33.13 -29.48
CA GLN C 472 -23.14 32.47 -30.79
C GLN C 472 -24.09 31.31 -30.77
N ALA C 473 -24.91 31.18 -31.83
CA ALA C 473 -25.95 30.15 -31.85
C ALA C 473 -25.51 28.83 -32.48
N GLY C 474 -25.16 28.84 -33.77
CA GLY C 474 -24.96 27.62 -34.51
C GLY C 474 -23.79 27.68 -35.47
N SER C 475 -24.01 27.10 -36.65
CA SER C 475 -22.98 27.00 -37.67
C SER C 475 -22.75 28.30 -38.45
N LYS C 476 -23.55 29.33 -38.19
CA LYS C 476 -23.28 30.62 -38.79
C LYS C 476 -22.11 31.29 -38.07
N PRO C 477 -21.25 31.98 -38.78
CA PRO C 477 -20.42 32.98 -38.10
C PRO C 477 -21.21 34.27 -37.93
N CYS C 478 -21.70 34.53 -36.72
CA CYS C 478 -22.12 35.87 -36.33
C CYS C 478 -20.97 36.57 -35.62
N ASN C 479 -20.62 36.05 -34.43
CA ASN C 479 -19.51 36.50 -33.61
C ASN C 479 -19.57 38.01 -33.39
N GLY C 480 -20.58 38.41 -32.67
CA GLY C 480 -20.71 39.80 -32.40
C GLY C 480 -21.34 40.45 -33.59
N VAL C 481 -22.57 40.07 -33.87
CA VAL C 481 -23.53 40.86 -34.63
C VAL C 481 -24.74 40.61 -33.75
N GLU C 482 -25.94 40.78 -34.24
CA GLU C 482 -27.12 40.38 -33.47
C GLU C 482 -28.17 39.77 -34.39
N GLY C 483 -29.43 39.88 -33.98
CA GLY C 483 -30.55 39.87 -34.92
C GLY C 483 -30.85 38.52 -35.54
N PHE C 484 -29.89 38.00 -36.30
CA PHE C 484 -29.96 36.64 -36.81
C PHE C 484 -29.37 35.66 -35.79
N ASN C 485 -30.13 35.54 -34.69
CA ASN C 485 -29.95 34.53 -33.65
C ASN C 485 -28.63 34.66 -32.90
N CYS C 486 -28.20 35.91 -32.70
CA CYS C 486 -27.03 36.21 -31.91
C CYS C 486 -27.65 36.62 -30.58
N TYR C 487 -26.86 36.97 -29.57
CA TYR C 487 -27.48 37.35 -28.29
C TYR C 487 -26.55 38.20 -27.44
N PHE C 488 -27.10 38.73 -26.35
CA PHE C 488 -26.32 39.08 -25.17
C PHE C 488 -26.82 38.26 -24.00
N PRO C 489 -26.05 37.35 -23.47
CA PRO C 489 -26.62 36.29 -22.64
C PRO C 489 -26.90 36.65 -21.19
N LEU C 490 -27.13 37.91 -20.86
CA LEU C 490 -27.46 38.28 -19.48
C LEU C 490 -28.74 39.11 -19.44
N GLN C 491 -29.83 38.46 -19.04
CA GLN C 491 -31.14 39.09 -19.03
C GLN C 491 -31.43 39.64 -17.65
N SER C 492 -32.01 40.84 -17.61
CA SER C 492 -32.40 41.42 -16.35
C SER C 492 -33.67 40.78 -15.80
N TYR C 493 -33.91 40.98 -14.51
CA TYR C 493 -35.16 40.57 -13.88
C TYR C 493 -36.15 41.72 -13.91
N GLY C 494 -37.43 41.38 -13.89
CA GLY C 494 -38.46 42.36 -13.67
C GLY C 494 -39.13 42.13 -12.34
N PHE C 495 -38.89 43.02 -11.37
CA PHE C 495 -39.39 42.83 -10.00
C PHE C 495 -40.32 43.98 -9.65
N GLN C 496 -41.61 43.73 -9.75
CA GLN C 496 -42.65 44.61 -9.27
C GLN C 496 -43.39 43.90 -8.15
N PRO C 497 -43.96 44.65 -7.20
CA PRO C 497 -44.77 43.98 -6.16
C PRO C 497 -46.06 43.41 -6.68
N THR C 498 -46.54 43.86 -7.83
CA THR C 498 -47.76 43.32 -8.43
C THR C 498 -47.46 42.09 -9.30
N ASN C 499 -46.67 41.18 -8.75
CA ASN C 499 -46.29 39.94 -9.42
C ASN C 499 -46.43 38.81 -8.42
N GLY C 500 -46.91 37.67 -8.89
CA GLY C 500 -47.21 36.57 -8.00
C GLY C 500 -45.96 36.01 -7.35
N VAL C 501 -46.14 35.39 -6.19
CA VAL C 501 -45.01 34.82 -5.46
C VAL C 501 -44.46 33.65 -6.25
N GLY C 502 -43.17 33.42 -6.11
CA GLY C 502 -42.45 32.61 -7.05
C GLY C 502 -41.85 33.41 -8.18
N TYR C 503 -42.37 34.62 -8.43
CA TYR C 503 -41.76 35.54 -9.37
C TYR C 503 -41.30 36.81 -8.67
N GLN C 504 -41.01 36.73 -7.40
CA GLN C 504 -40.66 37.82 -6.53
C GLN C 504 -39.21 37.71 -6.10
N PRO C 505 -38.55 38.83 -5.76
CA PRO C 505 -37.14 38.77 -5.36
C PRO C 505 -36.94 38.10 -4.02
N TYR C 506 -35.99 37.17 -4.00
CA TYR C 506 -35.56 36.49 -2.78
C TYR C 506 -34.09 36.74 -2.56
N ARG C 507 -33.74 37.07 -1.33
CA ARG C 507 -32.36 37.27 -0.94
C ARG C 507 -31.80 35.98 -0.39
N VAL C 508 -30.64 35.57 -0.91
CA VAL C 508 -30.05 34.27 -0.64
C VAL C 508 -28.65 34.47 -0.06
N VAL C 509 -28.41 33.85 1.10
CA VAL C 509 -27.12 33.84 1.75
C VAL C 509 -26.72 32.38 1.94
N VAL C 510 -25.56 32.01 1.40
CA VAL C 510 -25.08 30.63 1.45
C VAL C 510 -23.83 30.60 2.30
N LEU C 511 -23.83 29.77 3.35
CA LEU C 511 -22.68 29.61 4.22
C LEU C 511 -21.96 28.31 3.90
N SER C 512 -20.63 28.36 3.80
CA SER C 512 -19.83 27.18 3.53
C SER C 512 -18.66 27.14 4.49
N PHE C 513 -18.39 25.96 5.05
CA PHE C 513 -17.35 25.81 6.05
C PHE C 513 -16.27 24.87 5.55
N GLU C 514 -15.10 24.94 6.18
CA GLU C 514 -14.05 23.98 5.91
C GLU C 514 -13.17 23.84 7.15
N LEU C 515 -12.68 22.61 7.37
CA LEU C 515 -11.92 22.24 8.57
C LEU C 515 -10.83 21.24 8.20
N LEU C 516 -9.59 21.73 8.13
CA LEU C 516 -8.42 20.91 7.80
C LEU C 516 -7.38 20.87 8.92
N HIS C 517 -6.74 22.00 9.21
CA HIS C 517 -5.72 22.03 10.25
C HIS C 517 -5.40 23.37 10.90
N ALA C 518 -6.28 24.35 10.75
CA ALA C 518 -6.00 25.65 11.39
C ALA C 518 -6.22 25.55 12.89
N PRO C 519 -5.20 25.81 13.71
CA PRO C 519 -5.29 25.46 15.13
C PRO C 519 -6.09 26.45 15.98
N ALA C 520 -6.43 27.61 15.44
CA ALA C 520 -7.17 28.62 16.21
C ALA C 520 -7.93 29.51 15.23
N THR C 521 -9.22 29.25 15.07
CA THR C 521 -10.05 30.03 14.15
C THR C 521 -11.42 30.14 14.82
N VAL C 522 -12.44 30.43 14.04
CA VAL C 522 -13.73 30.92 14.55
C VAL C 522 -14.48 29.80 15.25
N CYS C 523 -14.97 30.10 16.45
CA CYS C 523 -15.81 29.20 17.23
C CYS C 523 -17.01 29.98 17.75
N GLY C 524 -18.05 29.24 18.10
CA GLY C 524 -19.29 29.84 18.53
C GLY C 524 -19.23 30.37 19.95
N PRO C 525 -20.39 30.82 20.42
CA PRO C 525 -20.52 31.37 21.76
C PRO C 525 -20.24 30.28 22.77
N LYS C 526 -18.97 29.95 22.96
CA LYS C 526 -18.58 28.90 23.87
C LYS C 526 -17.93 29.49 25.11
N LYS C 527 -17.86 28.72 26.17
CA LYS C 527 -17.25 29.22 27.39
C LYS C 527 -16.73 28.11 28.29
N SER C 528 -16.19 28.51 29.43
CA SER C 528 -15.64 27.57 30.39
C SER C 528 -14.83 28.36 31.40
N THR C 529 -15.39 29.49 31.84
CA THR C 529 -14.78 30.40 32.80
C THR C 529 -13.85 29.70 33.79
N ASN C 530 -12.65 30.25 33.93
CA ASN C 530 -11.66 29.67 34.81
C ASN C 530 -11.35 28.25 34.38
N LEU C 531 -10.25 28.10 33.66
CA LEU C 531 -9.81 26.81 33.19
C LEU C 531 -9.45 25.91 34.37
N VAL C 532 -9.95 24.69 34.35
CA VAL C 532 -9.66 23.72 35.39
C VAL C 532 -8.21 23.28 35.28
N LYS C 533 -7.39 23.69 36.24
CA LYS C 533 -6.00 23.33 36.23
C LYS C 533 -5.76 22.16 37.17
N ASN C 534 -4.64 21.47 36.95
CA ASN C 534 -4.16 20.40 37.81
C ASN C 534 -5.10 19.21 37.87
N LYS C 535 -5.85 18.95 36.81
CA LYS C 535 -6.74 17.80 36.73
C LYS C 535 -6.73 17.28 35.30
N CYS C 536 -6.64 15.96 35.14
CA CYS C 536 -6.71 15.39 33.81
C CYS C 536 -8.07 15.77 33.22
N VAL C 537 -8.04 16.51 32.12
CA VAL C 537 -9.21 17.16 31.58
C VAL C 537 -9.23 16.95 30.08
N ASN C 538 -10.38 17.17 29.48
CA ASN C 538 -10.57 17.07 28.04
C ASN C 538 -10.79 18.49 27.55
N PHE C 539 -9.84 19.02 26.80
CA PHE C 539 -9.83 20.44 26.49
C PHE C 539 -9.91 20.70 24.99
N ASN C 540 -10.38 21.91 24.67
CA ASN C 540 -10.42 22.43 23.30
C ASN C 540 -10.06 23.92 23.39
N PHE C 541 -8.94 24.28 22.76
CA PHE C 541 -8.45 25.66 22.70
C PHE C 541 -8.56 26.14 21.26
N ASN C 542 -9.67 26.81 20.97
CA ASN C 542 -9.94 27.34 19.64
C ASN C 542 -9.50 26.43 18.50
N GLY C 543 -9.81 25.13 18.60
CA GLY C 543 -9.43 24.23 17.54
C GLY C 543 -8.54 23.09 18.02
N LEU C 544 -7.62 23.39 18.92
CA LEU C 544 -6.72 22.38 19.48
C LEU C 544 -7.53 21.48 20.41
N THR C 545 -7.72 20.23 20.01
CA THR C 545 -8.45 19.26 20.83
C THR C 545 -7.44 18.34 21.49
N GLY C 546 -7.55 18.18 22.81
CA GLY C 546 -6.65 17.27 23.49
C GLY C 546 -7.09 16.82 24.87
N THR C 547 -6.21 16.09 25.56
CA THR C 547 -6.47 15.62 26.90
C THR C 547 -5.21 15.78 27.74
N GLY C 548 -5.39 16.09 29.01
CA GLY C 548 -4.24 16.16 29.90
C GLY C 548 -4.47 17.11 31.05
N VAL C 549 -3.43 17.23 31.85
CA VAL C 549 -3.36 18.17 32.95
C VAL C 549 -2.80 19.49 32.42
N LEU C 550 -3.42 20.58 32.84
CA LEU C 550 -3.01 21.94 32.46
C LEU C 550 -2.31 22.57 33.64
N THR C 551 -1.20 23.27 33.39
CA THR C 551 -0.43 23.85 34.47
C THR C 551 0.10 25.22 34.08
N GLU C 552 0.24 26.12 35.06
CA GLU C 552 0.80 27.43 34.80
C GLU C 552 2.22 27.32 34.29
N SER C 553 2.53 28.08 33.24
CA SER C 553 3.82 27.97 32.59
C SER C 553 4.77 29.06 33.07
N ASN C 554 6.01 28.97 32.58
CA ASN C 554 6.96 30.05 32.76
C ASN C 554 7.79 30.26 31.49
N LYS C 555 7.28 29.77 30.35
CA LYS C 555 7.96 29.91 29.07
C LYS C 555 7.45 31.16 28.35
N LYS C 556 8.35 32.12 28.13
CA LYS C 556 7.99 33.37 27.48
C LYS C 556 7.57 33.24 26.02
N PHE C 557 6.30 32.93 25.78
CA PHE C 557 5.78 32.80 24.44
C PHE C 557 5.87 34.15 23.74
N LEU C 558 6.82 34.28 22.83
CA LEU C 558 7.02 35.54 22.10
C LEU C 558 5.69 36.15 21.64
N PRO C 559 5.53 37.50 21.90
CA PRO C 559 4.24 38.05 21.46
C PRO C 559 3.90 37.83 19.98
N PHE C 560 3.54 36.60 19.63
CA PHE C 560 3.16 36.25 18.27
C PHE C 560 3.17 34.74 18.07
N GLN C 561 3.51 34.02 19.15
CA GLN C 561 3.55 32.56 19.12
C GLN C 561 2.26 31.99 19.69
N GLN C 562 1.47 31.36 18.84
CA GLN C 562 0.20 30.77 19.25
C GLN C 562 0.35 29.65 20.27
N PHE C 563 1.26 28.69 19.98
CA PHE C 563 1.52 27.50 20.86
C PHE C 563 2.99 27.02 20.96
N GLY C 564 3.25 25.97 21.76
CA GLY C 564 4.59 25.39 21.99
C GLY C 564 4.75 24.05 21.22
N ARG C 565 5.82 23.88 20.43
CA ARG C 565 6.06 22.63 19.68
C ARG C 565 7.27 21.85 20.33
N ASP C 566 7.10 20.55 20.56
CA ASP C 566 8.15 19.68 21.17
C ASP C 566 8.77 18.69 20.16
N ILE C 567 10.08 18.38 20.32
CA ILE C 567 10.77 17.55 19.35
C ILE C 567 10.02 16.24 19.32
N ALA C 568 9.83 15.68 18.11
CA ALA C 568 8.90 14.59 17.83
C ALA C 568 7.48 15.11 17.69
N ASP C 569 7.32 16.43 17.73
CA ASP C 569 6.10 17.10 17.27
C ASP C 569 4.84 16.73 18.04
N THR C 570 4.79 17.02 19.34
CA THR C 570 3.56 16.89 20.11
C THR C 570 3.29 18.21 20.82
N THR C 571 2.03 18.64 20.80
CA THR C 571 1.64 19.87 21.47
C THR C 571 1.91 19.77 22.97
N ASP C 572 2.67 20.71 23.50
CA ASP C 572 2.98 20.67 24.92
C ASP C 572 2.75 21.98 25.64
N ALA C 573 2.41 23.04 24.93
CA ALA C 573 2.01 24.29 25.57
C ALA C 573 0.92 24.92 24.74
N VAL C 574 0.06 25.72 25.37
CA VAL C 574 -0.94 26.51 24.67
C VAL C 574 -0.97 27.89 25.30
N ARG C 575 -1.68 28.79 24.63
CA ARG C 575 -1.96 30.12 25.14
C ARG C 575 -3.47 30.28 25.23
N ASP C 576 -3.94 30.74 26.38
CA ASP C 576 -5.39 30.88 26.55
C ASP C 576 -5.86 32.10 25.78
N PRO C 577 -6.80 31.96 24.87
CA PRO C 577 -7.18 33.10 24.03
C PRO C 577 -7.68 34.30 24.81
N GLN C 578 -8.45 34.08 25.88
CA GLN C 578 -9.07 35.19 26.57
C GLN C 578 -8.08 35.94 27.45
N THR C 579 -7.34 35.25 28.30
CA THR C 579 -6.41 35.91 29.20
C THR C 579 -4.99 35.99 28.66
N LEU C 580 -4.66 35.21 27.63
CA LEU C 580 -3.36 35.26 26.94
C LEU C 580 -2.21 34.86 27.87
N GLU C 581 -2.34 33.72 28.53
CA GLU C 581 -1.28 33.18 29.35
C GLU C 581 -0.93 31.78 28.90
N ILE C 582 0.34 31.43 29.04
CA ILE C 582 0.87 30.18 28.53
C ILE C 582 0.66 29.10 29.58
N LEU C 583 0.20 27.94 29.15
CA LEU C 583 -0.09 26.82 30.03
C LEU C 583 0.52 25.56 29.44
N ASP C 584 1.25 24.81 30.25
CA ASP C 584 1.79 23.54 29.81
C ASP C 584 0.75 22.43 29.87
N ILE C 585 0.89 21.47 28.97
CA ILE C 585 -0.06 20.37 28.89
C ILE C 585 0.61 19.04 29.17
N THR C 586 0.69 18.68 30.44
CA THR C 586 1.29 17.41 30.84
C THR C 586 0.32 16.29 30.53
N PRO C 587 0.82 15.09 30.24
CA PRO C 587 -0.07 13.96 29.90
C PRO C 587 -0.84 13.31 31.05
N CYS C 588 -1.99 12.73 30.74
CA CYS C 588 -2.81 12.05 31.73
C CYS C 588 -2.14 10.74 32.13
N SER C 589 -1.72 10.66 33.39
CA SER C 589 -1.03 9.48 33.92
C SER C 589 -1.59 8.15 33.43
N PHE C 590 -0.72 7.27 32.98
CA PHE C 590 -1.12 5.96 32.49
C PHE C 590 -0.01 5.02 32.86
N GLY C 591 -0.17 3.73 32.64
CA GLY C 591 0.89 2.83 33.02
C GLY C 591 0.44 1.40 33.14
N GLY C 592 1.36 0.45 33.11
CA GLY C 592 0.99 -0.94 33.26
C GLY C 592 0.63 -1.30 34.69
N VAL C 593 -0.11 -2.40 34.80
CA VAL C 593 -0.46 -2.95 36.11
C VAL C 593 0.09 -4.36 36.18
N SER C 594 0.84 -4.65 37.24
CA SER C 594 1.42 -5.98 37.42
C SER C 594 0.90 -6.58 38.70
N VAL C 595 0.78 -7.90 38.73
CA VAL C 595 0.28 -8.64 39.87
C VAL C 595 1.38 -9.55 40.39
N ILE C 596 1.67 -9.43 41.68
CA ILE C 596 2.70 -10.19 42.37
C ILE C 596 2.00 -11.24 43.21
N THR C 597 2.28 -12.50 42.94
CA THR C 597 1.67 -13.62 43.62
C THR C 597 2.71 -14.62 44.10
N PRO C 598 2.57 -15.13 45.33
CA PRO C 598 3.46 -16.21 45.78
C PRO C 598 3.18 -17.55 45.12
N GLY C 599 2.16 -17.68 44.29
CA GLY C 599 1.79 -18.93 43.66
C GLY C 599 0.54 -19.46 44.32
N THR C 600 -0.41 -19.92 43.50
CA THR C 600 -1.71 -20.35 44.01
C THR C 600 -1.62 -21.60 44.85
N ASN C 601 -0.49 -22.29 44.80
CA ASN C 601 -0.20 -23.48 45.59
C ASN C 601 0.41 -23.11 46.93
N THR C 602 0.40 -21.82 47.26
CA THR C 602 0.96 -21.34 48.52
C THR C 602 -0.07 -20.47 49.22
N SER C 603 -0.79 -19.68 48.43
CA SER C 603 -1.70 -18.68 48.96
C SER C 603 -2.43 -18.07 47.78
N ASN C 604 -3.50 -17.34 48.08
CA ASN C 604 -4.26 -16.61 47.07
C ASN C 604 -4.20 -15.11 47.31
N GLN C 605 -3.37 -14.65 48.24
CA GLN C 605 -3.13 -13.24 48.40
C GLN C 605 -2.32 -12.71 47.23
N VAL C 606 -2.35 -11.40 47.05
CA VAL C 606 -1.81 -10.77 45.86
C VAL C 606 -1.39 -9.35 46.21
N ALA C 607 -0.36 -8.86 45.53
CA ALA C 607 0.01 -7.46 45.60
C ALA C 607 0.02 -6.88 44.19
N VAL C 608 -0.10 -5.57 44.08
CA VAL C 608 -0.33 -4.93 42.79
C VAL C 608 0.61 -3.76 42.63
N LEU C 609 1.30 -3.72 41.49
CA LEU C 609 2.21 -2.64 41.15
C LEU C 609 1.60 -1.81 40.04
N TYR C 610 1.43 -0.52 40.28
CA TYR C 610 1.06 0.45 39.26
C TYR C 610 2.34 1.11 38.80
N GLN C 611 2.74 0.86 37.55
CA GLN C 611 4.09 1.17 37.14
C GLN C 611 4.23 2.65 36.86
N GLY C 612 5.27 3.24 37.42
CA GLY C 612 5.62 4.67 37.39
C GLY C 612 4.39 5.57 37.44
N VAL C 613 3.51 5.26 38.37
CA VAL C 613 2.39 6.11 38.69
C VAL C 613 2.56 6.61 40.11
N ASN C 614 2.32 7.90 40.31
CA ASN C 614 2.38 8.45 41.64
C ASN C 614 1.25 7.87 42.49
N CYS C 615 1.60 7.43 43.69
CA CYS C 615 0.71 6.56 44.43
C CYS C 615 -0.46 7.31 45.06
N THR C 616 -0.68 8.56 44.67
CA THR C 616 -1.77 9.37 45.21
C THR C 616 -2.94 9.46 44.23
N GLU C 617 -2.72 8.92 43.03
CA GLU C 617 -3.75 9.00 41.99
C GLU C 617 -4.09 7.62 41.47
N VAL C 618 -4.06 6.62 42.34
CA VAL C 618 -4.28 5.23 41.94
C VAL C 618 -5.77 4.97 41.70
N PRO C 619 -6.67 5.28 42.64
CA PRO C 619 -8.06 4.96 42.31
C PRO C 619 -8.82 6.16 41.76
N SER C 638 -4.47 -0.03 55.15
CA SER C 638 -3.79 -0.86 54.16
C SER C 638 -2.36 -0.42 53.93
N ASN C 639 -1.71 -1.04 52.95
CA ASN C 639 -0.30 -0.81 52.68
C ASN C 639 -0.16 -0.18 51.30
N VAL C 640 0.12 1.12 51.27
CA VAL C 640 0.52 1.80 50.06
C VAL C 640 1.97 2.23 50.25
N PHE C 641 2.81 1.85 49.30
CA PHE C 641 4.24 2.03 49.41
C PHE C 641 4.73 2.56 48.09
N GLN C 642 5.52 3.62 48.12
CA GLN C 642 6.00 4.26 46.91
C GLN C 642 7.40 3.77 46.56
N THR C 643 7.59 3.42 45.31
CA THR C 643 8.84 2.87 44.81
C THR C 643 9.29 3.74 43.65
N ARG C 644 10.58 3.67 43.36
CA ARG C 644 11.10 4.23 42.11
C ARG C 644 10.51 3.55 40.89
N ALA C 645 9.82 2.43 41.06
CA ALA C 645 9.24 1.69 39.95
C ALA C 645 7.72 1.80 39.89
N GLY C 646 7.11 2.56 40.80
CA GLY C 646 5.68 2.73 40.82
C GLY C 646 5.10 2.62 42.22
N CYS C 647 3.78 2.50 42.28
CA CYS C 647 3.08 2.39 43.55
C CYS C 647 2.66 0.95 43.82
N LEU C 648 3.09 0.44 44.97
CA LEU C 648 2.85 -0.94 45.36
C LEU C 648 1.76 -0.99 46.42
N ILE C 649 0.75 -1.83 46.21
CA ILE C 649 -0.37 -1.96 47.12
C ILE C 649 -0.52 -3.42 47.52
N GLY C 650 -0.61 -3.66 48.83
CA GLY C 650 -0.82 -4.99 49.34
C GLY C 650 0.39 -5.70 49.88
N ALA C 651 1.51 -5.00 50.00
CA ALA C 651 2.72 -5.53 50.61
C ALA C 651 3.21 -4.52 51.62
N GLU C 652 3.76 -5.00 52.73
CA GLU C 652 4.32 -4.12 53.74
C GLU C 652 5.82 -4.00 53.57
N HIS C 653 6.33 -2.82 53.86
CA HIS C 653 7.75 -2.52 53.73
C HIS C 653 8.46 -2.81 55.04
N VAL C 654 9.47 -3.66 54.99
CA VAL C 654 10.27 -4.00 56.16
C VAL C 654 11.65 -3.37 56.03
N ASN C 655 12.44 -3.47 57.10
CA ASN C 655 13.76 -2.86 57.15
C ASN C 655 14.88 -3.87 57.01
N ASN C 656 14.59 -5.16 57.12
CA ASN C 656 15.56 -6.21 56.89
C ASN C 656 16.01 -6.22 55.44
N SER C 657 16.94 -7.10 55.09
CA SER C 657 17.34 -7.27 53.70
C SER C 657 17.67 -8.72 53.46
N TYR C 658 16.99 -9.33 52.50
CA TYR C 658 17.14 -10.73 52.19
C TYR C 658 17.70 -10.87 50.79
N GLU C 659 17.87 -12.12 50.36
CA GLU C 659 18.16 -12.40 48.97
C GLU C 659 16.91 -12.20 48.14
N CYS C 660 17.09 -11.75 46.91
CA CYS C 660 15.96 -11.36 46.10
C CYS C 660 15.10 -12.57 45.75
N ASP C 661 13.79 -12.38 45.80
CA ASP C 661 12.85 -13.46 45.55
C ASP C 661 12.03 -13.20 44.28
N ILE C 662 11.25 -12.13 44.31
CA ILE C 662 10.45 -11.68 43.18
C ILE C 662 10.93 -10.27 42.87
N PRO C 663 11.48 -10.01 41.71
CA PRO C 663 12.08 -8.70 41.46
C PRO C 663 11.06 -7.64 41.10
N ILE C 664 10.99 -6.58 41.89
CA ILE C 664 10.13 -5.45 41.58
C ILE C 664 10.85 -4.44 40.72
N GLY C 665 12.00 -3.97 41.16
CA GLY C 665 12.79 -3.06 40.36
C GLY C 665 13.48 -2.03 41.22
N ALA C 666 14.49 -1.39 40.62
CA ALA C 666 15.28 -0.35 41.29
C ALA C 666 15.79 -0.80 42.65
N GLY C 667 16.20 -2.06 42.75
CA GLY C 667 16.72 -2.60 43.98
C GLY C 667 15.71 -3.19 44.94
N ILE C 668 14.42 -3.17 44.61
CA ILE C 668 13.37 -3.64 45.49
C ILE C 668 12.91 -5.00 45.04
N CYS C 669 12.81 -5.94 46.00
CA CYS C 669 12.17 -7.23 45.76
C CYS C 669 11.05 -7.49 46.74
N ALA C 670 10.27 -8.54 46.49
CA ALA C 670 9.13 -8.90 47.32
C ALA C 670 9.21 -10.38 47.65
N SER C 671 8.58 -10.75 48.75
CA SER C 671 8.53 -12.16 49.14
C SER C 671 7.29 -12.41 49.97
N TYR C 672 6.92 -13.68 50.09
CA TYR C 672 5.79 -14.09 50.90
C TYR C 672 6.32 -14.64 52.22
N GLN C 673 6.64 -13.76 53.15
CA GLN C 673 7.34 -14.26 54.33
C GLN C 673 6.72 -13.87 55.65
N THR C 674 6.46 -12.58 55.81
CA THR C 674 6.23 -12.00 57.12
C THR C 674 4.88 -11.33 57.20
N GLN C 688 2.39 -15.34 54.53
CA GLN C 688 1.30 -14.77 55.33
C GLN C 688 1.03 -13.33 54.93
N SER C 689 1.75 -12.87 53.92
CA SER C 689 1.64 -11.51 53.51
C SER C 689 2.67 -11.36 52.44
N ILE C 690 3.08 -10.14 52.20
CA ILE C 690 4.05 -9.90 51.18
C ILE C 690 4.77 -8.72 51.74
N ILE C 691 6.09 -8.74 51.65
CA ILE C 691 6.91 -7.67 52.16
C ILE C 691 7.75 -7.12 51.02
N ALA C 692 8.34 -5.95 51.20
CA ALA C 692 9.18 -5.36 50.19
C ALA C 692 10.47 -4.93 50.87
N TYR C 693 11.59 -4.93 50.15
CA TYR C 693 12.86 -4.56 50.75
C TYR C 693 13.94 -4.44 49.69
N THR C 694 14.97 -3.63 49.90
CA THR C 694 16.09 -3.44 48.99
C THR C 694 16.96 -4.68 49.00
N MET C 695 16.74 -5.57 48.05
CA MET C 695 17.52 -6.80 48.00
C MET C 695 18.96 -6.66 48.49
N SER C 696 19.50 -7.75 49.02
CA SER C 696 20.87 -7.79 49.51
C SER C 696 21.76 -8.46 48.48
N LEU C 697 22.98 -7.97 48.37
CA LEU C 697 23.93 -8.53 47.42
C LEU C 697 24.63 -9.75 47.96
N GLY C 698 24.80 -9.83 49.26
CA GLY C 698 25.45 -10.97 49.88
C GLY C 698 25.97 -10.58 51.24
N ALA C 699 26.54 -11.57 51.92
CA ALA C 699 27.10 -11.34 53.24
C ALA C 699 28.46 -10.68 53.13
N GLU C 700 28.76 -9.83 54.09
CA GLU C 700 30.00 -9.09 54.05
C GLU C 700 31.15 -9.91 54.61
N ASN C 701 32.37 -9.51 54.23
CA ASN C 701 33.55 -10.33 54.48
C ASN C 701 34.78 -9.45 54.37
N SER C 702 35.50 -9.31 55.47
CA SER C 702 36.82 -8.71 55.44
C SER C 702 37.84 -9.84 55.45
N VAL C 703 38.82 -9.75 54.59
CA VAL C 703 39.88 -10.73 54.49
C VAL C 703 41.03 -10.24 55.35
N ALA C 704 41.60 -11.15 56.14
CA ALA C 704 42.64 -10.80 57.10
C ALA C 704 43.96 -10.55 56.37
N TYR C 705 43.97 -9.52 55.54
CA TYR C 705 45.16 -9.20 54.78
C TYR C 705 46.20 -8.54 55.66
N SER C 706 47.43 -9.04 55.57
CA SER C 706 48.62 -8.34 56.03
C SER C 706 49.76 -8.71 55.11
N ASN C 707 50.92 -8.12 55.35
CA ASN C 707 52.04 -8.29 54.44
C ASN C 707 52.96 -9.45 54.78
N ASN C 708 52.64 -10.27 55.77
CA ASN C 708 53.39 -11.51 55.94
C ASN C 708 52.50 -12.65 56.39
N SER C 709 51.23 -12.63 56.04
CA SER C 709 50.29 -13.68 56.40
C SER C 709 49.81 -14.41 55.16
N ILE C 710 49.64 -15.73 55.27
CA ILE C 710 49.15 -16.53 54.17
C ILE C 710 48.22 -17.61 54.70
N ALA C 711 47.21 -17.95 53.91
CA ALA C 711 46.27 -19.00 54.24
C ALA C 711 46.44 -20.16 53.28
N ILE C 712 46.66 -21.35 53.82
CA ILE C 712 46.92 -22.54 53.01
C ILE C 712 45.97 -23.65 53.39
N PRO C 713 45.30 -24.29 52.42
CA PRO C 713 44.29 -25.29 52.75
C PRO C 713 44.89 -26.63 53.13
N THR C 714 44.22 -27.31 54.05
CA THR C 714 44.69 -28.58 54.57
C THR C 714 43.84 -29.74 54.12
N ASN C 715 42.78 -29.53 53.36
CA ASN C 715 41.90 -30.59 52.93
C ASN C 715 41.27 -30.16 51.62
N PHE C 716 40.41 -30.99 51.07
CA PHE C 716 39.73 -30.64 49.83
C PHE C 716 38.40 -31.37 49.79
N THR C 717 37.55 -30.93 48.88
CA THR C 717 36.34 -31.65 48.51
C THR C 717 36.33 -31.88 47.02
N ILE C 718 35.70 -32.98 46.62
CA ILE C 718 35.37 -33.25 45.23
C ILE C 718 33.94 -32.77 45.00
N SER C 719 33.75 -31.91 44.01
CA SER C 719 32.45 -31.36 43.68
C SER C 719 32.01 -31.82 42.30
N VAL C 720 30.73 -32.11 42.16
CA VAL C 720 30.13 -32.43 40.87
C VAL C 720 28.92 -31.53 40.67
N THR C 721 28.90 -30.79 39.57
CA THR C 721 27.77 -29.92 39.28
C THR C 721 27.31 -30.10 37.84
N THR C 722 26.08 -29.72 37.57
CA THR C 722 25.49 -29.90 36.24
C THR C 722 25.40 -28.59 35.47
N GLU C 723 25.36 -28.73 34.15
CA GLU C 723 25.19 -27.60 33.25
C GLU C 723 24.37 -28.05 32.06
N ILE C 724 23.32 -27.30 31.74
CA ILE C 724 22.32 -27.73 30.77
C ILE C 724 22.33 -26.77 29.59
N LEU C 725 22.30 -27.32 28.37
CA LEU C 725 22.38 -26.49 27.18
C LEU C 725 21.45 -26.96 26.07
N PRO C 726 20.63 -26.08 25.51
CA PRO C 726 19.82 -26.44 24.34
C PRO C 726 20.65 -26.55 23.07
N VAL C 727 20.42 -27.64 22.35
CA VAL C 727 21.16 -27.91 21.13
C VAL C 727 20.30 -27.71 19.89
N SER C 728 19.00 -27.94 19.98
CA SER C 728 18.18 -28.17 18.80
C SER C 728 16.78 -27.67 19.08
N MET C 729 16.01 -27.46 18.03
CA MET C 729 14.59 -27.20 18.23
C MET C 729 13.76 -27.98 17.23
N THR C 730 12.45 -27.84 17.30
CA THR C 730 11.52 -28.63 16.49
C THR C 730 11.54 -28.16 15.05
N LYS C 731 11.67 -29.10 14.12
CA LYS C 731 11.64 -28.79 12.71
C LYS C 731 10.20 -28.76 12.23
N THR C 732 9.76 -27.61 11.76
CA THR C 732 8.39 -27.45 11.31
C THR C 732 8.40 -26.85 9.92
N SER C 733 7.42 -27.24 9.13
CA SER C 733 7.20 -26.61 7.84
C SER C 733 5.76 -26.18 7.73
N VAL C 734 5.53 -25.13 6.95
CA VAL C 734 4.19 -24.69 6.63
C VAL C 734 4.11 -24.56 5.12
N ASP C 735 3.10 -25.16 4.53
CA ASP C 735 2.78 -24.84 3.15
C ASP C 735 2.11 -23.48 3.10
N CYS C 736 2.77 -22.53 2.46
CA CYS C 736 2.27 -21.16 2.43
C CYS C 736 0.93 -21.07 1.71
N THR C 737 0.72 -21.90 0.70
CA THR C 737 -0.50 -21.81 -0.08
C THR C 737 -1.68 -22.39 0.68
N MET C 738 -1.50 -23.53 1.32
CA MET C 738 -2.59 -24.15 2.05
C MET C 738 -2.94 -23.41 3.33
N TYR C 739 -2.01 -22.66 3.90
CA TYR C 739 -2.33 -21.84 5.06
C TYR C 739 -3.24 -20.69 4.66
N ILE C 740 -2.92 -20.01 3.56
CA ILE C 740 -3.62 -18.80 3.18
C ILE C 740 -4.94 -19.13 2.50
N CYS C 741 -4.91 -20.05 1.54
CA CYS C 741 -6.11 -20.36 0.76
C CYS C 741 -6.79 -21.63 1.24
N GLY C 742 -6.02 -22.70 1.41
CA GLY C 742 -6.58 -23.92 1.93
C GLY C 742 -7.51 -24.65 0.99
N ASP C 743 -7.02 -25.13 -0.15
CA ASP C 743 -7.84 -25.87 -1.10
C ASP C 743 -8.96 -25.00 -1.64
N SER C 744 -8.59 -23.92 -2.31
CA SER C 744 -9.54 -23.05 -3.00
C SER C 744 -8.86 -22.42 -4.19
N THR C 745 -9.32 -22.72 -5.39
CA THR C 745 -8.67 -22.22 -6.59
C THR C 745 -8.92 -20.73 -6.82
N GLU C 746 -10.06 -20.20 -6.38
CA GLU C 746 -10.29 -18.77 -6.52
C GLU C 746 -9.23 -17.98 -5.76
N CYS C 747 -8.85 -18.44 -4.58
CA CYS C 747 -7.86 -17.75 -3.77
C CYS C 747 -6.47 -17.95 -4.33
N SER C 748 -6.20 -19.13 -4.87
CA SER C 748 -4.86 -19.48 -5.32
C SER C 748 -4.41 -18.63 -6.49
N ASN C 749 -5.31 -18.31 -7.42
CA ASN C 749 -4.92 -17.52 -8.58
C ASN C 749 -4.72 -16.06 -8.22
N LEU C 750 -5.46 -15.57 -7.22
CA LEU C 750 -5.20 -14.25 -6.69
C LEU C 750 -3.91 -14.18 -5.90
N LEU C 751 -3.51 -15.27 -5.27
CA LEU C 751 -2.24 -15.30 -4.57
C LEU C 751 -1.06 -15.24 -5.52
N LEU C 752 -1.25 -15.57 -6.79
CA LEU C 752 -0.17 -15.51 -7.75
C LEU C 752 0.22 -14.09 -8.12
N GLN C 753 -0.56 -13.10 -7.72
CA GLN C 753 -0.27 -11.73 -8.06
C GLN C 753 0.72 -11.07 -7.12
N TYR C 754 1.23 -11.81 -6.14
CA TYR C 754 2.22 -11.28 -5.22
C TYR C 754 3.62 -11.81 -5.49
N GLY C 755 3.75 -12.74 -6.42
CA GLY C 755 5.06 -13.19 -6.83
C GLY C 755 5.57 -14.35 -6.02
N SER C 756 6.78 -14.21 -5.50
CA SER C 756 7.51 -15.29 -4.87
C SER C 756 7.53 -15.17 -3.36
N PHE C 757 6.43 -14.77 -2.73
CA PHE C 757 6.40 -14.68 -1.28
C PHE C 757 6.40 -16.06 -0.63
N CYS C 758 5.63 -16.99 -1.18
CA CYS C 758 5.55 -18.31 -0.56
C CYS C 758 6.78 -19.15 -0.83
N THR C 759 7.41 -18.97 -1.98
CA THR C 759 8.67 -19.63 -2.25
C THR C 759 9.73 -19.16 -1.27
N GLN C 760 9.78 -17.85 -1.02
CA GLN C 760 10.69 -17.30 -0.04
C GLN C 760 10.43 -17.85 1.35
N LEU C 761 9.16 -17.92 1.74
CA LEU C 761 8.84 -18.40 3.08
C LEU C 761 9.22 -19.87 3.27
N ASN C 762 8.93 -20.71 2.29
CA ASN C 762 9.32 -22.10 2.41
C ASN C 762 10.84 -22.26 2.40
N ARG C 763 11.54 -21.48 1.60
CA ARG C 763 12.99 -21.52 1.59
C ARG C 763 13.59 -21.10 2.91
N ALA C 764 13.01 -20.09 3.57
CA ALA C 764 13.50 -19.68 4.87
C ALA C 764 13.27 -20.77 5.91
N LEU C 765 12.08 -21.35 5.93
CA LEU C 765 11.77 -22.36 6.94
C LEU C 765 12.54 -23.66 6.75
N THR C 766 12.90 -24.00 5.52
CA THR C 766 13.62 -25.24 5.26
C THR C 766 15.08 -25.13 5.65
N GLY C 767 15.67 -23.95 5.46
CA GLY C 767 17.05 -23.73 5.83
C GLY C 767 17.30 -23.81 7.31
N ILE C 768 16.30 -23.52 8.14
CA ILE C 768 16.47 -23.64 9.57
C ILE C 768 16.06 -25.01 10.08
N ALA C 769 15.44 -25.84 9.25
CA ALA C 769 15.26 -27.24 9.57
C ALA C 769 16.50 -28.05 9.21
N VAL C 770 17.24 -27.61 8.21
CA VAL C 770 18.51 -28.26 7.90
C VAL C 770 19.57 -27.93 8.95
N GLU C 771 19.54 -26.71 9.48
CA GLU C 771 20.51 -26.29 10.49
C GLU C 771 20.37 -27.09 11.78
N GLN C 772 19.19 -27.62 12.06
CA GLN C 772 18.99 -28.30 13.34
C GLN C 772 19.69 -29.64 13.39
N ASP C 773 19.81 -30.33 12.26
CA ASP C 773 20.54 -31.59 12.24
C ASP C 773 22.04 -31.37 12.31
N LYS C 774 22.54 -30.33 11.67
CA LYS C 774 23.91 -29.88 11.81
C LYS C 774 24.25 -29.53 13.24
N ASN C 775 23.32 -28.90 13.96
CA ASN C 775 23.51 -28.56 15.35
C ASN C 775 23.83 -29.78 16.19
N THR C 776 23.13 -30.88 16.02
CA THR C 776 23.36 -32.02 16.90
C THR C 776 24.45 -32.94 16.38
N GLN C 777 24.70 -32.92 15.07
CA GLN C 777 25.92 -33.54 14.57
C GLN C 777 27.17 -32.89 15.11
N GLU C 778 27.17 -31.57 15.28
CA GLU C 778 28.35 -30.88 15.76
C GLU C 778 28.60 -31.08 17.25
N VAL C 779 27.58 -31.42 18.03
CA VAL C 779 27.77 -31.66 19.46
C VAL C 779 28.08 -33.12 19.73
N PHE C 780 27.36 -34.06 19.11
CA PHE C 780 27.47 -35.42 19.60
C PHE C 780 28.41 -36.30 18.81
N ALA C 781 28.50 -36.14 17.49
CA ALA C 781 29.35 -37.00 16.67
C ALA C 781 30.78 -36.45 16.63
N GLN C 782 31.39 -36.40 17.81
CA GLN C 782 32.74 -35.91 18.00
C GLN C 782 33.72 -37.06 18.24
N VAL C 783 33.30 -38.27 17.94
CA VAL C 783 34.09 -39.46 18.22
C VAL C 783 34.05 -40.35 16.99
N LYS C 784 35.18 -40.95 16.66
CA LYS C 784 35.30 -41.76 15.45
C LYS C 784 34.80 -43.18 15.64
N GLN C 785 35.19 -43.81 16.73
CA GLN C 785 34.80 -45.18 17.04
C GLN C 785 33.73 -45.18 18.11
N ILE C 786 33.01 -46.28 18.19
CA ILE C 786 32.08 -46.51 19.28
C ILE C 786 32.80 -47.35 20.33
N TYR C 787 33.34 -46.69 21.34
CA TYR C 787 34.07 -47.37 22.39
C TYR C 787 33.12 -48.01 23.40
N LYS C 788 33.55 -49.14 23.94
CA LYS C 788 32.81 -49.87 24.97
C LYS C 788 33.65 -50.01 26.23
N THR C 789 32.99 -50.04 27.38
CA THR C 789 33.68 -50.31 28.62
C THR C 789 33.85 -51.82 28.80
N PRO C 790 34.83 -52.25 29.59
CA PRO C 790 35.00 -53.66 29.86
C PRO C 790 33.87 -54.18 30.74
N PRO C 791 33.65 -55.50 30.75
CA PRO C 791 32.66 -56.05 31.68
C PRO C 791 33.08 -55.93 33.13
N ILE C 792 34.38 -56.02 33.42
CA ILE C 792 34.90 -55.93 34.78
C ILE C 792 35.28 -54.48 35.04
N LYS C 793 34.54 -53.83 35.92
CA LYS C 793 34.65 -52.39 36.11
C LYS C 793 35.51 -52.05 37.34
N ASP C 794 36.82 -52.27 37.19
CA ASP C 794 37.78 -51.95 38.24
C ASP C 794 38.36 -50.57 37.98
N PHE C 795 37.83 -49.56 38.68
CA PHE C 795 38.23 -48.18 38.45
C PHE C 795 38.76 -47.53 39.71
N GLY C 796 39.58 -48.24 40.47
CA GLY C 796 40.18 -47.67 41.65
C GLY C 796 39.23 -47.34 42.76
N GLY C 797 37.99 -47.80 42.68
CA GLY C 797 36.98 -47.50 43.67
C GLY C 797 35.88 -46.60 43.18
N PHE C 798 36.08 -45.92 42.06
CA PHE C 798 35.11 -44.98 41.53
C PHE C 798 33.95 -45.72 40.88
N ASN C 799 32.73 -45.36 41.23
CA ASN C 799 31.52 -46.05 40.81
C ASN C 799 30.79 -45.19 39.78
N PHE C 800 30.74 -45.65 38.53
CA PHE C 800 30.16 -44.90 37.42
C PHE C 800 28.83 -45.47 36.95
N SER C 801 28.10 -46.18 37.80
CA SER C 801 27.02 -47.00 37.30
C SER C 801 25.75 -46.22 37.01
N GLN C 802 25.53 -45.06 37.63
CA GLN C 802 24.36 -44.25 37.35
C GLN C 802 24.47 -43.44 36.08
N ILE C 803 25.65 -43.36 35.48
CA ILE C 803 25.84 -42.62 34.24
C ILE C 803 26.24 -43.52 33.08
N LEU C 804 26.38 -44.78 33.29
CA LEU C 804 26.68 -45.75 32.25
C LEU C 804 25.39 -46.33 31.72
N PRO C 805 25.37 -46.79 30.46
CA PRO C 805 24.13 -47.33 29.91
C PRO C 805 23.65 -48.52 30.72
N ASP C 806 22.34 -48.65 30.83
CA ASP C 806 21.71 -49.78 31.50
C ASP C 806 21.02 -50.64 30.46
N PRO C 807 21.69 -51.70 30.05
CA PRO C 807 21.22 -52.62 29.01
C PRO C 807 19.96 -53.41 29.34
N SER C 808 18.89 -52.72 29.74
CA SER C 808 17.66 -53.45 30.04
C SER C 808 16.51 -52.49 30.31
N LYS C 809 16.45 -51.41 29.55
CA LYS C 809 15.40 -50.40 29.71
C LYS C 809 15.06 -49.75 28.38
N PRO C 810 14.40 -48.60 28.42
CA PRO C 810 14.05 -47.91 27.16
C PRO C 810 15.28 -47.75 26.28
N SER C 811 15.43 -48.61 25.28
CA SER C 811 16.58 -48.55 24.39
C SER C 811 17.87 -48.90 25.13
N LYS C 812 18.47 -47.90 25.78
CA LYS C 812 19.71 -48.10 26.52
C LYS C 812 20.28 -46.79 27.03
N ARG C 813 19.64 -46.22 28.05
CA ARG C 813 20.08 -44.97 28.62
C ARG C 813 20.59 -45.22 30.01
N SER C 814 21.31 -44.26 30.56
CA SER C 814 21.83 -44.36 31.91
C SER C 814 20.79 -43.94 32.92
N PRO C 815 20.99 -44.32 34.18
CA PRO C 815 20.05 -43.94 35.25
C PRO C 815 19.76 -42.44 35.28
N ILE C 816 20.73 -41.60 34.90
CA ILE C 816 20.51 -40.15 34.93
C ILE C 816 19.89 -39.62 33.64
N GLU C 817 19.94 -40.36 32.55
CA GLU C 817 19.27 -39.89 31.34
C GLU C 817 17.77 -40.15 31.37
N ASP C 818 17.33 -41.18 32.10
CA ASP C 818 15.90 -41.45 32.23
C ASP C 818 15.18 -40.42 33.07
N LEU C 819 15.75 -39.98 34.18
CA LEU C 819 15.16 -38.86 34.87
C LEU C 819 15.06 -37.63 34.00
N LEU C 820 16.05 -37.37 33.14
CA LEU C 820 16.01 -36.19 32.31
C LEU C 820 14.98 -36.29 31.21
N PHE C 821 14.76 -37.49 30.69
CA PHE C 821 13.73 -37.65 29.67
C PHE C 821 12.35 -37.79 30.25
N ASN C 822 12.22 -38.02 31.56
CA ASN C 822 10.94 -37.90 32.22
C ASN C 822 10.66 -36.54 32.81
N LYS C 823 11.67 -35.69 32.94
CA LYS C 823 11.46 -34.37 33.51
C LYS C 823 10.88 -33.38 32.51
N VAL C 824 11.28 -33.47 31.25
CA VAL C 824 10.78 -32.55 30.22
C VAL C 824 9.56 -33.13 29.52
N LYS C 852 -0.91 -31.41 12.78
CA LYS C 852 -1.23 -31.47 11.36
C LYS C 852 -2.63 -30.95 11.14
N PHE C 853 -2.75 -29.65 10.87
CA PHE C 853 -4.08 -29.10 10.68
C PHE C 853 -4.31 -28.51 9.30
N ASN C 854 -3.53 -27.48 8.94
CA ASN C 854 -3.69 -26.88 7.64
C ASN C 854 -2.34 -26.30 7.20
N GLY C 855 -1.55 -27.12 6.52
CA GLY C 855 -0.23 -26.74 6.08
C GLY C 855 0.88 -27.03 7.06
N LEU C 856 0.56 -27.30 8.32
CA LEU C 856 1.58 -27.37 9.36
C LEU C 856 2.06 -28.80 9.55
N THR C 857 3.38 -28.96 9.52
CA THR C 857 3.96 -30.29 9.66
C THR C 857 5.27 -30.25 10.41
N VAL C 858 5.50 -31.31 11.19
CA VAL C 858 6.71 -31.49 11.98
C VAL C 858 7.52 -32.62 11.36
N LEU C 859 8.75 -32.32 10.99
CA LEU C 859 9.67 -33.32 10.47
C LEU C 859 10.45 -33.97 11.60
N PRO C 860 10.76 -35.26 11.51
CA PRO C 860 11.51 -35.91 12.57
C PRO C 860 12.99 -35.60 12.45
N PRO C 861 13.70 -35.48 13.57
CA PRO C 861 15.15 -35.36 13.50
C PRO C 861 15.77 -36.58 12.85
N LEU C 862 16.94 -36.37 12.25
CA LEU C 862 17.62 -37.44 11.54
C LEU C 862 18.15 -38.50 12.50
N LEU C 863 18.85 -38.09 13.54
CA LEU C 863 19.31 -39.01 14.56
C LEU C 863 18.19 -39.26 15.55
N THR C 864 17.90 -40.52 15.81
CA THR C 864 16.98 -40.87 16.86
C THR C 864 17.63 -40.65 18.23
N ASP C 865 16.81 -40.71 19.27
CA ASP C 865 17.35 -40.55 20.61
C ASP C 865 18.13 -41.78 21.07
N GLU C 866 17.80 -42.94 20.53
CA GLU C 866 18.63 -44.12 20.74
C GLU C 866 20.01 -43.95 20.14
N MET C 867 20.15 -43.17 19.09
CA MET C 867 21.45 -42.95 18.48
C MET C 867 22.27 -41.91 19.24
N ILE C 868 21.61 -40.89 19.79
CA ILE C 868 22.31 -39.92 20.60
C ILE C 868 22.75 -40.51 21.92
N ALA C 869 21.95 -41.40 22.51
CA ALA C 869 22.41 -42.09 23.71
C ALA C 869 23.64 -42.94 23.42
N GLN C 870 23.71 -43.55 22.25
CA GLN C 870 24.85 -44.36 21.88
C GLN C 870 26.09 -43.54 21.56
N TYR C 871 25.95 -42.31 21.10
CA TYR C 871 27.10 -41.42 20.99
C TYR C 871 27.62 -41.00 22.34
N THR C 872 26.73 -40.57 23.24
CA THR C 872 27.22 -40.17 24.54
C THR C 872 27.76 -41.33 25.36
N SER C 873 27.36 -42.56 25.09
CA SER C 873 27.97 -43.67 25.82
C SER C 873 29.37 -44.00 25.35
N ALA C 874 29.67 -43.80 24.07
CA ALA C 874 31.03 -43.97 23.57
C ALA C 874 31.95 -42.84 23.97
N LEU C 875 31.45 -41.61 24.12
CA LEU C 875 32.28 -40.55 24.70
C LEU C 875 32.65 -40.84 26.14
N LEU C 876 31.71 -41.33 26.93
CA LEU C 876 31.95 -41.72 28.30
C LEU C 876 32.90 -42.89 28.42
N ALA C 877 32.72 -43.92 27.64
CA ALA C 877 33.67 -45.03 27.66
C ALA C 877 35.05 -44.62 27.19
N GLY C 878 35.16 -43.70 26.25
CA GLY C 878 36.46 -43.22 25.86
C GLY C 878 37.16 -42.43 26.94
N THR C 879 36.43 -41.64 27.71
CA THR C 879 37.14 -40.85 28.72
C THR C 879 37.49 -41.65 29.97
N ILE C 880 36.82 -42.75 30.25
CA ILE C 880 37.06 -43.50 31.47
C ILE C 880 38.18 -44.50 31.32
N THR C 881 38.42 -45.01 30.11
CA THR C 881 39.45 -46.00 29.91
C THR C 881 40.73 -45.40 29.36
N SER C 882 40.62 -44.24 28.72
CA SER C 882 41.69 -43.72 27.88
C SER C 882 42.12 -42.32 28.23
N GLY C 883 41.52 -41.69 29.21
CA GLY C 883 41.90 -40.33 29.54
C GLY C 883 41.55 -39.36 28.43
N TRP C 884 42.53 -38.56 28.02
CA TRP C 884 42.36 -37.55 26.99
C TRP C 884 43.06 -37.91 25.68
N THR C 885 43.35 -39.18 25.47
CA THR C 885 44.11 -39.57 24.30
C THR C 885 43.23 -39.92 23.11
N PHE C 886 42.01 -40.37 23.34
CA PHE C 886 41.14 -40.68 22.22
C PHE C 886 40.69 -39.44 21.48
N GLY C 887 40.83 -38.26 22.07
CA GLY C 887 40.48 -37.04 21.41
C GLY C 887 41.63 -36.38 20.68
N ALA C 888 42.76 -37.04 20.56
CA ALA C 888 43.88 -36.42 19.89
C ALA C 888 44.71 -37.37 19.10
N GLY C 889 44.30 -38.62 19.00
CA GLY C 889 45.04 -39.62 18.29
C GLY C 889 44.41 -40.94 18.59
N PRO C 890 45.19 -42.01 18.69
CA PRO C 890 44.65 -43.33 19.01
C PRO C 890 44.30 -43.40 20.48
N ALA C 891 43.30 -44.20 20.86
CA ALA C 891 42.93 -44.30 22.25
C ALA C 891 43.92 -45.21 22.90
N LEU C 892 44.50 -44.76 24.00
CA LEU C 892 45.52 -45.53 24.70
C LEU C 892 45.07 -45.76 26.14
N GLN C 893 45.02 -47.02 26.55
CA GLN C 893 44.52 -47.33 27.88
C GLN C 893 45.51 -46.89 28.96
N ILE C 894 44.96 -46.58 30.12
CA ILE C 894 45.72 -46.20 31.31
C ILE C 894 44.81 -46.53 32.49
N PRO C 895 45.30 -46.98 33.63
CA PRO C 895 44.41 -47.22 34.77
C PRO C 895 43.84 -45.93 35.32
N PHE C 896 42.61 -46.00 35.81
CA PHE C 896 41.89 -44.83 36.30
C PHE C 896 42.55 -44.07 37.43
N PRO C 897 42.94 -44.77 38.50
CA PRO C 897 43.63 -44.10 39.61
C PRO C 897 44.87 -43.35 39.12
N MET C 898 45.38 -43.71 37.95
CA MET C 898 46.56 -43.07 37.39
C MET C 898 46.21 -41.88 36.55
N GLN C 899 45.11 -41.96 35.84
CA GLN C 899 44.57 -40.84 35.07
C GLN C 899 44.17 -39.71 36.01
N MET C 900 43.56 -40.07 37.14
CA MET C 900 43.23 -39.11 38.17
C MET C 900 44.45 -38.42 38.73
N ALA C 901 45.58 -39.12 38.80
CA ALA C 901 46.79 -38.47 39.28
C ALA C 901 47.37 -37.48 38.28
N TYR C 902 47.38 -37.82 36.99
CA TYR C 902 47.71 -36.84 35.96
C TYR C 902 46.85 -35.61 36.07
N ARG C 903 45.56 -35.81 36.28
CA ARG C 903 44.68 -34.67 36.37
C ARG C 903 44.90 -33.83 37.62
N PHE C 904 45.25 -34.44 38.75
CA PHE C 904 45.70 -33.66 39.91
C PHE C 904 46.96 -32.88 39.62
N ASN C 905 47.91 -33.46 38.90
CA ASN C 905 49.07 -32.70 38.46
C ASN C 905 48.67 -31.48 37.63
N GLY C 906 47.67 -31.62 36.77
CA GLY C 906 47.24 -30.54 35.91
C GLY C 906 46.62 -29.36 36.62
N ILE C 907 46.33 -29.47 37.92
CA ILE C 907 45.86 -28.31 38.67
C ILE C 907 46.85 -27.86 39.73
N GLY C 908 48.03 -28.46 39.80
CA GLY C 908 49.05 -27.99 40.70
C GLY C 908 49.24 -28.76 41.99
N VAL C 909 48.68 -29.95 42.12
CA VAL C 909 48.82 -30.79 43.30
C VAL C 909 49.68 -31.98 42.92
N THR C 910 50.61 -32.35 43.79
CA THR C 910 51.41 -33.53 43.49
C THR C 910 50.56 -34.79 43.57
N GLN C 911 51.03 -35.84 42.93
CA GLN C 911 50.18 -36.99 42.73
C GLN C 911 50.19 -37.94 43.92
N ASN C 912 51.20 -37.87 44.77
CA ASN C 912 51.13 -38.55 46.04
C ASN C 912 49.91 -38.13 46.86
N VAL C 913 49.44 -36.89 46.71
CA VAL C 913 48.24 -36.47 47.40
C VAL C 913 47.01 -37.22 46.91
N LEU C 914 47.01 -37.68 45.67
CA LEU C 914 45.93 -38.54 45.22
C LEU C 914 46.11 -39.97 45.70
N TYR C 915 47.32 -40.52 45.53
CA TYR C 915 47.50 -41.92 45.86
C TYR C 915 47.38 -42.18 47.35
N GLU C 916 47.66 -41.21 48.20
CA GLU C 916 47.55 -41.41 49.63
C GLU C 916 46.17 -41.09 50.17
N ASN C 917 45.22 -40.73 49.31
CA ASN C 917 43.87 -40.39 49.71
C ASN C 917 42.83 -41.06 48.82
N GLN C 918 43.29 -41.97 47.96
CA GLN C 918 42.43 -42.58 46.94
C GLN C 918 41.06 -42.97 47.46
N LYS C 919 40.98 -43.63 48.61
CA LYS C 919 39.70 -44.12 49.10
C LYS C 919 38.77 -42.99 49.51
N LEU C 920 39.29 -41.96 50.15
CA LEU C 920 38.47 -40.82 50.51
C LEU C 920 38.01 -40.06 49.27
N ILE C 921 38.91 -39.88 48.31
CA ILE C 921 38.55 -39.17 47.09
C ILE C 921 37.46 -39.92 46.33
N ALA C 922 37.53 -41.25 46.30
CA ALA C 922 36.50 -42.01 45.62
C ALA C 922 35.18 -42.00 46.38
N ASN C 923 35.22 -42.10 47.71
CA ASN C 923 34.00 -41.92 48.50
C ASN C 923 33.34 -40.57 48.23
N GLN C 924 34.13 -39.51 48.15
CA GLN C 924 33.56 -38.18 47.93
C GLN C 924 32.96 -38.06 46.54
N PHE C 925 33.61 -38.61 45.52
CA PHE C 925 33.04 -38.60 44.19
C PHE C 925 31.73 -39.38 44.15
N ASN C 926 31.67 -40.51 44.86
CA ASN C 926 30.47 -41.33 44.82
C ASN C 926 29.30 -40.66 45.52
N SER C 927 29.54 -40.04 46.67
CA SER C 927 28.48 -39.28 47.31
C SER C 927 28.03 -38.09 46.47
N ALA C 928 28.97 -37.43 45.79
CA ALA C 928 28.58 -36.30 44.96
C ALA C 928 27.74 -36.74 43.77
N ILE C 929 28.03 -37.89 43.18
CA ILE C 929 27.21 -38.37 42.07
C ILE C 929 25.86 -38.84 42.57
N GLY C 930 25.81 -39.43 43.77
CA GLY C 930 24.54 -39.86 44.32
C GLY C 930 23.64 -38.72 44.74
N LYS C 931 24.21 -37.55 44.97
CA LYS C 931 23.41 -36.37 45.27
C LYS C 931 22.77 -35.73 44.06
N ILE C 932 23.26 -36.00 42.86
CA ILE C 932 22.72 -35.38 41.65
C ILE C 932 21.39 -36.02 41.27
N GLN C 933 21.33 -37.34 41.33
CA GLN C 933 20.09 -38.04 41.01
C GLN C 933 19.03 -37.82 42.05
N ASP C 934 19.43 -37.45 43.27
CA ASP C 934 18.44 -37.11 44.28
C ASP C 934 17.81 -35.78 43.99
N SER C 935 18.60 -34.80 43.57
CA SER C 935 18.05 -33.53 43.16
C SER C 935 17.29 -33.63 41.85
N LEU C 936 17.57 -34.64 41.03
CA LEU C 936 16.84 -34.78 39.78
C LEU C 936 15.54 -35.54 39.93
N SER C 937 15.50 -36.59 40.75
CA SER C 937 14.25 -37.30 40.99
C SER C 937 13.58 -36.81 42.26
N ALA C 942 15.05 -27.02 37.40
CA ALA C 942 16.14 -27.81 36.85
C ALA C 942 16.27 -27.65 35.35
N LEU C 943 15.33 -28.24 34.62
CA LEU C 943 15.37 -28.29 33.16
C LEU C 943 14.54 -27.19 32.52
N GLY C 944 14.40 -26.04 33.18
CA GLY C 944 13.66 -24.94 32.61
C GLY C 944 14.28 -24.32 31.40
N LYS C 945 15.61 -24.38 31.26
CA LYS C 945 16.25 -23.83 30.07
C LYS C 945 15.93 -24.61 28.81
N LEU C 946 15.48 -25.85 28.96
CA LEU C 946 15.01 -26.64 27.83
C LEU C 946 13.52 -26.52 27.63
N GLN C 947 12.78 -26.35 28.71
CA GLN C 947 11.34 -26.17 28.63
C GLN C 947 10.98 -24.81 28.05
N ASN C 948 11.84 -23.80 28.22
CA ASN C 948 11.62 -22.51 27.60
C ASN C 948 11.58 -22.55 26.09
N VAL C 949 12.44 -23.35 25.47
CA VAL C 949 12.41 -23.46 24.01
C VAL C 949 11.15 -24.13 23.53
N VAL C 950 10.77 -25.25 24.16
CA VAL C 950 9.53 -25.94 23.82
C VAL C 950 8.33 -25.01 23.95
N ASN C 951 8.27 -24.27 25.06
CA ASN C 951 7.13 -23.39 25.29
C ASN C 951 7.08 -22.23 24.30
N GLN C 952 8.21 -21.58 24.02
CA GLN C 952 8.21 -20.49 23.06
C GLN C 952 7.78 -20.95 21.68
N ASN C 953 8.22 -22.13 21.25
CA ASN C 953 7.82 -22.56 19.93
C ASN C 953 6.35 -22.95 19.86
N ALA C 954 5.83 -23.63 20.88
CA ALA C 954 4.40 -23.91 20.87
C ALA C 954 3.57 -22.64 20.95
N GLN C 955 4.04 -21.65 21.69
CA GLN C 955 3.31 -20.39 21.81
C GLN C 955 3.32 -19.61 20.50
N ALA C 956 4.32 -19.81 19.66
CA ALA C 956 4.28 -19.17 18.34
C ALA C 956 3.37 -19.90 17.37
N LEU C 957 3.42 -21.24 17.35
CA LEU C 957 2.53 -21.98 16.46
C LEU C 957 1.07 -21.78 16.81
N ASN C 958 0.75 -21.63 18.09
CA ASN C 958 -0.64 -21.40 18.48
C ASN C 958 -1.15 -20.07 17.96
N THR C 959 -0.34 -19.02 18.03
CA THR C 959 -0.75 -17.73 17.51
C THR C 959 -0.93 -17.78 16.00
N LEU C 960 -0.07 -18.51 15.30
CA LEU C 960 -0.23 -18.63 13.87
C LEU C 960 -1.52 -19.35 13.52
N VAL C 961 -1.84 -20.43 14.22
CA VAL C 961 -3.11 -21.11 14.01
C VAL C 961 -4.28 -20.19 14.30
N LYS C 962 -4.23 -19.45 15.40
CA LYS C 962 -5.40 -18.69 15.82
C LYS C 962 -5.65 -17.45 14.99
N GLN C 963 -4.65 -16.94 14.28
CA GLN C 963 -4.92 -15.82 13.39
C GLN C 963 -5.73 -16.21 12.17
N LEU C 964 -6.07 -17.48 12.01
CA LEU C 964 -6.90 -17.91 10.89
C LEU C 964 -8.38 -17.67 11.14
N SER C 965 -8.73 -16.91 12.16
CA SER C 965 -10.13 -16.67 12.49
C SER C 965 -10.40 -15.19 12.69
N SER C 966 -9.54 -14.34 12.15
CA SER C 966 -9.77 -12.91 12.08
C SER C 966 -10.28 -12.55 10.70
N ASN C 967 -11.15 -11.54 10.65
CA ASN C 967 -11.71 -11.06 9.40
C ASN C 967 -10.78 -10.14 8.64
N PHE C 968 -9.91 -9.43 9.36
CA PHE C 968 -9.06 -8.40 8.78
C PHE C 968 -9.90 -7.39 7.99
N GLY C 969 -11.13 -7.19 8.42
CA GLY C 969 -12.01 -6.25 7.77
C GLY C 969 -12.83 -6.78 6.61
N ALA C 970 -13.07 -8.08 6.59
CA ALA C 970 -13.93 -8.71 5.59
C ALA C 970 -15.25 -9.07 6.25
N ILE C 971 -16.14 -9.69 5.49
CA ILE C 971 -17.45 -10.04 6.02
C ILE C 971 -17.42 -11.33 6.82
N SER C 972 -16.61 -12.30 6.42
CA SER C 972 -16.52 -13.56 7.12
C SER C 972 -15.05 -13.87 7.31
N SER C 973 -14.76 -14.75 8.27
CA SER C 973 -13.43 -15.27 8.47
C SER C 973 -13.17 -16.52 7.67
N VAL C 974 -14.21 -17.23 7.25
CA VAL C 974 -14.10 -18.46 6.48
C VAL C 974 -14.30 -18.14 5.01
N LEU C 975 -13.39 -18.62 4.17
CA LEU C 975 -13.41 -18.31 2.75
C LEU C 975 -14.57 -18.93 2.02
N ASN C 976 -15.07 -20.09 2.46
CA ASN C 976 -16.19 -20.74 1.79
C ASN C 976 -17.49 -19.98 1.98
N ASP C 977 -17.62 -19.20 3.06
CA ASP C 977 -18.82 -18.41 3.25
C ASP C 977 -18.75 -17.08 2.52
N ILE C 978 -17.59 -16.73 1.98
CA ILE C 978 -17.54 -15.64 1.02
C ILE C 978 -17.79 -16.19 -0.37
N LEU C 979 -17.25 -17.36 -0.66
CA LEU C 979 -17.44 -17.97 -1.97
C LEU C 979 -18.88 -18.42 -2.19
N SER C 980 -19.58 -18.84 -1.16
CA SER C 980 -20.90 -19.42 -1.35
C SER C 980 -21.96 -18.37 -1.58
N ARG C 981 -21.88 -17.23 -0.89
CA ARG C 981 -22.90 -16.21 -1.00
C ARG C 981 -22.37 -14.92 -1.61
N LEU C 982 -21.43 -15.03 -2.54
CA LEU C 982 -20.98 -13.88 -3.32
C LEU C 982 -20.50 -14.37 -4.66
N ASP C 983 -20.51 -13.48 -5.64
CA ASP C 983 -20.11 -13.79 -7.00
C ASP C 983 -18.76 -13.14 -7.30
N PRO C 984 -18.01 -13.67 -8.29
CA PRO C 984 -16.57 -13.40 -8.38
C PRO C 984 -16.19 -11.93 -8.22
N PRO C 985 -16.90 -10.98 -8.86
CA PRO C 985 -16.44 -9.58 -8.75
C PRO C 985 -16.40 -9.04 -7.33
N GLU C 986 -17.33 -9.45 -6.47
CA GLU C 986 -17.33 -8.98 -5.09
C GLU C 986 -16.78 -9.99 -4.11
N ALA C 987 -16.67 -11.26 -4.51
CA ALA C 987 -15.90 -12.19 -3.72
C ALA C 987 -14.43 -11.80 -3.68
N GLU C 988 -13.94 -11.22 -4.77
CA GLU C 988 -12.53 -10.91 -4.92
C GLU C 988 -12.08 -9.84 -3.93
N VAL C 989 -12.88 -8.78 -3.75
CA VAL C 989 -12.52 -7.70 -2.85
C VAL C 989 -12.45 -8.15 -1.40
N GLN C 990 -13.33 -9.07 -0.99
CA GLN C 990 -13.26 -9.65 0.34
C GLN C 990 -12.16 -10.68 0.49
N ILE C 991 -11.84 -11.43 -0.55
CA ILE C 991 -10.79 -12.42 -0.47
C ILE C 991 -9.43 -11.73 -0.38
N ASP C 992 -9.29 -10.57 -0.97
CA ASP C 992 -8.00 -9.89 -0.93
C ASP C 992 -7.62 -9.42 0.47
N ARG C 993 -8.58 -9.02 1.29
CA ARG C 993 -8.25 -8.62 2.66
C ARG C 993 -7.80 -9.81 3.50
N LEU C 994 -8.43 -10.97 3.30
CA LEU C 994 -7.98 -12.17 3.98
C LEU C 994 -6.58 -12.57 3.54
N ILE C 995 -6.30 -12.47 2.24
CA ILE C 995 -4.96 -12.77 1.75
C ILE C 995 -3.94 -11.84 2.38
N THR C 996 -4.24 -10.55 2.38
CA THR C 996 -3.33 -9.58 3.00
C THR C 996 -3.08 -9.86 4.46
N GLY C 997 -4.10 -10.15 5.26
CA GLY C 997 -3.87 -10.41 6.67
C GLY C 997 -3.11 -11.69 6.95
N ARG C 998 -3.44 -12.76 6.23
CA ARG C 998 -2.79 -14.03 6.48
C ARG C 998 -1.35 -14.05 6.01
N LEU C 999 -1.03 -13.37 4.91
CA LEU C 999 0.35 -13.22 4.51
C LEU C 999 1.20 -12.56 5.57
N GLN C 1000 0.71 -11.47 6.15
CA GLN C 1000 1.44 -10.78 7.20
C GLN C 1000 1.61 -11.63 8.45
N SER C 1001 0.57 -12.37 8.85
CA SER C 1001 0.73 -13.33 9.93
C SER C 1001 1.88 -14.30 9.67
N LEU C 1002 1.89 -14.91 8.50
CA LEU C 1002 2.92 -15.88 8.17
C LEU C 1002 4.31 -15.29 8.14
N GLN C 1003 4.46 -14.07 7.62
CA GLN C 1003 5.75 -13.42 7.61
C GLN C 1003 6.26 -13.11 9.00
N THR C 1004 5.39 -12.69 9.90
CA THR C 1004 5.83 -12.47 11.27
C THR C 1004 6.31 -13.76 11.91
N TYR C 1005 5.60 -14.85 11.69
CA TYR C 1005 6.04 -16.14 12.21
C TYR C 1005 7.42 -16.52 11.69
N VAL C 1006 7.65 -16.37 10.40
CA VAL C 1006 8.93 -16.80 9.85
C VAL C 1006 10.09 -15.91 10.30
N THR C 1007 9.87 -14.60 10.42
CA THR C 1007 10.95 -13.74 10.92
C THR C 1007 11.31 -14.07 12.35
N GLN C 1008 10.31 -14.33 13.18
CA GLN C 1008 10.65 -14.64 14.56
C GLN C 1008 11.22 -16.04 14.73
N GLN C 1009 10.97 -16.95 13.80
CA GLN C 1009 11.71 -18.21 13.83
C GLN C 1009 13.14 -18.04 13.41
N LEU C 1010 13.42 -17.16 12.45
CA LEU C 1010 14.79 -16.95 12.03
C LEU C 1010 15.62 -16.29 13.12
N ILE C 1011 15.01 -15.45 13.94
CA ILE C 1011 15.77 -14.81 15.00
C ILE C 1011 16.05 -15.77 16.14
N ARG C 1012 15.17 -16.74 16.34
CA ARG C 1012 15.30 -17.72 17.41
C ARG C 1012 16.21 -18.88 17.04
N ALA C 1013 16.24 -19.27 15.78
CA ALA C 1013 17.21 -20.25 15.34
C ALA C 1013 18.65 -19.78 15.46
N ALA C 1014 18.90 -18.49 15.31
CA ALA C 1014 20.22 -17.94 15.49
C ALA C 1014 20.68 -17.93 16.92
N GLU C 1015 19.75 -17.90 17.86
CA GLU C 1015 20.06 -18.02 19.26
C GLU C 1015 20.32 -19.46 19.65
N ILE C 1016 19.60 -20.39 19.03
CA ILE C 1016 19.86 -21.80 19.26
C ILE C 1016 21.22 -22.22 18.69
N ARG C 1017 21.64 -21.61 17.58
CA ARG C 1017 22.92 -21.95 16.99
C ARG C 1017 24.09 -21.51 17.87
N ALA C 1018 23.99 -20.35 18.49
CA ALA C 1018 25.04 -19.93 19.40
C ALA C 1018 25.18 -20.86 20.59
N SER C 1019 24.07 -21.33 21.14
CA SER C 1019 24.06 -22.32 22.20
C SER C 1019 24.67 -23.63 21.79
N ALA C 1020 24.34 -24.14 20.62
CA ALA C 1020 24.93 -25.37 20.13
C ALA C 1020 26.41 -25.24 19.78
N ASN C 1021 26.86 -24.08 19.35
CA ASN C 1021 28.30 -23.88 19.19
C ASN C 1021 29.03 -23.86 20.51
N LEU C 1022 28.44 -23.22 21.52
CA LEU C 1022 29.04 -23.26 22.85
C LEU C 1022 29.06 -24.67 23.43
N ALA C 1023 28.04 -25.47 23.17
CA ALA C 1023 28.02 -26.84 23.68
C ALA C 1023 29.02 -27.72 22.95
N ALA C 1024 29.21 -27.51 21.66
CA ALA C 1024 30.30 -28.18 20.95
C ALA C 1024 31.67 -27.82 21.52
N THR C 1025 31.87 -26.55 21.85
CA THR C 1025 33.16 -26.14 22.40
C THR C 1025 33.40 -26.70 23.79
N LYS C 1026 32.37 -26.80 24.61
CA LYS C 1026 32.48 -27.48 25.90
C LYS C 1026 32.69 -28.96 25.78
N MET C 1027 32.08 -29.62 24.83
CA MET C 1027 32.36 -31.02 24.60
C MET C 1027 33.82 -31.26 24.22
N SER C 1028 34.40 -30.41 23.40
CA SER C 1028 35.80 -30.59 23.04
C SER C 1028 36.75 -30.25 24.18
N GLU C 1029 36.45 -29.21 24.94
CA GLU C 1029 37.40 -28.68 25.89
C GLU C 1029 37.20 -29.16 27.32
N CYS C 1030 36.03 -29.71 27.61
CA CYS C 1030 35.75 -30.20 28.96
C CYS C 1030 35.61 -31.72 29.07
N VAL C 1031 35.23 -32.39 27.99
CA VAL C 1031 35.07 -33.83 28.03
C VAL C 1031 36.26 -34.52 27.37
N LEU C 1032 36.81 -33.94 26.31
CA LEU C 1032 37.95 -34.53 25.63
C LEU C 1032 39.26 -33.93 26.09
N GLY C 1033 39.25 -33.11 27.13
CA GLY C 1033 40.47 -32.59 27.70
C GLY C 1033 40.24 -32.07 29.09
N GLN C 1034 41.29 -31.49 29.65
CA GLN C 1034 41.22 -30.77 30.92
C GLN C 1034 41.47 -29.29 30.65
N SER C 1035 40.58 -28.43 31.12
CA SER C 1035 40.64 -27.01 30.80
C SER C 1035 41.27 -26.23 31.94
N LYS C 1036 41.95 -25.14 31.57
CA LYS C 1036 42.45 -24.17 32.52
C LYS C 1036 41.68 -22.86 32.53
N ARG C 1037 40.74 -22.69 31.62
CA ARG C 1037 39.90 -21.49 31.60
C ARG C 1037 39.00 -21.45 32.83
N VAL C 1038 39.10 -20.37 33.60
CA VAL C 1038 38.38 -20.28 34.86
C VAL C 1038 36.88 -20.19 34.60
N ASP C 1039 36.14 -21.03 35.31
CA ASP C 1039 34.68 -21.06 35.22
C ASP C 1039 34.10 -21.65 33.95
N PHE C 1040 34.94 -22.07 33.01
CA PHE C 1040 34.45 -22.64 31.77
C PHE C 1040 33.80 -24.00 31.97
N CYS C 1041 34.36 -24.80 32.86
CA CYS C 1041 33.85 -26.13 33.15
C CYS C 1041 33.50 -26.32 34.62
N GLY C 1042 32.63 -25.45 35.14
CA GLY C 1042 32.21 -25.53 36.53
C GLY C 1042 33.01 -24.62 37.46
N LYS C 1043 32.59 -24.51 38.71
CA LYS C 1043 33.27 -23.68 39.69
C LYS C 1043 34.29 -24.47 40.50
N GLY C 1044 35.56 -24.11 40.36
CA GLY C 1044 36.65 -24.78 41.05
C GLY C 1044 37.65 -25.22 40.00
N TYR C 1045 38.68 -25.95 40.38
CA TYR C 1045 39.69 -26.42 39.44
C TYR C 1045 39.16 -27.64 38.71
N HIS C 1046 38.92 -27.50 37.40
CA HIS C 1046 38.36 -28.58 36.60
C HIS C 1046 39.21 -29.84 36.69
N LEU C 1047 38.57 -30.97 36.99
CA LEU C 1047 39.21 -32.26 36.84
C LEU C 1047 38.68 -33.01 35.62
N MET C 1048 37.38 -33.25 35.53
CA MET C 1048 36.88 -33.91 34.33
C MET C 1048 35.40 -33.62 34.17
N SER C 1049 34.85 -34.03 33.03
CA SER C 1049 33.45 -33.80 32.70
C SER C 1049 32.90 -35.03 31.99
N PHE C 1050 31.60 -35.27 32.19
CA PHE C 1050 30.88 -36.36 31.55
C PHE C 1050 29.62 -35.82 30.87
N PRO C 1051 29.35 -36.20 29.62
CA PRO C 1051 28.12 -35.78 28.95
C PRO C 1051 26.95 -36.73 29.16
N GLN C 1052 25.76 -36.16 29.11
CA GLN C 1052 24.50 -36.91 29.16
C GLN C 1052 23.53 -36.28 28.17
N SER C 1053 22.71 -37.09 27.54
CA SER C 1053 21.79 -36.53 26.57
C SER C 1053 20.47 -36.16 27.24
N ALA C 1054 19.85 -35.12 26.71
CA ALA C 1054 18.58 -34.61 27.20
C ALA C 1054 17.66 -34.49 26.00
N PRO C 1055 16.37 -34.22 26.22
CA PRO C 1055 15.42 -34.19 25.08
C PRO C 1055 15.79 -33.30 23.89
N HIS C 1056 16.26 -32.07 24.08
CA HIS C 1056 16.75 -31.30 22.94
C HIS C 1056 18.05 -30.61 23.30
N GLY C 1057 18.86 -31.25 24.12
CA GLY C 1057 20.00 -30.59 24.68
C GLY C 1057 20.99 -31.56 25.22
N VAL C 1058 21.83 -31.07 26.12
CA VAL C 1058 22.89 -31.87 26.69
C VAL C 1058 23.14 -31.39 28.10
N VAL C 1059 23.45 -32.32 28.99
CA VAL C 1059 23.80 -32.03 30.38
C VAL C 1059 25.25 -32.44 30.59
N PHE C 1060 26.08 -31.51 31.03
CA PHE C 1060 27.45 -31.81 31.42
C PHE C 1060 27.52 -31.95 32.93
N LEU C 1061 28.14 -33.02 33.39
CA LEU C 1061 28.49 -33.24 34.79
C LEU C 1061 29.96 -32.91 34.95
N HIS C 1062 30.24 -31.82 35.65
CA HIS C 1062 31.59 -31.31 35.86
C HIS C 1062 32.10 -31.76 37.23
N VAL C 1063 33.25 -32.41 37.25
CA VAL C 1063 33.96 -32.78 38.47
C VAL C 1063 35.12 -31.81 38.67
N THR C 1064 35.10 -31.12 39.80
CA THR C 1064 36.09 -30.12 40.16
C THR C 1064 36.65 -30.41 41.54
N TYR C 1065 37.78 -29.79 41.80
CA TYR C 1065 38.50 -29.86 43.06
C TYR C 1065 38.28 -28.54 43.79
N VAL C 1066 37.88 -28.60 45.06
CA VAL C 1066 37.62 -27.39 45.83
C VAL C 1066 38.43 -27.45 47.12
N PRO C 1067 39.39 -26.56 47.32
CA PRO C 1067 40.19 -26.63 48.56
C PRO C 1067 39.41 -26.24 49.80
N ALA C 1068 39.81 -26.79 50.94
CA ALA C 1068 39.02 -26.73 52.17
C ALA C 1068 39.92 -26.66 53.40
N GLN C 1069 39.38 -26.07 54.46
CA GLN C 1069 39.97 -26.05 55.81
C GLN C 1069 41.34 -25.40 55.82
N GLU C 1070 41.35 -24.11 55.50
CA GLU C 1070 42.57 -23.34 55.42
C GLU C 1070 43.09 -22.96 56.80
N LYS C 1071 44.40 -22.89 56.92
CA LYS C 1071 45.06 -22.43 58.13
C LYS C 1071 45.92 -21.22 57.84
N ASN C 1072 46.21 -20.46 58.89
CA ASN C 1072 47.04 -19.27 58.89
C ASN C 1072 48.51 -19.62 59.08
N PHE C 1073 49.39 -18.89 58.39
CA PHE C 1073 50.83 -19.05 58.56
C PHE C 1073 51.49 -17.71 58.30
N THR C 1074 52.77 -17.63 58.68
CA THR C 1074 53.65 -16.51 58.38
C THR C 1074 54.49 -16.86 57.15
N THR C 1075 54.67 -15.89 56.25
CA THR C 1075 55.40 -16.10 55.01
C THR C 1075 56.62 -15.19 54.94
N ALA C 1076 57.49 -15.51 54.00
CA ALA C 1076 58.64 -14.69 53.63
C ALA C 1076 58.91 -14.91 52.16
N PRO C 1077 59.33 -13.85 51.45
CA PRO C 1077 59.70 -14.03 50.03
C PRO C 1077 60.92 -14.91 49.83
N ALA C 1078 61.95 -14.76 50.65
CA ALA C 1078 63.21 -15.44 50.45
C ALA C 1078 63.81 -15.76 51.80
N ILE C 1079 64.76 -16.68 51.81
CA ILE C 1079 65.53 -17.01 53.01
C ILE C 1079 66.92 -16.44 52.82
N CYS C 1080 67.55 -15.99 53.90
CA CYS C 1080 68.95 -15.58 53.82
C CYS C 1080 69.82 -16.57 54.57
N HIS C 1081 70.84 -17.06 53.89
CA HIS C 1081 71.77 -18.02 54.47
C HIS C 1081 73.13 -17.84 53.83
N ASP C 1082 74.16 -17.65 54.65
CA ASP C 1082 75.53 -17.44 54.18
C ASP C 1082 75.64 -16.24 53.26
N GLY C 1083 74.89 -15.18 53.56
CA GLY C 1083 74.89 -14.04 52.68
C GLY C 1083 74.32 -14.29 51.32
N LYS C 1084 73.40 -15.24 51.18
CA LYS C 1084 72.78 -15.57 49.92
C LYS C 1084 71.27 -15.58 50.08
N ALA C 1085 70.57 -15.22 49.02
CA ALA C 1085 69.11 -15.23 48.98
C ALA C 1085 68.61 -16.50 48.32
N HIS C 1086 67.70 -17.20 48.98
CA HIS C 1086 67.19 -18.47 48.52
C HIS C 1086 65.70 -18.32 48.25
N PHE C 1087 65.27 -18.83 47.12
CA PHE C 1087 63.90 -18.80 46.68
C PHE C 1087 63.39 -20.22 46.50
N PRO C 1088 62.11 -20.47 46.74
CA PRO C 1088 61.58 -21.82 46.53
C PRO C 1088 61.47 -22.16 45.07
N ARG C 1089 61.72 -23.43 44.76
CA ARG C 1089 61.57 -23.89 43.39
C ARG C 1089 60.11 -23.96 42.98
N GLU C 1090 59.26 -24.55 43.81
CA GLU C 1090 57.83 -24.58 43.55
C GLU C 1090 57.12 -24.68 44.90
N GLY C 1091 56.71 -23.55 45.43
CA GLY C 1091 56.03 -23.56 46.72
C GLY C 1091 56.19 -22.23 47.40
N VAL C 1092 55.98 -22.25 48.70
CA VAL C 1092 56.10 -21.09 49.55
C VAL C 1092 56.81 -21.48 50.82
N PHE C 1093 57.56 -20.54 51.38
CA PHE C 1093 58.12 -20.65 52.71
C PHE C 1093 57.04 -20.29 53.72
N VAL C 1094 56.81 -21.16 54.70
CA VAL C 1094 55.81 -20.91 55.73
C VAL C 1094 56.42 -21.20 57.09
N SER C 1095 55.88 -20.51 58.11
CA SER C 1095 56.33 -20.73 59.47
C SER C 1095 55.15 -21.15 60.33
N ASN C 1096 55.34 -22.17 61.15
CA ASN C 1096 54.30 -22.55 62.12
C ASN C 1096 54.39 -21.76 63.40
N GLY C 1097 55.21 -20.72 63.45
CA GLY C 1097 55.49 -19.99 64.66
C GLY C 1097 56.93 -20.08 65.11
N THR C 1098 57.61 -21.20 64.89
CA THR C 1098 58.98 -21.35 65.36
C THR C 1098 59.90 -21.94 64.30
N HIS C 1099 59.34 -22.62 63.31
CA HIS C 1099 60.12 -23.35 62.32
C HIS C 1099 59.66 -22.97 60.91
N TRP C 1100 60.60 -23.01 59.97
CA TRP C 1100 60.34 -22.66 58.59
C TRP C 1100 60.33 -23.89 57.71
N PHE C 1101 59.37 -23.96 56.79
CA PHE C 1101 59.18 -25.08 55.89
C PHE C 1101 58.92 -24.55 54.50
N VAL C 1102 59.00 -25.43 53.51
CA VAL C 1102 58.47 -25.19 52.17
C VAL C 1102 57.25 -26.06 52.01
N THR C 1103 56.23 -25.54 51.36
CA THR C 1103 55.04 -26.30 51.06
C THR C 1103 54.59 -25.98 49.65
N GLN C 1104 53.88 -26.91 49.04
CA GLN C 1104 53.19 -26.60 47.80
C GLN C 1104 51.97 -25.73 48.09
N ARG C 1105 51.59 -24.93 47.11
CA ARG C 1105 50.72 -23.80 47.39
C ARG C 1105 49.25 -24.15 47.58
N ASN C 1106 48.81 -25.33 47.18
CA ASN C 1106 47.39 -25.68 47.23
C ASN C 1106 47.06 -26.73 48.27
N PHE C 1107 48.05 -27.37 48.85
CA PHE C 1107 47.84 -28.41 49.84
C PHE C 1107 48.94 -28.24 50.86
N TYR C 1108 48.61 -28.29 52.14
CA TYR C 1108 49.61 -28.08 53.17
C TYR C 1108 50.35 -29.38 53.39
N GLU C 1109 51.66 -29.35 53.11
CA GLU C 1109 52.49 -30.54 53.23
C GLU C 1109 53.92 -30.08 53.49
N PRO C 1110 54.25 -29.73 54.73
CA PRO C 1110 55.50 -29.03 55.02
C PRO C 1110 56.74 -29.91 54.96
N GLN C 1111 57.81 -29.35 54.39
CA GLN C 1111 59.07 -30.05 54.26
C GLN C 1111 60.22 -29.15 54.67
N ILE C 1112 61.36 -29.77 54.91
CA ILE C 1112 62.57 -29.03 55.29
C ILE C 1112 63.08 -28.23 54.11
N ILE C 1113 63.65 -27.07 54.39
CA ILE C 1113 64.26 -26.22 53.39
C ILE C 1113 65.68 -26.72 53.15
N THR C 1114 65.93 -27.27 51.96
CA THR C 1114 67.24 -27.77 51.59
C THR C 1114 67.69 -27.12 50.30
N THR C 1115 68.89 -27.47 49.86
CA THR C 1115 69.41 -26.97 48.59
C THR C 1115 68.83 -27.68 47.40
N ASP C 1116 67.88 -28.59 47.59
CA ASP C 1116 67.23 -29.31 46.52
C ASP C 1116 65.83 -28.78 46.21
N ASN C 1117 65.21 -28.02 47.11
CA ASN C 1117 63.94 -27.41 46.78
C ASN C 1117 64.02 -25.89 46.70
N THR C 1118 65.23 -25.32 46.72
CA THR C 1118 65.42 -23.89 46.59
C THR C 1118 66.41 -23.63 45.47
N PHE C 1119 66.54 -22.37 45.08
CA PHE C 1119 67.64 -21.90 44.25
C PHE C 1119 68.13 -20.56 44.78
N VAL C 1120 69.32 -20.17 44.36
CA VAL C 1120 69.99 -18.99 44.89
C VAL C 1120 70.01 -17.91 43.83
N SER C 1121 69.86 -16.66 44.25
CA SER C 1121 70.06 -15.52 43.36
C SER C 1121 70.36 -14.28 44.20
N GLY C 1122 71.63 -13.91 44.28
CA GLY C 1122 72.03 -12.63 44.82
C GLY C 1122 72.40 -12.65 46.29
N ASN C 1123 72.39 -11.45 46.86
CA ASN C 1123 72.58 -11.22 48.29
C ASN C 1123 71.25 -11.07 48.99
N CYS C 1124 71.29 -11.15 50.32
CA CYS C 1124 70.09 -10.90 51.10
C CYS C 1124 70.08 -9.45 51.60
N ASP C 1125 70.17 -8.52 50.66
CA ASP C 1125 70.12 -7.11 51.00
C ASP C 1125 69.35 -6.27 49.99
N VAL C 1126 68.65 -6.93 49.06
CA VAL C 1126 67.96 -6.21 47.99
C VAL C 1126 66.46 -6.51 48.03
N VAL C 1127 66.10 -7.68 48.49
CA VAL C 1127 64.71 -8.11 48.48
C VAL C 1127 64.06 -7.68 49.79
N ILE C 1128 62.82 -7.21 49.71
CA ILE C 1128 62.11 -6.62 50.83
C ILE C 1128 61.36 -7.72 51.58
N GLY C 1129 61.89 -8.12 52.73
CA GLY C 1129 61.25 -9.11 53.55
C GLY C 1129 61.98 -10.42 53.75
N ILE C 1130 63.27 -10.50 53.39
CA ILE C 1130 64.07 -11.68 53.66
C ILE C 1130 64.06 -11.98 55.15
N VAL C 1131 64.04 -13.26 55.50
CA VAL C 1131 64.24 -13.69 56.87
C VAL C 1131 65.44 -14.60 56.93
N ASN C 1132 66.04 -14.66 58.11
CA ASN C 1132 67.23 -15.48 58.34
C ASN C 1132 66.90 -16.87 58.82
N ASN C 1133 67.40 -17.87 58.11
CA ASN C 1133 67.18 -19.26 58.48
C ASN C 1133 68.24 -20.08 57.77
N THR C 1134 68.30 -21.36 58.08
CA THR C 1134 69.34 -22.23 57.58
C THR C 1134 68.82 -23.12 56.47
N VAL C 1135 69.63 -23.29 55.44
CA VAL C 1135 69.29 -24.13 54.30
C VAL C 1135 70.17 -25.35 54.38
N TYR C 1136 69.57 -26.49 54.64
CA TYR C 1136 70.30 -27.70 54.96
C TYR C 1136 70.81 -28.33 53.67
N ASP C 1137 72.10 -28.64 53.64
CA ASP C 1137 72.71 -29.34 52.51
C ASP C 1137 72.85 -30.81 52.84
N PRO C 1138 72.27 -31.72 52.06
CA PRO C 1138 72.33 -33.15 52.40
C PRO C 1138 73.70 -33.78 52.22
N LEU C 1139 74.43 -33.29 51.22
CA LEU C 1139 75.71 -33.89 50.87
C LEU C 1139 76.70 -33.88 52.01
N GLN C 1140 76.68 -32.84 52.84
CA GLN C 1140 77.73 -32.73 53.85
C GLN C 1140 77.57 -33.82 54.89
N PRO C 1141 76.41 -33.98 55.54
CA PRO C 1141 76.26 -35.16 56.40
C PRO C 1141 76.29 -36.47 55.65
N GLU C 1142 76.16 -36.44 54.32
CA GLU C 1142 76.37 -37.67 53.56
C GLU C 1142 77.83 -38.10 53.61
N LEU C 1143 78.72 -37.27 53.10
CA LEU C 1143 80.13 -37.62 53.06
C LEU C 1143 80.87 -37.28 54.35
N ASP C 1144 80.20 -36.67 55.32
CA ASP C 1144 80.81 -36.24 56.58
C ASP C 1144 81.99 -35.30 56.32
N VAL D 2 5.83 33.26 -70.67
CA VAL D 2 5.13 32.86 -71.88
C VAL D 2 5.44 33.83 -73.00
N GLN D 3 5.38 33.35 -74.23
CA GLN D 3 5.63 34.16 -75.42
C GLN D 3 4.77 33.66 -76.56
N LEU D 4 4.36 34.58 -77.42
CA LEU D 4 3.57 34.24 -78.60
C LEU D 4 4.02 35.12 -79.75
N VAL D 5 4.34 34.51 -80.89
CA VAL D 5 4.81 35.25 -82.05
C VAL D 5 3.99 34.83 -83.26
N GLU D 6 3.37 35.79 -83.92
CA GLU D 6 2.48 35.52 -85.02
C GLU D 6 3.08 36.02 -86.32
N SER D 7 2.71 35.39 -87.43
CA SER D 7 3.28 35.77 -88.72
C SER D 7 2.32 35.41 -89.84
N GLY D 8 2.45 36.13 -90.94
CA GLY D 8 1.59 35.94 -92.10
C GLY D 8 0.74 37.13 -92.47
N GLY D 9 1.26 38.36 -92.33
CA GLY D 9 0.52 39.55 -92.68
C GLY D 9 0.96 40.14 -94.00
N GLY D 10 0.17 41.09 -94.50
CA GLY D 10 0.60 41.73 -95.74
C GLY D 10 -0.59 42.32 -96.50
N VAL D 11 -0.43 42.39 -97.82
CA VAL D 11 -1.47 42.85 -98.74
C VAL D 11 -1.80 41.70 -99.68
N VAL D 12 -3.10 41.48 -99.92
CA VAL D 12 -3.56 40.39 -100.78
C VAL D 12 -4.56 40.93 -101.80
N GLN D 13 -5.22 40.05 -102.51
CA GLN D 13 -6.34 40.40 -103.39
C GLN D 13 -7.62 39.71 -102.91
N PRO D 14 -8.80 40.20 -103.27
CA PRO D 14 -10.03 39.57 -102.78
C PRO D 14 -10.36 38.24 -103.42
N GLY D 15 -9.81 37.16 -102.87
CA GLY D 15 -9.88 35.85 -103.51
C GLY D 15 -8.56 35.12 -103.62
N THR D 16 -7.65 35.38 -102.69
CA THR D 16 -6.42 34.60 -102.51
C THR D 16 -6.43 33.94 -101.14
N SER D 17 -5.26 33.44 -100.73
CA SER D 17 -5.09 32.76 -99.45
C SER D 17 -3.89 33.31 -98.71
N LEU D 18 -3.77 32.99 -97.42
CA LEU D 18 -2.66 33.52 -96.62
C LEU D 18 -2.43 32.66 -95.38
N ARG D 19 -1.18 32.23 -95.18
CA ARG D 19 -0.82 31.38 -94.05
C ARG D 19 -0.75 32.19 -92.78
N LEU D 20 -1.72 32.02 -91.91
CA LEU D 20 -1.72 32.70 -90.63
C LEU D 20 -1.19 31.75 -89.57
N SER D 21 0.04 31.97 -89.13
CA SER D 21 0.70 31.04 -88.22
C SER D 21 1.00 31.71 -86.89
N CYS D 22 0.87 30.95 -85.81
CA CYS D 22 1.08 31.42 -84.44
C CYS D 22 2.01 30.43 -83.74
N ALA D 23 3.21 30.89 -83.39
CA ALA D 23 4.23 30.10 -82.74
C ALA D 23 4.24 30.40 -81.25
N ALA D 24 4.32 29.36 -80.44
CA ALA D 24 4.29 29.49 -78.99
C ALA D 24 5.47 28.75 -78.38
N SER D 25 5.95 29.29 -77.27
CA SER D 25 6.99 28.66 -76.47
C SER D 25 6.70 28.98 -75.01
N GLY D 26 7.70 28.80 -74.16
CA GLY D 26 7.49 29.06 -72.75
C GLY D 26 6.69 27.95 -72.11
N PHE D 27 5.41 28.23 -71.89
CA PHE D 27 4.46 27.24 -71.42
C PHE D 27 4.31 26.11 -72.45
N SER D 28 3.87 24.95 -71.96
CA SER D 28 3.64 23.80 -72.82
C SER D 28 2.47 24.06 -73.74
N PHE D 29 2.70 23.90 -75.06
CA PHE D 29 1.68 24.27 -76.03
C PHE D 29 0.51 23.31 -76.04
N SER D 30 0.76 22.04 -75.77
CA SER D 30 -0.33 21.11 -75.57
C SER D 30 -0.92 21.35 -74.18
N HIS D 31 -1.99 20.61 -73.88
CA HIS D 31 -2.84 20.81 -72.69
C HIS D 31 -3.45 22.21 -72.64
N TYR D 32 -3.60 22.91 -73.76
CA TYR D 32 -4.01 24.29 -73.67
C TYR D 32 -4.79 24.70 -74.90
N VAL D 33 -5.88 25.39 -74.65
CA VAL D 33 -6.85 25.74 -75.69
C VAL D 33 -6.55 27.12 -76.23
N MET D 34 -6.40 27.24 -77.54
CA MET D 34 -6.06 28.49 -78.19
C MET D 34 -7.15 28.91 -79.16
N TYR D 35 -7.09 30.18 -79.57
CA TYR D 35 -8.10 30.77 -80.44
C TYR D 35 -7.54 32.04 -81.05
N TRP D 36 -8.28 32.61 -82.01
CA TRP D 36 -7.90 33.85 -82.69
C TRP D 36 -8.95 34.92 -82.48
N VAL D 37 -8.51 36.16 -82.66
CA VAL D 37 -9.39 37.31 -82.47
C VAL D 37 -8.96 38.43 -83.40
N ARG D 38 -9.91 38.94 -84.17
CA ARG D 38 -9.68 40.01 -85.12
C ARG D 38 -10.09 41.35 -84.52
N GLN D 39 -9.64 42.42 -85.17
CA GLN D 39 -10.06 43.78 -84.86
C GLN D 39 -9.90 44.62 -86.11
N ALA D 40 -11.03 45.09 -86.66
CA ALA D 40 -10.94 46.02 -87.78
C ALA D 40 -10.59 47.40 -87.24
N PRO D 41 -9.62 48.11 -87.88
CA PRO D 41 -9.08 49.34 -87.29
C PRO D 41 -10.11 50.46 -87.18
N GLY D 42 -10.50 50.76 -85.95
CA GLY D 42 -11.59 51.67 -85.68
C GLY D 42 -12.81 50.94 -85.17
N LYS D 43 -12.60 49.80 -84.51
CA LYS D 43 -13.69 49.03 -83.94
C LYS D 43 -13.25 48.52 -82.57
N GLY D 44 -13.99 47.56 -82.04
CA GLY D 44 -13.68 46.99 -80.75
C GLY D 44 -12.90 45.70 -80.85
N LEU D 45 -13.47 44.61 -80.33
CA LEU D 45 -12.81 43.31 -80.37
C LEU D 45 -13.84 42.22 -80.65
N ASP D 46 -13.43 41.21 -81.42
CA ASP D 46 -14.30 40.10 -81.77
C ASP D 46 -13.48 38.93 -82.28
N TRP D 47 -13.94 37.73 -81.96
CA TRP D 47 -13.22 36.47 -82.09
C TRP D 47 -13.45 35.81 -83.45
N VAL D 48 -12.65 34.78 -83.74
CA VAL D 48 -12.70 34.11 -85.04
C VAL D 48 -13.02 32.63 -84.91
N ALA D 49 -12.13 31.86 -84.28
CA ALA D 49 -12.21 30.40 -84.35
C ALA D 49 -11.44 29.79 -83.18
N ILE D 50 -11.85 28.60 -82.76
CA ILE D 50 -11.27 27.92 -81.59
C ILE D 50 -10.84 26.51 -81.97
N ILE D 51 -9.80 26.02 -81.30
CA ILE D 51 -9.27 24.66 -81.45
C ILE D 51 -8.99 24.10 -80.06
N SER D 52 -9.30 22.81 -79.86
CA SER D 52 -9.33 22.20 -78.53
C SER D 52 -8.23 21.16 -78.36
N PHE D 53 -6.99 21.61 -78.13
CA PHE D 53 -5.79 20.87 -77.72
C PHE D 53 -5.38 19.69 -78.59
N ASP D 54 -6.15 19.38 -79.63
CA ASP D 54 -5.92 18.47 -80.74
C ASP D 54 -7.16 18.60 -81.61
N GLY D 55 -7.04 18.22 -82.87
CA GLY D 55 -8.17 18.48 -83.73
C GLY D 55 -9.24 17.43 -83.59
N SER D 56 -10.22 17.72 -82.77
CA SER D 56 -11.37 16.87 -82.63
C SER D 56 -12.62 17.74 -82.62
N SER D 57 -12.45 19.00 -82.24
CA SER D 57 -13.57 19.90 -82.06
C SER D 57 -13.14 21.34 -82.34
N GLN D 58 -13.60 21.90 -83.45
CA GLN D 58 -13.33 23.28 -83.81
C GLN D 58 -14.67 24.02 -83.92
N TYR D 59 -14.81 25.11 -83.18
CA TYR D 59 -15.97 25.97 -83.30
C TYR D 59 -15.62 27.20 -84.13
N TYR D 60 -16.63 27.75 -84.81
CA TYR D 60 -16.41 28.87 -85.71
C TYR D 60 -17.38 30.01 -85.40
N ALA D 61 -17.09 31.17 -85.95
CA ALA D 61 -17.92 32.35 -85.76
C ALA D 61 -18.80 32.58 -86.99
N ASP D 62 -19.50 33.70 -87.02
CA ASP D 62 -20.35 34.00 -88.17
C ASP D 62 -19.50 34.48 -89.33
N SER D 63 -19.96 34.12 -90.54
CA SER D 63 -19.42 34.59 -91.82
C SER D 63 -17.93 34.29 -92.00
N VAL D 64 -17.40 33.32 -91.26
CA VAL D 64 -16.03 32.86 -91.43
C VAL D 64 -16.05 31.35 -91.48
N LYS D 65 -17.21 30.76 -91.25
CA LYS D 65 -17.37 29.33 -91.45
C LYS D 65 -17.35 29.02 -92.93
N GLY D 66 -16.35 28.25 -93.36
CA GLY D 66 -16.22 27.85 -94.74
C GLY D 66 -15.11 28.53 -95.51
N ARG D 67 -14.42 29.48 -94.90
CA ARG D 67 -13.25 30.08 -95.51
C ARG D 67 -12.03 29.96 -94.61
N PHE D 68 -12.17 29.28 -93.49
CA PHE D 68 -11.21 29.31 -92.40
C PHE D 68 -11.06 27.91 -91.85
N THR D 69 -9.85 27.36 -91.86
CA THR D 69 -9.58 26.02 -91.34
C THR D 69 -8.45 26.11 -90.31
N ILE D 70 -8.82 26.24 -89.05
CA ILE D 70 -7.83 26.37 -87.98
C ILE D 70 -7.32 24.97 -87.63
N SER D 71 -6.00 24.84 -87.48
CA SER D 71 -5.46 23.56 -87.07
C SER D 71 -4.24 23.77 -86.20
N ARG D 72 -4.09 22.95 -85.18
CA ARG D 72 -2.91 22.96 -84.37
C ARG D 72 -2.17 21.65 -84.56
N ASP D 73 -0.90 21.64 -84.17
CA ASP D 73 -0.07 20.44 -84.26
C ASP D 73 1.07 20.55 -83.25
N ASN D 74 0.91 19.87 -82.11
CA ASN D 74 1.82 19.98 -80.99
C ASN D 74 3.13 19.26 -81.24
N SER D 75 3.21 18.42 -82.26
CA SER D 75 4.48 17.85 -82.68
C SER D 75 5.33 18.84 -83.46
N LYS D 76 4.79 20.02 -83.78
CA LYS D 76 5.62 21.13 -84.21
C LYS D 76 5.15 22.45 -83.60
N ASP D 77 4.34 22.39 -82.53
CA ASP D 77 4.05 23.47 -81.54
C ASP D 77 3.65 24.81 -82.15
N THR D 78 2.77 24.80 -83.14
CA THR D 78 2.25 26.04 -83.69
C THR D 78 0.74 25.94 -83.89
N LEU D 79 0.17 26.98 -84.50
CA LEU D 79 -1.26 27.18 -84.69
C LEU D 79 -1.51 27.80 -86.06
N TYR D 80 -2.59 27.42 -86.73
CA TYR D 80 -2.87 27.98 -88.04
C TYR D 80 -4.34 28.34 -88.20
N LEU D 81 -4.61 29.44 -88.92
CA LEU D 81 -5.95 29.79 -89.38
C LEU D 81 -6.24 29.39 -90.80
N GLN D 82 -5.25 29.59 -91.68
CA GLN D 82 -5.33 29.31 -93.11
C GLN D 82 -6.50 30.07 -93.73
N MET D 83 -6.33 31.38 -93.75
CA MET D 83 -7.28 32.24 -94.45
C MET D 83 -7.26 31.91 -95.91
N HIS D 84 -8.45 31.71 -96.49
CA HIS D 84 -8.54 31.05 -97.78
C HIS D 84 -9.75 31.61 -98.52
N SER D 85 -9.51 32.14 -99.72
CA SER D 85 -10.53 32.69 -100.63
C SER D 85 -11.29 33.85 -99.96
N LEU D 86 -10.56 34.92 -99.71
CA LEU D 86 -10.99 35.91 -98.74
C LEU D 86 -12.01 36.87 -99.32
N ARG D 87 -12.36 37.86 -98.51
CA ARG D 87 -13.25 38.95 -98.83
C ARG D 87 -12.47 40.25 -98.78
N PRO D 88 -12.96 41.30 -99.42
CA PRO D 88 -12.37 42.61 -99.18
C PRO D 88 -13.01 43.37 -98.04
N GLU D 89 -13.32 42.69 -96.94
CA GLU D 89 -13.90 43.38 -95.80
C GLU D 89 -13.40 42.86 -94.47
N ASP D 90 -12.57 41.82 -94.45
CA ASP D 90 -11.96 41.34 -93.22
C ASP D 90 -10.50 41.73 -93.17
N THR D 91 -10.13 42.82 -93.81
CA THR D 91 -8.87 43.46 -93.51
C THR D 91 -8.89 43.95 -92.08
N ALA D 92 -7.89 43.53 -91.31
CA ALA D 92 -7.96 43.70 -89.86
C ALA D 92 -6.58 43.42 -89.26
N VAL D 93 -6.54 43.37 -87.94
CA VAL D 93 -5.41 42.83 -87.20
C VAL D 93 -5.90 41.57 -86.50
N TYR D 94 -5.00 40.60 -86.32
CA TYR D 94 -5.34 39.27 -85.81
C TYR D 94 -4.41 38.91 -84.65
N TYR D 95 -4.97 38.30 -83.62
CA TYR D 95 -4.22 37.91 -82.43
C TYR D 95 -4.54 36.46 -82.08
N CYS D 96 -3.52 35.67 -81.76
CA CYS D 96 -3.74 34.35 -81.20
C CYS D 96 -3.61 34.42 -79.68
N ALA D 97 -4.61 33.91 -78.98
CA ALA D 97 -4.65 33.97 -77.53
C ALA D 97 -5.01 32.59 -77.00
N ILE D 98 -4.92 32.44 -75.69
CA ILE D 98 -5.03 31.16 -75.02
C ILE D 98 -6.25 31.17 -74.10
N HIS D 99 -7.14 30.21 -74.32
CA HIS D 99 -8.31 30.06 -73.47
C HIS D 99 -7.93 29.49 -72.11
N GLY D 100 -7.29 28.33 -72.10
CA GLY D 100 -6.65 27.87 -70.90
C GLY D 100 -7.21 26.61 -70.26
N GLY D 101 -6.32 25.74 -69.80
CA GLY D 101 -6.68 24.66 -68.91
C GLY D 101 -7.24 23.44 -69.60
N THR D 102 -6.76 22.26 -69.25
CA THR D 102 -7.39 21.01 -69.66
C THR D 102 -7.57 20.03 -68.52
N TYR D 103 -6.58 19.88 -67.65
CA TYR D 103 -6.61 18.99 -66.50
C TYR D 103 -6.81 19.80 -65.24
N TYR D 104 -6.70 19.13 -64.10
CA TYR D 104 -6.81 19.88 -62.85
C TYR D 104 -5.52 20.58 -62.47
N TYR D 105 -4.37 20.10 -62.94
CA TYR D 105 -3.08 20.62 -62.49
C TYR D 105 -2.52 21.66 -63.45
N ASP D 106 -3.37 22.32 -64.23
CA ASP D 106 -2.90 23.05 -65.40
C ASP D 106 -2.61 24.52 -65.14
N LYS D 107 -2.93 25.03 -63.95
CA LYS D 107 -2.66 26.40 -63.45
C LYS D 107 -2.94 27.50 -64.48
N ASN D 108 -4.23 27.76 -64.74
CA ASN D 108 -4.68 28.64 -65.81
C ASN D 108 -4.10 30.06 -65.78
N ILE D 109 -3.32 30.36 -66.81
CA ILE D 109 -2.78 31.68 -67.05
C ILE D 109 -3.15 32.05 -68.47
N LEU D 110 -3.31 33.34 -68.71
CA LEU D 110 -3.71 33.83 -70.02
C LEU D 110 -2.65 34.77 -70.57
N ALA D 111 -2.60 34.85 -71.90
CA ALA D 111 -1.59 35.63 -72.58
C ALA D 111 -2.08 35.92 -73.98
N TRP D 112 -1.58 36.99 -74.56
CA TRP D 112 -2.00 37.41 -75.89
C TRP D 112 -0.76 37.63 -76.76
N GLY D 113 -0.98 37.67 -78.06
CA GLY D 113 0.09 37.94 -78.98
C GLY D 113 0.41 39.42 -79.07
N GLN D 114 0.70 39.90 -80.27
CA GLN D 114 0.87 41.33 -80.48
C GLN D 114 0.36 41.77 -81.85
N GLY D 115 -0.29 40.90 -82.60
CA GLY D 115 -1.03 41.34 -83.76
C GLY D 115 -0.35 40.98 -85.07
N THR D 116 -1.18 40.73 -86.08
CA THR D 116 -0.75 40.47 -87.45
C THR D 116 -1.71 41.20 -88.37
N LEU D 117 -1.20 42.07 -89.22
CA LEU D 117 -2.03 42.94 -90.03
C LEU D 117 -2.25 42.35 -91.42
N VAL D 118 -3.50 42.24 -91.83
CA VAL D 118 -3.80 41.79 -93.18
C VAL D 118 -4.68 42.83 -93.86
N THR D 119 -4.36 43.12 -95.12
CA THR D 119 -5.06 44.13 -95.91
C THR D 119 -5.41 43.55 -97.27
N VAL D 120 -6.48 44.07 -97.87
CA VAL D 120 -7.01 43.61 -99.15
C VAL D 120 -6.81 44.67 -100.24
N SER D 121 -7.23 44.36 -101.47
CA SER D 121 -7.26 45.37 -102.52
C SER D 121 -8.66 45.51 -103.10
N ILE E 2 -25.37 34.65 -74.71
CA ILE E 2 -24.49 35.17 -73.68
C ILE E 2 -23.62 36.29 -74.25
N ARG E 3 -24.12 37.52 -74.11
CA ARG E 3 -23.50 38.71 -74.69
C ARG E 3 -23.16 39.71 -73.59
N MET E 4 -21.92 40.18 -73.58
CA MET E 4 -21.53 41.19 -72.62
C MET E 4 -21.99 42.55 -73.07
N THR E 5 -21.98 43.50 -72.14
CA THR E 5 -22.30 44.89 -72.43
C THR E 5 -21.65 45.77 -71.37
N GLN E 6 -21.20 46.95 -71.78
CA GLN E 6 -20.67 47.95 -70.87
C GLN E 6 -21.47 49.23 -71.11
N SER E 7 -22.41 49.49 -70.22
CA SER E 7 -23.39 50.57 -70.35
C SER E 7 -22.91 52.00 -70.03
N PRO E 8 -21.99 52.28 -69.10
CA PRO E 8 -21.48 53.65 -68.98
C PRO E 8 -20.68 54.05 -70.20
N PRO E 9 -21.02 55.16 -70.84
CA PRO E 9 -20.24 55.65 -71.98
C PRO E 9 -19.01 56.41 -71.54
N THR E 10 -18.42 57.18 -72.46
CA THR E 10 -17.23 57.98 -72.18
C THR E 10 -17.41 58.90 -70.99
N LEU E 11 -16.35 59.06 -70.21
CA LEU E 11 -16.35 59.86 -69.00
C LEU E 11 -15.22 60.88 -69.06
N SER E 12 -15.24 61.85 -68.17
CA SER E 12 -14.28 62.95 -68.17
C SER E 12 -13.71 63.17 -66.78
N LEU E 13 -13.17 62.10 -66.22
CA LEU E 13 -12.59 62.15 -64.88
C LEU E 13 -11.13 62.60 -64.94
N SER E 14 -10.81 63.66 -64.19
CA SER E 14 -9.46 64.19 -64.16
C SER E 14 -8.46 63.13 -63.71
N PRO E 15 -7.17 63.46 -63.76
CA PRO E 15 -6.13 62.53 -63.33
C PRO E 15 -6.38 61.98 -61.94
N GLY E 16 -7.14 62.73 -61.13
CA GLY E 16 -7.46 62.32 -59.77
C GLY E 16 -8.83 61.68 -59.68
N GLU E 17 -9.41 61.70 -58.49
CA GLU E 17 -10.74 61.12 -58.27
C GLU E 17 -10.71 59.61 -58.51
N ARG E 18 -11.90 59.00 -58.49
CA ARG E 18 -12.01 57.57 -58.70
C ARG E 18 -13.02 57.26 -59.81
N ALA E 19 -12.76 56.17 -60.53
CA ALA E 19 -13.65 55.76 -61.62
C ALA E 19 -14.16 54.35 -61.40
N THR E 20 -15.41 54.11 -61.75
CA THR E 20 -16.07 52.84 -61.48
C THR E 20 -16.82 52.39 -62.73
N LEU E 21 -16.43 51.24 -63.28
CA LEU E 21 -16.88 50.79 -64.60
C LEU E 21 -17.60 49.47 -64.46
N SER E 22 -18.77 49.36 -65.07
CA SER E 22 -19.68 48.25 -64.87
C SER E 22 -19.82 47.39 -66.11
N CYS E 23 -19.87 46.07 -65.91
CA CYS E 23 -20.01 45.10 -66.98
C CYS E 23 -21.08 44.11 -66.58
N ARG E 24 -22.05 43.90 -67.46
CA ARG E 24 -23.14 42.97 -67.22
C ARG E 24 -22.85 41.64 -67.92
N ALA E 25 -23.88 40.79 -67.97
CA ALA E 25 -23.83 39.55 -68.76
C ALA E 25 -25.26 39.12 -69.02
N SER E 26 -25.45 38.38 -70.11
CA SER E 26 -26.78 37.92 -70.47
C SER E 26 -27.29 36.80 -69.57
N GLN E 27 -26.39 36.07 -68.92
CA GLN E 27 -26.79 35.03 -67.97
C GLN E 27 -25.71 34.94 -66.89
N SER E 28 -25.85 33.94 -66.02
CA SER E 28 -25.03 33.83 -64.81
C SER E 28 -23.61 33.43 -65.17
N VAL E 29 -22.66 34.31 -64.88
CA VAL E 29 -21.24 34.06 -65.03
C VAL E 29 -20.59 34.34 -63.68
N THR E 30 -19.80 33.41 -63.18
CA THR E 30 -19.17 33.58 -61.87
C THR E 30 -17.67 33.46 -62.01
N ASN E 31 -16.95 34.39 -61.38
CA ASN E 31 -15.50 34.52 -61.26
C ASN E 31 -14.74 34.18 -62.53
N TYR E 32 -15.26 34.65 -63.66
CA TYR E 32 -14.72 34.28 -64.95
C TYR E 32 -14.41 35.47 -65.86
N LEU E 33 -14.37 36.68 -65.33
CA LEU E 33 -14.11 37.84 -66.17
C LEU E 33 -12.67 38.29 -66.07
N VAL E 34 -12.25 39.00 -67.12
CA VAL E 34 -10.91 39.54 -67.23
C VAL E 34 -11.03 40.91 -67.90
N TRP E 35 -10.21 41.86 -67.45
CA TRP E 35 -10.28 43.24 -67.89
C TRP E 35 -9.08 43.56 -68.77
N TYR E 36 -9.32 44.32 -69.83
CA TYR E 36 -8.28 44.74 -70.75
C TYR E 36 -8.29 46.25 -70.88
N GLN E 37 -7.10 46.85 -70.99
CA GLN E 37 -6.93 48.28 -71.17
C GLN E 37 -6.16 48.53 -72.45
N GLN E 38 -6.86 48.97 -73.48
CA GLN E 38 -6.28 49.17 -74.80
C GLN E 38 -6.08 50.65 -75.06
N LYS E 39 -4.82 51.05 -75.20
CA LYS E 39 -4.40 52.38 -75.56
C LYS E 39 -4.76 52.66 -77.03
N PRO E 40 -4.57 53.89 -77.52
CA PRO E 40 -4.63 54.07 -78.97
C PRO E 40 -3.51 53.37 -79.70
N GLY E 41 -3.82 52.25 -80.34
CA GLY E 41 -2.87 51.58 -81.20
C GLY E 41 -1.84 50.69 -80.53
N GLN E 42 -2.23 49.92 -79.52
CA GLN E 42 -1.35 49.00 -78.85
C GLN E 42 -2.05 47.65 -78.71
N ALA E 43 -1.37 46.73 -78.09
CA ALA E 43 -2.00 45.45 -77.80
C ALA E 43 -2.84 45.58 -76.53
N PRO E 44 -4.03 44.96 -76.48
CA PRO E 44 -4.86 45.07 -75.28
C PRO E 44 -4.28 44.32 -74.10
N ARG E 45 -3.73 45.08 -73.15
CA ARG E 45 -3.07 44.50 -71.99
C ARG E 45 -4.10 44.04 -70.97
N LEU E 46 -3.99 42.81 -70.50
CA LEU E 46 -4.94 42.28 -69.54
C LEU E 46 -4.69 42.86 -68.16
N LEU E 47 -5.74 42.89 -67.34
CA LEU E 47 -5.65 43.50 -66.03
C LEU E 47 -5.84 42.50 -64.90
N ILE E 48 -6.97 41.78 -64.86
CA ILE E 48 -7.46 41.15 -63.64
C ILE E 48 -7.80 39.69 -63.93
N TYR E 49 -7.17 38.78 -63.19
CA TYR E 49 -7.56 37.37 -63.22
C TYR E 49 -8.87 37.19 -62.48
N ASP E 50 -9.92 36.81 -63.20
CA ASP E 50 -11.07 36.07 -62.65
C ASP E 50 -11.83 36.84 -61.57
N THR E 51 -12.06 38.12 -61.83
CA THR E 51 -12.82 38.96 -60.94
C THR E 51 -12.20 39.44 -59.64
N PHE E 52 -11.04 38.92 -59.24
CA PHE E 52 -10.47 39.35 -57.96
C PHE E 52 -8.99 39.66 -57.83
N ASN E 53 -8.14 38.95 -58.56
CA ASN E 53 -6.72 39.20 -58.45
C ASN E 53 -6.12 39.71 -59.74
N ARG E 54 -5.45 40.85 -59.69
CA ARG E 54 -4.84 41.36 -60.89
C ARG E 54 -3.54 40.63 -61.17
N ALA E 55 -3.11 40.68 -62.43
CA ALA E 55 -1.89 39.97 -62.81
C ALA E 55 -0.67 40.80 -62.45
N THR E 56 0.50 40.30 -62.84
CA THR E 56 1.76 40.93 -62.50
C THR E 56 1.99 42.18 -63.35
N GLY E 57 2.59 43.20 -62.74
CA GLY E 57 2.83 44.44 -63.42
C GLY E 57 1.65 45.39 -63.44
N ILE E 58 0.61 45.11 -62.66
CA ILE E 58 -0.56 45.98 -62.54
C ILE E 58 -0.61 46.42 -61.08
N PRO E 59 -0.66 47.72 -60.78
CA PRO E 59 -0.54 48.17 -59.38
C PRO E 59 -1.78 47.91 -58.54
N ALA E 60 -1.76 48.38 -57.30
CA ALA E 60 -2.83 48.09 -56.37
C ALA E 60 -4.04 49.00 -56.55
N ARG E 61 -3.88 50.15 -57.22
CA ARG E 61 -5.00 51.07 -57.43
C ARG E 61 -6.03 50.50 -58.38
N PHE E 62 -5.65 49.54 -59.20
CA PHE E 62 -6.59 48.78 -60.00
C PHE E 62 -7.24 47.74 -59.10
N SER E 63 -8.57 47.75 -59.02
CA SER E 63 -9.23 46.71 -58.24
C SER E 63 -10.41 46.17 -59.05
N GLY E 64 -10.67 44.88 -58.88
CA GLY E 64 -11.77 44.26 -59.60
C GLY E 64 -12.68 43.46 -58.71
N SER E 65 -13.98 43.70 -58.80
CA SER E 65 -14.93 43.08 -57.90
C SER E 65 -16.25 42.92 -58.63
N GLY E 66 -17.31 42.66 -57.88
CA GLY E 66 -18.60 42.38 -58.47
C GLY E 66 -18.84 40.88 -58.57
N SER E 67 -20.12 40.53 -58.69
CA SER E 67 -20.51 39.13 -58.66
C SER E 67 -21.87 38.99 -59.32
N GLY E 68 -22.39 37.76 -59.29
CA GLY E 68 -23.69 37.48 -59.87
C GLY E 68 -23.64 37.64 -61.36
N THR E 69 -24.21 38.73 -61.85
CA THR E 69 -24.14 39.10 -63.24
C THR E 69 -23.66 40.53 -63.44
N ASP E 70 -23.23 41.20 -62.37
CA ASP E 70 -22.83 42.60 -62.44
C ASP E 70 -21.46 42.76 -61.83
N PHE E 71 -20.52 43.31 -62.60
CA PHE E 71 -19.12 43.28 -62.24
C PHE E 71 -18.60 44.70 -62.36
N THR E 72 -17.53 45.00 -61.62
CA THR E 72 -17.06 46.37 -61.53
C THR E 72 -15.56 46.45 -61.43
N LEU E 73 -14.98 47.34 -62.20
CA LEU E 73 -13.58 47.69 -62.11
C LEU E 73 -13.44 49.09 -61.55
N THR E 74 -12.53 49.26 -60.60
CA THR E 74 -12.39 50.54 -59.92
C THR E 74 -10.96 51.02 -60.03
N ILE E 75 -10.81 52.29 -60.42
CA ILE E 75 -9.55 53.01 -60.35
C ILE E 75 -9.66 53.93 -59.13
N SER E 76 -8.78 53.71 -58.16
CA SER E 76 -8.78 54.53 -56.95
C SER E 76 -8.24 55.92 -57.22
N SER E 77 -6.99 55.96 -57.70
CA SER E 77 -6.31 57.21 -58.04
C SER E 77 -5.14 56.89 -58.97
N LEU E 78 -5.47 56.35 -60.14
CA LEU E 78 -4.49 55.97 -61.15
C LEU E 78 -3.28 56.90 -61.28
N GLU E 79 -3.30 57.81 -62.25
CA GLU E 79 -2.18 58.74 -62.45
C GLU E 79 -2.50 59.75 -63.56
N PRO E 80 -1.49 60.35 -64.20
CA PRO E 80 -1.86 61.31 -65.24
C PRO E 80 -1.74 60.76 -66.66
N GLU E 81 -2.08 59.48 -66.86
CA GLU E 81 -2.01 58.87 -68.17
C GLU E 81 -3.07 57.82 -68.42
N ASP E 82 -3.64 57.19 -67.39
CA ASP E 82 -4.33 55.92 -67.52
C ASP E 82 -5.72 56.09 -68.14
N PHE E 83 -5.73 56.57 -69.38
CA PHE E 83 -6.95 56.89 -70.10
C PHE E 83 -6.92 56.13 -71.42
N ALA E 84 -7.82 55.17 -71.56
CA ALA E 84 -7.80 54.27 -72.70
C ALA E 84 -9.19 53.66 -72.82
N VAL E 85 -9.30 52.58 -73.55
CA VAL E 85 -10.59 51.88 -73.58
C VAL E 85 -10.45 50.62 -72.75
N TYR E 86 -11.56 50.19 -72.16
CA TYR E 86 -11.56 49.05 -71.26
C TYR E 86 -12.54 48.01 -71.75
N TYR E 87 -12.18 46.74 -71.59
CA TYR E 87 -13.01 45.65 -72.06
C TYR E 87 -13.16 44.59 -70.96
N CYS E 88 -14.33 43.98 -70.90
CA CYS E 88 -14.59 42.86 -70.00
C CYS E 88 -14.85 41.61 -70.84
N GLN E 89 -14.15 40.53 -70.50
CA GLN E 89 -14.30 39.28 -71.23
C GLN E 89 -14.57 38.12 -70.27
N GLN E 90 -15.36 37.16 -70.74
CA GLN E 90 -15.71 36.00 -69.96
C GLN E 90 -15.03 34.75 -70.48
N ARG E 91 -14.64 33.86 -69.58
CA ARG E 91 -14.12 32.55 -69.97
C ARG E 91 -14.98 31.42 -69.43
N SER E 92 -16.29 31.60 -69.43
CA SER E 92 -17.17 30.54 -68.93
C SER E 92 -17.25 29.39 -69.91
N ASN E 93 -17.52 29.67 -71.17
CA ASN E 93 -17.80 28.65 -72.15
C ASN E 93 -17.18 29.13 -73.45
N TRP E 94 -17.70 28.67 -74.59
CA TRP E 94 -17.12 29.07 -75.87
C TRP E 94 -18.00 29.99 -76.73
N PRO E 95 -17.44 31.11 -77.17
CA PRO E 95 -16.06 31.48 -76.86
C PRO E 95 -16.04 32.71 -75.97
N PRO E 96 -14.90 33.37 -75.83
CA PRO E 96 -14.82 34.57 -74.97
C PRO E 96 -15.28 35.87 -75.65
N THR E 97 -16.49 36.33 -75.34
CA THR E 97 -17.02 37.57 -75.89
C THR E 97 -16.51 38.79 -75.11
N PHE E 98 -16.20 39.87 -75.84
CA PHE E 98 -15.52 41.03 -75.27
C PHE E 98 -16.43 42.20 -74.96
N GLY E 99 -17.65 42.24 -75.49
CA GLY E 99 -18.55 43.31 -75.13
C GLY E 99 -18.49 44.52 -76.04
N GLN E 100 -18.52 45.72 -75.45
CA GLN E 100 -18.59 46.96 -76.22
C GLN E 100 -17.37 47.85 -75.99
N GLY E 101 -17.09 48.23 -74.76
CA GLY E 101 -15.96 49.07 -74.47
C GLY E 101 -16.37 50.45 -73.98
N THR E 102 -15.56 51.02 -73.10
CA THR E 102 -15.82 52.33 -72.52
C THR E 102 -14.56 53.17 -72.57
N LYS E 103 -14.62 54.30 -73.25
CA LYS E 103 -13.51 55.23 -73.26
C LYS E 103 -13.58 56.12 -72.05
N VAL E 104 -12.48 56.84 -71.80
CA VAL E 104 -12.46 57.92 -70.82
C VAL E 104 -11.72 59.09 -71.45
N ASP E 105 -12.20 60.29 -71.20
CA ASP E 105 -11.58 61.53 -71.68
C ASP E 105 -11.31 62.42 -70.47
N ILE E 106 -11.01 63.69 -70.75
CA ILE E 106 -11.09 64.73 -69.73
C ILE E 106 -11.82 65.91 -70.37
N VAL F 2 -55.32 -12.86 -26.61
CA VAL F 2 -56.29 -11.87 -26.16
C VAL F 2 -57.19 -11.48 -27.32
N GLN F 3 -58.42 -11.08 -27.00
CA GLN F 3 -59.40 -10.66 -28.00
C GLN F 3 -60.28 -9.58 -27.39
N LEU F 4 -60.73 -8.65 -28.24
CA LEU F 4 -61.63 -7.59 -27.82
C LEU F 4 -62.62 -7.33 -28.93
N VAL F 5 -63.91 -7.33 -28.61
CA VAL F 5 -64.97 -7.14 -29.59
C VAL F 5 -65.90 -6.05 -29.09
N GLU F 6 -66.08 -5.01 -29.89
CA GLU F 6 -66.86 -3.86 -29.49
C GLU F 6 -68.13 -3.79 -30.31
N SER F 7 -69.17 -3.19 -29.74
CA SER F 7 -70.45 -3.11 -30.44
C SER F 7 -71.25 -1.92 -29.94
N GLY F 8 -72.14 -1.44 -30.80
CA GLY F 8 -72.96 -0.29 -30.49
C GLY F 8 -72.75 0.91 -31.39
N GLY F 9 -72.51 0.69 -32.69
CA GLY F 9 -72.30 1.78 -33.62
C GLY F 9 -73.53 2.04 -34.49
N GLY F 10 -73.51 3.16 -35.20
CA GLY F 10 -74.64 3.42 -36.08
C GLY F 10 -74.80 4.90 -36.37
N VAL F 11 -76.05 5.28 -36.66
CA VAL F 11 -76.45 6.67 -36.87
C VAL F 11 -77.46 7.05 -35.81
N VAL F 12 -77.31 8.23 -35.22
CA VAL F 12 -78.20 8.71 -34.16
C VAL F 12 -78.69 10.11 -34.48
N GLN F 13 -79.33 10.77 -33.53
CA GLN F 13 -79.68 12.18 -33.63
C GLN F 13 -78.98 12.97 -32.52
N PRO F 14 -78.83 14.29 -32.66
CA PRO F 14 -78.11 15.03 -31.62
C PRO F 14 -78.91 15.24 -30.34
N GLY F 15 -78.83 14.29 -29.42
CA GLY F 15 -79.70 14.26 -28.26
C GLY F 15 -80.39 12.95 -27.99
N THR F 16 -79.77 11.84 -28.40
CA THR F 16 -80.19 10.49 -28.03
C THR F 16 -79.08 9.81 -27.24
N SER F 17 -79.20 8.49 -27.07
CA SER F 17 -78.25 7.69 -26.33
C SER F 17 -77.84 6.47 -27.13
N LEU F 18 -76.77 5.80 -26.70
CA LEU F 18 -76.26 4.64 -27.44
C LEU F 18 -75.41 3.75 -26.56
N ARG F 19 -75.72 2.45 -26.51
CA ARG F 19 -75.01 1.49 -25.68
C ARG F 19 -73.69 1.15 -26.33
N LEU F 20 -72.60 1.64 -25.75
CA LEU F 20 -71.28 1.32 -26.23
C LEU F 20 -70.70 0.21 -25.36
N SER F 21 -70.64 -1.01 -25.90
CA SER F 21 -70.25 -2.17 -25.12
C SER F 21 -68.97 -2.77 -25.68
N CYS F 22 -68.11 -3.26 -24.78
CA CYS F 22 -66.82 -3.85 -25.11
C CYS F 22 -66.71 -5.17 -24.39
N ALA F 23 -66.67 -6.26 -25.16
CA ALA F 23 -66.59 -7.63 -24.64
C ALA F 23 -65.16 -8.13 -24.75
N ALA F 24 -64.68 -8.76 -23.69
CA ALA F 24 -63.32 -9.26 -23.61
C ALA F 24 -63.31 -10.72 -23.22
N SER F 25 -62.31 -11.44 -23.74
CA SER F 25 -62.07 -12.82 -23.37
C SER F 25 -60.57 -13.04 -23.40
N GLY F 26 -60.16 -14.30 -23.43
CA GLY F 26 -58.74 -14.58 -23.44
C GLY F 26 -58.14 -14.38 -22.06
N PHE F 27 -57.45 -13.25 -21.90
CA PHE F 27 -56.95 -12.83 -20.61
C PHE F 27 -58.10 -12.58 -19.63
N SER F 28 -57.78 -12.66 -18.34
CA SER F 28 -58.76 -12.42 -17.29
C SER F 28 -59.16 -10.95 -17.28
N PHE F 29 -60.48 -10.70 -17.37
CA PHE F 29 -60.96 -9.33 -17.52
C PHE F 29 -60.80 -8.52 -16.26
N SER F 30 -60.92 -9.16 -15.10
CA SER F 30 -60.59 -8.49 -13.86
C SER F 30 -59.08 -8.43 -13.72
N HIS F 31 -58.62 -7.77 -12.66
CA HIS F 31 -57.21 -7.42 -12.43
C HIS F 31 -56.64 -6.55 -13.55
N TYR F 32 -57.47 -5.82 -14.30
CA TYR F 32 -56.92 -5.15 -15.47
C TYR F 32 -57.70 -3.88 -15.76
N VAL F 33 -56.96 -2.83 -16.05
CA VAL F 33 -57.51 -1.50 -16.19
C VAL F 33 -57.79 -1.22 -17.66
N MET F 34 -59.01 -0.82 -17.97
CA MET F 34 -59.43 -0.58 -19.34
C MET F 34 -59.86 0.87 -19.52
N TYR F 35 -59.97 1.28 -20.78
CA TYR F 35 -60.29 2.66 -21.14
C TYR F 35 -60.75 2.70 -22.59
N TRP F 36 -61.26 3.87 -23.00
CA TRP F 36 -61.72 4.09 -24.37
C TRP F 36 -60.94 5.22 -25.03
N VAL F 37 -60.95 5.20 -26.36
CA VAL F 37 -60.23 6.19 -27.15
C VAL F 37 -60.96 6.44 -28.45
N ARG F 38 -61.24 7.71 -28.73
CA ARG F 38 -61.94 8.12 -29.93
C ARG F 38 -60.95 8.59 -30.99
N GLN F 39 -61.45 8.69 -32.22
CA GLN F 39 -60.71 9.29 -33.32
C GLN F 39 -61.72 9.84 -34.32
N ALA F 40 -61.74 11.16 -34.48
CA ALA F 40 -62.58 11.74 -35.52
C ALA F 40 -61.88 11.55 -36.87
N PRO F 41 -62.62 11.11 -37.91
CA PRO F 41 -61.97 10.71 -39.16
C PRO F 41 -61.28 11.85 -39.89
N GLY F 42 -59.95 11.80 -39.90
CA GLY F 42 -59.15 12.91 -40.37
C GLY F 42 -58.44 13.61 -39.24
N LYS F 43 -58.18 12.90 -38.15
CA LYS F 43 -57.46 13.46 -37.01
C LYS F 43 -56.47 12.43 -36.51
N GLY F 44 -55.98 12.65 -35.30
CA GLY F 44 -55.02 11.74 -34.70
C GLY F 44 -55.66 10.76 -33.73
N LEU F 45 -55.26 10.82 -32.47
CA LEU F 45 -55.81 9.93 -31.46
C LEU F 45 -55.97 10.68 -30.15
N ASP F 46 -57.05 10.36 -29.42
CA ASP F 46 -57.34 11.00 -28.15
C ASP F 46 -58.34 10.16 -27.36
N TRP F 47 -58.18 10.16 -26.05
CA TRP F 47 -58.82 9.26 -25.11
C TRP F 47 -60.15 9.82 -24.59
N VAL F 48 -60.90 8.96 -23.90
CA VAL F 48 -62.23 9.34 -23.41
C VAL F 48 -62.36 9.20 -21.90
N ALA F 49 -62.25 7.98 -21.38
CA ALA F 49 -62.61 7.72 -19.99
C ALA F 49 -61.94 6.45 -19.52
N ILE F 50 -61.70 6.35 -18.20
CA ILE F 50 -60.97 5.23 -17.61
C ILE F 50 -61.79 4.64 -16.46
N ILE F 51 -61.63 3.33 -16.24
CA ILE F 51 -62.25 2.59 -15.14
C ILE F 51 -61.19 1.67 -14.52
N SER F 52 -61.22 1.56 -13.19
CA SER F 52 -60.13 0.93 -12.44
C SER F 52 -60.57 -0.37 -11.79
N PHE F 53 -60.66 -1.45 -12.58
CA PHE F 53 -60.84 -2.86 -12.20
C PHE F 53 -62.05 -3.19 -11.32
N ASP F 54 -62.82 -2.18 -10.92
CA ASP F 54 -64.13 -2.19 -10.27
C ASP F 54 -64.49 -0.72 -10.12
N GLY F 55 -65.76 -0.44 -9.95
CA GLY F 55 -66.13 0.96 -9.95
C GLY F 55 -65.89 1.60 -8.61
N SER F 56 -64.74 2.23 -8.48
CA SER F 56 -64.44 3.00 -7.29
C SER F 56 -63.82 4.31 -7.72
N SER F 57 -63.24 4.33 -8.92
CA SER F 57 -62.50 5.48 -9.39
C SER F 57 -62.57 5.57 -10.91
N GLN F 58 -63.31 6.54 -11.44
CA GLN F 58 -63.39 6.78 -12.88
C GLN F 58 -62.89 8.19 -13.15
N TYR F 59 -61.93 8.29 -14.05
CA TYR F 59 -61.45 9.60 -14.51
C TYR F 59 -62.04 9.90 -15.87
N TYR F 60 -62.21 11.19 -16.17
CA TYR F 60 -62.85 11.61 -17.40
C TYR F 60 -61.98 12.63 -18.13
N ALA F 61 -62.32 12.88 -19.39
CA ALA F 61 -61.61 13.84 -20.21
C ALA F 61 -62.40 15.13 -20.31
N ASP F 62 -61.94 16.05 -21.15
CA ASP F 62 -62.64 17.32 -21.30
C ASP F 62 -63.87 17.13 -22.17
N SER F 63 -64.91 17.90 -21.84
CA SER F 63 -66.15 18.02 -22.62
C SER F 63 -66.88 16.69 -22.82
N VAL F 64 -66.60 15.70 -21.98
CA VAL F 64 -67.30 14.42 -22.00
C VAL F 64 -67.68 14.09 -20.57
N LYS F 65 -67.23 14.89 -19.63
CA LYS F 65 -67.69 14.75 -18.26
C LYS F 65 -69.13 15.23 -18.16
N GLY F 66 -70.03 14.30 -17.81
CA GLY F 66 -71.43 14.63 -17.64
C GLY F 66 -72.34 14.09 -18.72
N ARG F 67 -71.78 13.48 -19.76
CA ARG F 67 -72.59 12.81 -20.77
C ARG F 67 -72.19 11.36 -20.92
N PHE F 68 -71.28 10.87 -20.09
CA PHE F 68 -70.58 9.62 -20.28
C PHE F 68 -70.45 8.93 -18.93
N THR F 69 -70.98 7.72 -18.81
CA THR F 69 -70.89 6.95 -17.56
C THR F 69 -70.30 5.58 -17.88
N ILE F 70 -68.99 5.46 -17.73
CA ILE F 70 -68.31 4.21 -18.01
C ILE F 70 -68.49 3.27 -16.82
N SER F 71 -68.80 2.01 -17.09
CA SER F 71 -68.90 1.05 -16.00
C SER F 71 -68.46 -0.30 -16.48
N ARG F 72 -67.75 -1.03 -15.62
CA ARG F 72 -67.39 -2.40 -15.90
C ARG F 72 -68.12 -3.30 -14.92
N ASP F 73 -68.17 -4.58 -15.26
CA ASP F 73 -68.80 -5.58 -14.39
C ASP F 73 -68.22 -6.96 -14.74
N ASN F 74 -67.29 -7.41 -13.90
CA ASN F 74 -66.54 -8.63 -14.16
C ASN F 74 -67.35 -9.88 -13.91
N SER F 75 -68.51 -9.77 -13.28
CA SER F 75 -69.44 -10.88 -13.18
C SER F 75 -70.21 -11.10 -14.48
N LYS F 76 -70.04 -10.21 -15.46
CA LYS F 76 -70.45 -10.51 -16.83
C LYS F 76 -69.43 -10.00 -17.84
N ASP F 77 -68.21 -9.69 -17.40
CA ASP F 77 -66.97 -9.55 -18.20
C ASP F 77 -67.07 -8.63 -19.41
N THR F 78 -67.70 -7.47 -19.25
CA THR F 78 -67.75 -6.49 -20.33
C THR F 78 -67.46 -5.10 -19.79
N LEU F 79 -67.60 -4.10 -20.67
CA LEU F 79 -67.26 -2.71 -20.43
C LEU F 79 -68.28 -1.81 -21.10
N TYR F 80 -68.63 -0.68 -20.49
CA TYR F 80 -69.61 0.21 -21.10
C TYR F 80 -69.20 1.66 -21.00
N LEU F 81 -69.51 2.44 -22.03
CA LEU F 81 -69.41 3.90 -22.01
C LEU F 81 -70.72 4.60 -21.72
N GLN F 82 -71.80 4.10 -22.31
CA GLN F 82 -73.15 4.65 -22.20
C GLN F 82 -73.17 6.11 -22.64
N MET F 83 -72.93 6.30 -23.93
CA MET F 83 -73.06 7.61 -24.53
C MET F 83 -74.49 8.07 -24.40
N HIS F 84 -74.67 9.30 -23.92
CA HIS F 84 -75.97 9.71 -23.44
C HIS F 84 -76.13 11.20 -23.68
N SER F 85 -77.20 11.59 -24.41
CA SER F 85 -77.56 12.97 -24.72
C SER F 85 -76.44 13.67 -25.48
N LEU F 86 -76.21 13.19 -26.69
CA LEU F 86 -74.95 13.46 -27.37
C LEU F 86 -74.92 14.82 -28.02
N ARG F 87 -73.83 15.07 -28.74
CA ARG F 87 -73.58 16.25 -29.53
C ARG F 87 -73.48 15.86 -30.99
N PRO F 88 -73.68 16.80 -31.91
CA PRO F 88 -73.35 16.50 -33.30
C PRO F 88 -71.92 16.82 -33.67
N GLU F 89 -70.97 16.52 -32.80
CA GLU F 89 -69.57 16.77 -33.11
C GLU F 89 -68.63 15.69 -32.61
N ASP F 90 -69.13 14.68 -31.90
CA ASP F 90 -68.32 13.56 -31.48
C ASP F 90 -68.65 12.32 -32.29
N THR F 91 -69.11 12.51 -33.53
CA THR F 91 -69.11 11.43 -34.48
C THR F 91 -67.68 11.02 -34.75
N ALA F 92 -67.38 9.74 -34.57
CA ALA F 92 -66.00 9.28 -34.53
C ALA F 92 -65.96 7.77 -34.62
N VAL F 93 -64.77 7.22 -34.42
CA VAL F 93 -64.59 5.80 -34.18
C VAL F 93 -64.08 5.66 -32.74
N TYR F 94 -64.44 4.55 -32.09
CA TYR F 94 -64.16 4.33 -30.68
C TYR F 94 -63.49 2.98 -30.49
N TYR F 95 -62.50 2.93 -29.60
CA TYR F 95 -61.74 1.72 -29.32
C TYR F 95 -61.65 1.52 -27.81
N CYS F 96 -61.88 0.29 -27.34
CA CYS F 96 -61.60 -0.05 -25.96
C CYS F 96 -60.23 -0.73 -25.88
N ALA F 97 -59.38 -0.23 -25.00
CA ALA F 97 -58.02 -0.73 -24.86
C ALA F 97 -57.74 -0.95 -23.39
N ILE F 98 -56.59 -1.57 -23.12
CA ILE F 98 -56.25 -2.04 -21.78
C ILE F 98 -55.00 -1.31 -21.30
N HIS F 99 -55.12 -0.66 -20.14
CA HIS F 99 -54.00 0.03 -19.53
C HIS F 99 -53.02 -0.97 -18.94
N GLY F 100 -53.48 -1.82 -18.05
CA GLY F 100 -52.70 -2.97 -17.65
C GLY F 100 -52.22 -3.02 -16.23
N GLY F 101 -52.28 -4.20 -15.63
CA GLY F 101 -51.60 -4.49 -14.38
C GLY F 101 -52.33 -4.03 -13.14
N THR F 102 -52.44 -4.88 -12.14
CA THR F 102 -52.90 -4.47 -10.82
C THR F 102 -52.02 -4.97 -9.69
N TYR F 103 -51.58 -6.23 -9.76
CA TYR F 103 -50.74 -6.86 -8.76
C TYR F 103 -49.32 -6.96 -9.30
N TYR F 104 -48.46 -7.66 -8.57
CA TYR F 104 -47.11 -7.84 -9.08
C TYR F 104 -47.02 -8.97 -10.09
N TYR F 105 -47.93 -9.93 -10.07
CA TYR F 105 -47.82 -11.11 -10.90
C TYR F 105 -48.65 -11.00 -12.18
N ASP F 106 -48.93 -9.79 -12.62
CA ASP F 106 -49.98 -9.59 -13.60
C ASP F 106 -49.51 -9.58 -15.05
N LYS F 107 -48.19 -9.62 -15.29
CA LYS F 107 -47.52 -9.71 -16.59
C LYS F 107 -48.10 -8.79 -17.66
N ASN F 108 -47.86 -7.49 -17.54
CA ASN F 108 -48.50 -6.47 -18.37
C ASN F 108 -48.33 -6.65 -19.88
N ILE F 109 -49.46 -6.87 -20.53
CA ILE F 109 -49.56 -6.94 -21.98
C ILE F 109 -50.66 -5.98 -22.39
N LEU F 110 -50.53 -5.42 -23.59
CA LEU F 110 -51.48 -4.45 -24.08
C LEU F 110 -52.11 -4.96 -25.37
N ALA F 111 -53.33 -4.50 -25.62
CA ALA F 111 -54.10 -4.94 -26.76
C ALA F 111 -55.15 -3.89 -27.06
N TRP F 112 -55.61 -3.85 -28.30
CA TRP F 112 -56.59 -2.88 -28.73
C TRP F 112 -57.73 -3.59 -29.42
N GLY F 113 -58.85 -2.89 -29.56
CA GLY F 113 -59.99 -3.44 -30.27
C GLY F 113 -59.83 -3.32 -31.77
N GLN F 114 -60.92 -3.00 -32.47
CA GLN F 114 -60.83 -2.73 -33.89
C GLN F 114 -61.81 -1.64 -34.32
N GLY F 115 -62.49 -1.00 -33.39
CA GLY F 115 -63.22 0.22 -33.72
C GLY F 115 -64.72 0.03 -33.74
N THR F 116 -65.43 1.09 -33.38
CA THR F 116 -66.89 1.15 -33.45
C THR F 116 -67.25 2.55 -33.94
N LEU F 117 -68.00 2.63 -35.03
CA LEU F 117 -68.27 3.89 -35.69
C LEU F 117 -69.60 4.46 -35.25
N VAL F 118 -69.60 5.70 -34.79
CA VAL F 118 -70.85 6.38 -34.46
C VAL F 118 -70.93 7.68 -35.24
N THR F 119 -72.13 7.94 -35.78
CA THR F 119 -72.39 9.10 -36.60
C THR F 119 -73.66 9.80 -36.11
N VAL F 120 -73.73 11.10 -36.34
CA VAL F 120 -74.85 11.95 -35.91
C VAL F 120 -75.65 12.46 -37.10
N SER F 121 -76.72 13.21 -36.85
CA SER F 121 -77.45 13.89 -37.91
C SER F 121 -77.49 15.39 -37.68
N ILE G 2 -48.51 16.84 -18.66
CA ILE G 2 -47.74 15.80 -19.30
C ILE G 2 -48.28 15.52 -20.70
N ARG G 3 -47.71 16.20 -21.69
CA ARG G 3 -48.17 16.16 -23.07
C ARG G 3 -47.04 15.68 -23.97
N MET G 4 -47.33 14.70 -24.81
CA MET G 4 -46.34 14.23 -25.76
C MET G 4 -46.29 15.16 -26.96
N THR G 5 -45.22 15.01 -27.74
CA THR G 5 -45.06 15.75 -28.99
C THR G 5 -44.09 15.00 -29.88
N GLN G 6 -44.36 15.03 -31.18
CA GLN G 6 -43.46 14.46 -32.18
C GLN G 6 -43.12 15.57 -33.16
N SER G 7 -41.94 16.14 -33.00
CA SER G 7 -41.48 17.32 -33.73
C SER G 7 -41.03 17.14 -35.18
N PRO G 8 -40.41 16.03 -35.62
CA PRO G 8 -40.14 15.88 -37.05
C PRO G 8 -41.44 15.71 -37.84
N PRO G 9 -41.65 16.54 -38.85
CA PRO G 9 -42.85 16.40 -39.70
C PRO G 9 -42.66 15.32 -40.75
N THR G 10 -43.53 15.32 -41.76
CA THR G 10 -43.47 14.35 -42.87
C THR G 10 -42.11 14.29 -43.51
N LEU G 11 -41.71 13.09 -43.91
CA LEU G 11 -40.41 12.83 -44.50
C LEU G 11 -40.61 12.09 -45.82
N SER G 12 -39.55 12.01 -46.63
CA SER G 12 -39.62 11.43 -47.97
C SER G 12 -38.47 10.44 -48.18
N LEU G 13 -38.39 9.49 -47.26
CA LEU G 13 -37.34 8.47 -47.32
C LEU G 13 -37.76 7.30 -48.21
N SER G 14 -36.94 6.99 -49.21
CA SER G 14 -37.23 5.91 -50.13
C SER G 14 -37.39 4.58 -49.39
N PRO G 15 -37.76 3.54 -50.11
CA PRO G 15 -37.94 2.22 -49.51
C PRO G 15 -36.70 1.77 -48.74
N GLY G 16 -35.55 2.33 -49.10
CA GLY G 16 -34.29 2.00 -48.45
C GLY G 16 -33.90 3.02 -47.41
N GLU G 17 -32.61 3.10 -47.10
CA GLU G 17 -32.12 4.06 -46.11
C GLU G 17 -32.69 3.75 -44.73
N ARG G 18 -32.43 4.65 -43.78
CA ARG G 18 -32.91 4.48 -42.42
C ARG G 18 -33.68 5.72 -41.95
N ALA G 19 -34.67 5.51 -41.09
CA ALA G 19 -35.48 6.61 -40.56
C ALA G 19 -35.43 6.62 -39.05
N THR G 20 -35.40 7.82 -38.48
CA THR G 20 -35.23 8.00 -37.04
C THR G 20 -36.23 9.03 -36.54
N LEU G 21 -37.14 8.61 -35.64
CA LEU G 21 -38.29 9.39 -35.25
C LEU G 21 -38.23 9.66 -33.76
N SER G 22 -38.44 10.91 -33.38
CA SER G 22 -38.20 11.38 -32.01
C SER G 22 -39.51 11.76 -31.31
N CYS G 23 -39.60 11.40 -30.04
CA CYS G 23 -40.77 11.70 -29.22
C CYS G 23 -40.27 12.26 -27.89
N ARG G 24 -40.81 13.40 -27.50
CA ARG G 24 -40.45 14.05 -26.26
C ARG G 24 -41.49 13.74 -25.18
N ALA G 25 -41.41 14.46 -24.07
CA ALA G 25 -42.42 14.42 -23.02
C ALA G 25 -42.30 15.69 -22.20
N SER G 26 -43.41 16.08 -21.57
CA SER G 26 -43.41 17.29 -20.77
C SER G 26 -42.67 17.12 -19.45
N GLN G 27 -42.54 15.90 -18.96
CA GLN G 27 -41.77 15.64 -17.75
C GLN G 27 -41.17 14.26 -17.85
N SER G 28 -40.55 13.80 -16.75
CA SER G 28 -39.74 12.58 -16.76
C SER G 28 -40.63 11.35 -16.87
N VAL G 29 -40.47 10.61 -17.96
CA VAL G 29 -41.12 9.33 -18.19
C VAL G 29 -40.03 8.32 -18.48
N THR G 30 -40.05 7.19 -17.79
CA THR G 30 -39.03 6.18 -17.99
C THR G 30 -39.66 4.86 -18.36
N ASN G 31 -39.10 4.21 -19.38
CA ASN G 31 -39.43 2.90 -19.94
C ASN G 31 -40.92 2.62 -20.02
N TYR G 32 -41.68 3.62 -20.45
CA TYR G 32 -43.14 3.55 -20.43
C TYR G 32 -43.78 3.91 -21.75
N LEU G 33 -43.03 3.97 -22.84
CA LEU G 33 -43.62 4.35 -24.12
C LEU G 33 -43.91 3.13 -25.00
N VAL G 34 -44.83 3.33 -25.91
CA VAL G 34 -45.26 2.32 -26.86
C VAL G 34 -45.51 3.01 -28.20
N TRP G 35 -45.14 2.34 -29.28
CA TRP G 35 -45.21 2.90 -30.62
C TRP G 35 -46.33 2.25 -31.40
N TYR G 36 -47.05 3.05 -32.18
CA TYR G 36 -48.14 2.57 -33.02
C TYR G 36 -47.91 3.00 -34.46
N GLN G 37 -48.26 2.13 -35.40
CA GLN G 37 -48.14 2.41 -36.83
C GLN G 37 -49.51 2.26 -37.46
N GLN G 38 -50.13 3.39 -37.79
CA GLN G 38 -51.48 3.41 -38.32
C GLN G 38 -51.44 3.70 -39.81
N LYS G 39 -51.89 2.73 -40.60
CA LYS G 39 -52.06 2.82 -42.02
C LYS G 39 -53.22 3.77 -42.35
N PRO G 40 -53.44 4.09 -43.64
CA PRO G 40 -54.71 4.75 -43.98
C PRO G 40 -55.91 3.84 -43.75
N GLY G 41 -56.65 4.09 -42.68
CA GLY G 41 -57.91 3.40 -42.45
C GLY G 41 -57.83 2.02 -41.86
N GLN G 42 -56.95 1.79 -40.89
CA GLN G 42 -56.84 0.51 -40.21
C GLN G 42 -56.79 0.76 -38.71
N ALA G 43 -56.67 -0.30 -37.96
CA ALA G 43 -56.49 -0.17 -36.54
C ALA G 43 -55.02 0.13 -36.23
N PRO G 44 -54.74 1.02 -35.27
CA PRO G 44 -53.33 1.32 -34.96
C PRO G 44 -52.61 0.18 -34.30
N ARG G 45 -51.75 -0.49 -35.06
CA ARG G 45 -51.03 -1.66 -34.58
C ARG G 45 -49.86 -1.23 -33.70
N LEU G 46 -49.75 -1.82 -32.51
CA LEU G 46 -48.69 -1.47 -31.59
C LEU G 46 -47.36 -2.06 -32.05
N LEU G 47 -46.27 -1.44 -31.64
CA LEU G 47 -44.95 -1.87 -32.08
C LEU G 47 -44.09 -2.37 -30.93
N ILE G 48 -43.85 -1.56 -29.91
CA ILE G 48 -42.73 -1.74 -29.00
C ILE G 48 -43.22 -1.68 -27.56
N TYR G 49 -42.94 -2.74 -26.80
CA TYR G 49 -43.16 -2.74 -25.36
C TYR G 49 -42.10 -1.89 -24.69
N ASP G 50 -42.51 -0.77 -24.08
CA ASP G 50 -41.80 -0.15 -22.96
C ASP G 50 -40.39 0.32 -23.31
N THR G 51 -40.26 0.93 -24.48
CA THR G 51 -38.99 1.49 -24.93
C THR G 51 -37.89 0.55 -25.41
N PHE G 52 -38.03 -0.77 -25.23
CA PHE G 52 -36.94 -1.65 -25.66
C PHE G 52 -37.24 -2.94 -26.40
N ASN G 53 -38.34 -3.60 -26.08
CA ASN G 53 -38.64 -4.86 -26.76
C ASN G 53 -39.91 -4.77 -27.57
N ARG G 54 -39.82 -5.10 -28.85
CA ARG G 54 -41.01 -5.06 -29.67
C ARG G 54 -41.85 -6.30 -29.43
N ALA G 55 -43.14 -6.20 -29.77
CA ALA G 55 -44.05 -7.31 -29.53
C ALA G 55 -43.93 -8.33 -30.65
N THR G 56 -44.79 -9.35 -30.59
CA THR G 56 -44.73 -10.45 -31.54
C THR G 56 -45.29 -10.02 -32.89
N GLY G 57 -44.70 -10.54 -33.96
CA GLY G 57 -45.11 -10.18 -35.29
C GLY G 57 -44.52 -8.89 -35.82
N ILE G 58 -43.54 -8.33 -35.13
CA ILE G 58 -42.84 -7.13 -35.57
C ILE G 58 -41.38 -7.52 -35.78
N PRO G 59 -40.81 -7.27 -36.95
CA PRO G 59 -39.45 -7.80 -37.24
C PRO G 59 -38.34 -7.07 -36.50
N ALA G 60 -37.10 -7.45 -36.80
CA ALA G 60 -35.96 -6.91 -36.07
C ALA G 60 -35.53 -5.54 -36.57
N ARG G 61 -35.93 -5.15 -37.79
CA ARG G 61 -35.54 -3.86 -38.32
C ARG G 61 -36.20 -2.71 -37.60
N PHE G 62 -37.30 -2.97 -36.91
CA PHE G 62 -37.90 -2.02 -36.00
C PHE G 62 -37.10 -2.04 -34.70
N SER G 63 -36.60 -0.88 -34.29
CA SER G 63 -35.92 -0.83 -33.00
C SER G 63 -36.39 0.38 -32.23
N GLY G 64 -36.44 0.24 -30.91
CA GLY G 64 -36.88 1.33 -30.08
C GLY G 64 -35.96 1.62 -28.92
N SER G 65 -35.56 2.87 -28.75
CA SER G 65 -34.57 3.22 -27.75
C SER G 65 -34.84 4.64 -27.29
N GLY G 66 -33.87 5.24 -26.62
CA GLY G 66 -34.06 6.53 -26.03
C GLY G 66 -34.41 6.43 -24.56
N SER G 67 -34.18 7.52 -23.84
CA SER G 67 -34.36 7.52 -22.39
C SER G 67 -34.55 8.95 -21.92
N GLY G 68 -34.63 9.09 -20.60
CA GLY G 68 -34.80 10.39 -19.99
C GLY G 68 -36.15 10.96 -20.35
N THR G 69 -36.16 11.93 -21.25
CA THR G 69 -37.38 12.48 -21.81
C THR G 69 -37.38 12.48 -23.32
N ASP G 70 -36.39 11.85 -23.96
CA ASP G 70 -36.26 11.88 -25.41
C ASP G 70 -36.11 10.45 -25.91
N PHE G 71 -36.99 10.05 -26.81
CA PHE G 71 -37.13 8.66 -27.19
C PHE G 71 -37.09 8.58 -28.70
N THR G 72 -36.69 7.42 -29.23
CA THR G 72 -36.45 7.32 -30.65
C THR G 72 -36.82 5.94 -31.18
N LEU G 73 -37.51 5.95 -32.30
CA LEU G 73 -37.82 4.75 -33.05
C LEU G 73 -37.02 4.75 -34.35
N THR G 74 -36.40 3.63 -34.66
CA THR G 74 -35.54 3.56 -35.83
C THR G 74 -35.98 2.44 -36.76
N ILE G 75 -36.10 2.78 -38.04
CA ILE G 75 -36.28 1.80 -39.10
C ILE G 75 -34.92 1.65 -39.77
N SER G 76 -34.36 0.45 -39.72
CA SER G 76 -33.07 0.18 -40.34
C SER G 76 -33.18 0.14 -41.86
N SER G 77 -34.01 -0.77 -42.35
CA SER G 77 -34.25 -0.95 -43.78
C SER G 77 -35.56 -1.71 -43.96
N LEU G 78 -36.65 -1.11 -43.50
CA LEU G 78 -37.99 -1.69 -43.57
C LEU G 78 -38.28 -2.49 -44.84
N GLU G 79 -38.95 -1.87 -45.81
CA GLU G 79 -39.31 -2.57 -47.06
C GLU G 79 -39.97 -1.61 -48.06
N PRO G 80 -40.75 -2.13 -49.01
CA PRO G 80 -41.37 -1.17 -49.94
C PRO G 80 -42.83 -0.87 -49.63
N GLU G 81 -43.19 -0.81 -48.35
CA GLU G 81 -44.56 -0.52 -47.96
C GLU G 81 -44.69 0.26 -46.67
N ASP G 82 -43.71 0.22 -45.77
CA ASP G 82 -43.90 0.58 -44.37
C ASP G 82 -43.97 2.10 -44.17
N PHE G 83 -44.99 2.69 -44.77
CA PHE G 83 -45.18 4.13 -44.79
C PHE G 83 -46.56 4.42 -44.25
N ALA G 84 -46.63 5.04 -43.08
CA ALA G 84 -47.88 5.23 -42.38
C ALA G 84 -47.67 6.37 -41.40
N VAL G 85 -48.55 6.48 -40.42
CA VAL G 85 -48.33 7.46 -39.38
C VAL G 85 -47.90 6.72 -38.13
N TYR G 86 -47.11 7.38 -37.29
CA TYR G 86 -46.54 6.76 -36.12
C TYR G 86 -46.90 7.57 -34.89
N TYR G 87 -47.16 6.87 -33.78
CA TYR G 87 -47.57 7.52 -32.55
C TYR G 87 -46.78 6.97 -31.38
N CYS G 88 -46.47 7.84 -30.42
CA CYS G 88 -45.83 7.46 -29.18
C CYS G 88 -46.79 7.70 -28.03
N GLN G 89 -46.95 6.69 -27.18
CA GLN G 89 -47.87 6.78 -26.05
C GLN G 89 -47.17 6.39 -24.76
N GLN G 90 -47.57 7.02 -23.67
CA GLN G 90 -46.99 6.75 -22.36
C GLN G 90 -47.99 6.04 -21.47
N ARG G 91 -47.50 5.13 -20.64
CA ARG G 91 -48.33 4.49 -19.62
C ARG G 91 -47.81 4.78 -18.22
N SER G 92 -47.33 5.99 -17.97
CA SER G 92 -46.84 6.33 -16.64
C SER G 92 -47.97 6.48 -15.65
N ASN G 93 -48.97 7.27 -15.99
CA ASN G 93 -50.03 7.65 -15.07
C ASN G 93 -51.31 7.71 -15.88
N TRP G 94 -52.28 8.49 -15.42
CA TRP G 94 -53.56 8.55 -16.14
C TRP G 94 -53.84 9.89 -16.84
N PRO G 95 -54.18 9.84 -18.13
CA PRO G 95 -54.25 8.58 -18.87
C PRO G 95 -53.16 8.53 -19.92
N PRO G 96 -53.25 7.61 -20.88
CA PRO G 96 -52.21 7.52 -21.92
C PRO G 96 -52.39 8.50 -23.09
N THR G 97 -51.60 9.58 -23.11
CA THR G 97 -51.65 10.57 -24.18
C THR G 97 -50.82 10.11 -25.38
N PHE G 98 -51.33 10.38 -26.59
CA PHE G 98 -50.77 9.84 -27.82
C PHE G 98 -49.91 10.82 -28.60
N GLY G 99 -49.99 12.12 -28.33
CA GLY G 99 -49.13 13.05 -29.02
C GLY G 99 -49.70 13.64 -30.28
N GLN G 100 -48.88 13.74 -31.32
CA GLN G 100 -49.27 14.39 -32.57
C GLN G 100 -49.25 13.45 -33.76
N GLY G 101 -48.14 12.81 -34.05
CA GLY G 101 -48.04 11.90 -35.16
C GLY G 101 -47.13 12.43 -36.26
N THR G 102 -46.46 11.51 -36.95
CA THR G 102 -45.55 11.84 -38.03
C THR G 102 -45.82 10.94 -39.21
N LYS G 103 -46.15 11.53 -40.35
CA LYS G 103 -46.31 10.77 -41.56
C LYS G 103 -44.97 10.59 -42.24
N VAL G 104 -44.93 9.71 -43.22
CA VAL G 104 -43.81 9.57 -44.12
C VAL G 104 -44.34 9.43 -45.53
N ASP G 105 -43.68 10.06 -46.49
CA ASP G 105 -44.03 10.00 -47.90
C ASP G 105 -42.82 9.52 -48.68
N ILE G 106 -42.87 9.67 -50.00
CA ILE G 106 -41.67 9.61 -50.83
C ILE G 106 -41.74 10.80 -51.79
N VAL H 2 -49.65 48.29 19.29
CA VAL H 2 -49.81 49.12 18.12
C VAL H 2 -51.10 49.91 18.22
N GLN H 3 -51.13 51.08 17.59
CA GLN H 3 -52.30 51.96 17.57
C GLN H 3 -52.35 52.69 16.25
N LEU H 4 -53.57 52.97 15.79
CA LEU H 4 -53.78 53.72 14.56
C LEU H 4 -54.98 54.63 14.76
N VAL H 5 -54.83 55.92 14.46
CA VAL H 5 -55.88 56.90 14.64
C VAL H 5 -56.05 57.67 13.35
N GLU H 6 -57.24 57.67 12.80
CA GLU H 6 -57.50 58.30 11.51
C GLU H 6 -58.39 59.52 11.70
N SER H 7 -58.27 60.48 10.79
CA SER H 7 -59.04 61.70 10.91
C SER H 7 -59.23 62.34 9.55
N GLY H 8 -60.31 63.12 9.44
CA GLY H 8 -60.66 63.78 8.19
C GLY H 8 -61.99 63.36 7.60
N GLY H 9 -63.00 63.11 8.42
CA GLY H 9 -64.31 62.72 7.94
C GLY H 9 -65.31 63.86 7.99
N GLY H 10 -66.45 63.66 7.35
CA GLY H 10 -67.46 64.71 7.42
C GLY H 10 -68.41 64.65 6.24
N VAL H 11 -68.97 65.81 5.91
CA VAL H 11 -69.85 66.00 4.75
C VAL H 11 -69.19 66.98 3.80
N VAL H 12 -69.20 66.68 2.50
CA VAL H 12 -68.58 67.53 1.50
C VAL H 12 -69.56 67.80 0.36
N GLN H 13 -69.09 68.37 -0.73
CA GLN H 13 -69.86 68.51 -1.96
C GLN H 13 -69.19 67.74 -3.10
N PRO H 14 -69.90 67.39 -4.17
CA PRO H 14 -69.27 66.61 -5.23
C PRO H 14 -68.32 67.41 -6.11
N GLY H 15 -67.06 67.51 -5.70
CA GLY H 15 -66.11 68.41 -6.33
C GLY H 15 -65.33 69.30 -5.38
N THR H 16 -65.11 68.83 -4.15
CA THR H 16 -64.21 69.45 -3.19
C THR H 16 -63.08 68.48 -2.85
N SER H 17 -62.34 68.80 -1.78
CA SER H 17 -61.20 68.01 -1.33
C SER H 17 -61.33 67.74 0.16
N LEU H 18 -60.52 66.79 0.66
CA LEU H 18 -60.58 66.44 2.08
C LEU H 18 -59.30 65.75 2.54
N ARG H 19 -58.69 66.26 3.61
CA ARG H 19 -57.45 65.72 4.14
C ARG H 19 -57.72 64.44 4.89
N LEU H 20 -57.33 63.32 4.31
CA LEU H 20 -57.47 62.03 4.96
C LEU H 20 -56.14 61.66 5.58
N SER H 21 -56.05 61.75 6.90
CA SER H 21 -54.78 61.55 7.60
C SER H 21 -54.87 60.35 8.53
N CYS H 22 -53.76 59.62 8.62
CA CYS H 22 -53.66 58.41 9.43
C CYS H 22 -52.39 58.52 10.27
N ALA H 23 -52.56 58.60 11.60
CA ALA H 23 -51.47 58.74 12.54
C ALA H 23 -51.19 57.39 13.20
N ALA H 24 -49.91 57.06 13.30
CA ALA H 24 -49.48 55.78 13.85
C ALA H 24 -48.45 55.99 14.94
N SER H 25 -48.47 55.10 15.92
CA SER H 25 -47.48 55.08 16.99
C SER H 25 -47.26 53.62 17.35
N GLY H 26 -46.65 53.39 18.51
CA GLY H 26 -46.40 52.02 18.92
C GLY H 26 -45.22 51.47 18.16
N PHE H 27 -45.53 50.62 17.18
CA PHE H 27 -44.54 50.11 16.25
C PHE H 27 -43.91 51.24 15.45
N SER H 28 -42.71 50.98 14.94
CA SER H 28 -41.99 51.96 14.12
C SER H 28 -42.70 52.14 12.79
N PHE H 29 -43.03 53.40 12.47
CA PHE H 29 -43.85 53.67 11.29
C PHE H 29 -43.09 53.45 10.00
N SER H 30 -41.79 53.71 9.99
CA SER H 30 -40.97 53.32 8.87
C SER H 30 -40.74 51.82 8.91
N HIS H 31 -40.06 51.31 7.89
CA HIS H 31 -39.88 49.87 7.63
C HIS H 31 -41.21 49.15 7.46
N TYR H 32 -42.28 49.83 7.09
CA TYR H 32 -43.58 49.15 7.11
C TYR H 32 -44.49 49.73 6.06
N VAL H 33 -45.17 48.84 5.36
CA VAL H 33 -45.96 49.18 4.19
C VAL H 33 -47.42 49.35 4.61
N MET H 34 -48.00 50.51 4.28
CA MET H 34 -49.35 50.83 4.67
C MET H 34 -50.22 51.04 3.44
N TYR H 35 -51.54 51.05 3.67
CA TYR H 35 -52.53 51.16 2.59
C TYR H 35 -53.87 51.54 3.19
N TRP H 36 -54.83 51.86 2.31
CA TRP H 36 -56.18 52.24 2.72
C TRP H 36 -57.21 51.29 2.13
N VAL H 37 -58.37 51.25 2.76
CA VAL H 37 -59.45 50.36 2.36
C VAL H 37 -60.78 51.01 2.68
N ARG H 38 -61.65 51.09 1.67
CA ARG H 38 -62.97 51.68 1.79
C ARG H 38 -64.02 50.60 2.01
N GLN H 39 -65.20 51.03 2.43
CA GLN H 39 -66.37 50.17 2.52
C GLN H 39 -67.60 51.06 2.40
N ALA H 40 -68.36 50.88 1.32
CA ALA H 40 -69.63 51.59 1.22
C ALA H 40 -70.66 50.89 2.09
N PRO H 41 -71.44 51.64 2.89
CA PRO H 41 -72.30 51.02 3.91
C PRO H 41 -73.40 50.14 3.33
N GLY H 42 -73.25 48.84 3.52
CA GLY H 42 -74.10 47.86 2.87
C GLY H 42 -73.36 47.10 1.80
N LYS H 43 -72.05 46.98 1.93
CA LYS H 43 -71.24 46.24 0.98
C LYS H 43 -70.21 45.42 1.76
N GLY H 44 -69.19 44.94 1.05
CA GLY H 44 -68.16 44.15 1.66
C GLY H 44 -66.92 44.95 1.98
N LEU H 45 -65.78 44.60 1.39
CA LEU H 45 -64.54 45.31 1.63
C LEU H 45 -63.75 45.41 0.33
N ASP H 46 -63.07 46.54 0.15
CA ASP H 46 -62.28 46.78 -1.05
C ASP H 46 -61.30 47.93 -0.80
N TRP H 47 -60.13 47.81 -1.40
CA TRP H 47 -58.94 48.61 -1.14
C TRP H 47 -58.87 49.85 -2.02
N VAL H 48 -57.94 50.76 -1.67
CA VAL H 48 -57.83 52.03 -2.37
C VAL H 48 -56.44 52.23 -2.99
N ALA H 49 -55.40 52.32 -2.16
CA ALA H 49 -54.09 52.77 -2.63
C ALA H 49 -53.02 52.29 -1.66
N ILE H 50 -51.80 52.12 -2.18
CA ILE H 50 -50.68 51.58 -1.39
C ILE H 50 -49.47 52.52 -1.52
N ILE H 51 -48.66 52.55 -0.45
CA ILE H 51 -47.41 53.32 -0.39
C ILE H 51 -46.34 52.42 0.23
N SER H 52 -45.11 52.51 -0.30
CA SER H 52 -44.05 51.55 0.02
C SER H 52 -42.92 52.20 0.79
N PHE H 53 -43.12 52.41 2.10
CA PHE H 53 -42.15 52.80 3.12
C PHE H 53 -41.34 54.08 2.87
N ASP H 54 -41.54 54.71 1.71
CA ASP H 54 -41.09 56.03 1.26
C ASP H 54 -41.67 56.18 -0.14
N GLY H 55 -41.79 57.41 -0.60
CA GLY H 55 -42.47 57.57 -1.86
C GLY H 55 -41.56 57.29 -3.02
N SER H 56 -41.63 56.07 -3.52
CA SER H 56 -40.91 55.70 -4.72
C SER H 56 -41.83 54.87 -5.59
N SER H 57 -42.84 54.26 -4.97
CA SER H 57 -43.72 53.35 -5.68
C SER H 57 -45.10 53.35 -5.04
N GLN H 58 -46.09 53.92 -5.73
CA GLN H 58 -47.47 53.92 -5.25
C GLN H 58 -48.32 53.21 -6.30
N TYR H 59 -49.07 52.20 -5.87
CA TYR H 59 -50.03 51.54 -6.73
C TYR H 59 -51.42 52.03 -6.42
N TYR H 60 -52.30 51.99 -7.42
CA TYR H 60 -53.65 52.52 -7.28
C TYR H 60 -54.68 51.50 -7.73
N ALA H 61 -55.94 51.75 -7.39
CA ALA H 61 -57.03 50.87 -7.76
C ALA H 61 -57.80 51.46 -8.93
N ASP H 62 -58.92 50.85 -9.29
CA ASP H 62 -59.71 51.35 -10.38
C ASP H 62 -60.51 52.57 -9.96
N SER H 63 -60.68 53.50 -10.89
CA SER H 63 -61.54 54.68 -10.78
C SER H 63 -61.17 55.58 -9.60
N VAL H 64 -59.94 55.47 -9.10
CA VAL H 64 -59.44 56.35 -8.05
C VAL H 64 -58.06 56.84 -8.48
N LYS H 65 -57.57 56.30 -9.58
CA LYS H 65 -56.34 56.82 -10.16
C LYS H 65 -56.61 58.18 -10.78
N GLY H 66 -55.97 59.22 -10.24
CA GLY H 66 -56.10 60.56 -10.75
C GLY H 66 -56.89 61.49 -9.87
N ARG H 67 -57.47 61.01 -8.78
CA ARG H 67 -58.13 61.86 -7.81
C ARG H 67 -57.55 61.67 -6.42
N PHE H 68 -56.51 60.86 -6.30
CA PHE H 68 -56.03 60.35 -5.03
C PHE H 68 -54.51 60.37 -5.05
N THR H 69 -53.89 61.08 -4.12
CA THR H 69 -52.43 61.15 -4.03
C THR H 69 -52.01 60.75 -2.61
N ILE H 70 -51.69 59.48 -2.43
CA ILE H 70 -51.29 58.98 -1.12
C ILE H 70 -49.83 59.32 -0.89
N SER H 71 -49.50 59.81 0.30
CA SER H 71 -48.11 60.08 0.61
C SER H 71 -47.86 59.82 2.08
N ARG H 72 -46.70 59.26 2.38
CA ARG H 72 -46.27 59.10 3.75
C ARG H 72 -45.07 59.97 3.99
N ASP H 73 -44.77 60.20 5.28
CA ASP H 73 -43.61 61.00 5.66
C ASP H 73 -43.22 60.62 7.09
N ASN H 74 -42.17 59.78 7.20
CA ASN H 74 -41.76 59.20 8.46
C ASN H 74 -41.05 60.20 9.35
N SER H 75 -40.66 61.35 8.82
CA SER H 75 -40.15 62.44 9.65
C SER H 75 -41.26 63.18 10.37
N LYS H 76 -42.52 62.86 10.08
CA LYS H 76 -43.63 63.26 10.94
C LYS H 76 -44.66 62.15 11.09
N ASP H 77 -44.29 60.90 10.74
CA ASP H 77 -44.93 59.63 11.14
C ASP H 77 -46.44 59.55 10.89
N THR H 78 -46.90 60.01 9.74
CA THR H 78 -48.31 59.88 9.38
C THR H 78 -48.45 59.41 7.94
N LEU H 79 -49.69 59.37 7.48
CA LEU H 79 -50.10 58.85 6.18
C LEU H 79 -51.21 59.71 5.61
N TYR H 80 -51.23 59.91 4.29
CA TYR H 80 -52.28 60.73 3.69
C TYR H 80 -52.83 60.11 2.41
N LEU H 81 -54.13 60.28 2.18
CA LEU H 81 -54.77 59.96 0.91
C LEU H 81 -54.97 61.17 0.02
N GLN H 82 -55.37 62.29 0.62
CA GLN H 82 -55.67 63.54 -0.06
C GLN H 82 -56.73 63.33 -1.13
N MET H 83 -57.93 63.03 -0.66
CA MET H 83 -59.08 62.95 -1.55
C MET H 83 -59.32 64.30 -2.17
N HIS H 84 -59.49 64.32 -3.48
CA HIS H 84 -59.38 65.56 -4.22
C HIS H 84 -60.30 65.50 -5.43
N SER H 85 -61.23 66.46 -5.53
CA SER H 85 -62.18 66.61 -6.63
C SER H 85 -63.06 65.38 -6.76
N LEU H 86 -63.88 65.17 -5.75
CA LEU H 86 -64.47 63.87 -5.51
C LEU H 86 -65.69 63.62 -6.39
N ARG H 87 -66.33 62.48 -6.15
CA ARG H 87 -67.54 62.02 -6.79
C ARG H 87 -68.64 61.94 -5.74
N PRO H 88 -69.90 61.97 -6.15
CA PRO H 88 -70.95 61.64 -5.19
C PRO H 88 -71.28 60.16 -5.14
N GLU H 89 -70.28 59.30 -5.19
CA GLU H 89 -70.54 57.87 -5.09
C GLU H 89 -69.51 57.12 -4.28
N ASP H 90 -68.46 57.77 -3.81
CA ASP H 90 -67.49 57.14 -2.92
C ASP H 90 -67.66 57.63 -1.50
N THR H 91 -68.87 58.02 -1.14
CA THR H 91 -69.22 58.13 0.27
C THR H 91 -69.12 56.76 0.92
N ALA H 92 -68.35 56.67 1.98
CA ALA H 92 -67.96 55.37 2.51
C ALA H 92 -67.33 55.54 3.89
N VAL H 93 -66.77 54.45 4.39
CA VAL H 93 -65.89 54.49 5.54
C VAL H 93 -64.51 54.05 5.04
N TYR H 94 -63.46 54.60 5.67
CA TYR H 94 -62.08 54.40 5.22
C TYR H 94 -61.22 53.95 6.38
N TYR H 95 -60.32 53.00 6.12
CA TYR H 95 -59.43 52.43 7.13
C TYR H 95 -58.00 52.43 6.61
N CYS H 96 -57.04 52.84 7.44
CA CYS H 96 -55.64 52.66 7.11
C CYS H 96 -55.13 51.42 7.81
N ALA H 97 -54.49 50.53 7.04
CA ALA H 97 -54.01 49.27 7.56
C ALA H 97 -52.58 49.07 7.10
N ILE H 98 -51.93 48.04 7.63
CA ILE H 98 -50.51 47.81 7.45
C ILE H 98 -50.30 46.49 6.72
N HIS H 99 -49.60 46.56 5.60
CA HIS H 99 -49.26 45.36 4.83
C HIS H 99 -48.19 44.56 5.53
N GLY H 100 -47.05 45.18 5.81
CA GLY H 100 -46.09 44.58 6.72
C GLY H 100 -44.77 44.17 6.12
N GLY H 101 -43.69 44.42 6.87
CA GLY H 101 -42.40 43.84 6.60
C GLY H 101 -41.60 44.53 5.53
N THR H 102 -40.33 44.80 5.80
CA THR H 102 -39.40 45.24 4.76
C THR H 102 -38.09 44.49 4.76
N TYR H 103 -37.52 44.23 5.94
CA TYR H 103 -36.26 43.52 6.11
C TYR H 103 -36.55 42.11 6.61
N TYR H 104 -35.51 41.39 6.97
CA TYR H 104 -35.73 40.07 7.52
C TYR H 104 -36.10 40.10 9.00
N TYR H 105 -35.71 41.15 9.72
CA TYR H 105 -35.89 41.19 11.17
C TYR H 105 -37.14 41.93 11.58
N ASP H 106 -38.12 42.03 10.70
CA ASP H 106 -39.19 43.00 10.87
C ASP H 106 -40.41 42.48 11.61
N LYS H 107 -40.48 41.17 11.90
CA LYS H 107 -41.51 40.48 12.67
C LYS H 107 -42.94 40.88 12.31
N ASN H 108 -43.42 40.45 11.14
CA ASN H 108 -44.68 40.91 10.56
C ASN H 108 -45.91 40.72 11.46
N ILE H 109 -46.49 41.85 11.84
CA ILE H 109 -47.75 41.89 12.57
C ILE H 109 -48.66 42.83 11.80
N LEU H 110 -49.96 42.58 11.90
CA LEU H 110 -50.95 43.37 11.19
C LEU H 110 -51.91 44.01 12.16
N ALA H 111 -52.46 45.14 11.73
CA ALA H 111 -53.34 45.93 12.58
C ALA H 111 -54.18 46.81 11.69
N TRP H 112 -55.34 47.21 12.20
CA TRP H 112 -56.27 48.03 11.44
C TRP H 112 -56.67 49.23 12.26
N GLY H 113 -57.21 50.23 11.59
CA GLY H 113 -57.71 51.41 12.28
C GLY H 113 -59.06 51.18 12.91
N GLN H 114 -59.93 52.19 12.84
CA GLN H 114 -61.31 52.01 13.28
C GLN H 114 -62.29 52.82 12.42
N GLY H 115 -61.84 53.42 11.34
CA GLY H 115 -62.76 53.95 10.36
C GLY H 115 -62.84 55.47 10.37
N THR H 116 -63.08 56.03 9.20
CA THR H 116 -63.32 57.45 9.01
C THR H 116 -64.43 57.60 7.98
N LEU H 117 -65.50 58.29 8.35
CA LEU H 117 -66.70 58.34 7.52
C LEU H 117 -66.71 59.60 6.68
N VAL H 118 -66.88 59.43 5.37
CA VAL H 118 -67.02 60.58 4.48
C VAL H 118 -68.33 60.45 3.71
N THR H 119 -69.04 61.58 3.60
CA THR H 119 -70.33 61.64 2.94
C THR H 119 -70.35 62.80 1.97
N VAL H 120 -71.17 62.68 0.92
CA VAL H 120 -71.29 63.68 -0.14
C VAL H 120 -72.65 64.37 -0.11
N SER H 121 -72.88 65.32 -1.01
CA SER H 121 -74.21 65.90 -1.18
C SER H 121 -74.70 65.73 -2.60
N ILE I 2 -55.77 37.54 -9.67
CA ILE I 2 -55.76 36.90 -8.36
C ILE I 2 -56.93 37.43 -7.51
N ARG I 3 -58.05 36.73 -7.59
CA ARG I 3 -59.29 37.14 -6.94
C ARG I 3 -59.76 36.07 -5.98
N MET I 4 -60.06 36.47 -4.75
CA MET I 4 -60.58 35.52 -3.78
C MET I 4 -62.06 35.30 -4.01
N THR I 5 -62.57 34.23 -3.41
CA THR I 5 -64.00 33.92 -3.45
C THR I 5 -64.34 33.04 -2.26
N GLN I 6 -65.53 33.25 -1.69
CA GLN I 6 -66.05 32.41 -0.62
C GLN I 6 -67.40 31.88 -1.09
N SER I 7 -67.40 30.64 -1.53
CA SER I 7 -68.55 29.99 -2.18
C SER I 7 -69.70 29.52 -1.27
N PRO I 8 -69.50 29.04 -0.04
CA PRO I 8 -70.67 28.76 0.81
C PRO I 8 -71.41 30.03 1.18
N PRO I 9 -72.71 30.09 0.92
CA PRO I 9 -73.51 31.26 1.31
C PRO I 9 -73.91 31.20 2.77
N THR I 10 -74.89 32.01 3.15
CA THR I 10 -75.41 32.07 4.52
C THR I 10 -75.82 30.69 5.03
N LEU I 11 -75.57 30.46 6.31
CA LEU I 11 -75.83 29.20 6.98
C LEU I 11 -76.68 29.46 8.22
N SER I 12 -77.24 28.39 8.78
CA SER I 12 -78.16 28.49 9.92
C SER I 12 -77.77 27.50 11.01
N LEU I 13 -76.52 27.58 11.42
CA LEU I 13 -75.99 26.69 12.46
C LEU I 13 -76.28 27.25 13.84
N SER I 14 -76.93 26.44 14.68
CA SER I 14 -77.26 26.85 16.04
C SER I 14 -76.01 27.22 16.83
N PRO I 15 -76.20 27.73 18.04
CA PRO I 15 -75.07 28.11 18.89
C PRO I 15 -74.07 26.98 19.05
N GLY I 16 -74.53 25.74 18.87
CA GLY I 16 -73.68 24.57 18.98
C GLY I 16 -73.20 24.08 17.63
N GLU I 17 -72.83 22.80 17.56
CA GLU I 17 -72.35 22.21 16.32
C GLU I 17 -71.06 22.87 15.86
N ARG I 18 -70.61 22.51 14.66
CA ARG I 18 -69.38 23.07 14.10
C ARG I 18 -69.62 23.66 12.72
N ALA I 19 -68.87 24.70 12.39
CA ALA I 19 -68.99 25.35 11.09
C ALA I 19 -67.67 25.37 10.36
N THR I 20 -67.72 25.18 9.04
CA THR I 20 -66.51 25.05 8.23
C THR I 20 -66.65 25.91 6.98
N LEU I 21 -65.76 26.88 6.83
CA LEU I 21 -65.88 27.92 5.82
C LEU I 21 -64.69 27.88 4.89
N SER I 22 -64.95 27.92 3.60
CA SER I 22 -63.95 27.66 2.57
C SER I 22 -63.64 28.92 1.76
N CYS I 23 -62.36 29.11 1.46
CA CYS I 23 -61.89 30.25 0.69
C CYS I 23 -60.94 29.74 -0.38
N ARG I 24 -61.18 30.12 -1.62
CA ARG I 24 -60.35 29.71 -2.74
C ARG I 24 -59.37 30.82 -3.10
N ALA I 25 -58.70 30.68 -4.24
CA ALA I 25 -57.86 31.71 -4.81
C ALA I 25 -57.72 31.44 -6.29
N SER I 26 -57.46 32.51 -7.06
CA SER I 26 -57.32 32.35 -8.50
C SER I 26 -56.00 31.70 -8.89
N GLN I 27 -54.99 31.77 -8.05
CA GLN I 27 -53.73 31.09 -8.31
C GLN I 27 -53.11 30.68 -6.98
N SER I 28 -51.88 30.17 -7.03
CA SER I 28 -51.24 29.55 -5.87
C SER I 28 -50.85 30.60 -4.84
N VAL I 29 -51.46 30.51 -3.66
CA VAL I 29 -51.13 31.34 -2.51
C VAL I 29 -50.81 30.40 -1.36
N THR I 30 -49.67 30.60 -0.70
CA THR I 30 -49.27 29.72 0.38
C THR I 30 -49.05 30.54 1.65
N ASN I 31 -49.60 30.04 2.76
CA ASN I 31 -49.51 30.53 4.13
C ASN I 31 -49.60 32.04 4.25
N TYR I 32 -50.52 32.64 3.49
CA TYR I 32 -50.61 34.08 3.38
C TYR I 32 -52.01 34.63 3.62
N LEU I 33 -52.92 33.84 4.18
CA LEU I 33 -54.27 34.32 4.38
C LEU I 33 -54.51 34.75 5.82
N VAL I 34 -55.51 35.60 5.98
CA VAL I 34 -55.92 36.13 7.27
C VAL I 34 -57.44 36.23 7.27
N TRP I 35 -58.04 35.92 8.42
CA TRP I 35 -59.49 35.87 8.54
C TRP I 35 -59.98 37.05 9.36
N TYR I 36 -61.11 37.62 8.94
CA TYR I 36 -61.73 38.73 9.64
C TYR I 36 -63.18 38.38 9.97
N GLN I 37 -63.64 38.83 11.14
CA GLN I 37 -65.01 38.63 11.59
C GLN I 37 -65.64 39.98 11.86
N GLN I 38 -66.51 40.42 10.96
CA GLN I 38 -67.12 41.73 11.05
C GLN I 38 -68.56 41.59 11.50
N LYS I 39 -68.85 42.15 12.68
CA LYS I 39 -70.17 42.25 13.25
C LYS I 39 -71.01 43.24 12.45
N PRO I 40 -72.32 43.38 12.75
CA PRO I 40 -73.04 44.53 12.20
C PRO I 40 -72.55 45.85 12.76
N GLY I 41 -71.79 46.58 11.95
CA GLY I 41 -71.39 47.94 12.29
C GLY I 41 -70.22 48.08 13.24
N GLN I 42 -69.18 47.28 13.07
CA GLN I 42 -67.97 47.38 13.88
C GLN I 42 -66.76 47.34 12.97
N ALA I 43 -65.61 47.40 13.55
CA ALA I 43 -64.39 47.25 12.77
C ALA I 43 -64.11 45.78 12.54
N PRO I 44 -63.65 45.39 11.33
CA PRO I 44 -63.38 43.98 11.07
C PRO I 44 -62.19 43.45 11.85
N ARG I 45 -62.47 42.67 12.88
CA ARG I 45 -61.43 42.15 13.75
C ARG I 45 -60.74 40.96 13.09
N LEU I 46 -59.41 40.98 13.06
CA LEU I 46 -58.67 39.90 12.43
C LEU I 46 -58.65 38.67 13.32
N LEU I 47 -58.48 37.50 12.69
CA LEU I 47 -58.53 36.25 13.43
C LEU I 47 -57.21 35.51 13.42
N ILE I 48 -56.65 35.19 12.24
CA ILE I 48 -55.66 34.14 12.11
C ILE I 48 -54.47 34.67 11.32
N TYR I 49 -53.27 34.58 11.92
CA TYR I 49 -52.03 34.85 11.21
C TYR I 49 -51.73 33.69 10.26
N ASP I 50 -51.76 33.96 8.95
CA ASP I 50 -51.00 33.20 7.96
C ASP I 50 -51.38 31.73 7.87
N THR I 51 -52.68 31.47 7.91
CA THR I 51 -53.20 30.12 7.78
C THR I 51 -53.08 29.16 8.95
N PHE I 52 -52.32 29.49 9.99
CA PHE I 52 -52.18 28.52 11.09
C PHE I 52 -52.26 28.98 12.53
N ASN I 53 -51.79 30.17 12.84
CA ASN I 53 -51.83 30.63 14.21
C ASN I 53 -52.71 31.84 14.40
N ARG I 54 -53.68 31.76 15.30
CA ARG I 54 -54.54 32.91 15.51
C ARG I 54 -53.83 33.93 16.39
N ALA I 55 -54.31 35.16 16.32
CA ALA I 55 -53.68 36.23 17.07
C ALA I 55 -54.18 36.23 18.51
N THR I 56 -53.73 37.22 19.28
CA THR I 56 -54.05 37.30 20.70
C THR I 56 -55.49 37.73 20.90
N GLY I 57 -56.14 37.19 21.93
CA GLY I 57 -57.52 37.50 22.20
C GLY I 57 -58.52 36.72 21.39
N ILE I 58 -58.08 35.68 20.68
CA ILE I 58 -58.96 34.81 19.92
C ILE I 58 -58.81 33.41 20.52
N PRO I 59 -59.90 32.77 20.92
CA PRO I 59 -59.77 31.49 21.66
C PRO I 59 -59.35 30.31 20.80
N ALA I 60 -59.32 29.13 21.41
CA ALA I 60 -58.82 27.95 20.72
C ALA I 60 -59.84 27.30 19.82
N ARG I 61 -61.13 27.60 20.00
CA ARG I 61 -62.17 27.01 19.17
C ARG I 61 -62.13 27.53 17.75
N PHE I 62 -61.51 28.68 17.53
CA PHE I 62 -61.21 29.16 16.20
C PHE I 62 -59.98 28.42 15.69
N SER I 63 -60.10 27.78 14.54
CA SER I 63 -58.93 27.13 13.96
C SER I 63 -58.86 27.45 12.48
N GLY I 64 -57.64 27.57 11.98
CA GLY I 64 -57.45 27.88 10.58
C GLY I 64 -56.47 26.97 9.89
N SER I 65 -56.87 26.40 8.76
CA SER I 65 -56.05 25.41 8.09
C SER I 65 -56.33 25.48 6.60
N GLY I 66 -55.92 24.46 5.87
CA GLY I 66 -56.02 24.48 4.44
C GLY I 66 -54.71 24.89 3.79
N SER I 67 -54.56 24.53 2.51
CA SER I 67 -53.31 24.76 1.82
C SER I 67 -53.57 24.76 0.33
N GLY I 68 -52.49 24.87 -0.44
CA GLY I 68 -52.58 24.87 -1.88
C GLY I 68 -53.29 26.12 -2.36
N THR I 69 -54.54 25.94 -2.78
CA THR I 69 -55.40 27.06 -3.14
C THR I 69 -56.74 27.00 -2.42
N ASP I 70 -56.90 26.09 -1.46
CA ASP I 70 -58.17 25.91 -0.78
C ASP I 70 -57.93 25.95 0.72
N PHE I 71 -58.64 26.84 1.41
CA PHE I 71 -58.34 27.17 2.79
C PHE I 71 -59.63 27.08 3.58
N THR I 72 -59.51 26.84 4.87
CA THR I 72 -60.70 26.56 5.67
C THR I 72 -60.55 27.11 7.08
N LEU I 73 -61.62 27.76 7.54
CA LEU I 73 -61.75 28.20 8.90
C LEU I 73 -62.81 27.37 9.59
N THR I 74 -62.51 26.91 10.81
CA THR I 74 -63.42 26.03 11.51
C THR I 74 -63.76 26.60 12.87
N ILE I 75 -65.05 26.61 13.17
CA ILE I 75 -65.55 26.89 14.50
C ILE I 75 -65.94 25.56 15.11
N SER I 76 -65.29 25.18 16.20
CA SER I 76 -65.57 23.91 16.87
C SER I 76 -66.91 23.97 17.61
N SER I 77 -67.00 24.90 18.54
CA SER I 77 -68.20 25.12 19.35
C SER I 77 -68.13 26.52 19.95
N LEU I 78 -68.12 27.53 19.09
CA LEU I 78 -68.03 28.94 19.49
C LEU I 78 -68.81 29.29 20.75
N GLU I 79 -70.02 29.84 20.60
CA GLU I 79 -70.84 30.24 21.76
C GLU I 79 -72.21 30.72 21.32
N PRO I 80 -72.90 31.53 22.13
CA PRO I 80 -74.22 31.97 21.67
C PRO I 80 -74.23 33.39 21.10
N GLU I 81 -73.17 33.78 20.41
CA GLU I 81 -73.10 35.12 19.81
C GLU I 81 -72.33 35.16 18.50
N ASP I 82 -71.43 34.23 18.23
CA ASP I 82 -70.38 34.42 17.22
C ASP I 82 -70.91 34.28 15.80
N PHE I 83 -71.83 35.18 15.46
CA PHE I 83 -72.53 35.16 14.18
C PHE I 83 -72.32 36.51 13.52
N ALA I 84 -71.59 36.52 12.41
CA ALA I 84 -71.19 37.76 11.77
C ALA I 84 -70.82 37.42 10.34
N VAL I 85 -70.11 38.31 9.68
CA VAL I 85 -69.62 37.99 8.35
C VAL I 85 -68.14 37.72 8.46
N TYR I 86 -67.63 36.86 7.58
CA TYR I 86 -66.25 36.44 7.63
C TYR I 86 -65.57 36.71 6.30
N TYR I 87 -64.31 37.11 6.36
CA TYR I 87 -63.57 37.48 5.16
C TYR I 87 -62.20 36.80 5.17
N CYS I 88 -61.73 36.41 3.98
CA CYS I 88 -60.39 35.87 3.80
C CYS I 88 -59.59 36.84 2.94
N GLN I 89 -58.39 37.17 3.41
CA GLN I 89 -57.53 38.10 2.69
C GLN I 89 -56.14 37.51 2.51
N GLN I 90 -55.51 37.85 1.39
CA GLN I 90 -54.19 37.37 1.06
C GLN I 90 -53.16 38.50 1.15
N ARG I 91 -51.97 38.17 1.62
CA ARG I 91 -50.85 39.11 1.60
C ARG I 91 -49.70 38.60 0.74
N SER I 92 -50.00 37.97 -0.38
CA SER I 92 -48.94 37.48 -1.25
C SER I 92 -48.25 38.61 -1.98
N ASN I 93 -49.01 39.48 -2.62
CA ASN I 93 -48.47 40.49 -3.51
C ASN I 93 -49.35 41.73 -3.31
N TRP I 94 -49.40 42.59 -4.32
CA TRP I 94 -50.19 43.82 -4.18
C TRP I 94 -51.46 43.88 -5.04
N PRO I 95 -52.60 44.18 -4.43
CA PRO I 95 -52.67 44.42 -2.98
C PRO I 95 -53.47 43.30 -2.32
N PRO I 96 -53.90 43.49 -1.08
CA PRO I 96 -54.67 42.44 -0.38
C PRO I 96 -56.18 42.42 -0.71
N THR I 97 -56.61 41.49 -1.56
CA THR I 97 -58.02 41.35 -1.92
C THR I 97 -58.78 40.56 -0.85
N PHE I 98 -60.02 41.00 -0.57
CA PHE I 98 -60.80 40.47 0.53
C PHE I 98 -61.86 39.45 0.15
N GLY I 99 -62.22 39.35 -1.13
CA GLY I 99 -63.17 38.34 -1.53
C GLY I 99 -64.62 38.77 -1.50
N GLN I 100 -65.50 37.90 -1.00
CA GLN I 100 -66.94 38.16 -1.03
C GLN I 100 -67.54 38.24 0.37
N GLY I 101 -67.40 37.21 1.18
CA GLY I 101 -67.95 37.21 2.51
C GLY I 101 -69.06 36.19 2.67
N THR I 102 -69.17 35.64 3.87
CA THR I 102 -70.19 34.65 4.20
C THR I 102 -70.84 35.00 5.52
N LYS I 103 -72.15 35.20 5.50
CA LYS I 103 -72.88 35.44 6.73
C LYS I 103 -73.25 34.11 7.34
N VAL I 104 -73.71 34.17 8.59
CA VAL I 104 -74.33 33.04 9.26
C VAL I 104 -75.56 33.54 9.99
N ASP I 105 -76.62 32.75 9.96
CA ASP I 105 -77.88 33.07 10.65
C ASP I 105 -78.22 31.91 11.57
N ILE I 106 -79.45 31.89 12.06
CA ILE I 106 -80.04 30.69 12.64
C ILE I 106 -81.44 30.55 12.05
C1 NAG J . 15.49 1.16 -46.37
C2 NAG J . 16.36 0.00 -46.81
C3 NAG J . 17.81 0.46 -46.99
C4 NAG J . 17.87 1.65 -47.92
C5 NAG J . 16.92 2.74 -47.42
C6 NAG J . 16.81 3.91 -48.35
C7 NAG J . 16.54 -2.37 -46.19
C8 NAG J . 16.40 -3.36 -45.09
N2 NAG J . 16.27 -1.10 -45.86
O3 NAG J . 18.59 -0.61 -47.50
O4 NAG J . 19.19 2.19 -47.96
O5 NAG J . 15.59 2.21 -47.28
O6 NAG J . 15.64 4.67 -48.09
O7 NAG J . 16.87 -2.69 -47.32
C1 NAG J . 19.91 1.73 -49.12
C2 NAG J . 20.64 2.90 -49.74
C3 NAG J . 21.46 2.44 -50.94
C4 NAG J . 22.42 1.35 -50.51
C5 NAG J . 21.65 0.21 -49.86
C6 NAG J . 22.55 -0.88 -49.30
C7 NAG J . 19.78 5.19 -49.62
C8 NAG J . 18.76 6.17 -50.14
N2 NAG J . 19.73 3.96 -50.13
O3 NAG J . 22.17 3.53 -51.50
O4 NAG J . 23.15 0.85 -51.63
O5 NAG J . 20.86 0.70 -48.75
O6 NAG J . 22.24 -2.15 -49.86
O7 NAG J . 20.59 5.50 -48.76
C1 NAG K . -1.14 14.03 -61.77
C2 NAG K . -0.62 14.00 -60.34
C3 NAG K . 0.20 15.26 -60.05
C4 NAG K . 1.32 15.43 -61.08
C5 NAG K . 0.73 15.40 -62.49
C6 NAG K . 1.76 15.38 -63.59
C7 NAG K . -2.14 12.71 -58.91
C8 NAG K . -3.27 12.77 -57.94
N2 NAG K . -1.71 13.88 -59.39
O3 NAG K . 0.77 15.15 -58.75
O4 NAG K . 1.98 16.66 -60.81
O5 NAG K . -0.05 14.21 -62.67
O6 NAG K . 2.09 14.04 -63.94
O7 NAG K . -1.64 11.65 -59.27
C1 NAG K . 3.41 16.48 -60.58
C2 NAG K . 4.10 17.81 -60.91
C3 NAG K . 5.62 17.66 -60.73
C4 NAG K . 5.95 17.12 -59.34
C5 NAG K . 5.15 15.85 -59.05
C6 NAG K . 5.32 15.38 -57.63
C7 NAG K . 2.80 19.10 -62.53
C8 NAG K . 2.61 19.43 -63.98
N2 NAG K . 3.78 18.24 -62.26
O3 NAG K . 6.25 18.91 -60.94
O4 NAG K . 7.33 16.84 -59.25
O5 NAG K . 3.75 16.08 -59.23
O6 NAG K . 4.73 16.32 -56.73
O7 NAG K . 2.11 19.59 -61.65
C1 NAG L . 65.10 -0.67 32.61
C2 NAG L . 66.46 -0.09 32.99
C3 NAG L . 66.29 0.99 34.06
C4 NAG L . 65.30 2.05 33.60
C5 NAG L . 64.00 1.38 33.19
C6 NAG L . 63.01 2.35 32.57
C7 NAG L . 68.41 -1.55 32.74
C8 NAG L . 69.24 -2.63 33.36
N2 NAG L . 67.36 -1.13 33.45
O3 NAG L . 67.55 1.59 34.32
O4 NAG L . 65.04 2.94 34.68
O5 NAG L . 64.24 0.38 32.19
O6 NAG L . 61.74 1.77 32.42
O7 NAG L . 68.68 -1.08 31.64
C1 NAG L . 65.11 4.33 34.30
C2 NAG L . 64.26 5.17 35.27
C3 NAG L . 64.41 6.66 34.96
C4 NAG L . 65.86 7.06 34.82
C5 NAG L . 66.61 6.12 33.88
C6 NAG L . 68.09 6.38 33.85
C7 NAG L . 62.16 4.44 36.31
C8 NAG L . 60.72 4.08 36.08
N2 NAG L . 62.86 4.78 35.23
O3 NAG L . 63.81 7.39 36.02
O4 NAG L . 65.94 8.39 34.29
O5 NAG L . 66.44 4.77 34.34
O6 NAG L . 68.71 5.81 34.99
O7 NAG L . 62.67 4.40 37.43
C1 NAG M . 48.50 7.10 45.56
C2 NAG M . 49.14 7.72 46.78
C3 NAG M . 48.37 8.95 47.22
C4 NAG M . 48.19 9.93 46.06
C5 NAG M . 47.66 9.22 44.81
C6 NAG M . 47.71 10.08 43.58
C7 NAG M . 50.36 6.57 48.57
C8 NAG M . 50.28 5.55 49.66
N2 NAG M . 49.23 6.76 47.87
O3 NAG M . 49.05 9.58 48.28
O4 NAG M . 47.23 10.88 46.47
O5 NAG M . 48.44 8.05 44.52
O6 NAG M . 46.58 9.88 42.75
O7 NAG M . 51.39 7.18 48.31
C1 NAG M . 47.48 12.29 46.19
C2 NAG M . 46.59 13.08 47.16
C3 NAG M . 46.73 14.58 46.92
C4 NAG M . 48.20 14.98 47.01
C5 NAG M . 49.06 14.10 46.08
C6 NAG M . 50.54 14.35 46.25
C7 NAG M . 44.28 12.66 46.18
C8 NAG M . 44.72 13.20 44.84
N2 NAG M . 45.19 12.65 47.18
O3 NAG M . 45.97 15.30 47.88
O4 NAG M . 48.35 16.34 46.62
O5 NAG M . 48.84 12.70 46.36
O6 NAG M . 50.89 14.35 47.63
O7 NAG M . 43.14 12.27 46.36
C1 NAG N . 71.17 -7.94 15.62
C2 NAG N . 70.90 -6.48 15.89
C3 NAG N . 70.43 -5.80 14.59
C4 NAG N . 71.31 -6.16 13.39
C5 NAG N . 71.72 -7.63 13.38
C6 NAG N . 72.82 -7.94 12.38
C7 NAG N . 70.10 -5.79 18.12
C8 NAG N . 68.93 -5.75 19.04
N2 NAG N . 69.88 -6.34 16.92
O3 NAG N . 70.43 -4.39 14.80
O4 NAG N . 70.55 -5.93 12.21
O5 NAG N . 72.17 -8.06 14.67
O6 NAG N . 73.66 -6.82 12.16
O7 NAG N . 71.20 -5.35 18.44
C1 NAG N . 71.17 -5.04 11.27
C2 NAG N . 70.37 -5.03 9.96
C3 NAG N . 70.94 -4.00 8.97
C4 NAG N . 71.05 -2.64 9.64
C5 NAG N . 71.83 -2.74 10.93
C6 NAG N . 71.84 -1.43 11.70
C7 NAG N . 71.12 -7.18 8.85
C8 NAG N . 72.57 -6.76 8.91
N2 NAG N . 70.20 -6.35 9.35
O3 NAG N . 70.09 -3.91 7.84
O4 NAG N . 71.67 -1.72 8.75
O5 NAG N . 71.24 -3.71 11.81
O6 NAG N . 70.61 -1.25 12.38
O7 NAG N . 70.80 -8.26 8.36
C1 NAG O . 81.77 -12.50 28.13
C2 NAG O . 82.77 -11.39 27.86
C3 NAG O . 84.06 -11.67 28.61
C4 NAG O . 83.78 -11.91 30.10
C5 NAG O . 82.63 -12.90 30.30
C6 NAG O . 82.13 -12.93 31.72
C7 NAG O . 82.60 -10.25 25.69
C8 NAG O . 82.96 -10.29 24.23
N2 NAG O . 83.04 -11.27 26.43
O3 NAG O . 84.95 -10.56 28.46
O4 NAG O . 84.95 -12.48 30.66
O5 NAG O . 81.50 -12.54 29.49
O6 NAG O . 82.25 -14.22 32.30
O7 NAG O . 81.93 -9.34 26.16
C1 NAG O . 85.34 -11.91 31.94
C2 NAG O . 86.71 -12.48 32.29
C3 NAG O . 87.19 -11.89 33.61
C4 NAG O . 87.16 -10.38 33.56
C5 NAG O . 85.79 -9.88 33.10
C6 NAG O . 85.76 -8.38 32.85
C7 NAG O . 85.99 -14.68 33.18
C8 NAG O . 86.15 -16.15 33.05
N2 NAG O . 86.71 -13.93 32.33
O3 NAG O . 88.52 -12.34 33.86
O4 NAG O . 87.43 -9.84 34.85
O5 NAG O . 85.41 -10.50 31.87
O6 NAG O . 86.18 -8.08 31.53
O7 NAG O . 85.24 -14.18 34.02
C1 NAG P . 84.63 -31.00 19.02
C2 NAG P . 85.29 -30.76 17.68
C3 NAG P . 85.59 -32.09 17.00
C4 NAG P . 86.46 -32.94 17.89
C5 NAG P . 85.75 -33.14 19.22
C6 NAG P . 86.58 -33.93 20.22
C7 NAG P . 84.91 -28.77 16.33
C8 NAG P . 83.95 -28.01 15.45
N2 NAG P . 84.47 -29.92 16.83
O3 NAG P . 86.24 -31.84 15.75
O4 NAG P . 86.68 -34.21 17.27
O5 NAG P . 85.46 -31.87 19.82
O6 NAG P . 87.48 -33.09 20.92
O7 NAG P . 86.03 -28.34 16.57
C1 NAG P . 88.01 -34.28 16.74
C2 NAG P . 88.27 -35.73 16.37
C3 NAG P . 89.65 -35.89 15.77
C4 NAG P . 89.82 -34.93 14.59
C5 NAG P . 89.48 -33.51 15.00
C6 NAG P . 89.49 -32.54 13.84
C7 NAG P . 86.96 -37.22 17.80
C8 NAG P . 86.95 -38.07 19.03
N2 NAG P . 88.11 -36.60 17.53
O3 NAG P . 89.82 -37.23 15.34
O4 NAG P . 91.17 -34.97 14.13
O5 NAG P . 88.17 -33.45 15.57
O6 NAG P . 88.39 -32.77 12.95
O7 NAG P . 85.98 -37.10 17.08
C1 NAG Q . -36.78 -37.67 9.67
C2 NAG Q . -36.65 -38.08 11.12
C3 NAG Q . -36.19 -39.54 11.21
C4 NAG Q . -37.13 -40.43 10.41
C5 NAG Q . -37.24 -39.90 8.98
C6 NAG Q . -38.25 -40.63 8.15
C7 NAG Q . -35.73 -37.04 13.14
C8 NAG Q . -34.70 -36.11 13.69
N2 NAG Q . -35.71 -37.22 11.82
O3 NAG Q . -36.17 -39.95 12.57
O4 NAG Q . -36.63 -41.76 10.36
O5 NAG Q . -37.66 -38.53 9.01
O6 NAG Q . -38.64 -39.86 7.02
O7 NAG Q . -36.55 -37.61 13.86
C1 NAG Q . -37.27 -42.61 11.33
C2 NAG Q . -37.64 -43.93 10.67
C3 NAG Q . -38.27 -44.87 11.69
C4 NAG Q . -37.31 -45.07 12.86
C5 NAG Q . -36.96 -43.71 13.46
C6 NAG Q . -35.94 -43.81 14.56
C7 NAG Q . -38.18 -44.10 8.29
C8 NAG Q . -39.21 -43.84 7.23
N2 NAG Q . -38.52 -43.74 9.53
O3 NAG Q . -38.56 -46.12 11.07
O4 NAG Q . -37.92 -45.89 13.85
O5 NAG Q . -36.40 -42.85 12.46
O6 NAG Q . -36.42 -43.25 15.78
O7 NAG Q . -37.09 -44.58 8.02
C1 NAG R . -49.32 -14.75 -5.21
C2 NAG R . -48.19 -15.76 -5.17
C3 NAG R . -47.90 -16.30 -6.57
C4 NAG R . -49.17 -16.86 -7.20
C5 NAG R . -50.27 -15.80 -7.17
C6 NAG R . -51.62 -16.31 -7.62
C7 NAG R . -46.69 -15.26 -3.29
C8 NAG R . -45.40 -14.61 -2.87
N2 NAG R . -46.98 -15.17 -4.60
O3 NAG R . -46.92 -17.32 -6.48
O4 NAG R . -48.86 -17.25 -8.54
O5 NAG R . -50.45 -15.34 -5.83
O6 NAG R . -52.37 -16.80 -6.51
O7 NAG R . -47.41 -15.83 -2.49
C1 NAG R . -49.16 -18.65 -8.79
C2 NAG R . -49.37 -18.83 -10.29
C3 NAG R . -49.74 -20.27 -10.61
C4 NAG R . -48.69 -21.22 -10.04
C5 NAG R . -48.46 -20.94 -8.55
C6 NAG R . -47.32 -21.74 -7.99
C7 NAG R . -50.14 -16.73 -11.31
C8 NAG R . -51.33 -15.92 -11.75
N2 NAG R . -50.41 -17.92 -10.77
O3 NAG R . -49.84 -20.45 -12.01
O4 NAG R . -49.14 -22.57 -10.19
O5 NAG R . -48.12 -19.56 -8.36
O6 NAG R . -46.09 -21.34 -8.56
O7 NAG R . -48.99 -16.32 -11.45
C1 NAG S . 43.74 -55.72 39.54
C2 NAG S . 44.35 -55.71 40.94
C3 NAG S . 44.82 -57.11 41.32
C4 NAG S . 43.68 -58.11 41.16
C5 NAG S . 43.06 -57.99 39.78
C6 NAG S . 41.82 -58.84 39.63
C7 NAG S . 45.46 -53.75 41.89
C8 NAG S . 46.64 -52.82 41.79
N2 NAG S . 45.44 -54.75 41.00
O3 NAG S . 45.30 -57.09 42.65
O4 NAG S . 44.19 -59.43 41.32
O5 NAG S . 42.66 -56.64 39.52
O6 NAG S . 41.50 -59.06 38.27
O7 NAG S . 44.57 -53.59 42.72
C1 NAG S . 43.69 -60.03 42.52
C2 NAG S . 43.72 -61.57 42.39
C3 NAG S . 43.28 -62.22 43.70
C4 NAG S . 44.10 -61.69 44.87
C5 NAG S . 44.00 -60.16 44.89
C6 NAG S . 44.81 -59.52 45.99
C7 NAG S . 43.33 -62.32 40.08
C8 NAG S . 42.30 -62.76 39.08
N2 NAG S . 42.87 -62.00 41.30
O3 NAG S . 43.43 -63.64 43.60
O4 NAG S . 43.61 -62.20 46.10
O5 NAG S . 44.50 -59.64 43.65
O6 NAG S . 44.28 -58.26 46.34
O7 NAG S . 44.52 -62.26 39.81
C1 NAG T . 58.43 -43.71 12.35
C2 NAG T . 59.15 -44.96 11.93
C3 NAG T . 60.06 -44.64 10.76
C4 NAG T . 59.21 -44.16 9.60
C5 NAG T . 58.34 -42.98 10.02
C6 NAG T . 57.28 -42.64 9.00
C7 NAG T . 60.94 -45.09 13.63
C8 NAG T . 61.51 -45.92 14.74
N2 NAG T . 59.88 -45.60 13.02
O3 NAG T . 60.81 -45.78 10.36
O4 NAG T . 60.07 -43.76 8.53
O5 NAG T . 57.64 -43.22 11.25
O6 NAG T . 56.76 -41.33 9.18
O7 NAG T . 61.43 -44.00 13.32
C1 NAG T . 59.80 -44.48 7.30
C2 NAG T . 60.42 -43.67 6.16
C3 NAG T . 60.26 -44.41 4.83
C4 NAG T . 60.80 -45.82 4.95
C5 NAG T . 60.15 -46.53 6.12
C6 NAG T . 60.71 -47.91 6.36
C7 NAG T . 60.50 -41.22 6.20
C8 NAG T . 59.72 -39.95 6.08
N2 NAG T . 59.81 -42.35 6.08
O3 NAG T . 60.96 -43.71 3.81
O4 NAG T . 60.54 -46.54 3.75
O5 NAG T . 60.37 -45.78 7.31
O6 NAG T . 62.06 -47.84 6.81
O7 NAG T . 61.72 -41.23 6.39
C1 NAG U . 60.12 -26.77 -1.87
C2 NAG U . 61.46 -26.90 -2.57
C3 NAG U . 61.29 -26.67 -4.07
C4 NAG U . 60.22 -27.60 -4.64
C5 NAG U . 58.92 -27.45 -3.84
C6 NAG U . 57.88 -28.48 -4.23
C7 NAG U . 63.71 -26.34 -1.80
C8 NAG U . 64.59 -25.27 -1.24
N2 NAG U . 62.44 -25.99 -2.04
O3 NAG U . 62.54 -26.92 -4.72
O4 NAG U . 59.98 -27.24 -6.00
O5 NAG U . 59.18 -27.65 -2.45
O6 NAG U . 56.55 -28.03 -3.97
O7 NAG U . 64.12 -27.47 -2.02
C1 NAG U . 59.95 -28.39 -6.86
C2 NAG U . 59.74 -27.86 -8.28
C3 NAG U . 59.69 -29.02 -9.27
C4 NAG U . 60.95 -29.86 -9.14
C5 NAG U . 61.15 -30.29 -7.68
C6 NAG U . 62.46 -31.02 -7.45
C7 NAG U . 58.52 -25.74 -8.52
C8 NAG U . 59.87 -25.10 -8.62
N2 NAG U . 58.52 -27.07 -8.36
O3 NAG U . 59.60 -28.51 -10.59
O4 NAG U . 60.84 -31.03 -9.95
O5 NAG U . 61.17 -29.14 -6.82
O6 NAG U . 62.81 -31.02 -6.07
O7 NAG U . 57.49 -25.10 -8.59
C1 NAG V . 63.98 -55.46 29.02
C2 NAG V . 64.23 -56.77 28.30
C3 NAG V . 65.56 -57.38 28.74
C4 NAG V . 66.70 -56.38 28.75
C5 NAG V . 66.28 -55.01 29.31
C6 NAG V . 67.26 -53.91 28.98
C7 NAG V . 62.22 -58.03 27.65
C8 NAG V . 61.20 -59.04 28.07
N2 NAG V . 63.16 -57.72 28.54
O3 NAG V . 65.88 -58.46 27.88
O4 NAG V . 67.66 -56.91 29.65
O5 NAG V . 65.03 -54.59 28.75
O6 NAG V . 67.73 -53.25 30.15
O7 NAG V . 62.17 -57.50 26.55
C1 NAG V . 69.07 -57.08 29.37
C2 NAG V . 69.56 -56.56 28.00
C3 NAG V . 71.09 -56.62 27.94
C4 NAG V . 71.70 -55.88 29.13
C5 NAG V . 71.13 -56.43 30.43
C6 NAG V . 71.58 -55.66 31.65
C7 NAG V . 69.27 -58.59 26.62
C8 NAG V . 68.58 -59.16 25.41
N2 NAG V . 68.99 -57.31 26.89
O3 NAG V . 71.54 -56.04 26.72
O4 NAG V . 73.11 -56.08 29.14
O5 NAG V . 69.70 -56.34 30.41
O6 NAG V . 70.57 -54.76 32.10
O7 NAG V . 70.03 -59.27 27.30
C1 NAG W . 58.09 -56.02 48.61
C2 NAG W . 57.20 -57.22 48.88
C3 NAG W . 56.70 -57.17 50.32
C4 NAG W . 57.88 -57.08 51.27
C5 NAG W . 58.75 -55.88 50.89
C6 NAG W . 60.01 -55.75 51.72
C7 NAG W . 55.79 -58.33 47.21
C8 NAG W . 54.61 -58.19 46.30
N2 NAG W . 56.07 -57.26 47.95
O3 NAG W . 55.92 -58.32 50.59
O4 NAG W . 57.45 -56.92 52.62
O5 NAG W . 59.17 -56.01 49.52
O6 NAG W . 60.39 -57.00 52.31
O7 NAG W . 56.46 -59.35 47.26
C1 NAG W . 57.44 -58.23 53.24
C2 NAG W . 57.63 -58.09 54.75
C3 NAG W . 57.52 -59.45 55.43
C4 NAG W . 56.24 -60.17 55.02
C5 NAG W . 56.13 -60.21 53.50
C6 NAG W . 54.83 -60.81 53.02
C7 NAG W . 59.06 -56.29 55.62
C8 NAG W . 60.46 -55.83 55.85
N2 NAG W . 58.92 -57.48 55.05
O3 NAG W . 57.51 -59.25 56.84
O4 NAG W . 56.26 -61.50 55.52
O5 NAG W . 56.18 -58.87 52.98
O6 NAG W . 53.85 -59.80 52.79
O7 NAG W . 58.09 -55.61 55.95
C1 NAG X . -10.71 39.43 28.17
C2 NAG X . -9.66 40.51 27.91
C3 NAG X . -8.97 40.87 29.23
C4 NAG X . -10.03 41.31 30.24
C5 NAG X . -11.06 40.19 30.41
C6 NAG X . -12.16 40.65 31.38
C7 NAG X . -8.90 40.11 25.63
C8 NAG X . -7.88 39.60 24.65
N2 NAG X . -8.67 40.02 26.95
O3 NAG X . -8.05 41.94 29.00
O4 NAG X . -9.41 41.58 31.50
O5 NAG X . -11.64 39.89 29.15
O6 NAG X . -13.05 39.57 31.63
O7 NAG X . -9.94 40.59 25.23
C1 NAG X . -8.72 42.53 32.49
C2 NAG X . -8.93 43.00 33.93
C3 NAG X . -7.98 44.15 34.25
C4 NAG X . -6.55 43.72 34.00
C5 NAG X . -6.39 43.23 32.57
C6 NAG X . -5.02 42.68 32.28
C7 NAG X . -11.08 42.77 35.06
C8 NAG X . -12.48 43.31 35.20
N2 NAG X . -10.30 43.39 34.17
O3 NAG X . -8.16 44.54 35.60
O4 NAG X . -5.66 44.80 34.24
O5 NAG X . -7.33 42.17 32.29
O6 NAG X . -4.40 43.37 31.20
O7 NAG X . -10.68 41.82 35.72
C1 NAG Y . -29.34 43.38 11.48
C2 NAG Y . -28.72 42.41 12.48
C3 NAG Y . -29.68 42.15 13.64
C4 NAG Y . -30.10 43.47 14.29
C5 NAG Y . -30.68 44.40 13.23
C6 NAG Y . -30.96 45.80 13.74
C7 NAG Y . -27.15 40.92 11.32
C8 NAG Y . -26.95 39.57 10.70
N2 NAG Y . -28.36 41.16 11.83
O3 NAG Y . -29.03 41.33 14.60
O4 NAG Y . -31.06 43.17 15.30
O5 NAG Y . -29.72 44.57 12.16
O6 NAG Y . -29.83 46.65 13.55
O7 NAG Y . -26.26 41.75 11.36
C1 NAG Y . -30.66 43.66 16.61
C2 NAG Y . -31.93 43.85 17.45
C3 NAG Y . -31.57 44.41 18.82
C4 NAG Y . -30.52 43.53 19.50
C5 NAG Y . -29.32 43.31 18.58
C6 NAG Y . -28.33 42.31 19.14
C7 NAG Y . -33.88 44.27 16.02
C8 NAG Y . -34.75 45.30 15.38
N2 NAG Y . -32.87 44.72 16.78
O3 NAG Y . -32.73 44.48 19.63
O4 NAG Y . -30.07 44.16 20.70
O5 NAG Y . -29.75 42.79 17.31
O6 NAG Y . -28.90 41.02 19.20
O7 NAG Y . -34.06 43.06 15.85
C1 NAG Z . 54.75 -5.33 56.99
C2 NAG Z . 56.11 -4.65 56.91
C3 NAG Z . 56.73 -4.54 58.30
C4 NAG Z . 55.74 -3.84 59.23
C5 NAG Z . 54.41 -4.56 59.21
C6 NAG Z . 53.34 -3.90 60.06
C7 NAG Z . 57.46 -6.53 55.84
C8 NAG Z . 57.05 -7.50 56.90
N2 NAG Z . 57.01 -5.26 55.93
O3 NAG Z . 57.93 -3.79 58.20
O4 NAG Z . 56.23 -3.80 60.56
O5 NAG Z . 53.90 -4.60 57.86
O6 NAG Z . 52.54 -3.00 59.31
O7 NAG Z . 58.18 -6.87 54.91
C1 NAG Z . 56.62 -2.43 60.79
C2 NAG Z . 56.52 -2.09 62.27
C3 NAG Z . 57.02 -0.68 62.52
C4 NAG Z . 58.43 -0.51 61.97
C5 NAG Z . 58.45 -0.91 60.49
C6 NAG Z . 59.85 -0.91 59.91
C7 NAG Z . 54.84 -2.97 63.84
C8 NAG Z . 53.39 -3.02 64.18
N2 NAG Z . 55.15 -2.25 62.76
O3 NAG Z . 57.01 -0.39 63.91
O4 NAG Z . 58.86 0.83 62.10
O5 NAG Z . 57.97 -2.25 60.34
O6 NAG Z . 60.24 -2.23 59.56
O7 NAG Z . 55.70 -3.55 64.49
C1 NAG AA . 39.22 -34.07 55.24
C2 NAG AA . 39.54 -34.71 56.57
C3 NAG AA . 38.86 -36.06 56.67
C4 NAG AA . 37.36 -35.92 56.42
C5 NAG AA . 37.11 -35.17 55.13
C6 NAG AA . 35.66 -34.81 54.92
C7 NAG AA . 41.66 -34.10 57.63
C8 NAG AA . 43.13 -34.36 57.71
N2 NAG AA . 40.97 -34.85 56.76
O3 NAG AA . 39.07 -36.60 57.97
O4 NAG AA . 36.78 -37.23 56.31
O5 NAG AA . 37.83 -33.94 55.10
O6 NAG AA . 35.19 -35.22 53.65
O7 NAG AA . 41.12 -33.25 58.31
C1 NAG AA . 35.62 -37.42 57.13
C2 NAG AA . 35.02 -38.80 56.84
C3 NAG AA . 33.85 -39.10 57.78
C4 NAG AA . 34.29 -38.90 59.23
C5 NAG AA . 34.86 -37.50 59.40
C6 NAG AA . 35.38 -37.24 60.80
C7 NAG AA . 35.07 -39.78 54.59
C8 NAG AA . 34.50 -39.73 53.21
N2 NAG AA . 34.59 -38.89 55.46
O3 NAG AA . 33.40 -40.43 57.59
O4 NAG AA . 33.18 -39.07 60.10
O5 NAG AA . 35.97 -37.33 58.51
O6 NAG AA . 34.68 -36.15 61.39
O7 NAG AA . 35.93 -40.60 54.91
C1 NAG BA . 27.60 -48.49 42.58
C2 NAG BA . 27.75 -49.86 43.24
C3 NAG BA . 26.47 -50.68 43.09
C4 NAG BA . 25.26 -49.88 43.54
C5 NAG BA . 25.23 -48.55 42.81
C6 NAG BA . 24.07 -47.67 43.22
C7 NAG BA . 29.86 -51.09 43.44
C8 NAG BA . 30.94 -51.82 42.70
N2 NAG BA . 28.88 -50.59 42.69
O3 NAG BA . 26.58 -51.88 43.84
O4 NAG BA . 24.07 -50.59 43.24
O5 NAG BA . 26.44 -47.84 43.09
O6 NAG BA . 24.52 -46.46 43.82
O7 NAG BA . 29.90 -50.94 44.65
C1 NAG BA . 23.35 -50.94 44.43
C2 NAG BA . 21.90 -51.25 44.09
C3 NAG BA . 21.13 -51.63 45.34
C4 NAG BA . 21.83 -52.79 46.05
C5 NAG BA . 23.32 -52.49 46.27
C6 NAG BA . 24.07 -53.72 46.73
C7 NAG BA . 21.02 -48.95 43.91
C8 NAG BA . 20.34 -47.96 43.01
N2 NAG BA . 21.26 -50.16 43.38
O3 NAG BA . 19.81 -52.02 44.99
O4 NAG BA . 21.21 -53.02 47.29
O5 NAG BA . 23.95 -52.07 45.06
O6 NAG BA . 23.94 -54.77 45.79
O7 NAG BA . 21.36 -48.66 45.06
C1 NAG CA . 43.88 -15.85 60.52
C2 NAG CA . 42.50 -16.48 60.75
C3 NAG CA . 41.41 -15.40 60.74
C4 NAG CA . 41.75 -14.26 61.68
C5 NAG CA . 43.15 -13.74 61.37
C6 NAG CA . 43.62 -12.64 62.28
C7 NAG CA . 42.05 -18.76 59.95
C8 NAG CA . 41.81 -19.62 58.75
N2 NAG CA . 42.24 -17.46 59.71
O3 NAG CA . 40.17 -15.98 61.11
O4 NAG CA . 40.84 -13.17 61.50
O5 NAG CA . 44.08 -14.82 61.48
O6 NAG CA . 44.07 -13.13 63.54
O7 NAG CA . 42.05 -19.23 61.09
C1 NAG CA . 39.80 -13.11 62.49
C2 NAG CA . 40.04 -11.93 63.46
C3 NAG CA . 38.85 -11.66 64.37
C4 NAG CA . 37.56 -11.59 63.56
C5 NAG CA . 37.41 -12.84 62.73
C6 NAG CA . 36.17 -12.84 61.86
C7 NAG CA . 41.62 -13.01 65.13
C8 NAG CA . 40.64 -14.10 65.42
N2 NAG CA . 41.29 -12.06 64.23
O3 NAG CA . 39.06 -10.44 65.06
O4 NAG CA . 36.45 -11.48 64.46
O5 NAG CA . 38.54 -12.94 61.84
O6 NAG CA . 35.17 -13.70 62.38
O7 NAG CA . 42.72 -12.97 65.70
C1 NAG DA . 56.56 -26.29 64.51
C2 NAG DA . 56.16 -26.50 65.97
C3 NAG DA . 57.28 -27.19 66.74
C4 NAG DA . 57.79 -28.42 65.99
C5 NAG DA . 58.10 -28.07 64.55
C6 NAG DA . 58.49 -29.26 63.71
C7 NAG DA . 54.60 -24.91 66.99
C8 NAG DA . 54.44 -23.55 67.61
N2 NAG DA . 55.82 -25.24 66.61
O3 NAG DA . 56.81 -27.56 68.02
O4 NAG DA . 58.98 -28.88 66.61
O5 NAG DA . 56.94 -27.50 63.94
O6 NAG DA . 57.34 -29.92 63.20
O7 NAG DA . 53.65 -25.66 66.83
C1 NAG DA . 58.88 -30.26 67.02
C2 NAG DA . 60.20 -30.62 67.71
C3 NAG DA . 60.15 -32.05 68.26
C4 NAG DA . 58.93 -32.22 69.17
C5 NAG DA . 57.67 -31.80 68.42
C6 NAG DA . 56.44 -31.83 69.29
C7 NAG DA . 61.77 -30.95 65.75
C8 NAG DA . 60.85 -31.99 65.15
N2 NAG DA . 61.39 -30.37 66.90
O3 NAG DA . 61.34 -32.33 68.99
O4 NAG DA . 58.82 -33.56 69.57
O5 NAG DA . 57.79 -30.46 67.92
O6 NAG DA . 56.16 -33.14 69.74
O7 NAG DA . 62.82 -30.65 65.20
C1 NAG EA . 70.54 -11.74 60.10
C2 NAG EA . 70.32 -10.41 60.81
C3 NAG EA . 71.30 -9.37 60.29
C4 NAG EA . 72.73 -9.90 60.39
C5 NAG EA . 72.85 -11.27 59.73
C6 NAG EA . 74.19 -11.91 59.93
C7 NAG EA . 67.93 -10.46 61.32
C8 NAG EA . 66.58 -9.86 61.02
N2 NAG EA . 68.95 -9.96 60.63
O3 NAG EA . 71.15 -8.19 61.05
O4 NAG EA . 73.63 -9.01 59.72
O5 NAG EA . 71.87 -12.16 60.30
O6 NAG EA . 74.28 -13.17 59.27
O7 NAG EA . 68.07 -11.34 62.15
C1 NAG EA . 74.25 -8.12 60.64
C2 NAG EA . 75.62 -7.73 60.08
C3 NAG EA . 76.29 -6.68 60.97
C4 NAG EA . 75.35 -5.50 61.18
C5 NAG EA . 74.01 -5.99 61.72
C6 NAG EA . 72.99 -4.88 61.87
C7 NAG EA . 76.61 -9.59 58.81
C8 NAG EA . 77.53 -10.77 58.84
N2 NAG EA . 76.47 -8.90 59.95
O3 NAG EA . 77.49 -6.24 60.36
O4 NAG EA . 75.94 -4.58 62.11
O5 NAG EA . 73.46 -6.95 60.81
O6 NAG EA . 72.40 -4.55 60.61
O7 NAG EA . 76.02 -9.27 57.78
C1 NAG FA . 47.76 -54.49 23.82
C2 NAG FA . 47.49 -54.46 22.31
C3 NAG FA . 45.99 -54.55 22.06
C4 NAG FA . 45.45 -55.83 22.71
C5 NAG FA . 45.79 -55.81 24.20
C6 NAG FA . 45.31 -57.11 24.85
C7 NAG FA . 49.31 -53.09 21.41
C8 NAG FA . 49.83 -51.80 20.84
N2 NAG FA . 48.01 -53.20 21.76
O3 NAG FA . 45.74 -54.58 20.65
O4 NAG FA . 44.03 -55.89 22.54
O5 NAG FA . 47.21 -55.69 24.37
O6 NAG FA . 45.52 -57.05 26.26
O7 NAG FA . 50.04 -54.04 21.54
C1 NAG FA . 43.82 -57.40 21.96
C2 NAG FA . 42.40 -57.84 22.27
C3 NAG FA . 41.97 -58.98 21.34
C4 NAG FA . 42.22 -58.59 19.88
C5 NAG FA . 43.67 -58.16 19.71
C6 NAG FA . 44.02 -57.71 18.31
C7 NAG FA . 41.14 -58.04 24.37
C8 NAG FA . 41.18 -58.54 25.79
N2 NAG FA . 42.26 -58.25 23.65
O3 NAG FA . 40.60 -59.27 21.55
O4 NAG FA . 41.96 -59.71 19.05
O5 NAG FA . 43.94 -57.06 20.59
O6 NAG FA . 43.36 -56.50 17.98
O7 NAG FA . 40.16 -57.49 23.90
C1 NAG GA . 23.02 39.63 -11.44
C2 NAG GA . 24.55 39.61 -11.44
C3 NAG GA . 25.08 40.51 -12.55
C4 NAG GA . 24.44 40.13 -13.89
C5 NAG GA . 22.93 40.12 -13.77
C6 NAG GA . 22.24 39.66 -15.04
C7 NAG GA . 25.73 39.22 -9.31
C8 NAG GA . 26.16 39.83 -8.02
N2 NAG GA . 25.06 40.03 -10.15
O3 NAG GA . 26.50 40.39 -12.63
O4 NAG GA . 24.82 41.07 -14.89
O5 NAG GA . 22.52 39.23 -12.72
O6 NAG GA . 22.96 40.05 -16.19
O7 NAG GA . 25.95 38.06 -9.61
C1 NAG HA . -4.26 59.97 5.25
C2 NAG HA . -5.30 61.03 5.60
C3 NAG HA . -6.67 60.38 5.79
C4 NAG HA . -7.04 59.60 4.53
C5 NAG HA . -5.94 58.63 4.14
C6 NAG HA . -6.19 57.98 2.80
C7 NAG HA . -5.44 63.03 7.00
C8 NAG HA . -4.99 63.70 8.25
N2 NAG HA . -4.94 61.81 6.77
O3 NAG HA . -7.65 61.37 6.05
O4 NAG HA . -8.24 58.87 4.77
O5 NAG HA . -4.66 59.29 4.05
O6 NAG HA . -7.58 58.03 2.47
O7 NAG HA . -6.22 63.56 6.22
C1 NAG IA . -17.95 47.92 -10.24
C2 NAG IA . -19.36 47.37 -10.08
C3 NAG IA . -20.09 47.43 -11.42
C4 NAG IA . -20.03 48.83 -12.01
C5 NAG IA . -18.60 49.36 -12.03
C6 NAG IA . -18.52 50.81 -12.43
C7 NAG IA . -20.35 45.48 -8.88
C8 NAG IA . -20.16 44.06 -8.43
N2 NAG IA . -19.34 46.01 -9.57
O3 NAG IA . -21.45 47.04 -11.23
O4 NAG IA . -20.54 48.81 -13.34
O5 NAG IA . -18.01 49.25 -10.73
O6 NAG IA . -18.68 51.66 -11.30
O7 NAG IA . -21.37 46.11 -8.63
C1 NAG JA . -6.11 34.54 -11.36
C2 NAG JA . -7.55 34.04 -11.16
C3 NAG JA . -7.75 32.69 -11.85
C4 NAG JA . -7.30 32.74 -13.30
C5 NAG JA . -5.84 33.20 -13.34
C6 NAG JA . -5.28 33.30 -14.74
C7 NAG JA . -9.13 33.90 -9.29
C8 NAG JA . -9.28 33.78 -7.80
N2 NAG JA . -7.88 33.94 -9.75
O3 NAG JA . -9.13 32.32 -11.80
O4 NAG JA . -7.40 31.45 -13.91
O5 NAG JA . -5.76 34.50 -12.75
O6 NAG JA . -4.71 32.07 -15.16
O7 NAG JA . -10.10 33.96 -10.04
C1 NAG KA . 16.15 35.66 26.24
C2 NAG KA . 15.84 35.43 27.74
C3 NAG KA . 17.03 35.81 28.63
C4 NAG KA . 18.32 35.19 28.12
C5 NAG KA . 18.50 35.52 26.64
C6 NAG KA . 19.72 34.89 26.03
C7 NAG KA . 14.26 37.34 28.24
C8 NAG KA . 15.27 38.36 27.76
N2 NAG KA . 14.59 36.04 28.19
O3 NAG KA . 16.76 35.37 29.95
O4 NAG KA . 19.42 35.69 28.86
O5 NAG KA . 17.38 35.04 25.90
O6 NAG KA . 19.37 33.73 25.29
O7 NAG KA . 13.16 37.70 28.65
C1 NAG LA . 37.18 22.28 18.33
C2 NAG LA . 38.63 21.87 18.23
C3 NAG LA . 39.32 22.08 19.57
C4 NAG LA . 39.14 23.52 20.04
C5 NAG LA . 37.66 23.90 20.01
C6 NAG LA . 37.42 25.36 20.31
C7 NAG LA . 39.44 20.11 16.73
C8 NAG LA . 39.46 18.64 16.43
N2 NAG LA . 38.75 20.48 17.81
O3 NAG LA . 40.71 21.79 19.42
O4 NAG LA . 39.62 23.65 21.37
O5 NAG LA . 37.10 23.65 18.71
O6 NAG LA . 37.06 26.08 19.13
O7 NAG LA . 40.04 20.92 16.03
C1 NAG MA . 35.41 7.02 -18.94
C2 NAG MA . 36.26 5.77 -18.72
C3 NAG MA . 37.55 5.87 -19.51
C4 NAG MA . 37.24 6.11 -20.98
C5 NAG MA . 36.34 7.33 -21.14
C6 NAG MA . 35.87 7.53 -22.56
C7 NAG MA . 36.97 4.42 -16.79
C8 NAG MA . 37.20 4.40 -15.31
N2 NAG MA . 36.54 5.58 -17.31
O3 NAG MA . 38.31 4.68 -19.37
O4 NAG MA . 38.45 6.34 -21.70
O5 NAG MA . 35.16 7.18 -20.34
O6 NAG MA . 35.47 6.30 -23.14
O7 NAG MA . 37.17 3.44 -17.49
C1 NAG NA . 54.05 9.80 -8.81
C2 NAG NA . 54.05 11.05 -9.68
C3 NAG NA . 53.97 10.69 -11.16
C4 NAG NA . 55.05 9.67 -11.52
C5 NAG NA . 54.95 8.47 -10.60
C6 NAG NA . 56.02 7.44 -10.84
C7 NAG NA . 53.12 13.20 -8.93
C8 NAG NA . 51.86 13.95 -8.60
N2 NAG NA . 52.95 11.93 -9.31
O3 NAG NA . 54.13 11.86 -11.96
O4 NAG NA . 54.91 9.25 -12.87
O5 NAG NA . 55.09 8.91 -9.23
O6 NAG NA . 55.67 6.58 -11.92
O7 NAG NA . 54.22 13.72 -8.87
C1 NAG OA . 74.35 -22.45 8.92
C2 NAG OA . 74.85 -23.90 8.96
C3 NAG OA . 76.32 -23.98 8.58
C4 NAG OA . 76.57 -23.23 7.28
C5 NAG OA . 76.00 -21.83 7.35
C6 NAG OA . 76.14 -21.05 6.07
C7 NAG OA . 73.46 -24.96 10.71
C8 NAG OA . 73.41 -25.46 12.12
N2 NAG OA . 74.63 -24.45 10.30
O3 NAG OA . 76.70 -25.33 8.43
O4 NAG OA . 77.97 -23.15 7.01
O5 NAG OA . 74.60 -21.92 7.63
O6 NAG OA . 76.55 -19.71 6.32
O7 NAG OA . 72.48 -25.02 9.97
C1 NAG PA . -1.34 -44.97 -28.32
C2 NAG PA . -0.58 -46.20 -27.82
C3 NAG PA . -1.25 -47.47 -28.31
C4 NAG PA . -2.73 -47.47 -27.92
C5 NAG PA . -3.40 -46.18 -28.41
C6 NAG PA . -4.84 -46.07 -27.98
C7 NAG PA . 1.84 -45.99 -27.46
C8 NAG PA . 3.20 -45.94 -28.11
N2 NAG PA . 0.81 -46.15 -28.29
O3 NAG PA . -0.60 -48.60 -27.74
O4 NAG PA . -3.39 -48.58 -28.51
O5 NAG PA . -2.71 -45.04 -27.88
O6 NAG PA . -5.46 -47.34 -27.92
O7 NAG PA . 1.70 -45.89 -26.25
C1 NAG QA . -0.53 -22.35 -58.73
C2 NAG QA . -0.74 -21.73 -60.10
C3 NAG QA . -1.27 -20.31 -59.95
C4 NAG QA . -2.55 -20.32 -59.13
C5 NAG QA . -2.34 -21.06 -57.79
C6 NAG QA . -3.64 -21.25 -57.05
C7 NAG QA . 0.42 -21.67 -62.25
C8 NAG QA . 1.75 -21.67 -62.95
N2 NAG QA . 0.46 -21.74 -60.91
O3 NAG QA . -1.53 -19.75 -61.23
O4 NAG QA . -2.96 -18.98 -58.86
O5 NAG QA . -1.77 -22.35 -58.00
O6 NAG QA . -4.62 -20.32 -57.47
O7 NAG QA . -0.64 -21.59 -62.86
C1 NAG RA . -20.94 -14.43 -49.10
C2 NAG RA . -21.53 -13.03 -49.05
C3 NAG RA . -23.05 -13.10 -49.10
C4 NAG RA . -23.51 -13.92 -50.30
C5 NAG RA . -22.81 -15.28 -50.33
C6 NAG RA . -23.09 -16.05 -51.59
C7 NAG RA . -21.02 -10.98 -47.80
C8 NAG RA . -20.55 -10.41 -46.49
N2 NAG RA . -21.09 -12.31 -47.87
O3 NAG RA . -23.58 -11.78 -49.20
O4 NAG RA . -24.92 -14.14 -50.21
O5 NAG RA . -21.39 -15.09 -50.28
O6 NAG RA . -22.19 -15.68 -52.64
O7 NAG RA . -21.32 -10.27 -48.75
C1 NAG SA . -16.07 -19.71 -32.70
C2 NAG SA . -16.65 -18.28 -32.72
C3 NAG SA . -17.35 -17.97 -31.40
C4 NAG SA . -18.36 -19.04 -31.05
C5 NAG SA . -17.66 -20.38 -31.02
C6 NAG SA . -18.58 -21.54 -30.70
C7 NAG SA . -15.83 -16.06 -33.40
C8 NAG SA . -14.62 -15.20 -33.59
N2 NAG SA . -15.59 -17.31 -32.97
O3 NAG SA . -18.01 -16.70 -31.49
O4 NAG SA . -18.96 -18.79 -29.79
O5 NAG SA . -17.10 -20.64 -32.31
O6 NAG SA . -18.68 -21.77 -29.31
O7 NAG SA . -16.96 -15.66 -33.63
C1 NAG TA . 27.63 -20.09 -33.22
C2 NAG TA . 28.76 -19.04 -33.34
C3 NAG TA . 30.13 -19.71 -33.49
C4 NAG TA . 30.34 -20.77 -32.42
C5 NAG TA . 29.16 -21.74 -32.42
C6 NAG TA . 29.25 -22.78 -31.34
C7 NAG TA . 28.42 -18.22 -35.72
C8 NAG TA . 28.53 -19.61 -36.27
N2 NAG TA . 28.52 -18.04 -34.39
O3 NAG TA . 31.15 -18.71 -33.39
O4 NAG TA . 31.53 -21.49 -32.67
O5 NAG TA . 27.95 -21.01 -32.19
O6 NAG TA . 28.42 -22.44 -30.23
O7 NAG TA . 28.22 -17.26 -36.46
C1 NAG UA . 31.25 -36.19 -13.44
C2 NAG UA . 31.91 -37.28 -12.62
C3 NAG UA . 33.42 -37.29 -12.86
C4 NAG UA . 33.71 -37.39 -14.36
C5 NAG UA . 32.92 -36.33 -15.14
C6 NAG UA . 33.02 -36.50 -16.64
C7 NAG UA . 31.06 -38.06 -10.45
C8 NAG UA . 30.84 -37.73 -9.01
N2 NAG UA . 31.63 -37.12 -11.20
O3 NAG UA . 34.00 -38.38 -12.18
O4 NAG UA . 35.10 -37.20 -14.60
O5 NAG UA . 31.53 -36.41 -14.81
O6 NAG UA . 31.82 -37.00 -17.20
O7 NAG UA . 30.76 -39.15 -10.92
C1 NAG VA . -1.46 -47.34 7.33
C2 NAG VA . -0.81 -47.50 8.70
C3 NAG VA . -0.83 -48.97 9.12
C4 NAG VA . -2.26 -49.50 9.07
C5 NAG VA . -2.88 -49.24 7.70
C6 NAG VA . -4.35 -49.61 7.65
C7 NAG VA . 1.23 -46.71 9.81
C8 NAG VA . 2.62 -46.18 9.62
N2 NAG VA . 0.55 -46.98 8.70
O3 NAG VA . -0.31 -49.10 10.42
O4 NAG VA . -2.26 -50.89 9.34
O5 NAG VA . -2.79 -47.85 7.36
O6 NAG VA . -5.04 -49.13 8.80
O7 NAG VA . 0.75 -46.88 10.92
C1 NAG WA . 16.72 -58.60 8.09
C2 NAG WA . 15.95 -59.44 7.07
C3 NAG WA . 14.64 -59.96 7.67
C4 NAG WA . 14.90 -60.67 8.99
C5 NAG WA . 15.67 -59.73 9.92
C6 NAG WA . 16.02 -60.38 11.24
C7 NAG WA . 16.07 -59.05 4.65
C8 NAG WA . 15.71 -58.12 3.53
N2 NAG WA . 15.68 -58.67 5.87
O3 NAG WA . 14.02 -60.86 6.75
O4 NAG WA . 13.67 -61.05 9.60
O5 NAG WA . 16.90 -59.35 9.30
O6 NAG WA . 14.92 -60.31 12.15
O7 NAG WA . 16.70 -60.09 4.46
C1 NAG XA . -26.93 -6.03 49.27
C2 NAG XA . -26.05 -6.13 50.51
C3 NAG XA . -26.75 -5.47 51.71
C4 NAG XA . -27.18 -4.05 51.36
C5 NAG XA . -28.01 -4.06 50.07
C6 NAG XA . -28.39 -2.67 49.60
C7 NAG XA . -24.50 -8.01 50.72
C8 NAG XA . -24.36 -9.47 51.05
N2 NAG XA . -25.73 -7.51 50.81
O3 NAG XA . -25.87 -5.45 52.83
O4 NAG XA . -27.97 -3.50 52.40
O5 NAG XA . -27.26 -4.66 49.01
O6 NAG XA . -28.60 -1.80 50.71
O7 NAG XA . -23.54 -7.33 50.39
C1 NAG YA . -53.63 -27.33 32.84
C2 NAG YA . -54.95 -27.98 32.43
C3 NAG YA . -55.17 -27.82 30.94
C4 NAG YA . -55.13 -26.34 30.56
C5 NAG YA . -53.85 -25.69 31.07
C6 NAG YA . -53.87 -24.18 30.89
C7 NAG YA . -56.19 -30.02 32.97
C8 NAG YA . -56.10 -31.46 33.35
N2 NAG YA . -55.02 -29.38 32.81
O3 NAG YA . -56.43 -28.37 30.57
O4 NAG YA . -55.18 -26.21 29.14
O5 NAG YA . -53.67 -25.94 32.48
O6 NAG YA . -54.79 -23.81 29.87
O7 NAG YA . -57.26 -29.45 32.79
C1 NAG ZA . -56.37 -7.57 19.62
C2 NAG ZA . -56.71 -7.42 18.14
C3 NAG ZA . -57.53 -6.15 17.93
C4 NAG ZA . -58.75 -6.15 18.85
C5 NAG ZA . -58.34 -6.41 20.29
C6 NAG ZA . -59.53 -6.60 21.21
C7 NAG ZA . -55.48 -7.75 16.05
C8 NAG ZA . -54.15 -7.64 15.36
N2 NAG ZA . -55.50 -7.38 17.33
O3 NAG ZA . -57.96 -6.09 16.57
O4 NAG ZA . -59.39 -4.88 18.77
O5 NAG ZA . -57.58 -7.62 20.38
O6 NAG ZA . -59.98 -7.95 21.20
O7 NAG ZA . -56.48 -8.15 15.47
C1 NAG AB . -39.58 -2.27 22.81
C2 NAG AB . -39.96 -2.17 21.32
C3 NAG AB . -39.21 -1.01 20.65
C4 NAG AB . -39.39 0.28 21.45
C5 NAG AB . -38.93 0.05 22.87
C6 NAG AB . -39.08 1.26 23.76
C7 NAG AB . -40.24 -3.74 19.46
C8 NAG AB . -39.82 -5.05 18.88
N2 NAG AB . -39.69 -3.41 20.63
O3 NAG AB . -39.70 -0.83 19.33
O4 NAG AB . -38.63 1.33 20.86
O5 NAG AB . -39.73 -0.99 23.46
O6 NAG AB . -37.91 2.08 23.71
O7 NAG AB . -41.04 -3.01 18.90
C1 NAG BB . -17.40 -38.89 31.61
C2 NAG BB . -16.98 -40.16 30.84
C3 NAG BB . -16.36 -41.21 31.76
C4 NAG BB . -15.28 -40.59 32.65
C5 NAG BB . -15.84 -39.36 33.36
C6 NAG BB . -14.82 -38.63 34.20
C7 NAG BB . -19.23 -41.24 30.38
C8 NAG BB . -19.56 -41.26 31.86
N2 NAG BB . -18.04 -40.72 30.01
O3 NAG BB . -15.80 -42.25 30.99
O4 NAG BB . -14.83 -41.53 33.62
O5 NAG BB . -16.31 -38.41 32.39
O6 NAG BB . -14.32 -37.49 33.52
O7 NAG BB . -20.01 -41.70 29.56
C1 NAG CB . 2.34 -27.71 45.37
C2 NAG CB . 3.40 -27.52 46.43
C3 NAG CB . 3.96 -28.87 46.86
C4 NAG CB . 2.84 -29.80 47.28
C5 NAG CB . 1.75 -29.87 46.21
C6 NAG CB . 0.52 -30.63 46.65
C7 NAG CB . 4.81 -25.53 46.60
C8 NAG CB . 5.93 -24.74 45.97
N2 NAG CB . 4.46 -26.65 45.96
O3 NAG CB . 4.87 -28.67 47.94
O4 NAG CB . 3.36 -31.11 47.50
O5 NAG CB . 1.30 -28.54 45.88
O6 NAG CB . -0.57 -29.78 46.92
O7 NAG CB . 4.27 -25.17 47.63
C1 NAG DB . 3.27 12.58 44.17
C2 NAG DB . 4.78 12.76 44.26
C3 NAG DB . 5.15 13.44 45.57
C4 NAG DB . 4.38 14.74 45.72
C5 NAG DB . 2.88 14.50 45.56
C6 NAG DB . 2.08 15.78 45.55
C7 NAG DB . 6.79 11.40 43.83
C8 NAG DB . 7.34 10.02 43.72
N2 NAG DB . 5.49 11.50 44.11
O3 NAG DB . 6.56 13.70 45.63
O4 NAG DB . 4.62 15.30 47.01
O5 NAG DB . 2.62 13.84 44.31
O6 NAG DB . 2.70 16.77 44.73
O7 NAG DB . 7.49 12.40 43.67
C1 NAG EB . 13.53 1.54 59.38
C2 NAG EB . 12.25 1.92 60.15
C3 NAG EB . 12.10 3.44 60.22
C4 NAG EB . 13.38 4.09 60.73
C5 NAG EB . 14.56 3.64 59.87
C6 NAG EB . 15.87 4.20 60.35
C7 NAG EB . 10.25 0.51 60.22
C8 NAG EB . 9.09 -0.03 59.44
N2 NAG EB . 11.08 1.32 59.55
O3 NAG EB . 11.01 3.78 61.07
O4 NAG EB . 13.27 5.51 60.68
O5 NAG EB . 14.66 2.21 59.93
O6 NAG EB . 16.09 5.52 59.86
O7 NAG EB . 10.43 0.23 61.40
#